data_8OS6
#
_entry.id   8OS6
#
_cell.length_a   114.140
_cell.length_b   170.044
_cell.length_c   130.791
_cell.angle_alpha   90.000
_cell.angle_beta   96.170
_cell.angle_gamma   90.000
#
_symmetry.space_group_name_H-M   'P 1 21 1'
#
loop_
_entity.id
_entity.type
_entity.pdbx_description
1 polymer 'GDNF family receptor alpha'
2 polymer 'Glial cell line-derived neurotrophic factor'
3 branched 2-acetamido-2-deoxy-beta-D-glucopyranose-(1-4)-2-acetamido-2-deoxy-beta-D-glucopyranose
4 branched 2-acetamido-2-deoxy-beta-D-glucopyranose-(1-4)-[alpha-L-fucopyranose-(1-6)]2-acetamido-2-deoxy-beta-D-glucopyranose
5 branched alpha-L-fucopyranose-(1-6)-2-acetamido-2-deoxy-beta-D-glucopyranose
6 non-polymer 2-acetamido-2-deoxy-beta-D-glucopyranose
7 water water
#
loop_
_entity_poly.entity_id
_entity_poly.type
_entity_poly.pdbx_seq_one_letter_code
_entity_poly.pdbx_strand_id
1 'polypeptide(L)'
;MKKEKNCLRIYWGIYQHLQGNDLLEDSPYEPVNSRLSDIFRLAPIYSGEPALAKENNCLNAAKACNLNDTCKKYRSAYIS
PCTSRVSTAEVCNKRKCHKALRQFFDKVPPKHSYGMLYCSCPLGDQSACSERRRQTIVPACSYEDKERPNCLTLQVSCKT
NYICRSRLADFFTNCQPEPLSLSGCLKENYADCLLSYSGLIGTVMTPNYLRSPKISVSPFCDCSSSGNSKEECDRFTEFF
TDNACLRNAIQAFGNGTGSE
;
A,C,E,G,I,K,M,O,Q,S
2 'polypeptide(L)'
;GQGRGCLLKEIHLNVTDLDLGYRTKEELIFRYCSGPCHDAETNYDKILNNLTHNKKLDKDTPSRTCCRPIAFDDDISFLD
DSLEYHTLKKHSAKKCACV
;
B,D,F,H,J,L,N,P,R,T
#
# COMPACT_ATOMS: atom_id res chain seq x y z
N LYS A 54 -31.79 -49.19 36.29
CA LYS A 54 -30.38 -49.09 36.65
C LYS A 54 -29.70 -47.98 35.87
N GLU A 55 -30.51 -47.15 35.19
CA GLU A 55 -30.00 -46.12 34.29
C GLU A 55 -30.32 -44.74 34.87
N ASN A 56 -29.31 -43.87 34.89
CA ASN A 56 -29.52 -42.49 35.32
C ASN A 56 -29.96 -41.66 34.12
N ASN A 57 -30.94 -40.77 34.35
CA ASN A 57 -31.29 -39.82 33.32
C ASN A 57 -30.12 -38.92 32.95
N CYS A 58 -29.11 -38.83 33.82
CA CYS A 58 -27.93 -38.02 33.52
C CYS A 58 -26.99 -38.74 32.56
N LEU A 59 -26.65 -39.99 32.86
CA LEU A 59 -25.80 -40.76 31.95
C LEU A 59 -26.40 -40.80 30.55
N ASN A 60 -27.71 -41.04 30.46
CA ASN A 60 -28.37 -41.01 29.15
C ASN A 60 -28.17 -39.66 28.47
N ALA A 61 -28.15 -38.57 29.26
CA ALA A 61 -27.93 -37.25 28.68
C ALA A 61 -26.52 -37.12 28.12
N ALA A 62 -25.53 -37.61 28.86
CA ALA A 62 -24.15 -37.57 28.36
C ALA A 62 -24.02 -38.41 27.10
N LYS A 63 -24.56 -39.63 27.12
CA LYS A 63 -24.55 -40.47 25.92
C LYS A 63 -25.14 -39.73 24.73
N ALA A 64 -26.22 -38.97 24.96
CA ALA A 64 -26.82 -38.20 23.87
C ALA A 64 -25.93 -37.03 23.47
N CYS A 65 -25.18 -36.47 24.42
CA CYS A 65 -24.25 -35.39 24.10
C CYS A 65 -23.11 -35.89 23.23
N ASN A 66 -22.44 -36.97 23.66
CA ASN A 66 -21.32 -37.50 22.90
C ASN A 66 -21.76 -38.13 21.59
N LEU A 67 -23.04 -38.42 21.42
CA LEU A 67 -23.57 -38.90 20.15
C LEU A 67 -24.11 -37.78 19.28
N ASN A 68 -24.14 -36.56 19.78
CA ASN A 68 -24.49 -35.38 19.00
C ASN A 68 -23.20 -34.65 18.64
N ASP A 69 -23.06 -34.29 17.35
CA ASP A 69 -21.80 -33.75 16.87
C ASP A 69 -21.46 -32.43 17.57
N THR A 70 -22.45 -31.55 17.69
CA THR A 70 -22.19 -30.24 18.29
C THR A 70 -21.91 -30.34 19.79
N CYS A 71 -22.67 -31.17 20.50
CA CYS A 71 -22.47 -31.29 21.94
C CYS A 71 -21.13 -31.93 22.26
N LYS A 72 -20.73 -32.93 21.48
CA LYS A 72 -19.45 -33.59 21.73
C LYS A 72 -18.29 -32.59 21.64
N LYS A 73 -18.25 -31.82 20.55
CA LYS A 73 -17.17 -30.86 20.37
C LYS A 73 -17.08 -29.90 21.55
N TYR A 74 -18.19 -29.24 21.89
CA TYR A 74 -18.14 -28.19 22.90
C TYR A 74 -17.99 -28.76 24.30
N ARG A 75 -18.46 -29.98 24.55
CA ARG A 75 -18.24 -30.60 25.84
C ARG A 75 -16.74 -30.75 26.10
N SER A 76 -16.03 -31.38 25.17
CA SER A 76 -14.58 -31.50 25.30
C SER A 76 -13.92 -30.13 25.37
N ALA A 77 -14.51 -29.13 24.71
CA ALA A 77 -13.90 -27.80 24.70
C ALA A 77 -13.73 -27.25 26.11
N TYR A 78 -14.67 -27.55 27.02
CA TYR A 78 -14.55 -27.07 28.39
C TYR A 78 -14.00 -28.12 29.35
N ILE A 79 -13.97 -29.40 28.96
CA ILE A 79 -13.38 -30.42 29.81
C ILE A 79 -11.86 -30.24 29.85
N SER A 80 -11.25 -30.03 28.69
CA SER A 80 -9.78 -29.96 28.62
C SER A 80 -9.21 -28.80 29.43
N PRO A 81 -9.59 -27.54 29.17
CA PRO A 81 -9.02 -26.45 29.97
C PRO A 81 -9.36 -26.52 31.45
N CYS A 82 -10.56 -27.01 31.80
CA CYS A 82 -10.95 -27.10 33.20
C CYS A 82 -10.28 -28.27 33.93
N THR A 83 -9.67 -29.21 33.21
CA THR A 83 -9.01 -30.36 33.82
C THR A 83 -7.50 -30.26 33.79
N SER A 84 -6.91 -29.76 32.71
CA SER A 84 -5.46 -29.71 32.58
C SER A 84 -4.84 -28.76 33.60
N ARG A 85 -3.83 -29.24 34.32
CA ARG A 85 -3.16 -28.45 35.33
C ARG A 85 -2.06 -27.59 34.70
N VAL A 86 -1.73 -26.49 35.37
CA VAL A 86 -0.73 -25.55 34.90
C VAL A 86 0.51 -25.56 35.79
N SER A 87 0.32 -25.67 37.11
CA SER A 87 1.43 -25.71 38.05
C SER A 87 0.99 -26.45 39.30
N THR A 88 1.92 -26.59 40.25
CA THR A 88 1.58 -27.23 41.51
C THR A 88 0.61 -26.38 42.33
N ALA A 89 0.50 -25.10 42.03
CA ALA A 89 -0.44 -24.22 42.74
C ALA A 89 -1.77 -24.10 42.02
N GLU A 90 -1.73 -23.88 40.70
CA GLU A 90 -2.95 -23.74 39.92
C GLU A 90 -3.46 -25.10 39.49
N VAL A 91 -4.74 -25.37 39.74
CA VAL A 91 -5.37 -26.59 39.27
C VAL A 91 -5.85 -26.48 37.82
N CYS A 92 -5.91 -25.27 37.29
CA CYS A 92 -6.43 -25.02 35.94
C CYS A 92 -6.27 -23.54 35.63
N ASN A 93 -6.55 -23.19 34.38
CA ASN A 93 -6.65 -21.79 33.97
C ASN A 93 -8.11 -21.39 34.15
N LYS A 94 -8.46 -20.92 35.35
CA LYS A 94 -9.85 -20.69 35.69
C LYS A 94 -10.54 -19.81 34.65
N ARG A 95 -9.89 -18.72 34.23
CA ARG A 95 -10.46 -17.85 33.22
C ARG A 95 -10.82 -18.63 31.96
N LYS A 96 -9.86 -19.41 31.44
CA LYS A 96 -10.14 -20.19 30.24
C LYS A 96 -11.19 -21.26 30.50
N CYS A 97 -11.32 -21.70 31.76
CA CYS A 97 -12.35 -22.68 32.08
C CYS A 97 -13.74 -22.07 32.07
N HIS A 98 -13.88 -20.87 32.66
CA HIS A 98 -15.18 -20.21 32.67
C HIS A 98 -15.62 -19.82 31.27
N LYS A 99 -14.69 -19.34 30.44
CA LYS A 99 -15.06 -18.93 29.09
C LYS A 99 -15.47 -20.13 28.24
N ALA A 100 -14.93 -21.31 28.54
CA ALA A 100 -15.35 -22.51 27.82
C ALA A 100 -16.74 -22.95 28.25
N LEU A 101 -17.09 -22.75 29.53
CA LEU A 101 -18.42 -23.12 30.00
C LEU A 101 -19.47 -22.15 29.48
N ARG A 102 -19.25 -20.84 29.68
CA ARG A 102 -20.18 -19.84 29.14
C ARG A 102 -20.43 -20.08 27.67
N GLN A 103 -19.41 -20.55 26.95
CA GLN A 103 -19.59 -20.89 25.54
C GLN A 103 -20.41 -22.16 25.38
N PHE A 104 -20.22 -23.13 26.27
CA PHE A 104 -20.95 -24.39 26.16
C PHE A 104 -22.46 -24.16 26.17
N PHE A 105 -22.94 -23.35 27.11
CA PHE A 105 -24.38 -23.10 27.22
C PHE A 105 -24.89 -22.12 26.18
N ASP A 106 -24.01 -21.39 25.50
CA ASP A 106 -24.44 -20.43 24.49
C ASP A 106 -24.64 -21.08 23.13
N LYS A 107 -23.83 -22.07 22.77
CA LYS A 107 -23.81 -22.62 21.43
C LYS A 107 -24.31 -24.05 21.31
N VAL A 108 -24.60 -24.71 22.43
CA VAL A 108 -25.14 -26.07 22.42
C VAL A 108 -26.65 -25.97 22.60
N PRO A 109 -27.44 -26.68 21.81
CA PRO A 109 -28.91 -26.63 21.99
C PRO A 109 -29.29 -27.04 23.40
N PRO A 110 -30.33 -26.40 23.96
CA PRO A 110 -30.67 -26.68 25.36
C PRO A 110 -31.11 -28.11 25.60
N LYS A 111 -31.72 -28.74 24.60
CA LYS A 111 -32.08 -30.15 24.67
C LYS A 111 -30.96 -30.98 25.28
N HIS A 112 -29.71 -30.64 24.94
CA HIS A 112 -28.53 -31.38 25.40
C HIS A 112 -27.81 -30.69 26.55
N SER A 113 -27.50 -29.41 26.41
CA SER A 113 -26.73 -28.71 27.45
C SER A 113 -27.51 -28.64 28.76
N TYR A 114 -28.75 -28.18 28.70
CA TYR A 114 -29.59 -28.09 29.89
C TYR A 114 -30.14 -29.44 30.32
N GLY A 115 -30.14 -30.43 29.42
CA GLY A 115 -30.52 -31.77 29.79
C GLY A 115 -29.49 -32.52 30.61
N MET A 116 -28.26 -31.99 30.70
CA MET A 116 -27.23 -32.56 31.54
C MET A 116 -27.11 -31.84 32.89
N LEU A 117 -27.29 -30.53 32.91
CA LEU A 117 -27.18 -29.76 34.14
C LEU A 117 -28.42 -29.88 35.03
N TYR A 118 -29.57 -30.24 34.45
CA TYR A 118 -30.83 -30.32 35.18
C TYR A 118 -31.44 -31.72 35.09
N CYS A 119 -30.60 -32.74 34.94
CA CYS A 119 -31.10 -34.10 34.79
C CYS A 119 -31.69 -34.60 36.10
N SER A 120 -32.81 -35.31 36.01
CA SER A 120 -33.53 -35.76 37.18
C SER A 120 -32.92 -37.04 37.73
N CYS A 121 -32.84 -37.13 39.06
CA CYS A 121 -32.38 -38.29 39.79
C CYS A 121 -33.43 -38.69 40.81
N PRO A 122 -33.33 -39.90 41.37
CA PRO A 122 -34.26 -40.30 42.43
C PRO A 122 -34.38 -39.27 43.54
N LEU A 123 -35.50 -39.28 44.26
CA LEU A 123 -35.81 -38.25 45.24
C LEU A 123 -34.70 -38.12 46.28
N GLY A 124 -34.52 -39.15 47.11
CA GLY A 124 -33.39 -39.17 48.02
C GLY A 124 -32.23 -39.91 47.37
N ASP A 125 -31.22 -39.18 46.91
CA ASP A 125 -30.16 -39.74 46.07
C ASP A 125 -28.81 -39.28 46.58
N GLN A 126 -27.98 -40.24 46.98
CA GLN A 126 -26.57 -40.02 47.30
C GLN A 126 -25.70 -40.84 46.35
N SER A 127 -26.18 -41.08 45.14
CA SER A 127 -25.60 -42.06 44.22
C SER A 127 -24.84 -41.35 43.10
N ALA A 128 -24.52 -42.12 42.05
CA ALA A 128 -23.74 -41.58 40.95
C ALA A 128 -24.54 -40.59 40.13
N CYS A 129 -25.86 -40.81 39.99
CA CYS A 129 -26.70 -39.87 39.25
C CYS A 129 -26.48 -38.45 39.75
N SER A 130 -26.57 -38.24 41.07
CA SER A 130 -26.37 -36.91 41.63
C SER A 130 -24.91 -36.46 41.48
N GLU A 131 -23.97 -37.39 41.64
CA GLU A 131 -22.56 -37.03 41.52
C GLU A 131 -22.22 -36.62 40.09
N ARG A 132 -22.67 -37.39 39.10
CA ARG A 132 -22.46 -37.01 37.71
C ARG A 132 -22.95 -35.59 37.47
N ARG A 133 -24.13 -35.26 37.99
CA ARG A 133 -24.69 -33.93 37.77
C ARG A 133 -23.84 -32.86 38.45
N ARG A 134 -23.33 -33.15 39.64
CA ARG A 134 -22.52 -32.15 40.34
C ARG A 134 -21.22 -31.88 39.59
N GLN A 135 -20.59 -32.92 39.06
CA GLN A 135 -19.33 -32.81 38.34
C GLN A 135 -19.52 -32.32 36.91
N THR A 136 -20.70 -31.79 36.56
CA THR A 136 -20.94 -31.38 35.19
C THR A 136 -20.13 -30.12 34.85
N ILE A 137 -20.03 -29.17 35.78
CA ILE A 137 -19.32 -27.92 35.52
C ILE A 137 -17.87 -28.02 35.97
N VAL A 138 -17.43 -29.23 36.31
CA VAL A 138 -16.08 -29.44 36.83
C VAL A 138 -15.88 -28.51 38.02
N PRO A 139 -16.55 -28.75 39.14
CA PRO A 139 -16.46 -27.81 40.26
C PRO A 139 -15.06 -27.67 40.83
N ALA A 140 -14.22 -28.70 40.70
CA ALA A 140 -12.86 -28.63 41.24
C ALA A 140 -12.07 -27.49 40.63
N CYS A 141 -12.49 -26.96 39.49
CA CYS A 141 -11.80 -25.86 38.83
C CYS A 141 -12.63 -24.59 38.75
N SER A 142 -13.92 -24.70 38.41
CA SER A 142 -14.77 -23.53 38.22
C SER A 142 -15.38 -23.03 39.52
N TYR A 143 -15.74 -23.94 40.42
CA TYR A 143 -16.51 -23.60 41.61
C TYR A 143 -15.63 -23.45 42.84
N GLU A 144 -14.89 -24.50 43.20
CA GLU A 144 -14.11 -24.50 44.43
C GLU A 144 -13.06 -23.38 44.41
N ASP A 145 -12.39 -23.22 45.54
CA ASP A 145 -11.29 -22.27 45.69
C ASP A 145 -10.66 -22.49 47.05
N LYS A 146 -9.42 -22.04 47.19
CA LYS A 146 -8.69 -22.31 48.43
C LYS A 146 -9.31 -21.59 49.61
N GLU A 147 -9.74 -20.34 49.42
CA GLU A 147 -10.36 -19.54 50.46
C GLU A 147 -11.82 -19.31 50.14
N ARG A 148 -12.69 -19.50 51.13
CA ARG A 148 -14.12 -19.29 50.95
C ARG A 148 -14.47 -17.86 51.34
N PRO A 149 -14.97 -17.03 50.41
CA PRO A 149 -15.18 -15.61 50.71
C PRO A 149 -16.55 -15.31 51.31
N ASN A 150 -16.62 -14.17 51.97
CA ASN A 150 -17.89 -13.69 52.49
C ASN A 150 -18.77 -13.22 51.34
N CYS A 151 -20.06 -13.51 51.41
CA CYS A 151 -20.94 -13.25 50.28
C CYS A 151 -21.07 -11.77 49.98
N LEU A 152 -20.71 -10.89 50.91
CA LEU A 152 -20.70 -9.47 50.59
C LEU A 152 -19.54 -9.13 49.67
N THR A 153 -18.36 -9.68 49.94
CA THR A 153 -17.22 -9.46 49.06
C THR A 153 -17.45 -10.08 47.69
N LEU A 154 -17.98 -11.31 47.65
CA LEU A 154 -18.29 -11.94 46.37
C LEU A 154 -19.32 -11.10 45.60
N GLN A 155 -20.30 -10.53 46.30
CA GLN A 155 -21.33 -9.74 45.62
C GLN A 155 -20.75 -8.45 45.08
N VAL A 156 -19.81 -7.83 45.80
CA VAL A 156 -19.13 -6.66 45.28
C VAL A 156 -18.37 -7.00 44.00
N SER A 157 -17.72 -8.16 43.99
CA SER A 157 -16.90 -8.55 42.85
C SER A 157 -17.75 -8.72 41.59
N CYS A 158 -18.89 -9.43 41.72
CA CYS A 158 -19.73 -9.67 40.56
C CYS A 158 -20.24 -8.35 39.97
N LYS A 159 -20.40 -7.32 40.80
CA LYS A 159 -20.92 -6.04 40.31
C LYS A 159 -19.84 -5.15 39.72
N THR A 160 -18.57 -5.55 39.81
CA THR A 160 -17.52 -4.83 39.09
C THR A 160 -17.52 -5.20 37.60
N ASN A 161 -17.83 -6.45 37.29
CA ASN A 161 -17.91 -6.93 35.92
C ASN A 161 -19.32 -6.71 35.38
N TYR A 162 -19.41 -6.09 34.20
CA TYR A 162 -20.73 -5.80 33.64
C TYR A 162 -21.47 -7.07 33.28
N ILE A 163 -20.78 -8.07 32.73
CA ILE A 163 -21.45 -9.31 32.34
C ILE A 163 -22.06 -9.97 33.57
N CYS A 164 -21.31 -10.04 34.67
CA CYS A 164 -21.81 -10.70 35.87
C CYS A 164 -22.97 -9.92 36.49
N ARG A 165 -22.89 -8.59 36.48
CA ARG A 165 -23.92 -7.79 37.12
C ARG A 165 -25.29 -8.07 36.53
N SER A 166 -25.43 -7.96 35.20
CA SER A 166 -26.72 -8.15 34.58
C SER A 166 -27.25 -9.55 34.82
N ARG A 167 -26.38 -10.56 34.75
CA ARG A 167 -26.81 -11.93 34.98
C ARG A 167 -27.38 -12.11 36.38
N LEU A 168 -26.78 -11.43 37.36
CA LEU A 168 -27.23 -11.57 38.74
C LEU A 168 -28.59 -10.89 38.95
N ALA A 169 -28.70 -9.63 38.52
CA ALA A 169 -29.97 -8.93 38.63
C ALA A 169 -31.08 -9.71 37.91
N ASP A 170 -30.79 -10.25 36.73
CA ASP A 170 -31.78 -11.07 36.03
C ASP A 170 -32.15 -12.30 36.83
N PHE A 171 -31.18 -12.87 37.57
CA PHE A 171 -31.48 -14.04 38.39
C PHE A 171 -32.44 -13.71 39.52
N PHE A 172 -32.29 -12.54 40.13
CA PHE A 172 -33.12 -12.20 41.27
C PHE A 172 -34.52 -11.76 40.86
N THR A 173 -34.66 -11.19 39.67
CA THR A 173 -36.00 -10.77 39.23
C THR A 173 -36.80 -11.94 38.68
N ASN A 174 -36.18 -12.80 37.88
CA ASN A 174 -36.90 -13.86 37.19
C ASN A 174 -37.09 -15.11 38.04
N CYS A 175 -36.40 -15.23 39.18
CA CYS A 175 -36.57 -16.37 40.07
C CYS A 175 -37.13 -15.97 41.43
N GLN A 176 -37.74 -14.80 41.52
CA GLN A 176 -38.35 -14.38 42.78
C GLN A 176 -39.45 -15.35 43.16
N PRO A 177 -39.44 -15.93 44.35
CA PRO A 177 -40.50 -16.86 44.75
C PRO A 177 -41.71 -16.17 45.34
N GLU A 178 -42.83 -16.89 45.34
CA GLU A 178 -44.10 -16.40 45.87
C GLU A 178 -44.85 -17.56 46.49
N PRO A 179 -44.98 -17.62 47.82
CA PRO A 179 -45.62 -18.79 48.43
C PRO A 179 -47.04 -19.03 47.93
N LEU A 180 -47.80 -17.96 47.68
CA LEU A 180 -49.19 -18.10 47.30
C LEU A 180 -49.37 -18.65 45.89
N SER A 181 -48.33 -18.60 45.05
CA SER A 181 -48.46 -19.02 43.65
C SER A 181 -48.30 -20.53 43.53
N LEU A 182 -49.19 -21.15 42.76
CA LEU A 182 -49.10 -22.58 42.53
C LEU A 182 -47.74 -22.95 41.96
N SER A 183 -47.29 -22.21 40.93
CA SER A 183 -46.01 -22.50 40.32
C SER A 183 -44.86 -22.29 41.29
N GLY A 184 -45.00 -21.33 42.19
CA GLY A 184 -43.94 -20.96 43.10
C GLY A 184 -43.16 -19.74 42.68
N CYS A 185 -43.36 -19.25 41.46
CA CYS A 185 -42.63 -18.11 40.93
C CYS A 185 -43.55 -16.90 40.87
N LEU A 186 -43.04 -15.76 41.33
CA LEU A 186 -43.81 -14.52 41.25
C LEU A 186 -44.06 -14.12 39.80
N LYS A 187 -43.04 -14.24 38.95
CA LYS A 187 -43.17 -13.86 37.55
C LYS A 187 -43.79 -14.95 36.69
N GLU A 188 -43.88 -16.18 37.20
CA GLU A 188 -44.69 -17.23 36.59
C GLU A 188 -44.16 -17.64 35.21
N ASN A 189 -42.85 -17.73 35.08
CA ASN A 189 -42.22 -18.33 33.89
C ASN A 189 -41.01 -19.13 34.35
N TYR A 190 -41.11 -20.46 34.24
CA TYR A 190 -39.98 -21.31 34.61
C TYR A 190 -38.79 -21.09 33.68
N ALA A 191 -39.05 -20.92 32.39
CA ALA A 191 -37.95 -20.77 31.43
C ALA A 191 -37.09 -19.55 31.75
N ASP A 192 -37.73 -18.43 32.09
CA ASP A 192 -36.97 -17.22 32.41
C ASP A 192 -36.13 -17.39 33.67
N CYS A 193 -36.51 -18.31 34.56
CA CYS A 193 -35.71 -18.53 35.76
C CYS A 193 -34.52 -19.43 35.48
N LEU A 194 -34.74 -20.51 34.73
CA LEU A 194 -33.65 -21.43 34.43
C LEU A 194 -32.52 -20.72 33.69
N LEU A 195 -32.85 -19.91 32.69
CA LEU A 195 -31.81 -19.20 31.95
C LEU A 195 -31.01 -18.29 32.88
N SER A 196 -31.70 -17.39 33.59
CA SER A 196 -31.00 -16.46 34.46
C SER A 196 -30.05 -17.19 35.41
N TYR A 197 -30.45 -18.37 35.87
CA TYR A 197 -29.57 -19.16 36.73
C TYR A 197 -28.36 -19.68 35.95
N SER A 198 -28.61 -20.32 34.81
CA SER A 198 -27.51 -20.85 34.01
C SER A 198 -26.52 -19.76 33.62
N GLY A 199 -27.03 -18.54 33.36
CA GLY A 199 -26.16 -17.44 33.02
C GLY A 199 -25.13 -17.13 34.09
N LEU A 200 -25.34 -17.62 35.30
CA LEU A 200 -24.34 -17.46 36.35
C LEU A 200 -23.17 -18.42 36.18
N ILE A 201 -23.39 -19.56 35.51
CA ILE A 201 -22.32 -20.51 35.27
C ILE A 201 -21.29 -19.88 34.34
N GLY A 202 -20.08 -19.69 34.85
CA GLY A 202 -19.04 -19.01 34.11
C GLY A 202 -18.71 -17.62 34.60
N THR A 203 -19.18 -17.24 35.78
CA THR A 203 -18.89 -15.94 36.37
C THR A 203 -18.26 -16.14 37.75
N VAL A 204 -18.02 -15.04 38.45
CA VAL A 204 -17.50 -15.14 39.81
C VAL A 204 -18.56 -15.72 40.75
N MET A 205 -19.82 -15.70 40.34
CA MET A 205 -20.94 -16.20 41.14
C MET A 205 -21.39 -17.59 40.69
N THR A 206 -20.46 -18.39 40.15
CA THR A 206 -20.79 -19.68 39.59
C THR A 206 -21.47 -20.56 40.66
N PRO A 207 -22.70 -21.01 40.42
CA PRO A 207 -23.36 -21.92 41.37
C PRO A 207 -23.19 -23.38 41.01
N ASN A 208 -23.34 -24.24 42.01
CA ASN A 208 -23.29 -25.68 41.79
C ASN A 208 -24.09 -26.37 42.89
N TYR A 209 -24.47 -27.62 42.62
CA TYR A 209 -25.24 -28.38 43.59
C TYR A 209 -24.40 -28.70 44.81
N LEU A 210 -25.06 -28.71 45.98
CA LEU A 210 -24.40 -29.12 47.21
C LEU A 210 -24.61 -30.61 47.41
N ARG A 211 -24.18 -31.12 48.56
CA ARG A 211 -24.28 -32.54 48.89
C ARG A 211 -25.39 -32.73 49.91
N SER A 212 -26.63 -32.69 49.42
CA SER A 212 -27.81 -32.83 50.27
C SER A 212 -28.76 -33.85 49.67
N PRO A 213 -29.55 -34.53 50.49
CA PRO A 213 -30.53 -35.48 49.93
C PRO A 213 -31.54 -34.81 49.03
N LYS A 214 -31.91 -33.57 49.32
CA LYS A 214 -32.76 -32.78 48.44
C LYS A 214 -31.88 -32.00 47.48
N ILE A 215 -32.47 -31.07 46.74
CA ILE A 215 -31.75 -30.26 45.76
C ILE A 215 -31.43 -28.92 46.40
N SER A 216 -30.14 -28.55 46.38
CA SER A 216 -29.70 -27.29 46.97
C SER A 216 -28.49 -26.80 46.20
N VAL A 217 -28.60 -25.62 45.59
CA VAL A 217 -27.49 -24.99 44.87
C VAL A 217 -27.12 -23.71 45.61
N SER A 218 -25.85 -23.34 45.52
CA SER A 218 -25.37 -22.16 46.22
C SER A 218 -24.08 -21.69 45.57
N PRO A 219 -23.79 -20.38 45.62
CA PRO A 219 -22.47 -19.91 45.22
C PRO A 219 -21.44 -20.24 46.29
N PHE A 220 -20.17 -20.15 45.91
CA PHE A 220 -19.09 -20.46 46.83
C PHE A 220 -18.82 -19.24 47.71
N CYS A 221 -19.63 -19.10 48.76
CA CYS A 221 -19.47 -18.04 49.74
C CYS A 221 -20.22 -18.44 50.99
N ASP A 222 -19.89 -17.78 52.10
CA ASP A 222 -20.49 -18.08 53.40
C ASP A 222 -20.87 -16.78 54.11
N CYS A 223 -21.67 -16.92 55.16
CA CYS A 223 -22.12 -15.79 55.96
C CYS A 223 -21.62 -15.97 57.39
N SER A 224 -20.54 -15.29 57.73
CA SER A 224 -20.00 -15.28 59.08
C SER A 224 -19.89 -13.86 59.62
N SER A 225 -20.82 -12.99 59.20
CA SER A 225 -20.81 -11.60 59.60
C SER A 225 -21.28 -11.47 61.06
N SER A 226 -21.35 -10.23 61.53
CA SER A 226 -21.74 -9.96 62.91
C SER A 226 -23.26 -9.90 63.06
N GLY A 227 -23.83 -8.70 62.95
CA GLY A 227 -25.25 -8.50 63.17
C GLY A 227 -25.97 -7.89 62.00
N ASN A 228 -25.88 -6.56 61.85
CA ASN A 228 -26.59 -5.90 60.76
C ASN A 228 -26.17 -6.47 59.41
N SER A 229 -24.91 -6.89 59.27
CA SER A 229 -24.46 -7.50 58.03
C SER A 229 -24.95 -8.93 57.89
N LYS A 230 -25.14 -9.64 59.01
CA LYS A 230 -25.41 -11.07 58.95
C LYS A 230 -26.76 -11.37 58.33
N GLU A 231 -27.71 -10.45 58.42
CA GLU A 231 -29.07 -10.73 57.94
C GLU A 231 -29.18 -10.58 56.43
N GLU A 232 -28.70 -9.46 55.89
CA GLU A 232 -28.68 -9.32 54.43
C GLU A 232 -27.90 -10.43 53.77
N CYS A 233 -26.84 -10.91 54.42
CA CYS A 233 -26.08 -12.03 53.88
C CYS A 233 -26.91 -13.30 53.83
N ASP A 234 -27.70 -13.56 54.88
CA ASP A 234 -28.50 -14.77 54.92
C ASP A 234 -29.64 -14.74 53.90
N ARG A 235 -30.20 -13.56 53.64
CA ARG A 235 -31.21 -13.46 52.58
C ARG A 235 -30.62 -13.86 51.23
N PHE A 236 -29.37 -13.44 50.97
CA PHE A 236 -28.73 -13.75 49.69
C PHE A 236 -28.54 -15.25 49.53
N THR A 237 -27.96 -15.90 50.52
CA THR A 237 -27.71 -17.34 50.43
C THR A 237 -29.01 -18.12 50.33
N GLU A 238 -30.05 -17.67 51.06
CA GLU A 238 -31.32 -18.39 51.04
C GLU A 238 -31.99 -18.30 49.67
N PHE A 239 -31.77 -17.22 48.93
CA PHE A 239 -32.38 -17.09 47.61
C PHE A 239 -31.88 -18.20 46.67
N PHE A 240 -30.68 -18.73 46.92
CA PHE A 240 -30.17 -19.85 46.16
C PHE A 240 -30.58 -21.20 46.76
N THR A 241 -30.31 -21.39 48.05
CA THR A 241 -30.47 -22.70 48.67
C THR A 241 -31.93 -23.10 48.76
N ASP A 242 -32.75 -22.28 49.40
CA ASP A 242 -34.16 -22.60 49.67
C ASP A 242 -35.04 -21.63 48.89
N ASN A 243 -35.15 -21.89 47.58
CA ASN A 243 -35.98 -21.10 46.68
C ASN A 243 -36.89 -22.07 45.95
N ALA A 244 -38.19 -21.99 46.23
CA ALA A 244 -39.13 -22.94 45.65
C ALA A 244 -39.33 -22.72 44.15
N CYS A 245 -39.21 -21.48 43.69
CA CYS A 245 -39.33 -21.21 42.26
C CYS A 245 -38.21 -21.89 41.48
N LEU A 246 -36.96 -21.71 41.94
CA LEU A 246 -35.83 -22.33 41.25
C LEU A 246 -35.91 -23.85 41.36
N ARG A 247 -36.37 -24.37 42.50
CA ARG A 247 -36.48 -25.81 42.66
C ARG A 247 -37.52 -26.39 41.70
N ASN A 248 -38.68 -25.74 41.57
CA ASN A 248 -39.73 -26.27 40.73
C ASN A 248 -39.33 -26.21 39.26
N ALA A 249 -38.64 -25.16 38.85
CA ALA A 249 -38.20 -25.05 37.45
C ALA A 249 -37.27 -26.20 37.09
N ILE A 250 -36.28 -26.46 37.94
CA ILE A 250 -35.33 -27.55 37.67
C ILE A 250 -36.07 -28.87 37.53
N GLN A 251 -37.04 -29.13 38.42
CA GLN A 251 -37.80 -30.36 38.32
C GLN A 251 -38.67 -30.37 37.06
N ALA A 252 -39.20 -29.22 36.68
CA ALA A 252 -40.02 -29.15 35.48
C ALA A 252 -39.22 -29.54 34.25
N PHE A 253 -37.95 -29.12 34.17
CA PHE A 253 -37.14 -29.40 32.99
C PHE A 253 -36.72 -30.87 32.96
N GLY A 254 -36.33 -31.43 34.10
CA GLY A 254 -35.96 -32.83 34.13
C GLY A 254 -37.11 -33.76 33.82
N ASN A 255 -38.32 -33.38 34.20
CA ASN A 255 -39.51 -34.17 33.91
C ASN A 255 -40.02 -34.00 32.49
N GLY A 256 -39.37 -33.15 31.70
CA GLY A 256 -39.78 -32.94 30.32
C GLY A 256 -38.72 -33.36 29.32
N THR A 257 -37.51 -33.64 29.81
CA THR A 257 -36.41 -34.08 28.96
C THR A 257 -35.93 -35.48 29.34
N GLY A 258 -36.63 -36.17 30.23
CA GLY A 258 -36.19 -37.46 30.69
C GLY A 258 -37.33 -38.47 30.70
N SER A 259 -36.95 -39.74 30.49
CA SER A 259 -37.95 -40.81 30.52
C SER A 259 -38.56 -40.95 31.91
N GLU A 260 -37.80 -40.64 32.95
CA GLU A 260 -38.29 -40.70 34.32
C GLU A 260 -37.90 -39.44 35.09
N GLY B 3 -10.38 -42.06 -6.75
CA GLY B 3 -10.22 -42.46 -5.37
C GLY B 3 -11.54 -42.49 -4.60
N ARG B 4 -12.64 -42.73 -5.32
CA ARG B 4 -13.95 -42.84 -4.68
C ARG B 4 -14.12 -44.13 -3.91
N GLY B 5 -13.22 -45.10 -4.09
CA GLY B 5 -13.32 -46.35 -3.34
C GLY B 5 -13.08 -46.14 -1.85
N CYS B 6 -11.97 -45.48 -1.51
CA CYS B 6 -11.74 -45.10 -0.12
C CYS B 6 -12.91 -44.25 0.36
N LEU B 7 -13.56 -44.71 1.43
CA LEU B 7 -14.86 -44.18 1.83
C LEU B 7 -14.99 -44.20 3.35
N LEU B 8 -15.50 -43.13 3.96
CA LEU B 8 -15.52 -43.07 5.43
C LEU B 8 -16.71 -43.87 6.01
N LYS B 9 -16.53 -44.49 7.19
CA LYS B 9 -17.62 -45.33 7.76
C LYS B 9 -17.76 -45.10 9.28
N GLU B 10 -18.89 -45.60 9.84
CA GLU B 10 -19.41 -45.21 11.15
C GLU B 10 -19.82 -46.44 11.97
N ILE B 11 -19.60 -46.39 13.29
CA ILE B 11 -19.88 -47.50 14.20
C ILE B 11 -20.13 -46.94 15.59
N HIS B 12 -21.11 -47.51 16.29
CA HIS B 12 -21.58 -47.03 17.59
C HIS B 12 -21.17 -48.04 18.66
N LEU B 13 -20.41 -47.59 19.64
CA LEU B 13 -19.81 -48.49 20.62
C LEU B 13 -19.87 -47.89 22.02
N ASN B 14 -19.57 -48.72 23.01
CA ASN B 14 -19.22 -48.22 24.33
C ASN B 14 -17.75 -47.83 24.35
N VAL B 15 -17.39 -46.93 25.28
CA VAL B 15 -15.98 -46.57 25.42
C VAL B 15 -15.14 -47.76 25.81
N THR B 16 -15.73 -48.72 26.55
CA THR B 16 -14.97 -49.89 26.96
C THR B 16 -14.62 -50.79 25.78
N ASP B 17 -15.45 -50.79 24.73
CA ASP B 17 -15.17 -51.61 23.57
C ASP B 17 -13.85 -51.24 22.91
N LEU B 18 -13.31 -50.04 23.20
CA LEU B 18 -12.03 -49.65 22.64
C LEU B 18 -10.87 -50.36 23.31
N ASP B 19 -11.10 -50.99 24.46
CA ASP B 19 -10.06 -51.74 25.17
C ASP B 19 -8.82 -50.90 25.42
N LEU B 20 -9.03 -49.69 25.91
CA LEU B 20 -7.96 -48.77 26.25
C LEU B 20 -7.70 -48.71 27.76
N GLY B 21 -8.44 -49.49 28.55
CA GLY B 21 -8.26 -49.54 29.98
C GLY B 21 -9.24 -48.71 30.78
N TYR B 22 -10.02 -47.86 30.12
CA TYR B 22 -10.94 -46.98 30.83
C TYR B 22 -12.11 -47.77 31.42
N ARG B 23 -12.62 -47.27 32.54
CA ARG B 23 -13.72 -47.89 33.27
C ARG B 23 -14.86 -46.88 33.33
N THR B 24 -15.78 -46.96 32.38
CA THR B 24 -16.88 -46.01 32.31
C THR B 24 -18.05 -46.67 31.56
N LYS B 25 -19.18 -45.97 31.58
CA LYS B 25 -20.39 -46.42 30.89
C LYS B 25 -20.83 -45.44 29.81
N GLU B 26 -19.92 -44.61 29.31
CA GLU B 26 -20.25 -43.67 28.25
C GLU B 26 -20.15 -44.34 26.89
N GLU B 27 -20.72 -43.68 25.88
CA GLU B 27 -20.75 -44.19 24.52
C GLU B 27 -20.22 -43.13 23.57
N LEU B 28 -19.86 -43.57 22.36
CA LEU B 28 -19.31 -42.67 21.36
C LEU B 28 -19.61 -43.21 19.97
N ILE B 29 -19.18 -42.45 18.96
CA ILE B 29 -19.31 -42.85 17.56
C ILE B 29 -17.92 -42.84 16.94
N PHE B 30 -17.54 -43.94 16.32
CA PHE B 30 -16.18 -44.16 15.81
C PHE B 30 -16.22 -44.22 14.29
N ARG B 31 -15.29 -43.49 13.65
CA ARG B 31 -15.25 -43.38 12.20
C ARG B 31 -13.87 -43.80 11.71
N TYR B 32 -13.84 -44.73 10.74
CA TYR B 32 -12.61 -45.23 10.17
C TYR B 32 -12.72 -45.19 8.65
N CYS B 33 -11.58 -45.37 7.99
CA CYS B 33 -11.51 -45.36 6.54
C CYS B 33 -11.37 -46.78 6.01
N SER B 34 -12.01 -47.05 4.88
CA SER B 34 -11.98 -48.38 4.28
C SER B 34 -12.46 -48.31 2.84
N GLY B 35 -11.66 -48.85 1.92
CA GLY B 35 -12.02 -48.87 0.53
C GLY B 35 -10.84 -49.21 -0.37
N PRO B 36 -11.12 -49.63 -1.60
CA PRO B 36 -10.03 -49.97 -2.53
C PRO B 36 -9.47 -48.74 -3.22
N CYS B 37 -8.15 -48.57 -3.15
CA CYS B 37 -7.45 -47.46 -3.78
C CYS B 37 -6.72 -47.88 -5.05
N HIS B 38 -7.27 -48.84 -5.79
CA HIS B 38 -6.60 -49.29 -7.01
C HIS B 38 -6.69 -48.26 -8.13
N ASP B 39 -7.80 -47.52 -8.19
CA ASP B 39 -7.98 -46.52 -9.24
C ASP B 39 -7.03 -45.34 -9.09
N ALA B 40 -6.32 -45.21 -7.96
CA ALA B 40 -5.43 -44.09 -7.71
C ALA B 40 -3.98 -44.53 -7.58
N GLU B 41 -3.64 -45.71 -8.07
CA GLU B 41 -2.27 -46.19 -7.99
C GLU B 41 -1.44 -45.65 -9.16
N THR B 42 -0.16 -45.41 -8.89
CA THR B 42 0.77 -44.82 -9.83
C THR B 42 1.74 -45.87 -10.35
N ASN B 43 2.61 -45.45 -11.27
CA ASN B 43 3.68 -46.31 -11.74
C ASN B 43 4.48 -46.87 -10.57
N TYR B 44 4.79 -46.02 -9.58
CA TYR B 44 5.51 -46.45 -8.39
C TYR B 44 4.87 -47.70 -7.78
N ASP B 45 3.55 -47.70 -7.66
CA ASP B 45 2.87 -48.87 -7.11
C ASP B 45 3.03 -50.08 -8.02
N LYS B 46 2.91 -49.88 -9.33
CA LYS B 46 2.99 -51.00 -10.26
C LYS B 46 4.40 -51.61 -10.28
N ILE B 47 5.43 -50.76 -10.14
CA ILE B 47 6.79 -51.28 -10.05
C ILE B 47 6.94 -52.13 -8.80
N LEU B 48 6.40 -51.66 -7.67
CA LEU B 48 6.53 -52.41 -6.42
C LEU B 48 5.88 -53.79 -6.53
N ASN B 49 4.68 -53.85 -7.11
CA ASN B 49 4.01 -55.14 -7.24
C ASN B 49 4.77 -56.05 -8.20
N ASN B 50 5.32 -55.49 -9.28
CA ASN B 50 6.02 -56.31 -10.26
C ASN B 50 7.39 -56.74 -9.75
N LEU B 51 8.09 -55.85 -9.04
CA LEU B 51 9.40 -56.21 -8.50
C LEU B 51 9.29 -57.32 -7.45
N THR B 52 8.27 -57.22 -6.57
CA THR B 52 8.11 -58.24 -5.54
C THR B 52 7.87 -59.61 -6.16
N HIS B 53 6.98 -59.69 -7.16
CA HIS B 53 6.75 -60.95 -7.85
C HIS B 53 8.03 -61.44 -8.53
N ASN B 54 8.86 -60.52 -9.04
CA ASN B 54 10.14 -60.89 -9.63
C ASN B 54 11.15 -61.31 -8.56
N LYS B 55 10.95 -60.91 -7.31
CA LYS B 55 11.81 -61.22 -6.17
C LYS B 55 13.06 -60.36 -6.15
N LYS B 56 13.18 -59.39 -7.05
CA LYS B 56 14.35 -58.50 -7.02
C LYS B 56 14.45 -57.76 -5.69
N LEU B 57 13.33 -57.27 -5.18
CA LEU B 57 13.27 -56.66 -3.85
C LEU B 57 12.67 -57.70 -2.91
N ASP B 58 13.53 -58.41 -2.19
CA ASP B 58 13.11 -59.54 -1.35
C ASP B 58 13.20 -59.23 0.14
N LYS B 59 14.32 -58.66 0.60
CA LYS B 59 14.46 -58.38 2.01
C LYS B 59 13.45 -57.35 2.50
N ASP B 60 12.95 -56.51 1.60
CA ASP B 60 12.09 -55.39 1.94
C ASP B 60 10.69 -55.62 1.38
N THR B 61 9.67 -55.25 2.16
CA THR B 61 8.26 -55.37 1.77
C THR B 61 7.64 -53.98 1.83
N PRO B 62 7.83 -53.16 0.81
CA PRO B 62 7.25 -51.80 0.83
C PRO B 62 5.75 -51.83 0.61
N SER B 63 5.11 -50.72 0.99
CA SER B 63 3.66 -50.61 1.01
C SER B 63 3.17 -49.87 -0.23
N ARG B 64 2.01 -50.29 -0.74
CA ARG B 64 1.36 -49.61 -1.84
C ARG B 64 0.37 -48.59 -1.29
N THR B 65 -0.56 -48.11 -2.11
CA THR B 65 -1.50 -47.08 -1.67
C THR B 65 -2.35 -47.59 -0.51
N CYS B 66 -2.59 -46.70 0.46
CA CYS B 66 -3.37 -47.02 1.65
C CYS B 66 -4.55 -46.06 1.77
N CYS B 67 -5.73 -46.61 2.04
CA CYS B 67 -6.93 -45.80 2.30
C CYS B 67 -6.90 -45.37 3.75
N ARG B 68 -6.44 -44.14 3.99
CA ARG B 68 -6.16 -43.63 5.32
C ARG B 68 -6.82 -42.28 5.52
N PRO B 69 -6.94 -41.83 6.78
CA PRO B 69 -7.55 -40.52 7.04
C PRO B 69 -6.55 -39.39 6.85
N ILE B 70 -7.06 -38.28 6.31
CA ILE B 70 -6.27 -37.07 6.16
C ILE B 70 -6.68 -35.97 7.14
N ALA B 71 -7.81 -36.11 7.81
CA ALA B 71 -8.27 -35.15 8.80
C ALA B 71 -8.95 -35.90 9.93
N PHE B 72 -8.60 -35.55 11.17
CA PHE B 72 -9.16 -36.21 12.34
C PHE B 72 -10.36 -35.44 12.88
N ASP B 73 -11.19 -36.14 13.65
CA ASP B 73 -12.39 -35.58 14.22
C ASP B 73 -12.09 -34.89 15.55
N ASP B 74 -13.05 -34.10 16.02
CA ASP B 74 -12.88 -33.37 17.26
C ASP B 74 -12.64 -34.32 18.43
N ASP B 75 -12.08 -33.77 19.51
CA ASP B 75 -11.80 -34.57 20.69
C ASP B 75 -13.10 -35.01 21.37
N ILE B 76 -13.00 -36.08 22.15
CA ILE B 76 -14.12 -36.61 22.91
C ILE B 76 -13.69 -36.73 24.36
N SER B 77 -14.63 -36.48 25.27
CA SER B 77 -14.39 -36.55 26.70
C SER B 77 -15.47 -37.40 27.35
N PHE B 78 -15.11 -38.01 28.48
CA PHE B 78 -16.06 -38.83 29.23
C PHE B 78 -15.69 -38.81 30.70
N LEU B 79 -16.59 -39.34 31.52
CA LEU B 79 -16.43 -39.41 32.97
C LEU B 79 -16.43 -40.88 33.40
N ASP B 80 -15.42 -41.27 34.17
CA ASP B 80 -15.22 -42.66 34.52
C ASP B 80 -15.79 -42.97 35.91
N ASP B 81 -15.81 -44.26 36.25
CA ASP B 81 -16.41 -44.70 37.50
C ASP B 81 -15.75 -44.03 38.70
N SER B 82 -14.46 -43.72 38.62
CA SER B 82 -13.76 -43.06 39.71
C SER B 82 -13.90 -41.55 39.67
N LEU B 83 -15.02 -41.06 39.12
CA LEU B 83 -15.32 -39.62 39.10
C LEU B 83 -14.12 -38.80 38.63
N GLU B 84 -13.48 -39.26 37.56
CA GLU B 84 -12.38 -38.54 36.93
C GLU B 84 -12.67 -38.39 35.44
N TYR B 85 -12.28 -37.25 34.88
CA TYR B 85 -12.52 -36.98 33.47
C TYR B 85 -11.33 -37.43 32.63
N HIS B 86 -11.62 -37.86 31.40
CA HIS B 86 -10.61 -38.29 30.45
C HIS B 86 -10.96 -37.72 29.09
N THR B 87 -9.92 -37.34 28.33
CA THR B 87 -10.09 -36.73 27.02
C THR B 87 -9.18 -37.43 26.02
N LEU B 88 -9.75 -37.92 24.93
CA LEU B 88 -9.00 -38.57 23.88
C LEU B 88 -8.89 -37.65 22.66
N LYS B 89 -7.76 -37.75 21.97
CA LYS B 89 -7.47 -36.94 20.79
C LYS B 89 -7.01 -37.84 19.66
N LYS B 90 -7.43 -37.51 18.44
CA LYS B 90 -7.08 -38.28 17.24
C LYS B 90 -7.53 -39.73 17.40
N HIS B 91 -8.84 -39.89 17.63
CA HIS B 91 -9.44 -41.20 17.82
C HIS B 91 -10.38 -41.61 16.70
N SER B 92 -10.84 -40.66 15.88
CA SER B 92 -11.84 -40.93 14.86
C SER B 92 -11.48 -40.19 13.58
N ALA B 93 -12.00 -40.69 12.46
CA ALA B 93 -11.69 -40.17 11.15
C ALA B 93 -12.77 -39.19 10.70
N LYS B 94 -12.33 -38.01 10.27
CA LYS B 94 -13.23 -36.98 9.74
C LYS B 94 -13.23 -36.93 8.22
N LYS B 95 -12.08 -37.17 7.58
CA LYS B 95 -11.97 -37.12 6.13
C LYS B 95 -10.92 -38.14 5.70
N CYS B 96 -11.26 -38.95 4.69
CA CYS B 96 -10.38 -40.01 4.19
C CYS B 96 -9.84 -39.65 2.81
N ALA B 97 -8.82 -40.40 2.39
CA ALA B 97 -8.19 -40.16 1.09
C ALA B 97 -7.24 -41.31 0.79
N CYS B 98 -7.03 -41.57 -0.51
CA CYS B 98 -6.08 -42.56 -0.95
C CYS B 98 -4.68 -41.96 -0.97
N VAL B 99 -3.78 -42.52 -0.16
CA VAL B 99 -2.41 -42.03 -0.11
C VAL B 99 -1.44 -43.21 -0.11
N ASN C 56 -61.00 -18.44 -4.83
CA ASN C 56 -59.99 -18.66 -3.80
C ASN C 56 -59.12 -17.42 -3.64
N ASN C 57 -59.27 -16.73 -2.50
CA ASN C 57 -58.46 -15.54 -2.25
C ASN C 57 -56.99 -15.90 -2.04
N CYS C 58 -56.71 -17.11 -1.57
CA CYS C 58 -55.31 -17.51 -1.42
C CYS C 58 -54.64 -17.66 -2.79
N LEU C 59 -55.40 -18.12 -3.79
CA LEU C 59 -54.84 -18.26 -5.13
C LEU C 59 -54.59 -16.89 -5.76
N ASN C 60 -55.47 -15.93 -5.50
CA ASN C 60 -55.26 -14.58 -6.01
C ASN C 60 -54.02 -13.95 -5.41
N ALA C 61 -53.76 -14.20 -4.12
CA ALA C 61 -52.57 -13.65 -3.50
C ALA C 61 -51.31 -14.20 -4.15
N ALA C 62 -51.32 -15.50 -4.49
CA ALA C 62 -50.16 -16.10 -5.15
C ALA C 62 -49.98 -15.53 -6.55
N LYS C 63 -51.06 -15.47 -7.32
CA LYS C 63 -50.98 -14.89 -8.66
C LYS C 63 -50.46 -13.45 -8.59
N ALA C 64 -51.01 -12.65 -7.68
CA ALA C 64 -50.55 -11.27 -7.55
C ALA C 64 -49.11 -11.17 -7.06
N CYS C 65 -48.56 -12.26 -6.52
CA CYS C 65 -47.17 -12.25 -6.10
C CYS C 65 -46.24 -12.56 -7.27
N ASN C 66 -46.53 -13.62 -8.02
CA ASN C 66 -45.72 -13.94 -9.19
C ASN C 66 -45.74 -12.81 -10.21
N LEU C 67 -46.84 -12.05 -10.27
CA LEU C 67 -46.92 -10.91 -11.17
C LEU C 67 -46.26 -9.66 -10.60
N ASN C 68 -45.68 -9.73 -9.41
CA ASN C 68 -44.90 -8.65 -8.82
C ASN C 68 -43.45 -9.08 -8.78
N ASP C 69 -42.56 -8.26 -9.35
CA ASP C 69 -41.18 -8.69 -9.53
C ASP C 69 -40.48 -8.87 -8.19
N THR C 70 -40.74 -7.97 -7.23
CA THR C 70 -40.11 -8.10 -5.91
C THR C 70 -40.66 -9.30 -5.15
N CYS C 71 -41.98 -9.55 -5.27
CA CYS C 71 -42.55 -10.71 -4.60
C CYS C 71 -42.13 -12.00 -5.29
N LYS C 72 -42.05 -11.98 -6.62
CA LYS C 72 -41.61 -13.17 -7.36
C LYS C 72 -40.19 -13.54 -6.98
N LYS C 73 -39.27 -12.57 -7.04
CA LYS C 73 -37.87 -12.83 -6.76
C LYS C 73 -37.69 -13.49 -5.40
N TYR C 74 -38.31 -12.92 -4.37
CA TYR C 74 -38.05 -13.40 -3.01
C TYR C 74 -38.90 -14.62 -2.64
N ARG C 75 -40.09 -14.76 -3.22
CA ARG C 75 -40.86 -15.97 -2.96
C ARG C 75 -40.06 -17.20 -3.40
N SER C 76 -39.53 -17.16 -4.63
CA SER C 76 -38.65 -18.23 -5.08
C SER C 76 -37.38 -18.32 -4.25
N ALA C 77 -36.99 -17.22 -3.59
CA ALA C 77 -35.76 -17.25 -2.81
C ALA C 77 -35.84 -18.25 -1.66
N TYR C 78 -37.02 -18.43 -1.07
CA TYR C 78 -37.15 -19.38 0.03
C TYR C 78 -37.75 -20.72 -0.40
N ILE C 79 -38.46 -20.76 -1.54
CA ILE C 79 -38.99 -22.04 -1.99
C ILE C 79 -37.87 -23.00 -2.36
N SER C 80 -36.78 -22.48 -2.94
CA SER C 80 -35.69 -23.34 -3.37
C SER C 80 -34.96 -23.97 -2.20
N PRO C 81 -34.45 -23.21 -1.22
CA PRO C 81 -33.79 -23.86 -0.07
C PRO C 81 -34.73 -24.71 0.76
N CYS C 82 -35.99 -24.29 0.92
CA CYS C 82 -36.95 -25.03 1.73
C CYS C 82 -37.47 -26.28 1.03
N THR C 83 -37.03 -26.55 -0.20
CA THR C 83 -37.49 -27.72 -0.94
C THR C 83 -36.36 -28.55 -1.53
N SER C 84 -35.11 -28.10 -1.41
CA SER C 84 -33.96 -28.78 -2.02
C SER C 84 -33.32 -29.68 -0.98
N ARG C 85 -33.39 -30.99 -1.22
CA ARG C 85 -32.80 -31.96 -0.31
C ARG C 85 -31.26 -31.87 -0.36
N VAL C 86 -30.64 -32.19 0.77
CA VAL C 86 -29.19 -32.18 0.87
C VAL C 86 -28.60 -33.57 1.03
N SER C 87 -29.31 -34.49 1.67
CA SER C 87 -28.82 -35.86 1.88
C SER C 87 -30.02 -36.78 2.06
N THR C 88 -29.73 -38.06 2.27
CA THR C 88 -30.79 -39.03 2.49
C THR C 88 -31.49 -38.84 3.82
N ALA C 89 -30.94 -38.03 4.73
CA ALA C 89 -31.51 -37.78 6.04
C ALA C 89 -32.16 -36.43 6.18
N GLU C 90 -31.56 -35.38 5.60
CA GLU C 90 -32.08 -34.02 5.71
C GLU C 90 -32.95 -33.70 4.51
N VAL C 91 -34.19 -33.28 4.77
CA VAL C 91 -35.07 -32.83 3.70
C VAL C 91 -34.65 -31.47 3.18
N CYS C 92 -33.87 -30.71 3.95
CA CYS C 92 -33.49 -29.35 3.57
C CYS C 92 -32.46 -28.84 4.56
N ASN C 93 -31.90 -27.66 4.25
CA ASN C 93 -31.03 -26.93 5.16
C ASN C 93 -31.93 -26.00 5.97
N LYS C 94 -32.37 -26.48 7.13
CA LYS C 94 -33.40 -25.76 7.89
C LYS C 94 -32.98 -24.33 8.17
N ARG C 95 -31.72 -24.12 8.55
CA ARG C 95 -31.25 -22.75 8.83
C ARG C 95 -31.42 -21.86 7.61
N LYS C 96 -30.98 -22.33 6.44
CA LYS C 96 -31.07 -21.50 5.23
C LYS C 96 -32.51 -21.26 4.84
N CYS C 97 -33.38 -22.26 5.05
CA CYS C 97 -34.80 -22.07 4.79
C CYS C 97 -35.36 -20.96 5.66
N HIS C 98 -35.01 -20.95 6.95
CA HIS C 98 -35.50 -19.89 7.84
C HIS C 98 -34.99 -18.53 7.41
N LYS C 99 -33.66 -18.39 7.28
CA LYS C 99 -33.09 -17.12 6.87
C LYS C 99 -33.77 -16.58 5.61
N ALA C 100 -34.24 -17.48 4.74
CA ALA C 100 -34.92 -17.06 3.52
C ALA C 100 -36.36 -16.64 3.80
N LEU C 101 -36.99 -17.23 4.81
CA LEU C 101 -38.34 -16.80 5.19
C LEU C 101 -38.30 -15.42 5.85
N ARG C 102 -37.39 -15.22 6.81
CA ARG C 102 -37.23 -13.91 7.41
C ARG C 102 -36.87 -12.85 6.38
N GLN C 103 -36.22 -13.26 5.29
CA GLN C 103 -35.92 -12.32 4.22
C GLN C 103 -37.16 -12.03 3.37
N PHE C 104 -38.08 -12.99 3.26
CA PHE C 104 -39.28 -12.78 2.45
C PHE C 104 -40.23 -11.80 3.12
N PHE C 105 -40.31 -11.82 4.45
CA PHE C 105 -41.23 -10.96 5.18
C PHE C 105 -40.62 -9.61 5.53
N ASP C 106 -39.33 -9.40 5.27
CA ASP C 106 -38.69 -8.11 5.54
C ASP C 106 -38.66 -7.21 4.31
N LYS C 107 -38.36 -7.76 3.15
CA LYS C 107 -38.19 -6.95 1.94
C LYS C 107 -39.41 -6.95 1.04
N VAL C 108 -40.18 -8.02 1.01
CA VAL C 108 -41.41 -8.02 0.19
C VAL C 108 -42.43 -7.09 0.83
N PRO C 109 -43.08 -6.22 0.07
CA PRO C 109 -44.08 -5.30 0.67
C PRO C 109 -45.16 -6.08 1.39
N PRO C 110 -45.83 -5.46 2.37
CA PRO C 110 -46.79 -6.22 3.19
C PRO C 110 -48.04 -6.65 2.43
N LYS C 111 -48.51 -5.85 1.49
CA LYS C 111 -49.73 -6.20 0.76
C LYS C 111 -49.61 -7.56 0.10
N HIS C 112 -48.40 -7.94 -0.34
CA HIS C 112 -48.17 -9.23 -0.97
C HIS C 112 -47.73 -10.29 0.04
N SER C 113 -46.76 -9.96 0.90
CA SER C 113 -46.24 -10.94 1.85
C SER C 113 -47.34 -11.42 2.80
N TYR C 114 -47.97 -10.48 3.51
CA TYR C 114 -48.99 -10.88 4.47
C TYR C 114 -50.29 -11.24 3.78
N GLY C 115 -50.54 -10.70 2.59
CA GLY C 115 -51.73 -11.09 1.84
C GLY C 115 -51.77 -12.57 1.52
N MET C 116 -50.60 -13.20 1.41
CA MET C 116 -50.57 -14.65 1.19
C MET C 116 -50.69 -15.40 2.52
N LEU C 117 -50.04 -14.89 3.57
CA LEU C 117 -50.01 -15.61 4.85
C LEU C 117 -51.36 -15.59 5.54
N TYR C 118 -52.12 -14.49 5.40
CA TYR C 118 -53.40 -14.33 6.07
C TYR C 118 -54.57 -14.36 5.10
N CYS C 119 -54.45 -15.14 4.01
CA CYS C 119 -55.52 -15.22 3.05
C CYS C 119 -56.79 -15.76 3.71
N SER C 120 -57.91 -15.13 3.42
CA SER C 120 -59.19 -15.53 4.01
C SER C 120 -59.78 -16.70 3.23
N CYS C 121 -60.27 -17.70 3.95
CA CYS C 121 -60.81 -18.91 3.38
C CYS C 121 -62.18 -19.19 3.98
N PRO C 122 -62.98 -20.04 3.33
CA PRO C 122 -64.26 -20.44 3.95
C PRO C 122 -64.05 -21.07 5.31
N LEU C 123 -65.01 -20.83 6.21
CA LEU C 123 -64.92 -21.34 7.57
C LEU C 123 -65.39 -22.78 7.64
N GLY C 124 -64.67 -23.59 8.42
CA GLY C 124 -65.07 -24.95 8.69
C GLY C 124 -64.79 -25.96 7.61
N ASP C 125 -64.13 -25.56 6.52
CA ASP C 125 -63.87 -26.44 5.39
C ASP C 125 -62.38 -26.51 5.12
N GLN C 126 -61.87 -27.75 4.99
CA GLN C 126 -60.48 -27.97 4.60
C GLN C 126 -60.34 -27.78 3.08
N SER C 127 -60.61 -26.55 2.65
CA SER C 127 -60.59 -26.22 1.25
C SER C 127 -59.16 -26.12 0.73
N ALA C 128 -59.03 -26.11 -0.60
CA ALA C 128 -57.74 -25.84 -1.20
C ALA C 128 -57.20 -24.51 -0.73
N CYS C 129 -58.08 -23.53 -0.52
CA CYS C 129 -57.67 -22.26 0.05
C CYS C 129 -56.93 -22.47 1.37
N SER C 130 -57.42 -23.39 2.21
CA SER C 130 -56.79 -23.63 3.49
C SER C 130 -55.46 -24.37 3.34
N GLU C 131 -55.42 -25.38 2.46
CA GLU C 131 -54.21 -26.17 2.30
C GLU C 131 -53.09 -25.34 1.66
N ARG C 132 -53.43 -24.47 0.71
CA ARG C 132 -52.42 -23.59 0.13
C ARG C 132 -51.83 -22.66 1.18
N ARG C 133 -52.67 -22.19 2.10
CA ARG C 133 -52.18 -21.30 3.15
C ARG C 133 -51.21 -22.02 4.08
N ARG C 134 -51.50 -23.28 4.41
CA ARG C 134 -50.62 -24.04 5.29
C ARG C 134 -49.24 -24.21 4.68
N GLN C 135 -49.15 -24.28 3.36
CA GLN C 135 -47.90 -24.55 2.66
C GLN C 135 -47.08 -23.30 2.37
N THR C 136 -47.60 -22.11 2.72
CA THR C 136 -46.88 -20.89 2.43
C THR C 136 -45.46 -20.92 2.99
N ILE C 137 -45.29 -21.45 4.21
CA ILE C 137 -43.98 -21.48 4.83
C ILE C 137 -43.18 -22.73 4.49
N VAL C 138 -43.74 -23.63 3.67
CA VAL C 138 -43.08 -24.89 3.36
C VAL C 138 -42.93 -25.65 4.68
N PRO C 139 -44.04 -26.09 5.28
CA PRO C 139 -43.95 -26.65 6.64
C PRO C 139 -43.15 -27.94 6.72
N ALA C 140 -43.06 -28.70 5.64
CA ALA C 140 -42.26 -29.92 5.66
C ALA C 140 -40.79 -29.65 5.96
N CYS C 141 -40.36 -28.41 5.93
CA CYS C 141 -38.97 -28.03 6.15
C CYS C 141 -38.80 -26.99 7.23
N SER C 142 -39.68 -25.99 7.29
CA SER C 142 -39.54 -24.90 8.26
C SER C 142 -40.28 -25.15 9.56
N TYR C 143 -41.22 -26.10 9.60
CA TYR C 143 -42.08 -26.31 10.75
C TYR C 143 -41.92 -27.72 11.30
N GLU C 144 -42.35 -28.75 10.57
CA GLU C 144 -42.28 -30.13 11.04
C GLU C 144 -40.86 -30.48 11.48
N ASP C 145 -40.73 -31.53 12.28
CA ASP C 145 -39.41 -32.00 12.70
C ASP C 145 -39.56 -33.42 13.21
N LYS C 146 -38.46 -34.17 13.15
CA LYS C 146 -38.48 -35.56 13.59
C LYS C 146 -38.95 -35.67 15.04
N GLU C 147 -38.27 -34.98 15.95
CA GLU C 147 -38.61 -35.00 17.37
C GLU C 147 -39.47 -33.78 17.70
N ARG C 148 -40.65 -34.03 18.26
CA ARG C 148 -41.51 -32.96 18.74
C ARG C 148 -41.09 -32.61 20.17
N PRO C 149 -40.62 -31.39 20.43
CA PRO C 149 -40.10 -31.07 21.77
C PRO C 149 -41.22 -30.77 22.76
N ASN C 150 -40.81 -30.62 24.02
CA ASN C 150 -41.70 -30.15 25.07
C ASN C 150 -41.65 -28.62 25.10
N CYS C 151 -42.81 -28.01 25.36
CA CYS C 151 -42.91 -26.55 25.23
C CYS C 151 -42.03 -25.81 26.23
N LEU C 152 -41.61 -26.45 27.32
CA LEU C 152 -40.68 -25.78 28.22
C LEU C 152 -39.29 -25.74 27.59
N THR C 153 -38.84 -26.86 27.02
CA THR C 153 -37.53 -26.87 26.37
C THR C 153 -37.50 -25.90 25.20
N LEU C 154 -38.58 -25.82 24.43
CA LEU C 154 -38.60 -24.93 23.28
C LEU C 154 -38.55 -23.47 23.70
N GLN C 155 -39.23 -23.12 24.81
CA GLN C 155 -39.15 -21.75 25.31
C GLN C 155 -37.72 -21.40 25.72
N VAL C 156 -36.99 -22.36 26.28
CA VAL C 156 -35.61 -22.10 26.67
C VAL C 156 -34.73 -21.94 25.43
N SER C 157 -35.04 -22.68 24.37
CA SER C 157 -34.26 -22.57 23.14
C SER C 157 -34.43 -21.19 22.52
N CYS C 158 -35.67 -20.70 22.46
CA CYS C 158 -35.92 -19.39 21.84
C CYS C 158 -35.33 -18.27 22.68
N LYS C 159 -35.36 -18.40 24.00
CA LYS C 159 -34.91 -17.32 24.87
C LYS C 159 -33.40 -17.17 24.89
N THR C 160 -32.65 -18.21 24.50
CA THR C 160 -31.20 -18.06 24.37
C THR C 160 -30.86 -17.15 23.19
N ASN C 161 -31.64 -17.23 22.12
CA ASN C 161 -31.43 -16.39 20.94
C ASN C 161 -32.05 -15.02 21.18
N TYR C 162 -31.25 -13.96 21.06
CA TYR C 162 -31.73 -12.62 21.36
C TYR C 162 -32.94 -12.26 20.49
N ILE C 163 -32.82 -12.41 19.17
CA ILE C 163 -33.89 -11.96 18.29
C ILE C 163 -35.17 -12.76 18.55
N CYS C 164 -35.06 -14.08 18.73
CA CYS C 164 -36.26 -14.86 19.02
C CYS C 164 -36.89 -14.43 20.34
N ARG C 165 -36.06 -14.19 21.35
CA ARG C 165 -36.58 -13.77 22.65
C ARG C 165 -37.40 -12.49 22.53
N SER C 166 -36.83 -11.46 21.88
CA SER C 166 -37.54 -10.21 21.71
C SER C 166 -38.88 -10.44 21.01
N ARG C 167 -38.87 -11.17 19.90
CA ARG C 167 -40.09 -11.35 19.12
C ARG C 167 -41.12 -12.18 19.87
N LEU C 168 -40.69 -13.06 20.78
CA LEU C 168 -41.65 -13.80 21.59
C LEU C 168 -42.24 -12.90 22.68
N ALA C 169 -41.41 -12.06 23.29
CA ALA C 169 -41.90 -11.11 24.28
C ALA C 169 -42.96 -10.19 23.66
N ASP C 170 -42.66 -9.66 22.48
CA ASP C 170 -43.62 -8.77 21.82
C ASP C 170 -44.92 -9.50 21.50
N PHE C 171 -44.84 -10.78 21.15
CA PHE C 171 -46.03 -11.53 20.80
C PHE C 171 -46.99 -11.60 21.97
N PHE C 172 -46.51 -12.06 23.13
CA PHE C 172 -47.37 -12.23 24.28
C PHE C 172 -47.90 -10.89 24.81
N THR C 173 -47.23 -9.78 24.49
CA THR C 173 -47.71 -8.48 24.93
C THR C 173 -48.71 -7.88 23.95
N ASN C 174 -48.42 -7.91 22.65
CA ASN C 174 -49.25 -7.24 21.66
C ASN C 174 -50.46 -8.05 21.24
N CYS C 175 -50.51 -9.35 21.56
CA CYS C 175 -51.68 -10.18 21.28
C CYS C 175 -52.37 -10.64 22.55
N GLN C 176 -52.19 -9.94 23.65
CA GLN C 176 -52.87 -10.28 24.90
C GLN C 176 -54.37 -10.13 24.70
N PRO C 177 -55.16 -11.17 24.91
CA PRO C 177 -56.60 -11.06 24.71
C PRO C 177 -57.31 -10.50 25.95
N GLU C 178 -58.41 -9.79 25.69
CA GLU C 178 -59.27 -9.26 26.73
C GLU C 178 -60.71 -9.57 26.37
N PRO C 179 -61.37 -10.53 27.04
CA PRO C 179 -62.73 -10.90 26.63
C PRO C 179 -63.74 -9.78 26.74
N LEU C 180 -63.44 -8.71 27.47
CA LEU C 180 -64.37 -7.61 27.66
C LEU C 180 -64.25 -6.55 26.59
N SER C 181 -63.37 -6.70 25.61
CA SER C 181 -63.11 -5.70 24.59
C SER C 181 -63.74 -6.11 23.27
N LEU C 182 -64.42 -5.16 22.62
CA LEU C 182 -65.04 -5.44 21.33
C LEU C 182 -64.02 -5.97 20.34
N SER C 183 -62.80 -5.42 20.37
CA SER C 183 -61.76 -5.88 19.46
C SER C 183 -61.24 -7.26 19.83
N GLY C 184 -61.33 -7.62 21.11
CA GLY C 184 -60.74 -8.83 21.61
C GLY C 184 -59.32 -8.69 22.11
N CYS C 185 -58.61 -7.65 21.69
CA CYS C 185 -57.23 -7.44 22.09
C CYS C 185 -57.18 -6.43 23.24
N LEU C 186 -56.40 -6.76 24.27
CA LEU C 186 -56.27 -5.88 25.42
C LEU C 186 -55.69 -4.52 25.00
N LYS C 187 -54.77 -4.51 24.04
CA LYS C 187 -54.05 -3.32 23.67
C LYS C 187 -54.61 -2.62 22.44
N GLU C 188 -55.62 -3.20 21.80
CA GLU C 188 -56.46 -2.48 20.84
C GLU C 188 -55.65 -2.01 19.63
N ASN C 189 -54.88 -2.93 19.04
CA ASN C 189 -54.22 -2.67 17.77
C ASN C 189 -53.95 -4.00 17.10
N TYR C 190 -54.70 -4.31 16.05
CA TYR C 190 -54.51 -5.57 15.34
C TYR C 190 -53.15 -5.60 14.63
N ALA C 191 -52.68 -4.46 14.13
CA ALA C 191 -51.44 -4.44 13.36
C ALA C 191 -50.25 -4.87 14.23
N ASP C 192 -50.19 -4.35 15.46
CA ASP C 192 -49.07 -4.70 16.33
C ASP C 192 -49.08 -6.18 16.69
N CYS C 193 -50.25 -6.81 16.69
CA CYS C 193 -50.31 -8.24 16.96
C CYS C 193 -49.88 -9.05 15.73
N LEU C 194 -50.31 -8.63 14.54
CA LEU C 194 -49.94 -9.35 13.32
C LEU C 194 -48.44 -9.36 13.11
N LEU C 195 -47.79 -8.21 13.33
CA LEU C 195 -46.35 -8.14 13.14
C LEU C 195 -45.61 -9.04 14.11
N SER C 196 -46.01 -9.02 15.39
CA SER C 196 -45.34 -9.87 16.38
C SER C 196 -45.49 -11.34 16.02
N TYR C 197 -46.65 -11.73 15.50
CA TYR C 197 -46.84 -13.12 15.09
C TYR C 197 -45.92 -13.47 13.94
N SER C 198 -46.04 -12.74 12.83
CA SER C 198 -45.21 -13.01 11.66
C SER C 198 -43.72 -12.98 11.99
N GLY C 199 -43.31 -12.12 12.93
CA GLY C 199 -41.92 -12.05 13.33
C GLY C 199 -41.37 -13.36 13.85
N LEU C 200 -42.23 -14.23 14.38
CA LEU C 200 -41.78 -15.54 14.83
C LEU C 200 -41.43 -16.47 13.68
N ILE C 201 -41.99 -16.22 12.49
CA ILE C 201 -41.65 -17.04 11.33
C ILE C 201 -40.18 -16.88 11.02
N GLY C 202 -39.49 -18.01 10.84
CA GLY C 202 -38.06 -18.03 10.65
C GLY C 202 -37.26 -18.31 11.90
N THR C 203 -37.92 -18.42 13.06
CA THR C 203 -37.27 -18.73 14.32
C THR C 203 -37.61 -20.16 14.74
N VAL C 204 -36.92 -20.62 15.78
CA VAL C 204 -37.20 -21.94 16.33
C VAL C 204 -38.66 -22.05 16.77
N MET C 205 -39.29 -20.92 17.08
CA MET C 205 -40.70 -20.87 17.47
C MET C 205 -41.61 -20.59 16.29
N THR C 206 -41.30 -21.12 15.12
CA THR C 206 -42.10 -20.87 13.94
C THR C 206 -43.52 -21.39 14.15
N PRO C 207 -44.56 -20.58 13.92
CA PRO C 207 -45.93 -21.10 13.99
C PRO C 207 -46.52 -21.38 12.62
N ASN C 208 -47.49 -22.29 12.56
CA ASN C 208 -48.20 -22.57 11.32
C ASN C 208 -49.64 -22.93 11.66
N TYR C 209 -50.51 -22.82 10.65
CA TYR C 209 -51.91 -23.17 10.83
C TYR C 209 -52.06 -24.66 11.10
N LEU C 210 -53.14 -25.02 11.78
CA LEU C 210 -53.45 -26.41 12.09
C LEU C 210 -54.69 -26.84 11.33
N ARG C 211 -54.85 -28.15 11.15
CA ARG C 211 -55.99 -28.71 10.44
C ARG C 211 -57.18 -28.74 11.39
N SER C 212 -57.77 -27.57 11.60
CA SER C 212 -58.92 -27.41 12.46
C SER C 212 -60.10 -26.84 11.67
N PRO C 213 -61.34 -27.11 12.10
CA PRO C 213 -62.48 -26.49 11.41
C PRO C 213 -62.40 -24.97 11.39
N LYS C 214 -62.04 -24.37 12.52
CA LYS C 214 -61.79 -22.93 12.59
C LYS C 214 -60.29 -22.69 12.45
N ILE C 215 -59.87 -21.46 12.75
CA ILE C 215 -58.46 -21.07 12.60
C ILE C 215 -57.74 -21.38 13.90
N SER C 216 -56.72 -22.24 13.82
CA SER C 216 -55.88 -22.58 14.95
C SER C 216 -54.43 -22.59 14.48
N VAL C 217 -53.59 -21.81 15.15
CA VAL C 217 -52.15 -21.79 14.89
C VAL C 217 -51.45 -22.32 16.14
N SER C 218 -50.25 -22.86 15.93
CA SER C 218 -49.50 -23.45 17.02
C SER C 218 -48.04 -23.56 16.61
N PRO C 219 -47.11 -23.43 17.57
CA PRO C 219 -45.73 -23.82 17.31
C PRO C 219 -45.54 -25.31 17.52
N PHE C 220 -44.44 -25.84 16.99
CA PHE C 220 -44.17 -27.26 17.05
C PHE C 220 -43.67 -27.61 18.46
N CYS C 221 -44.62 -27.74 19.38
CA CYS C 221 -44.31 -28.15 20.75
C CYS C 221 -45.53 -28.83 21.34
N ASP C 222 -45.30 -29.65 22.36
CA ASP C 222 -46.33 -30.47 22.98
C ASP C 222 -46.17 -30.42 24.49
N CYS C 223 -47.28 -30.66 25.20
CA CYS C 223 -47.36 -30.50 26.65
C CYS C 223 -47.61 -31.82 27.36
N SER C 224 -46.88 -32.87 26.99
CA SER C 224 -46.99 -34.16 27.67
C SER C 224 -45.92 -34.23 28.75
N SER C 225 -46.07 -33.37 29.76
CA SER C 225 -45.12 -33.26 30.86
C SER C 225 -45.59 -33.97 32.13
N SER C 226 -46.82 -34.47 32.16
CA SER C 226 -47.32 -35.27 33.29
C SER C 226 -47.24 -34.51 34.61
N GLY C 227 -47.71 -33.26 34.60
CA GLY C 227 -47.71 -32.45 35.80
C GLY C 227 -46.40 -31.72 36.02
N ASN C 228 -46.35 -31.00 37.14
CA ASN C 228 -45.18 -30.17 37.48
C ASN C 228 -45.14 -28.93 36.60
N SER C 229 -45.18 -29.13 35.27
CA SER C 229 -45.25 -28.03 34.31
C SER C 229 -46.25 -28.42 33.22
N LYS C 230 -47.54 -28.51 33.61
CA LYS C 230 -48.62 -28.68 32.65
C LYS C 230 -49.60 -27.53 32.65
N GLU C 231 -49.78 -26.83 33.78
CA GLU C 231 -50.64 -25.65 33.78
C GLU C 231 -49.97 -24.48 33.06
N GLU C 232 -48.68 -24.25 33.33
CA GLU C 232 -47.94 -23.24 32.57
C GLU C 232 -47.81 -23.66 31.12
N CYS C 233 -47.66 -24.95 30.86
CA CYS C 233 -47.53 -25.43 29.49
C CYS C 233 -48.83 -25.21 28.72
N ASP C 234 -49.97 -25.54 29.32
CA ASP C 234 -51.23 -25.39 28.62
C ASP C 234 -51.63 -23.93 28.46
N ARG C 235 -51.25 -23.07 29.40
CA ARG C 235 -51.48 -21.64 29.21
C ARG C 235 -50.68 -21.11 28.03
N PHE C 236 -49.48 -21.65 27.81
CA PHE C 236 -48.65 -21.21 26.71
C PHE C 236 -49.26 -21.60 25.36
N THR C 237 -49.49 -22.90 25.16
CA THR C 237 -50.06 -23.36 23.89
C THR C 237 -51.39 -22.69 23.61
N GLU C 238 -52.22 -22.50 24.65
CA GLU C 238 -53.52 -21.89 24.45
C GLU C 238 -53.40 -20.47 23.89
N PHE C 239 -52.35 -19.75 24.27
CA PHE C 239 -52.17 -18.39 23.75
C PHE C 239 -52.06 -18.37 22.24
N PHE C 240 -51.74 -19.52 21.62
CA PHE C 240 -51.67 -19.64 20.17
C PHE C 240 -52.96 -20.20 19.58
N THR C 241 -53.47 -21.31 20.13
CA THR C 241 -54.56 -22.02 19.49
C THR C 241 -55.88 -21.29 19.66
N ASP C 242 -56.23 -20.92 20.90
CA ASP C 242 -57.52 -20.29 21.21
C ASP C 242 -57.25 -18.90 21.78
N ASN C 243 -56.96 -17.95 20.88
CA ASN C 243 -56.70 -16.56 21.25
C ASN C 243 -57.61 -15.68 20.40
N ALA C 244 -58.64 -15.11 21.02
CA ALA C 244 -59.61 -14.32 20.27
C ALA C 244 -58.97 -13.11 19.62
N CYS C 245 -57.94 -12.53 20.24
CA CYS C 245 -57.27 -11.38 19.65
C CYS C 245 -56.56 -11.75 18.36
N LEU C 246 -55.73 -12.80 18.40
CA LEU C 246 -54.98 -13.19 17.22
C LEU C 246 -55.90 -13.59 16.08
N ARG C 247 -57.00 -14.26 16.39
CA ARG C 247 -57.91 -14.73 15.36
C ARG C 247 -58.58 -13.55 14.65
N ASN C 248 -59.00 -12.54 15.41
CA ASN C 248 -59.68 -11.41 14.80
C ASN C 248 -58.76 -10.65 13.84
N ALA C 249 -57.51 -10.43 14.24
CA ALA C 249 -56.58 -9.69 13.40
C ALA C 249 -56.36 -10.39 12.06
N ILE C 250 -56.14 -11.71 12.10
CA ILE C 250 -55.95 -12.48 10.87
C ILE C 250 -57.17 -12.32 9.97
N GLN C 251 -58.37 -12.50 10.53
CA GLN C 251 -59.59 -12.32 9.76
C GLN C 251 -59.72 -10.88 9.27
N ALA C 252 -59.21 -9.91 10.05
CA ALA C 252 -59.30 -8.52 9.63
C ALA C 252 -58.45 -8.26 8.40
N PHE C 253 -57.18 -8.69 8.43
CA PHE C 253 -56.30 -8.43 7.30
C PHE C 253 -56.82 -9.10 6.03
N GLY C 254 -57.15 -10.39 6.13
CA GLY C 254 -57.72 -11.08 4.97
C GLY C 254 -58.95 -10.39 4.43
N ASN C 255 -59.74 -9.77 5.29
CA ASN C 255 -60.91 -9.04 4.84
C ASN C 255 -60.52 -7.83 3.99
N GLY C 256 -59.47 -7.12 4.40
CA GLY C 256 -59.09 -5.89 3.74
C GLY C 256 -58.15 -6.02 2.56
N THR C 257 -57.64 -7.23 2.30
CA THR C 257 -56.75 -7.46 1.17
C THR C 257 -57.33 -8.50 0.21
N GLY C 258 -58.65 -8.62 0.17
CA GLY C 258 -59.27 -9.57 -0.73
C GLY C 258 -60.77 -9.46 -0.70
N SER C 259 -61.42 -10.40 -1.38
CA SER C 259 -62.88 -10.49 -1.43
C SER C 259 -63.45 -9.40 -2.34
N GLN D 2 -25.32 -0.45 -33.86
CA GLN D 2 -25.92 0.03 -32.62
C GLN D 2 -26.80 -1.05 -31.99
N GLY D 3 -27.61 -1.70 -32.81
CA GLY D 3 -28.46 -2.78 -32.33
C GLY D 3 -29.56 -2.36 -31.41
N ARG D 4 -30.23 -1.24 -31.71
CA ARG D 4 -31.29 -0.74 -30.84
C ARG D 4 -32.63 -1.39 -31.11
N GLY D 5 -32.80 -2.06 -32.25
CA GLY D 5 -34.08 -2.67 -32.56
C GLY D 5 -34.40 -3.91 -31.73
N CYS D 6 -33.39 -4.58 -31.21
CA CYS D 6 -33.59 -5.77 -30.40
C CYS D 6 -34.14 -5.38 -29.03
N LEU D 7 -35.46 -5.40 -28.89
CA LEU D 7 -36.16 -4.94 -27.69
C LEU D 7 -36.78 -6.12 -26.94
N LEU D 8 -37.27 -5.82 -25.74
CA LEU D 8 -37.84 -6.81 -24.84
C LEU D 8 -39.36 -6.64 -24.78
N LYS D 9 -40.06 -7.76 -24.72
CA LYS D 9 -41.52 -7.78 -24.74
C LYS D 9 -42.05 -8.60 -23.58
N GLU D 10 -43.32 -8.38 -23.25
CA GLU D 10 -43.99 -9.04 -22.13
C GLU D 10 -45.28 -9.69 -22.59
N ILE D 11 -45.66 -10.76 -21.89
CA ILE D 11 -46.90 -11.47 -22.17
C ILE D 11 -47.35 -12.18 -20.89
N HIS D 12 -48.59 -11.93 -20.48
CA HIS D 12 -49.13 -12.49 -19.24
C HIS D 12 -49.84 -13.80 -19.55
N LEU D 13 -49.41 -14.88 -18.89
CA LEU D 13 -49.85 -16.22 -19.22
C LEU D 13 -50.15 -17.02 -17.96
N ASN D 14 -50.84 -18.15 -18.15
CA ASN D 14 -50.88 -19.18 -17.12
C ASN D 14 -49.65 -20.06 -17.25
N VAL D 15 -49.28 -20.72 -16.14
CA VAL D 15 -48.18 -21.67 -16.21
C VAL D 15 -48.55 -22.89 -17.05
N THR D 16 -49.84 -23.17 -17.21
CA THR D 16 -50.27 -24.27 -18.05
C THR D 16 -50.19 -23.95 -19.54
N ASP D 17 -50.01 -22.67 -19.90
CA ASP D 17 -49.82 -22.32 -21.31
C ASP D 17 -48.44 -22.74 -21.80
N LEU D 18 -47.45 -22.79 -20.91
CA LEU D 18 -46.11 -23.20 -21.32
C LEU D 18 -46.05 -24.64 -21.78
N ASP D 19 -47.08 -25.43 -21.48
CA ASP D 19 -47.15 -26.82 -21.90
C ASP D 19 -45.87 -27.58 -21.52
N LEU D 20 -45.36 -27.29 -20.34
CA LEU D 20 -44.19 -27.99 -19.81
C LEU D 20 -44.58 -29.18 -18.95
N GLY D 21 -45.87 -29.43 -18.75
CA GLY D 21 -46.35 -30.60 -18.04
C GLY D 21 -46.84 -30.35 -16.63
N TYR D 22 -46.93 -29.11 -16.19
CA TYR D 22 -47.33 -28.80 -14.82
C TYR D 22 -48.85 -28.71 -14.71
N ARG D 23 -49.35 -29.03 -13.52
CA ARG D 23 -50.78 -29.02 -13.21
C ARG D 23 -51.02 -27.99 -12.12
N THR D 24 -51.04 -26.71 -12.51
CA THR D 24 -51.18 -25.63 -11.55
C THR D 24 -52.03 -24.52 -12.15
N LYS D 25 -52.66 -23.75 -11.26
CA LYS D 25 -53.46 -22.60 -11.65
C LYS D 25 -52.76 -21.28 -11.40
N GLU D 26 -51.44 -21.31 -11.18
CA GLU D 26 -50.68 -20.08 -10.98
C GLU D 26 -50.41 -19.41 -12.33
N GLU D 27 -49.92 -18.17 -12.26
CA GLU D 27 -49.71 -17.34 -13.44
C GLU D 27 -48.29 -16.77 -13.42
N LEU D 28 -47.91 -16.16 -14.54
CA LEU D 28 -46.55 -15.69 -14.72
C LEU D 28 -46.54 -14.59 -15.78
N ILE D 29 -45.38 -13.95 -15.93
CA ILE D 29 -45.15 -12.96 -16.97
C ILE D 29 -43.88 -13.34 -17.70
N PHE D 30 -44.00 -13.67 -18.98
CA PHE D 30 -42.91 -14.18 -19.80
C PHE D 30 -42.34 -13.04 -20.64
N ARG D 31 -41.02 -12.94 -20.68
CA ARG D 31 -40.32 -11.90 -21.42
C ARG D 31 -39.37 -12.52 -22.43
N TYR D 32 -39.38 -11.98 -23.65
CA TYR D 32 -38.56 -12.50 -24.73
C TYR D 32 -37.99 -11.34 -25.53
N CYS D 33 -37.00 -11.65 -26.36
CA CYS D 33 -36.33 -10.69 -27.21
C CYS D 33 -36.84 -10.80 -28.64
N SER D 34 -37.11 -9.66 -29.26
CA SER D 34 -37.57 -9.65 -30.65
C SER D 34 -37.24 -8.30 -31.27
N GLY D 35 -36.55 -8.33 -32.41
CA GLY D 35 -36.19 -7.12 -33.12
C GLY D 35 -35.18 -7.36 -34.21
N PRO D 36 -34.94 -6.36 -35.05
CA PRO D 36 -33.96 -6.49 -36.14
C PRO D 36 -32.54 -6.16 -35.71
N CYS D 37 -31.60 -6.98 -36.20
CA CYS D 37 -30.18 -6.80 -35.90
C CYS D 37 -29.38 -6.46 -37.15
N HIS D 38 -30.01 -5.78 -38.11
CA HIS D 38 -29.30 -5.41 -39.33
C HIS D 38 -28.24 -4.35 -39.05
N ASP D 39 -28.55 -3.38 -38.19
CA ASP D 39 -27.60 -2.32 -37.87
C ASP D 39 -26.42 -2.80 -37.04
N ALA D 40 -26.36 -4.09 -36.70
CA ALA D 40 -25.24 -4.65 -35.97
C ALA D 40 -24.49 -5.72 -36.75
N GLU D 41 -24.87 -5.98 -38.00
CA GLU D 41 -24.22 -7.02 -38.78
C GLU D 41 -22.78 -6.64 -39.10
N THR D 42 -22.05 -7.63 -39.60
CA THR D 42 -20.63 -7.50 -39.90
C THR D 42 -20.35 -8.00 -41.31
N ASN D 43 -19.12 -7.80 -41.77
CA ASN D 43 -18.69 -8.39 -43.03
C ASN D 43 -18.90 -9.90 -43.00
N TYR D 44 -18.65 -10.53 -41.84
CA TYR D 44 -18.88 -11.97 -41.71
C TYR D 44 -20.31 -12.34 -42.09
N ASP D 45 -21.27 -11.52 -41.69
CA ASP D 45 -22.67 -11.80 -42.03
C ASP D 45 -22.93 -11.62 -43.52
N LYS D 46 -22.39 -10.55 -44.10
CA LYS D 46 -22.58 -10.32 -45.54
C LYS D 46 -21.98 -11.46 -46.35
N ILE D 47 -20.80 -11.95 -45.95
CA ILE D 47 -20.18 -13.06 -46.66
C ILE D 47 -21.09 -14.28 -46.63
N LEU D 48 -21.72 -14.53 -45.48
CA LEU D 48 -22.59 -15.71 -45.38
C LEU D 48 -23.77 -15.60 -46.33
N ASN D 49 -24.29 -14.39 -46.54
CA ASN D 49 -25.41 -14.22 -47.46
C ASN D 49 -25.01 -14.49 -48.90
N ASN D 50 -23.82 -14.03 -49.30
CA ASN D 50 -23.37 -14.24 -50.68
C ASN D 50 -22.88 -15.67 -50.90
N LEU D 51 -22.37 -16.34 -49.87
CA LEU D 51 -21.96 -17.73 -50.03
C LEU D 51 -23.17 -18.64 -50.18
N THR D 52 -24.24 -18.39 -49.41
CA THR D 52 -25.46 -19.17 -49.57
C THR D 52 -26.08 -18.91 -50.95
N HIS D 53 -26.12 -17.65 -51.38
CA HIS D 53 -26.66 -17.35 -52.69
C HIS D 53 -25.88 -18.04 -53.80
N ASN D 54 -24.55 -18.10 -53.66
CA ASN D 54 -23.70 -18.75 -54.64
C ASN D 54 -23.73 -20.27 -54.54
N LYS D 55 -24.28 -20.83 -53.47
CA LYS D 55 -24.32 -22.26 -53.22
C LYS D 55 -22.94 -22.85 -52.96
N LYS D 56 -21.99 -22.02 -52.48
CA LYS D 56 -20.64 -22.51 -52.21
C LYS D 56 -20.59 -23.43 -51.00
N LEU D 57 -21.45 -23.18 -50.01
CA LEU D 57 -21.47 -23.96 -48.76
C LEU D 57 -22.42 -25.13 -48.95
N ASP D 58 -21.87 -26.29 -49.29
CA ASP D 58 -22.68 -27.48 -49.53
C ASP D 58 -23.13 -28.06 -48.19
N LYS D 59 -24.44 -28.18 -48.01
CA LYS D 59 -25.01 -28.81 -46.83
C LYS D 59 -24.65 -28.06 -45.55
N ASP D 60 -24.71 -26.73 -45.62
CA ASP D 60 -24.36 -25.88 -44.49
C ASP D 60 -25.32 -24.71 -44.40
N THR D 61 -25.74 -24.39 -43.18
CA THR D 61 -26.67 -23.30 -42.91
C THR D 61 -26.17 -22.54 -41.68
N PRO D 62 -25.48 -21.42 -41.88
CA PRO D 62 -25.01 -20.63 -40.74
C PRO D 62 -26.00 -19.53 -40.36
N SER D 63 -25.83 -19.00 -39.16
CA SER D 63 -26.72 -18.00 -38.60
C SER D 63 -26.04 -16.64 -38.63
N ARG D 64 -26.78 -15.62 -39.08
CA ARG D 64 -26.34 -14.24 -38.97
C ARG D 64 -26.62 -13.76 -37.55
N THR D 65 -26.43 -12.45 -37.31
CA THR D 65 -26.69 -11.89 -35.99
C THR D 65 -28.08 -12.27 -35.51
N CYS D 66 -28.17 -12.59 -34.22
CA CYS D 66 -29.42 -13.00 -33.59
C CYS D 66 -29.77 -12.04 -32.47
N CYS D 67 -31.05 -11.66 -32.39
CA CYS D 67 -31.57 -10.89 -31.26
C CYS D 67 -31.88 -11.87 -30.14
N ARG D 68 -30.94 -12.02 -29.22
CA ARG D 68 -30.98 -13.04 -28.17
C ARG D 68 -30.79 -12.40 -26.81
N PRO D 69 -31.18 -13.11 -25.74
CA PRO D 69 -30.96 -12.58 -24.39
C PRO D 69 -29.53 -12.77 -23.93
N ILE D 70 -28.99 -11.73 -23.28
CA ILE D 70 -27.66 -11.80 -22.66
C ILE D 70 -27.76 -11.83 -21.14
N ALA D 71 -28.97 -11.78 -20.58
CA ALA D 71 -29.17 -11.86 -19.14
C ALA D 71 -30.56 -12.42 -18.90
N PHE D 72 -30.64 -13.46 -18.08
CA PHE D 72 -31.92 -14.09 -17.79
C PHE D 72 -32.56 -13.46 -16.55
N ASP D 73 -33.83 -13.79 -16.35
CA ASP D 73 -34.64 -13.20 -15.29
C ASP D 73 -34.59 -14.07 -14.03
N ASP D 74 -35.04 -13.49 -12.92
CA ASP D 74 -35.09 -14.21 -11.65
C ASP D 74 -35.95 -15.46 -11.78
N ASP D 75 -35.64 -16.45 -10.96
CA ASP D 75 -36.39 -17.70 -10.98
C ASP D 75 -37.80 -17.49 -10.43
N ILE D 76 -38.74 -18.27 -10.97
CA ILE D 76 -40.13 -18.22 -10.55
C ILE D 76 -40.47 -19.56 -9.91
N SER D 77 -41.33 -19.53 -8.89
CA SER D 77 -41.78 -20.73 -8.21
C SER D 77 -43.30 -20.72 -8.14
N PHE D 78 -43.88 -21.91 -8.06
CA PHE D 78 -45.34 -22.05 -7.99
C PHE D 78 -45.69 -23.34 -7.28
N LEU D 79 -46.96 -23.44 -6.88
CA LEU D 79 -47.50 -24.59 -6.19
C LEU D 79 -48.57 -25.22 -7.08
N ASP D 80 -48.54 -26.55 -7.21
CA ASP D 80 -49.40 -27.25 -8.14
C ASP D 80 -50.61 -27.85 -7.43
N ASP D 81 -51.52 -28.41 -8.23
CA ASP D 81 -52.78 -28.91 -7.68
C ASP D 81 -52.55 -29.99 -6.63
N SER D 82 -51.44 -30.72 -6.72
CA SER D 82 -51.14 -31.78 -5.76
C SER D 82 -50.36 -31.28 -4.56
N LEU D 83 -50.45 -29.99 -4.23
CA LEU D 83 -49.79 -29.42 -3.05
C LEU D 83 -48.30 -29.73 -3.08
N GLU D 84 -47.66 -29.44 -4.21
CA GLU D 84 -46.24 -29.65 -4.40
C GLU D 84 -45.63 -28.43 -5.05
N TYR D 85 -44.50 -27.98 -4.52
CA TYR D 85 -43.83 -26.79 -5.02
C TYR D 85 -42.91 -27.14 -6.18
N HIS D 86 -42.76 -26.19 -7.10
CA HIS D 86 -41.87 -26.33 -8.25
C HIS D 86 -41.14 -25.01 -8.47
N THR D 87 -39.97 -25.09 -9.09
CA THR D 87 -39.15 -23.91 -9.34
C THR D 87 -38.61 -23.98 -10.76
N LEU D 88 -38.78 -22.91 -11.51
CA LEU D 88 -38.28 -22.80 -12.88
C LEU D 88 -37.15 -21.78 -12.93
N LYS D 89 -36.07 -22.14 -13.61
CA LYS D 89 -34.90 -21.28 -13.78
C LYS D 89 -34.67 -21.00 -15.26
N LYS D 90 -34.18 -19.80 -15.54
CA LYS D 90 -33.91 -19.36 -16.91
C LYS D 90 -35.13 -19.59 -17.80
N HIS D 91 -36.24 -18.99 -17.37
CA HIS D 91 -37.51 -19.08 -18.09
C HIS D 91 -37.85 -17.80 -18.85
N SER D 92 -37.40 -16.65 -18.37
CA SER D 92 -37.74 -15.35 -18.93
C SER D 92 -36.47 -14.55 -19.17
N ALA D 93 -36.55 -13.63 -20.12
CA ALA D 93 -35.40 -12.82 -20.52
C ALA D 93 -35.42 -11.48 -19.79
N LYS D 94 -34.29 -11.15 -19.16
CA LYS D 94 -34.16 -9.88 -18.44
C LYS D 94 -33.62 -8.77 -19.33
N LYS D 95 -32.52 -9.02 -20.04
CA LYS D 95 -31.88 -8.04 -20.91
C LYS D 95 -31.53 -8.69 -22.25
N CYS D 96 -31.69 -7.94 -23.32
CA CYS D 96 -31.48 -8.43 -24.68
C CYS D 96 -30.31 -7.72 -25.34
N ALA D 97 -29.90 -8.26 -26.50
CA ALA D 97 -28.83 -7.66 -27.29
C ALA D 97 -28.58 -8.46 -28.57
N CYS D 98 -28.06 -7.80 -29.60
CA CYS D 98 -27.73 -8.46 -30.85
C CYS D 98 -26.39 -9.18 -30.70
N VAL D 99 -26.41 -10.50 -30.89
CA VAL D 99 -25.20 -11.31 -30.70
C VAL D 99 -24.83 -11.99 -32.00
N GLU E 55 -51.26 39.72 -0.64
CA GLU E 55 -52.66 39.48 -0.31
C GLU E 55 -52.87 38.06 0.20
N ASN E 56 -52.03 37.14 -0.27
CA ASN E 56 -52.13 35.73 0.05
C ASN E 56 -50.93 35.32 0.90
N ASN E 57 -51.19 34.94 2.16
CA ASN E 57 -50.10 34.52 3.04
C ASN E 57 -49.31 33.37 2.44
N CYS E 58 -49.98 32.47 1.72
CA CYS E 58 -49.31 31.31 1.16
C CYS E 58 -48.40 31.70 0.01
N LEU E 59 -48.88 32.56 -0.88
CA LEU E 59 -48.06 33.01 -2.00
C LEU E 59 -46.83 33.76 -1.51
N ASN E 60 -46.98 34.61 -0.49
CA ASN E 60 -45.83 35.33 0.06
C ASN E 60 -44.79 34.36 0.60
N ALA E 61 -45.23 33.26 1.21
CA ALA E 61 -44.28 32.27 1.70
C ALA E 61 -43.45 31.71 0.55
N ALA E 62 -44.08 31.45 -0.60
CA ALA E 62 -43.31 30.99 -1.75
C ALA E 62 -42.30 32.04 -2.19
N LYS E 63 -42.70 33.30 -2.23
CA LYS E 63 -41.76 34.36 -2.58
C LYS E 63 -40.56 34.36 -1.64
N ALA E 64 -40.80 34.31 -0.33
CA ALA E 64 -39.71 34.31 0.63
C ALA E 64 -38.78 33.12 0.43
N CYS E 65 -39.27 32.02 -0.15
CA CYS E 65 -38.44 30.85 -0.37
C CYS E 65 -37.53 31.03 -1.58
N ASN E 66 -38.11 31.36 -2.73
CA ASN E 66 -37.31 31.57 -3.94
C ASN E 66 -36.28 32.69 -3.75
N LEU E 67 -36.49 33.58 -2.79
CA LEU E 67 -35.53 34.62 -2.49
C LEU E 67 -34.54 34.23 -1.39
N ASN E 68 -34.72 33.07 -0.78
CA ASN E 68 -33.79 32.54 0.21
C ASN E 68 -32.99 31.43 -0.46
N ASP E 69 -31.66 31.59 -0.51
CA ASP E 69 -30.83 30.65 -1.25
C ASP E 69 -31.05 29.23 -0.75
N THR E 70 -31.02 29.03 0.56
CA THR E 70 -31.19 27.68 1.11
C THR E 70 -32.53 27.09 0.71
N CYS E 71 -33.62 27.82 0.96
CA CYS E 71 -34.95 27.32 0.62
C CYS E 71 -35.09 27.13 -0.89
N LYS E 72 -34.56 28.07 -1.68
CA LYS E 72 -34.69 27.98 -3.12
C LYS E 72 -34.01 26.72 -3.67
N LYS E 73 -32.86 26.36 -3.11
CA LYS E 73 -32.12 25.21 -3.60
C LYS E 73 -32.86 23.90 -3.30
N TYR E 74 -33.26 23.72 -2.05
CA TYR E 74 -33.87 22.45 -1.65
C TYR E 74 -35.32 22.33 -2.09
N ARG E 75 -36.03 23.46 -2.27
CA ARG E 75 -37.35 23.39 -2.87
C ARG E 75 -37.28 22.80 -4.27
N SER E 76 -36.48 23.42 -5.14
CA SER E 76 -36.25 22.86 -6.47
C SER E 76 -35.79 21.41 -6.39
N ALA E 77 -35.05 21.06 -5.35
CA ALA E 77 -34.51 19.70 -5.24
C ALA E 77 -35.61 18.65 -5.19
N TYR E 78 -36.76 18.97 -4.56
CA TYR E 78 -37.85 18.02 -4.49
C TYR E 78 -38.94 18.29 -5.52
N ILE E 79 -38.92 19.44 -6.19
CA ILE E 79 -39.87 19.68 -7.27
C ILE E 79 -39.53 18.82 -8.47
N SER E 80 -38.27 18.84 -8.90
CA SER E 80 -37.87 18.11 -10.10
C SER E 80 -38.15 16.63 -10.01
N PRO E 81 -37.72 15.90 -8.98
CA PRO E 81 -37.99 14.45 -8.97
C PRO E 81 -39.47 14.10 -8.91
N CYS E 82 -40.26 14.89 -8.18
CA CYS E 82 -41.69 14.58 -8.05
C CYS E 82 -42.48 14.96 -9.30
N THR E 83 -41.91 15.78 -10.19
CA THR E 83 -42.59 16.20 -11.40
C THR E 83 -41.96 15.64 -12.67
N SER E 84 -40.81 14.96 -12.57
CA SER E 84 -40.11 14.43 -13.74
C SER E 84 -40.55 12.99 -13.96
N ARG E 85 -41.27 12.75 -15.04
CA ARG E 85 -41.74 11.41 -15.36
C ARG E 85 -40.56 10.50 -15.67
N VAL E 86 -40.78 9.20 -15.47
CA VAL E 86 -39.77 8.20 -15.78
C VAL E 86 -40.25 7.18 -16.82
N SER E 87 -41.56 7.02 -17.00
CA SER E 87 -42.10 6.06 -17.95
C SER E 87 -43.59 6.36 -18.11
N THR E 88 -44.20 5.68 -19.09
CA THR E 88 -45.63 5.87 -19.32
C THR E 88 -46.44 5.45 -18.11
N ALA E 89 -46.01 4.38 -17.41
CA ALA E 89 -46.74 3.89 -16.26
C ALA E 89 -46.45 4.71 -15.02
N GLU E 90 -45.17 5.01 -14.76
CA GLU E 90 -44.78 5.75 -13.57
C GLU E 90 -44.83 7.25 -13.83
N VAL E 91 -45.52 7.98 -12.94
CA VAL E 91 -45.53 9.43 -13.03
C VAL E 91 -44.31 10.08 -12.39
N CYS E 92 -43.55 9.31 -11.60
CA CYS E 92 -42.38 9.82 -10.90
C CYS E 92 -41.65 8.68 -10.20
N ASN E 93 -40.54 8.99 -9.56
CA ASN E 93 -39.84 8.03 -8.70
C ASN E 93 -40.26 8.36 -7.27
N LYS E 94 -41.30 7.67 -6.79
CA LYS E 94 -41.87 8.01 -5.49
C LYS E 94 -40.84 7.97 -4.39
N ARG E 95 -39.92 7.00 -4.43
CA ARG E 95 -38.86 6.94 -3.43
C ARG E 95 -37.98 8.19 -3.49
N LYS E 96 -37.55 8.56 -4.70
CA LYS E 96 -36.73 9.76 -4.85
C LYS E 96 -37.51 11.01 -4.48
N CYS E 97 -38.82 11.02 -4.73
CA CYS E 97 -39.63 12.17 -4.37
C CYS E 97 -39.71 12.33 -2.85
N HIS E 98 -39.97 11.23 -2.14
CA HIS E 98 -40.05 11.31 -0.67
C HIS E 98 -38.71 11.70 -0.07
N LYS E 99 -37.63 11.04 -0.51
CA LYS E 99 -36.31 11.36 0.02
C LYS E 99 -35.96 12.83 -0.15
N ALA E 100 -36.43 13.44 -1.24
CA ALA E 100 -36.19 14.87 -1.44
C ALA E 100 -37.08 15.71 -0.51
N LEU E 101 -38.30 15.24 -0.27
CA LEU E 101 -39.18 15.95 0.65
C LEU E 101 -38.60 15.97 2.06
N ARG E 102 -38.25 14.78 2.58
CA ARG E 102 -37.65 14.69 3.90
C ARG E 102 -36.39 15.55 4.00
N GLN E 103 -35.65 15.68 2.90
CA GLN E 103 -34.46 16.52 2.88
C GLN E 103 -34.81 17.99 2.91
N PHE E 104 -35.97 18.36 2.35
CA PHE E 104 -36.38 19.75 2.35
C PHE E 104 -36.78 20.24 3.74
N PHE E 105 -37.29 19.34 4.59
CA PHE E 105 -37.67 19.69 5.94
C PHE E 105 -36.55 19.52 6.95
N ASP E 106 -35.47 18.86 6.58
CA ASP E 106 -34.34 18.65 7.49
C ASP E 106 -33.20 19.63 7.26
N LYS E 107 -33.15 20.30 6.11
CA LYS E 107 -32.05 21.20 5.76
C LYS E 107 -32.51 22.63 5.50
N VAL E 108 -33.78 22.93 5.72
CA VAL E 108 -34.31 24.28 5.54
C VAL E 108 -34.72 24.81 6.91
N PRO E 109 -34.47 26.07 7.22
CA PRO E 109 -34.97 26.62 8.49
C PRO E 109 -36.48 26.56 8.56
N PRO E 110 -37.05 26.30 9.74
CA PRO E 110 -38.51 26.15 9.82
C PRO E 110 -39.27 27.42 9.45
N LYS E 111 -38.65 28.58 9.60
CA LYS E 111 -39.31 29.83 9.22
C LYS E 111 -39.90 29.74 7.82
N HIS E 112 -39.17 29.13 6.89
CA HIS E 112 -39.59 29.03 5.49
C HIS E 112 -40.26 27.71 5.17
N SER E 113 -39.72 26.58 5.66
CA SER E 113 -40.30 25.28 5.32
C SER E 113 -41.69 25.14 5.94
N TYR E 114 -41.79 25.30 7.26
CA TYR E 114 -43.08 25.17 7.93
C TYR E 114 -43.96 26.40 7.71
N GLY E 115 -43.39 27.53 7.31
CA GLY E 115 -44.19 28.69 6.98
C GLY E 115 -45.00 28.53 5.72
N MET E 116 -44.59 27.63 4.82
CA MET E 116 -45.32 27.33 3.60
C MET E 116 -46.37 26.26 3.84
N LEU E 117 -45.98 25.14 4.47
CA LEU E 117 -46.90 24.02 4.67
C LEU E 117 -48.09 24.41 5.53
N TYR E 118 -47.92 25.35 6.44
CA TYR E 118 -48.95 25.78 7.37
C TYR E 118 -49.38 27.22 7.11
N CYS E 119 -49.39 27.62 5.84
CA CYS E 119 -49.75 28.98 5.49
C CYS E 119 -51.21 29.25 5.84
N SER E 120 -51.45 30.38 6.51
CA SER E 120 -52.81 30.75 6.89
C SER E 120 -53.59 31.19 5.67
N CYS E 121 -54.83 30.72 5.58
CA CYS E 121 -55.74 31.03 4.49
C CYS E 121 -57.06 31.53 5.02
N PRO E 122 -57.83 32.26 4.21
CA PRO E 122 -59.18 32.66 4.64
C PRO E 122 -60.01 31.44 4.97
N LEU E 123 -60.60 31.45 6.17
CA LEU E 123 -61.33 30.28 6.66
C LEU E 123 -62.59 30.03 5.84
N GLY E 124 -63.03 28.79 5.82
CA GLY E 124 -64.19 28.40 5.05
C GLY E 124 -64.09 28.77 3.59
N ASP E 125 -62.88 28.78 3.03
CA ASP E 125 -62.65 29.19 1.65
C ASP E 125 -61.80 28.15 0.95
N GLN E 126 -62.33 27.57 -0.12
CA GLN E 126 -61.56 26.73 -1.02
C GLN E 126 -60.76 27.63 -1.96
N SER E 127 -60.03 28.58 -1.39
CA SER E 127 -59.38 29.63 -2.17
C SER E 127 -58.14 29.09 -2.88
N ALA E 128 -57.53 29.96 -3.70
CA ALA E 128 -56.23 29.63 -4.27
C ALA E 128 -55.19 29.47 -3.18
N CYS E 129 -55.28 30.29 -2.12
CA CYS E 129 -54.47 30.04 -0.93
C CYS E 129 -54.61 28.61 -0.46
N SER E 130 -55.83 28.07 -0.50
CA SER E 130 -56.06 26.69 -0.08
C SER E 130 -55.48 25.71 -1.09
N GLU E 131 -55.57 26.04 -2.39
CA GLU E 131 -55.08 25.13 -3.42
C GLU E 131 -53.57 25.15 -3.54
N ARG E 132 -52.93 26.30 -3.31
CA ARG E 132 -51.48 26.34 -3.33
C ARG E 132 -50.90 25.51 -2.19
N ARG E 133 -51.49 25.61 -1.00
CA ARG E 133 -50.99 24.85 0.14
C ARG E 133 -51.08 23.35 -0.13
N ARG E 134 -52.19 22.90 -0.73
CA ARG E 134 -52.37 21.48 -0.97
C ARG E 134 -51.32 20.93 -1.93
N GLN E 135 -50.81 21.77 -2.83
CA GLN E 135 -49.84 21.36 -3.85
C GLN E 135 -48.39 21.51 -3.37
N THR E 136 -48.18 21.80 -2.09
CA THR E 136 -46.81 22.01 -1.62
C THR E 136 -45.99 20.74 -1.71
N ILE E 137 -46.61 19.58 -1.43
CA ILE E 137 -45.88 18.32 -1.38
C ILE E 137 -45.95 17.61 -2.73
N VAL E 138 -46.49 18.29 -3.74
CA VAL E 138 -46.67 17.68 -5.05
C VAL E 138 -47.49 16.41 -4.86
N PRO E 139 -48.74 16.52 -4.40
CA PRO E 139 -49.50 15.31 -4.05
C PRO E 139 -49.71 14.35 -5.20
N ALA E 140 -49.65 14.83 -6.44
CA ALA E 140 -49.86 13.94 -7.58
C ALA E 140 -48.83 12.81 -7.63
N CYS E 141 -47.74 12.94 -6.88
CA CYS E 141 -46.66 11.95 -6.87
C CYS E 141 -46.37 11.39 -5.48
N SER E 142 -46.38 12.22 -4.44
CA SER E 142 -46.04 11.78 -3.09
C SER E 142 -47.24 11.24 -2.33
N TYR E 143 -48.44 11.78 -2.58
CA TYR E 143 -49.64 11.40 -1.83
C TYR E 143 -50.49 10.38 -2.59
N GLU E 144 -51.00 10.77 -3.76
CA GLU E 144 -51.91 9.91 -4.50
C GLU E 144 -51.21 8.64 -4.97
N ASP E 145 -52.02 7.62 -5.25
CA ASP E 145 -51.55 6.36 -5.80
C ASP E 145 -52.72 5.70 -6.51
N LYS E 146 -52.41 4.75 -7.40
CA LYS E 146 -53.46 4.13 -8.20
C LYS E 146 -54.44 3.37 -7.32
N GLU E 147 -53.93 2.64 -6.31
CA GLU E 147 -54.75 1.85 -5.41
C GLU E 147 -54.84 2.54 -4.07
N ARG E 148 -56.07 2.75 -3.58
CA ARG E 148 -56.28 3.27 -2.23
C ARG E 148 -56.32 2.10 -1.25
N PRO E 149 -55.40 2.01 -0.30
CA PRO E 149 -55.34 0.83 0.56
C PRO E 149 -56.18 0.99 1.82
N ASN E 150 -56.46 -0.16 2.43
CA ASN E 150 -57.10 -0.17 3.75
C ASN E 150 -56.11 0.35 4.79
N CYS E 151 -56.63 1.04 5.81
CA CYS E 151 -55.75 1.68 6.78
C CYS E 151 -55.09 0.67 7.71
N LEU E 152 -55.62 -0.54 7.80
CA LEU E 152 -54.89 -1.59 8.53
C LEU E 152 -53.64 -1.99 7.78
N THR E 153 -53.78 -2.26 6.47
CA THR E 153 -52.63 -2.64 5.66
C THR E 153 -51.59 -1.54 5.60
N LEU E 154 -52.01 -0.28 5.70
CA LEU E 154 -51.07 0.83 5.70
C LEU E 154 -50.37 0.97 7.05
N GLN E 155 -51.06 0.65 8.15
CA GLN E 155 -50.40 0.66 9.45
C GLN E 155 -49.34 -0.44 9.53
N VAL E 156 -49.64 -1.62 8.99
CA VAL E 156 -48.66 -2.70 8.99
C VAL E 156 -47.43 -2.30 8.19
N SER E 157 -47.64 -1.64 7.05
CA SER E 157 -46.52 -1.21 6.22
C SER E 157 -45.62 -0.24 6.98
N CYS E 158 -46.23 0.79 7.60
CA CYS E 158 -45.44 1.80 8.29
C CYS E 158 -44.70 1.24 9.49
N LYS E 159 -45.15 0.12 10.05
CA LYS E 159 -44.53 -0.44 11.24
C LYS E 159 -43.42 -1.44 10.94
N THR E 160 -43.18 -1.76 9.66
CA THR E 160 -42.01 -2.55 9.32
C THR E 160 -40.78 -1.67 9.15
N ASN E 161 -40.96 -0.44 8.67
CA ASN E 161 -39.86 0.51 8.56
C ASN E 161 -39.67 1.21 9.89
N TYR E 162 -38.45 1.12 10.45
CA TYR E 162 -38.20 1.69 11.77
C TYR E 162 -38.52 3.18 11.80
N ILE E 163 -38.09 3.93 10.77
CA ILE E 163 -38.27 5.37 10.81
C ILE E 163 -39.75 5.73 10.79
N CYS E 164 -40.54 5.05 9.96
CA CYS E 164 -41.96 5.38 9.90
C CYS E 164 -42.65 5.07 11.21
N ARG E 165 -42.24 3.98 11.88
CA ARG E 165 -42.87 3.60 13.14
C ARG E 165 -42.71 4.72 14.17
N SER E 166 -41.46 5.11 14.45
CA SER E 166 -41.22 6.18 15.42
C SER E 166 -41.99 7.44 15.04
N ARG E 167 -41.97 7.81 13.76
CA ARG E 167 -42.66 9.01 13.33
C ARG E 167 -44.15 8.93 13.58
N LEU E 168 -44.72 7.72 13.48
CA LEU E 168 -46.16 7.56 13.73
C LEU E 168 -46.46 7.53 15.22
N ALA E 169 -45.66 6.79 15.99
CA ALA E 169 -45.84 6.76 17.43
C ALA E 169 -45.75 8.16 18.03
N ASP E 170 -44.78 8.96 17.56
CA ASP E 170 -44.64 10.31 18.07
C ASP E 170 -45.84 11.17 17.74
N PHE E 171 -46.48 10.92 16.58
CA PHE E 171 -47.66 11.70 16.21
C PHE E 171 -48.82 11.44 17.15
N PHE E 172 -49.06 10.17 17.49
CA PHE E 172 -50.21 9.84 18.32
C PHE E 172 -50.02 10.30 19.76
N THR E 173 -48.79 10.27 20.26
CA THR E 173 -48.56 10.74 21.63
C THR E 173 -48.58 12.26 21.71
N ASN E 174 -48.03 12.94 20.71
CA ASN E 174 -47.82 14.39 20.81
C ASN E 174 -49.00 15.21 20.32
N CYS E 175 -49.86 14.65 19.46
CA CYS E 175 -51.05 15.36 18.99
C CYS E 175 -52.32 14.78 19.61
N GLN E 176 -52.20 14.21 20.81
CA GLN E 176 -53.37 13.66 21.49
C GLN E 176 -54.32 14.79 21.87
N PRO E 177 -55.61 14.69 21.53
CA PRO E 177 -56.55 15.75 21.90
C PRO E 177 -57.15 15.56 23.28
N GLU E 178 -57.50 16.68 23.90
CA GLU E 178 -58.12 16.72 25.22
C GLU E 178 -59.28 17.72 25.19
N PRO E 179 -60.53 17.27 25.15
CA PRO E 179 -61.65 18.22 25.04
C PRO E 179 -61.69 19.24 26.17
N LEU E 180 -61.22 18.86 27.36
CA LEU E 180 -61.27 19.76 28.51
C LEU E 180 -60.15 20.79 28.53
N SER E 181 -59.21 20.73 27.58
CA SER E 181 -58.06 21.63 27.58
C SER E 181 -58.36 22.87 26.74
N LEU E 182 -57.94 24.02 27.27
CA LEU E 182 -58.13 25.28 26.53
C LEU E 182 -57.42 25.22 25.17
N SER E 183 -56.22 24.64 25.14
CA SER E 183 -55.49 24.51 23.88
C SER E 183 -56.06 23.40 23.01
N GLY E 184 -56.59 22.35 23.62
CA GLY E 184 -57.08 21.19 22.91
C GLY E 184 -56.13 20.02 22.91
N CYS E 185 -54.86 20.25 23.23
CA CYS E 185 -53.84 19.20 23.20
C CYS E 185 -53.62 18.67 24.61
N LEU E 186 -53.68 17.34 24.74
CA LEU E 186 -53.44 16.71 26.04
C LEU E 186 -52.05 17.06 26.57
N LYS E 187 -51.03 16.93 25.73
CA LYS E 187 -49.65 17.16 26.16
C LYS E 187 -49.30 18.64 26.26
N GLU E 188 -50.18 19.53 25.81
CA GLU E 188 -50.02 20.97 26.02
C GLU E 188 -48.72 21.49 25.39
N ASN E 189 -48.53 21.15 24.11
CA ASN E 189 -47.40 21.70 23.36
C ASN E 189 -47.71 21.57 21.87
N TYR E 190 -47.86 22.71 21.20
CA TYR E 190 -48.15 22.71 19.77
C TYR E 190 -46.92 22.32 18.95
N ALA E 191 -45.75 22.83 19.33
CA ALA E 191 -44.54 22.60 18.55
C ALA E 191 -44.26 21.11 18.39
N ASP E 192 -44.34 20.36 19.49
CA ASP E 192 -44.07 18.93 19.41
C ASP E 192 -45.09 18.21 18.54
N CYS E 193 -46.30 18.77 18.41
CA CYS E 193 -47.30 18.13 17.57
C CYS E 193 -47.05 18.43 16.09
N LEU E 194 -46.68 19.68 15.78
CA LEU E 194 -46.35 20.02 14.39
C LEU E 194 -45.20 19.16 13.88
N LEU E 195 -44.09 19.12 14.63
CA LEU E 195 -42.95 18.33 14.20
C LEU E 195 -43.33 16.87 14.00
N SER E 196 -44.09 16.30 14.93
CA SER E 196 -44.52 14.91 14.78
C SER E 196 -45.32 14.72 13.50
N TYR E 197 -46.21 15.68 13.20
CA TYR E 197 -47.04 15.56 12.01
C TYR E 197 -46.20 15.71 10.74
N SER E 198 -45.29 16.68 10.72
CA SER E 198 -44.49 16.91 9.53
C SER E 198 -43.53 15.75 9.28
N GLY E 199 -43.08 15.07 10.33
CA GLY E 199 -42.17 13.95 10.17
C GLY E 199 -42.74 12.82 9.33
N LEU E 200 -44.06 12.76 9.20
CA LEU E 200 -44.69 11.73 8.39
C LEU E 200 -44.72 12.08 6.90
N ILE E 201 -44.22 13.26 6.52
CA ILE E 201 -44.37 13.71 5.15
C ILE E 201 -43.59 12.84 4.18
N GLY E 202 -42.46 12.29 4.61
CA GLY E 202 -41.64 11.49 3.72
C GLY E 202 -41.92 10.00 3.73
N THR E 203 -42.76 9.53 4.63
CA THR E 203 -42.98 8.10 4.82
C THR E 203 -44.16 7.61 3.98
N VAL E 204 -44.45 6.31 4.07
CA VAL E 204 -45.61 5.75 3.39
C VAL E 204 -46.92 6.25 3.97
N MET E 205 -46.88 6.93 5.11
CA MET E 205 -48.06 7.50 5.75
C MET E 205 -48.20 8.99 5.45
N THR E 206 -47.74 9.42 4.27
CA THR E 206 -47.71 10.84 3.94
C THR E 206 -49.11 11.44 4.05
N PRO E 207 -49.29 12.50 4.85
CA PRO E 207 -50.60 13.17 4.90
C PRO E 207 -50.65 14.42 4.04
N ASN E 208 -51.85 14.87 3.69
CA ASN E 208 -52.01 16.09 2.92
C ASN E 208 -53.39 16.67 3.19
N TYR E 209 -53.52 17.98 2.96
CA TYR E 209 -54.80 18.63 3.14
C TYR E 209 -55.84 18.05 2.20
N LEU E 210 -57.08 18.00 2.66
CA LEU E 210 -58.20 17.52 1.87
C LEU E 210 -59.01 18.71 1.35
N ARG E 211 -59.99 18.41 0.50
CA ARG E 211 -60.83 19.43 -0.11
C ARG E 211 -62.07 19.62 0.77
N SER E 212 -61.93 20.47 1.78
CA SER E 212 -63.01 20.76 2.72
C SER E 212 -63.01 22.25 3.04
N PRO E 213 -64.17 22.81 3.39
CA PRO E 213 -64.19 24.22 3.81
C PRO E 213 -63.34 24.48 5.04
N LYS E 214 -63.28 23.54 5.97
CA LYS E 214 -62.44 23.65 7.16
C LYS E 214 -61.13 22.91 6.93
N ILE E 215 -60.25 22.98 7.91
CA ILE E 215 -58.94 22.32 7.82
C ILE E 215 -59.11 20.85 8.16
N SER E 216 -58.71 19.98 7.24
CA SER E 216 -58.80 18.54 7.43
C SER E 216 -57.65 17.88 6.69
N VAL E 217 -56.97 16.95 7.35
CA VAL E 217 -55.85 16.22 6.77
C VAL E 217 -56.11 14.73 6.90
N SER E 218 -55.45 13.95 6.04
CA SER E 218 -55.62 12.51 6.06
C SER E 218 -54.47 11.87 5.29
N PRO E 219 -54.12 10.63 5.61
CA PRO E 219 -53.27 9.84 4.71
C PRO E 219 -54.11 9.14 3.66
N PHE E 220 -53.43 8.62 2.64
CA PHE E 220 -54.10 7.96 1.51
C PHE E 220 -54.51 6.55 1.95
N CYS E 221 -55.64 6.47 2.65
CA CYS E 221 -56.22 5.20 3.03
C CYS E 221 -57.69 5.44 3.38
N ASP E 222 -58.51 4.40 3.20
CA ASP E 222 -59.93 4.48 3.44
C ASP E 222 -60.39 3.26 4.22
N CYS E 223 -61.41 3.46 5.06
CA CYS E 223 -61.96 2.39 5.89
C CYS E 223 -63.22 1.81 5.25
N SER E 224 -63.01 1.13 4.12
CA SER E 224 -64.07 0.43 3.43
C SER E 224 -64.26 -0.99 3.94
N SER E 225 -63.80 -1.28 5.16
CA SER E 225 -63.96 -2.60 5.75
C SER E 225 -65.33 -2.70 6.41
N SER E 226 -65.58 -3.80 7.11
CA SER E 226 -66.87 -4.03 7.77
C SER E 226 -66.66 -5.01 8.91
N GLY E 227 -67.60 -5.01 9.85
CA GLY E 227 -67.50 -5.84 11.02
C GLY E 227 -66.89 -5.09 12.20
N ASN E 228 -66.30 -5.87 13.11
CA ASN E 228 -65.62 -5.28 14.27
C ASN E 228 -64.33 -4.56 13.89
N SER E 229 -63.87 -4.70 12.64
CA SER E 229 -62.63 -4.06 12.24
C SER E 229 -62.81 -2.55 12.04
N LYS E 230 -63.97 -2.13 11.54
CA LYS E 230 -64.15 -0.73 11.16
C LYS E 230 -64.06 0.22 12.34
N GLU E 231 -64.21 -0.28 13.57
CA GLU E 231 -64.14 0.62 14.73
C GLU E 231 -62.72 1.14 14.93
N GLU E 232 -61.73 0.24 14.91
CA GLU E 232 -60.34 0.69 15.03
C GLU E 232 -59.96 1.55 13.83
N CYS E 233 -60.32 1.12 12.63
CA CYS E 233 -60.02 1.89 11.42
C CYS E 233 -60.65 3.29 11.50
N ASP E 234 -61.89 3.37 11.99
CA ASP E 234 -62.55 4.66 12.06
C ASP E 234 -61.91 5.57 13.10
N ARG E 235 -61.34 5.00 14.16
CA ARG E 235 -60.63 5.82 15.14
C ARG E 235 -59.32 6.37 14.56
N PHE E 236 -58.67 5.60 13.67
CA PHE E 236 -57.41 6.05 13.09
C PHE E 236 -57.62 7.21 12.14
N THR E 237 -58.52 7.06 11.17
CA THR E 237 -58.77 8.14 10.22
C THR E 237 -59.21 9.41 10.93
N GLU E 238 -59.88 9.28 12.08
CA GLU E 238 -60.41 10.44 12.78
C GLU E 238 -59.34 11.19 13.57
N PHE E 239 -58.27 10.51 13.97
CA PHE E 239 -57.17 11.19 14.63
C PHE E 239 -56.48 12.17 13.68
N PHE E 240 -56.62 11.97 12.37
CA PHE E 240 -56.10 12.89 11.37
C PHE E 240 -57.14 13.91 10.92
N THR E 241 -58.32 13.42 10.51
CA THR E 241 -59.29 14.30 9.87
C THR E 241 -59.96 15.23 10.86
N ASP E 242 -60.22 14.76 12.08
CA ASP E 242 -60.91 15.55 13.10
C ASP E 242 -60.11 15.48 14.40
N ASN E 243 -59.13 16.37 14.53
CA ASN E 243 -58.27 16.44 15.71
C ASN E 243 -58.10 17.91 16.05
N ALA E 244 -58.80 18.36 17.10
CA ALA E 244 -58.76 19.78 17.47
C ALA E 244 -57.36 20.22 17.86
N CYS E 245 -56.57 19.33 18.46
CA CYS E 245 -55.19 19.67 18.79
C CYS E 245 -54.40 20.00 17.53
N LEU E 246 -54.45 19.12 16.54
CA LEU E 246 -53.74 19.37 15.29
C LEU E 246 -54.26 20.65 14.62
N ARG E 247 -55.59 20.80 14.56
CA ARG E 247 -56.16 21.97 13.91
C ARG E 247 -55.71 23.26 14.58
N ASN E 248 -55.65 23.27 15.91
CA ASN E 248 -55.25 24.48 16.62
C ASN E 248 -53.79 24.80 16.36
N ALA E 249 -52.92 23.79 16.37
CA ALA E 249 -51.50 24.02 16.13
C ALA E 249 -51.27 24.67 14.78
N ILE E 250 -51.87 24.12 13.72
CA ILE E 250 -51.68 24.67 12.38
C ILE E 250 -52.08 26.14 12.35
N GLN E 251 -53.27 26.44 12.87
CA GLN E 251 -53.74 27.82 12.85
C GLN E 251 -52.86 28.73 13.71
N ALA E 252 -52.21 28.18 14.73
CA ALA E 252 -51.32 28.99 15.56
C ALA E 252 -50.04 29.34 14.81
N PHE E 253 -49.50 28.39 14.04
CA PHE E 253 -48.31 28.67 13.27
C PHE E 253 -48.61 29.57 12.08
N GLY E 254 -49.84 29.54 11.58
CA GLY E 254 -50.16 30.35 10.40
C GLY E 254 -50.25 31.83 10.71
N ASN E 255 -50.74 32.18 11.89
CA ASN E 255 -50.84 33.57 12.30
C ASN E 255 -49.57 34.10 12.95
N GLY E 256 -48.54 33.25 13.09
CA GLY E 256 -47.27 33.67 13.66
C GLY E 256 -46.18 33.83 12.62
N THR E 257 -46.29 33.11 11.50
CA THR E 257 -45.31 33.27 10.43
C THR E 257 -45.43 34.62 9.74
N GLY E 258 -46.64 34.97 9.31
CA GLY E 258 -46.86 36.21 8.61
C GLY E 258 -48.24 36.78 8.87
N SER E 259 -48.36 38.08 8.66
CA SER E 259 -49.62 38.78 8.90
C SER E 259 -50.65 38.42 7.85
N GLN F 2 -5.51 40.25 -13.88
CA GLN F 2 -6.19 39.99 -12.61
C GLN F 2 -7.70 39.84 -12.80
N GLY F 3 -8.22 40.37 -13.90
CA GLY F 3 -9.65 40.25 -14.17
C GLY F 3 -10.52 40.68 -13.00
N ARG F 4 -10.18 41.81 -12.39
CA ARG F 4 -10.88 42.30 -11.21
C ARG F 4 -12.10 43.15 -11.55
N GLY F 5 -12.39 43.37 -12.83
CA GLY F 5 -13.50 44.22 -13.22
C GLY F 5 -14.76 43.47 -13.55
N CYS F 6 -14.64 42.18 -13.83
CA CYS F 6 -15.78 41.33 -14.19
C CYS F 6 -16.53 40.98 -12.92
N LEU F 7 -17.64 41.69 -12.67
CA LEU F 7 -18.37 41.62 -11.41
C LEU F 7 -19.69 40.88 -11.58
N LEU F 8 -20.26 40.48 -10.44
CA LEU F 8 -21.55 39.81 -10.37
C LEU F 8 -22.55 40.75 -9.72
N LYS F 9 -23.73 40.86 -10.32
CA LYS F 9 -24.75 41.82 -9.89
C LYS F 9 -26.07 41.08 -9.70
N GLU F 10 -27.02 41.75 -9.04
CA GLU F 10 -28.29 41.15 -8.68
C GLU F 10 -29.43 42.08 -9.06
N ILE F 11 -30.57 41.48 -9.43
CA ILE F 11 -31.77 42.21 -9.82
C ILE F 11 -32.98 41.43 -9.34
N HIS F 12 -33.94 42.13 -8.73
CA HIS F 12 -35.16 41.53 -8.20
C HIS F 12 -36.27 41.68 -9.24
N LEU F 13 -36.88 40.56 -9.61
CA LEU F 13 -37.82 40.52 -10.72
C LEU F 13 -39.00 39.61 -10.40
N ASN F 14 -40.04 39.71 -11.21
CA ASN F 14 -41.05 38.67 -11.28
C ASN F 14 -40.59 37.58 -12.23
N VAL F 15 -41.28 36.44 -12.20
CA VAL F 15 -41.03 35.42 -13.22
C VAL F 15 -41.58 35.85 -14.57
N THR F 16 -42.53 36.78 -14.59
CA THR F 16 -43.08 37.26 -15.85
C THR F 16 -42.20 38.32 -16.50
N ASP F 17 -41.30 38.94 -15.75
CA ASP F 17 -40.39 39.91 -16.34
C ASP F 17 -39.39 39.25 -17.28
N LEU F 18 -39.06 37.98 -17.04
CA LEU F 18 -38.14 37.27 -17.91
C LEU F 18 -38.72 36.99 -19.28
N ASP F 19 -40.04 37.15 -19.46
CA ASP F 19 -40.68 37.05 -20.76
C ASP F 19 -40.51 35.68 -21.39
N LEU F 20 -40.38 34.64 -20.57
CA LEU F 20 -40.22 33.28 -21.05
C LEU F 20 -41.55 32.56 -21.26
N GLY F 21 -42.67 33.27 -21.16
CA GLY F 21 -43.96 32.66 -21.44
C GLY F 21 -44.58 31.91 -20.27
N TYR F 22 -44.48 32.46 -19.06
CA TYR F 22 -45.05 31.83 -17.88
C TYR F 22 -46.12 32.74 -17.27
N ARG F 23 -47.14 32.12 -16.70
CA ARG F 23 -48.24 32.82 -16.03
C ARG F 23 -48.17 32.50 -14.55
N THR F 24 -47.43 33.32 -13.81
CA THR F 24 -47.25 33.09 -12.38
C THR F 24 -46.90 34.41 -11.71
N LYS F 25 -47.29 34.51 -10.44
CA LYS F 25 -46.99 35.68 -9.61
C LYS F 25 -45.76 35.47 -8.73
N GLU F 26 -45.04 34.37 -8.91
CA GLU F 26 -43.82 34.13 -8.15
C GLU F 26 -42.73 35.10 -8.57
N GLU F 27 -41.72 35.23 -7.71
CA GLU F 27 -40.61 36.15 -7.92
C GLU F 27 -39.29 35.38 -7.91
N LEU F 28 -38.21 36.09 -8.23
CA LEU F 28 -36.91 35.46 -8.39
C LEU F 28 -35.81 36.51 -8.20
N ILE F 29 -34.59 36.02 -8.04
CA ILE F 29 -33.40 36.87 -7.97
C ILE F 29 -32.46 36.43 -9.10
N PHE F 30 -32.30 37.29 -10.09
CA PHE F 30 -31.49 37.01 -11.27
C PHE F 30 -30.13 37.68 -11.11
N ARG F 31 -29.06 36.94 -11.44
CA ARG F 31 -27.70 37.44 -11.34
C ARG F 31 -26.99 37.24 -12.66
N TYR F 32 -26.19 38.23 -13.05
CA TYR F 32 -25.50 38.25 -14.33
C TYR F 32 -24.12 38.84 -14.15
N CYS F 33 -23.25 38.59 -15.12
CA CYS F 33 -21.89 39.12 -15.13
C CYS F 33 -21.84 40.36 -16.00
N SER F 34 -21.17 41.40 -15.50
CA SER F 34 -21.01 42.65 -16.25
C SER F 34 -19.75 43.34 -15.75
N GLY F 35 -18.84 43.65 -16.67
CA GLY F 35 -17.62 44.34 -16.33
C GLY F 35 -16.59 44.33 -17.44
N PRO F 36 -15.54 45.13 -17.28
CA PRO F 36 -14.46 45.16 -18.29
C PRO F 36 -13.39 44.12 -18.02
N CYS F 37 -12.86 43.56 -19.11
CA CYS F 37 -11.81 42.54 -19.04
C CYS F 37 -10.55 43.01 -19.76
N HIS F 38 -10.25 44.31 -19.68
CA HIS F 38 -9.06 44.82 -20.35
C HIS F 38 -7.80 44.21 -19.76
N ASP F 39 -7.70 44.18 -18.42
CA ASP F 39 -6.51 43.67 -17.77
C ASP F 39 -6.27 42.19 -18.03
N ALA F 40 -7.25 41.46 -18.57
CA ALA F 40 -7.13 40.03 -18.78
C ALA F 40 -6.99 39.66 -20.26
N GLU F 41 -6.52 40.60 -21.08
CA GLU F 41 -6.34 40.35 -22.51
C GLU F 41 -4.91 39.94 -22.81
N THR F 42 -4.75 39.07 -23.79
CA THR F 42 -3.47 38.55 -24.24
C THR F 42 -3.08 39.17 -25.57
N ASN F 43 -1.85 38.84 -26.02
CA ASN F 43 -1.44 39.25 -27.35
C ASN F 43 -2.46 38.82 -28.41
N TYR F 44 -3.09 37.65 -28.20
CA TYR F 44 -4.11 37.18 -29.11
C TYR F 44 -5.21 38.23 -29.31
N ASP F 45 -5.66 38.85 -28.21
CA ASP F 45 -6.71 39.85 -28.33
C ASP F 45 -6.21 41.12 -29.00
N LYS F 46 -4.97 41.54 -28.68
CA LYS F 46 -4.43 42.73 -29.30
C LYS F 46 -4.23 42.54 -30.80
N ILE F 47 -3.81 41.33 -31.20
CA ILE F 47 -3.67 41.04 -32.62
C ILE F 47 -5.01 41.13 -33.32
N LEU F 48 -6.06 40.59 -32.71
CA LEU F 48 -7.39 40.65 -33.32
C LEU F 48 -7.79 42.09 -33.61
N ASN F 49 -7.62 42.98 -32.63
CA ASN F 49 -8.01 44.38 -32.83
C ASN F 49 -7.21 45.01 -33.96
N ASN F 50 -5.93 44.65 -34.10
CA ASN F 50 -5.10 45.24 -35.14
C ASN F 50 -5.42 44.67 -36.51
N LEU F 51 -5.71 43.37 -36.58
CA LEU F 51 -6.06 42.76 -37.86
C LEU F 51 -7.44 43.16 -38.34
N THR F 52 -8.33 43.58 -37.44
CA THR F 52 -9.64 44.08 -37.86
C THR F 52 -9.54 45.48 -38.44
N HIS F 53 -8.69 46.32 -37.86
CA HIS F 53 -8.50 47.68 -38.38
C HIS F 53 -7.86 47.66 -39.75
N ASN F 54 -6.73 46.95 -39.90
CA ASN F 54 -6.03 46.89 -41.17
C ASN F 54 -6.74 46.00 -42.19
N LYS F 55 -7.77 45.27 -41.78
CA LYS F 55 -8.67 44.59 -42.70
C LYS F 55 -8.02 43.38 -43.38
N LYS F 56 -7.20 42.65 -42.62
CA LYS F 56 -6.66 41.39 -43.11
C LYS F 56 -7.65 40.24 -42.94
N LEU F 57 -8.58 40.35 -41.99
CA LEU F 57 -9.66 39.37 -41.82
C LEU F 57 -10.86 39.88 -42.60
N ASP F 58 -11.09 39.30 -43.78
CA ASP F 58 -12.03 39.88 -44.73
C ASP F 58 -13.46 39.86 -44.20
N LYS F 59 -13.97 38.68 -43.86
CA LYS F 59 -15.37 38.50 -43.52
C LYS F 59 -15.61 38.11 -42.07
N ASP F 60 -14.57 37.66 -41.36
CA ASP F 60 -14.70 37.18 -40.00
C ASP F 60 -14.46 38.31 -39.00
N THR F 61 -15.15 38.24 -37.87
CA THR F 61 -15.00 39.18 -36.77
C THR F 61 -14.95 38.39 -35.47
N PRO F 62 -13.76 38.12 -34.94
CA PRO F 62 -13.63 37.31 -33.73
C PRO F 62 -13.87 38.18 -32.49
N SER F 63 -13.84 37.53 -31.33
CA SER F 63 -14.21 38.15 -30.07
C SER F 63 -13.01 38.21 -29.13
N ARG F 64 -12.87 39.34 -28.45
CA ARG F 64 -11.89 39.48 -27.39
C ARG F 64 -12.42 38.81 -26.12
N THR F 65 -11.67 38.94 -25.02
CA THR F 65 -12.09 38.35 -23.76
C THR F 65 -13.47 38.82 -23.36
N CYS F 66 -14.31 37.88 -22.92
CA CYS F 66 -15.68 38.15 -22.51
C CYS F 66 -15.82 37.98 -21.01
N CYS F 67 -16.62 38.84 -20.39
CA CYS F 67 -16.98 38.72 -18.98
C CYS F 67 -18.23 37.86 -18.92
N ARG F 68 -18.05 36.58 -18.61
CA ARG F 68 -19.09 35.57 -18.71
C ARG F 68 -19.13 34.73 -17.44
N PRO F 69 -20.26 34.06 -17.18
CA PRO F 69 -20.35 33.20 -15.99
C PRO F 69 -19.60 31.89 -16.20
N ILE F 70 -18.77 31.53 -15.23
CA ILE F 70 -18.10 30.23 -15.22
C ILE F 70 -18.81 29.22 -14.34
N ALA F 71 -19.78 29.66 -13.54
CA ALA F 71 -20.54 28.77 -12.67
C ALA F 71 -21.97 29.26 -12.61
N PHE F 72 -22.92 28.37 -12.90
CA PHE F 72 -24.33 28.71 -12.86
C PHE F 72 -24.90 28.50 -11.47
N ASP F 73 -26.03 29.15 -11.19
CA ASP F 73 -26.65 29.11 -9.89
C ASP F 73 -27.61 27.93 -9.79
N ASP F 74 -28.01 27.62 -8.55
CA ASP F 74 -28.92 26.51 -8.31
C ASP F 74 -30.26 26.74 -8.98
N ASP F 75 -30.89 25.64 -9.41
CA ASP F 75 -32.14 25.71 -10.14
C ASP F 75 -33.20 26.43 -9.33
N ILE F 76 -34.25 26.86 -10.02
CA ILE F 76 -35.37 27.57 -9.41
C ILE F 76 -36.66 26.91 -9.88
N SER F 77 -37.65 26.85 -8.98
CA SER F 77 -38.94 26.26 -9.28
C SER F 77 -40.04 27.21 -8.81
N PHE F 78 -41.18 27.15 -9.50
CA PHE F 78 -42.31 27.98 -9.16
C PHE F 78 -43.60 27.26 -9.54
N LEU F 79 -44.72 27.80 -9.07
CA LEU F 79 -46.05 27.27 -9.37
C LEU F 79 -46.82 28.34 -10.12
N ASP F 80 -47.49 27.94 -11.20
CA ASP F 80 -48.16 28.90 -12.06
C ASP F 80 -49.63 29.05 -11.65
N ASP F 81 -50.34 29.95 -12.35
CA ASP F 81 -51.72 30.23 -12.02
C ASP F 81 -52.60 29.01 -12.23
N SER F 82 -52.24 28.14 -13.18
CA SER F 82 -53.00 26.94 -13.46
C SER F 82 -52.63 25.77 -12.56
N LEU F 83 -51.93 26.04 -11.46
CA LEU F 83 -51.54 25.00 -10.50
C LEU F 83 -50.68 23.92 -11.17
N GLU F 84 -49.71 24.36 -11.95
CA GLU F 84 -48.75 23.50 -12.59
C GLU F 84 -47.35 23.94 -12.20
N TYR F 85 -46.48 22.98 -11.92
CA TYR F 85 -45.12 23.28 -11.50
C TYR F 85 -44.19 23.39 -12.70
N HIS F 86 -43.21 24.29 -12.58
CA HIS F 86 -42.20 24.47 -13.61
C HIS F 86 -40.84 24.67 -12.95
N THR F 87 -39.80 24.17 -13.61
CA THR F 87 -38.44 24.24 -13.09
C THR F 87 -37.51 24.77 -14.17
N LEU F 88 -36.76 25.83 -13.84
CA LEU F 88 -35.80 26.43 -14.75
C LEU F 88 -34.39 26.09 -14.30
N LYS F 89 -33.50 25.87 -15.27
CA LYS F 89 -32.13 25.47 -15.00
C LYS F 89 -31.17 26.37 -15.78
N LYS F 90 -30.05 26.71 -15.15
CA LYS F 90 -29.05 27.58 -15.74
C LYS F 90 -29.69 28.88 -16.21
N HIS F 91 -30.23 29.62 -15.24
CA HIS F 91 -30.86 30.90 -15.50
C HIS F 91 -30.11 32.07 -14.86
N SER F 92 -29.15 31.80 -13.98
CA SER F 92 -28.49 32.85 -13.22
C SER F 92 -27.04 32.44 -12.99
N ALA F 93 -26.21 33.43 -12.66
CA ALA F 93 -24.78 33.24 -12.51
C ALA F 93 -24.40 33.22 -11.03
N LYS F 94 -23.57 32.25 -10.66
CA LYS F 94 -23.03 32.15 -9.30
C LYS F 94 -21.60 32.64 -9.19
N LYS F 95 -20.81 32.56 -10.27
CA LYS F 95 -19.43 33.01 -10.27
C LYS F 95 -19.09 33.51 -11.68
N CYS F 96 -18.38 34.63 -11.73
CA CYS F 96 -17.97 35.24 -12.99
C CYS F 96 -16.46 35.13 -13.18
N ALA F 97 -16.02 35.41 -14.40
CA ALA F 97 -14.60 35.40 -14.75
C ALA F 97 -14.40 35.85 -16.19
N CYS F 98 -13.25 36.45 -16.48
CA CYS F 98 -12.90 36.81 -17.85
C CYS F 98 -12.48 35.56 -18.60
N VAL F 99 -13.19 35.24 -19.67
CA VAL F 99 -12.95 34.01 -20.42
C VAL F 99 -12.51 34.32 -21.85
N GLU G 55 -1.87 -8.04 63.87
CA GLU G 55 -2.14 -6.99 64.84
C GLU G 55 -3.26 -6.07 64.35
N ASN G 56 -3.14 -5.66 63.09
CA ASN G 56 -4.02 -4.66 62.49
C ASN G 56 -4.55 -5.19 61.17
N ASN G 57 -5.88 -5.31 61.07
CA ASN G 57 -6.49 -5.79 59.83
C ASN G 57 -6.09 -4.94 58.63
N CYS G 58 -5.86 -3.65 58.85
CA CYS G 58 -5.52 -2.75 57.75
C CYS G 58 -4.12 -3.05 57.22
N LEU G 59 -3.19 -3.42 58.10
CA LEU G 59 -1.85 -3.77 57.68
C LEU G 59 -1.78 -5.15 57.07
N ASN G 60 -2.61 -6.09 57.53
CA ASN G 60 -2.67 -7.39 56.89
C ASN G 60 -3.19 -7.29 55.46
N ALA G 61 -4.00 -6.27 55.17
CA ALA G 61 -4.48 -6.08 53.80
C ALA G 61 -3.34 -5.70 52.86
N ALA G 62 -2.43 -4.84 53.34
CA ALA G 62 -1.27 -4.47 52.53
C ALA G 62 -0.38 -5.68 52.30
N LYS G 63 -0.10 -6.44 53.35
CA LYS G 63 0.71 -7.64 53.20
C LYS G 63 0.15 -8.54 52.11
N ALA G 64 -1.17 -8.77 52.13
CA ALA G 64 -1.77 -9.61 51.11
C ALA G 64 -1.64 -8.99 49.73
N CYS G 65 -1.60 -7.65 49.65
CA CYS G 65 -1.52 -6.99 48.35
C CYS G 65 -0.13 -7.13 47.74
N ASN G 66 0.91 -6.82 48.52
CA ASN G 66 2.27 -6.93 48.00
C ASN G 66 2.63 -8.37 47.63
N LEU G 67 1.99 -9.34 48.28
CA LEU G 67 2.20 -10.75 47.93
C LEU G 67 1.32 -11.20 46.78
N ASN G 68 0.55 -10.30 46.16
CA ASN G 68 -0.27 -10.58 45.00
C ASN G 68 0.29 -9.78 43.83
N ASP G 69 0.68 -10.48 42.76
CA ASP G 69 1.37 -9.81 41.66
C ASP G 69 0.55 -8.69 41.05
N THR G 70 -0.75 -8.93 40.84
CA THR G 70 -1.59 -7.92 40.22
C THR G 70 -1.75 -6.70 41.13
N CYS G 71 -2.01 -6.94 42.42
CA CYS G 71 -2.16 -5.83 43.35
C CYS G 71 -0.85 -5.08 43.53
N LYS G 72 0.26 -5.82 43.71
CA LYS G 72 1.55 -5.16 43.91
C LYS G 72 1.87 -4.23 42.76
N LYS G 73 1.65 -4.68 41.52
CA LYS G 73 1.97 -3.87 40.36
C LYS G 73 1.20 -2.55 40.37
N TYR G 74 -0.12 -2.62 40.54
CA TYR G 74 -0.95 -1.43 40.40
C TYR G 74 -1.00 -0.57 41.65
N ARG G 75 -0.71 -1.14 42.82
CA ARG G 75 -0.54 -0.30 44.00
C ARG G 75 0.62 0.66 43.81
N SER G 76 1.79 0.13 43.44
CA SER G 76 2.94 0.99 43.14
C SER G 76 2.63 1.92 41.99
N ALA G 77 1.74 1.52 41.07
CA ALA G 77 1.46 2.34 39.90
C ALA G 77 0.86 3.68 40.30
N TYR G 78 0.04 3.71 41.36
CA TYR G 78 -0.58 4.96 41.81
C TYR G 78 0.19 5.63 42.94
N ILE G 79 1.01 4.89 43.68
CA ILE G 79 1.81 5.51 44.73
C ILE G 79 2.81 6.48 44.11
N SER G 80 3.57 6.01 43.11
CA SER G 80 4.65 6.81 42.55
C SER G 80 4.18 8.15 41.99
N PRO G 81 3.20 8.21 41.08
CA PRO G 81 2.78 9.52 40.58
C PRO G 81 2.27 10.44 41.69
N CYS G 82 1.49 9.91 42.63
CA CYS G 82 0.94 10.73 43.70
C CYS G 82 2.00 11.15 44.72
N THR G 83 3.23 10.64 44.61
CA THR G 83 4.30 10.98 45.53
C THR G 83 5.52 11.59 44.87
N SER G 84 5.56 11.66 43.54
CA SER G 84 6.72 12.16 42.82
C SER G 84 6.50 13.65 42.54
N ARG G 85 7.34 14.49 43.14
CA ARG G 85 7.19 15.93 42.99
C ARG G 85 7.53 16.36 41.57
N VAL G 86 6.94 17.47 41.14
CA VAL G 86 7.20 18.02 39.82
C VAL G 86 7.68 19.47 39.86
N SER G 87 7.62 20.13 41.02
CA SER G 87 8.06 21.51 41.14
C SER G 87 8.00 21.90 42.61
N THR G 88 8.67 23.00 42.94
CA THR G 88 8.63 23.51 44.31
C THR G 88 7.20 23.86 44.71
N ALA G 89 6.35 24.21 43.75
CA ALA G 89 4.97 24.56 44.02
C ALA G 89 4.05 23.35 43.98
N GLU G 90 4.16 22.54 42.93
CA GLU G 90 3.32 21.35 42.78
C GLU G 90 3.97 20.16 43.48
N VAL G 91 3.17 19.44 44.28
CA VAL G 91 3.65 18.23 44.95
C VAL G 91 3.46 16.99 44.09
N CYS G 92 2.66 17.06 43.02
CA CYS G 92 2.39 15.89 42.20
C CYS G 92 1.67 16.35 40.94
N ASN G 93 1.53 15.42 40.00
CA ASN G 93 0.68 15.62 38.82
C ASN G 93 -0.70 15.07 39.17
N LYS G 94 -1.53 15.93 39.77
CA LYS G 94 -2.80 15.47 40.31
C LYS G 94 -3.61 14.70 39.27
N ARG G 95 -3.56 15.15 38.01
CA ARG G 95 -4.29 14.44 36.95
C ARG G 95 -3.78 13.00 36.83
N LYS G 96 -2.46 12.82 36.70
CA LYS G 96 -1.92 11.48 36.57
C LYS G 96 -2.13 10.67 37.84
N CYS G 97 -2.19 11.33 39.00
CA CYS G 97 -2.43 10.62 40.24
C CYS G 97 -3.84 10.01 40.26
N HIS G 98 -4.85 10.81 39.94
CA HIS G 98 -6.21 10.31 39.91
C HIS G 98 -6.37 9.20 38.87
N LYS G 99 -5.71 9.34 37.72
CA LYS G 99 -5.86 8.34 36.67
C LYS G 99 -5.31 6.99 37.10
N ALA G 100 -4.31 6.97 37.98
CA ALA G 100 -3.78 5.71 38.48
C ALA G 100 -4.68 5.12 39.56
N LEU G 101 -5.27 5.98 40.40
CA LEU G 101 -6.23 5.49 41.39
C LEU G 101 -7.36 4.72 40.71
N ARG G 102 -8.05 5.37 39.76
CA ARG G 102 -9.13 4.69 39.05
C ARG G 102 -8.64 3.40 38.40
N GLN G 103 -7.45 3.44 37.80
CA GLN G 103 -6.90 2.23 37.20
C GLN G 103 -6.64 1.15 38.25
N PHE G 104 -6.35 1.57 39.49
CA PHE G 104 -6.10 0.60 40.55
C PHE G 104 -7.38 -0.15 40.91
N PHE G 105 -8.49 0.59 41.10
CA PHE G 105 -9.74 -0.05 41.46
C PHE G 105 -10.40 -0.76 40.30
N ASP G 106 -9.94 -0.54 39.07
CA ASP G 106 -10.52 -1.22 37.92
C ASP G 106 -9.92 -2.60 37.73
N LYS G 107 -8.58 -2.70 37.80
CA LYS G 107 -7.88 -3.93 37.44
C LYS G 107 -7.47 -4.76 38.65
N VAL G 108 -7.25 -4.16 39.81
CA VAL G 108 -6.94 -4.95 41.01
C VAL G 108 -8.22 -5.65 41.47
N PRO G 109 -8.19 -6.94 41.78
CA PRO G 109 -9.42 -7.62 42.20
C PRO G 109 -10.00 -6.96 43.43
N PRO G 110 -11.32 -7.03 43.62
CA PRO G 110 -11.95 -6.31 44.72
C PRO G 110 -11.60 -6.86 46.09
N LYS G 111 -11.41 -8.18 46.19
CA LYS G 111 -10.98 -8.78 47.44
C LYS G 111 -9.79 -8.04 48.04
N HIS G 112 -8.83 -7.65 47.21
CA HIS G 112 -7.64 -6.96 47.69
C HIS G 112 -7.77 -5.44 47.67
N SER G 113 -8.33 -4.88 46.59
CA SER G 113 -8.37 -3.43 46.46
C SER G 113 -9.28 -2.81 47.51
N TYR G 114 -10.51 -3.29 47.62
CA TYR G 114 -11.43 -2.75 48.61
C TYR G 114 -11.09 -3.21 50.02
N GLY G 115 -10.48 -4.40 50.14
CA GLY G 115 -10.02 -4.85 51.45
C GLY G 115 -9.07 -3.89 52.12
N MET G 116 -8.40 -3.04 51.34
CA MET G 116 -7.51 -2.03 51.90
C MET G 116 -8.22 -0.72 52.17
N LEU G 117 -9.21 -0.37 51.34
CA LEU G 117 -9.90 0.90 51.49
C LEU G 117 -10.91 0.87 52.63
N TYR G 118 -11.51 -0.29 52.89
CA TYR G 118 -12.55 -0.46 53.90
C TYR G 118 -12.08 -1.34 55.07
N CYS G 119 -10.77 -1.42 55.28
CA CYS G 119 -10.24 -2.25 56.36
C CYS G 119 -10.95 -1.96 57.67
N SER G 120 -11.25 -3.02 58.42
CA SER G 120 -11.93 -2.88 59.70
C SER G 120 -10.96 -2.35 60.75
N CYS G 121 -11.30 -1.22 61.35
CA CYS G 121 -10.51 -0.62 62.42
C CYS G 121 -11.36 -0.47 63.67
N PRO G 122 -10.88 -0.90 64.84
CA PRO G 122 -11.64 -0.69 66.09
C PRO G 122 -12.27 0.68 66.21
N LEU G 123 -11.48 1.74 66.11
CA LEU G 123 -12.01 3.11 66.13
C LEU G 123 -11.16 3.97 65.22
N GLY G 124 -11.75 4.42 64.11
CA GLY G 124 -11.03 5.18 63.11
C GLY G 124 -10.85 6.65 63.47
N ASP G 125 -10.05 6.92 64.50
CA ASP G 125 -9.85 8.30 64.96
C ASP G 125 -8.37 8.67 64.95
N GLN G 126 -7.57 8.09 65.83
CA GLN G 126 -6.15 8.41 65.95
C GLN G 126 -5.41 7.14 66.35
N SER G 127 -5.56 6.11 65.54
CA SER G 127 -4.89 4.84 65.70
C SER G 127 -4.06 4.54 64.45
N ALA G 128 -3.13 3.60 64.59
CA ALA G 128 -2.35 3.16 63.43
C ALA G 128 -3.26 2.59 62.36
N CYS G 129 -4.27 1.81 62.77
CA CYS G 129 -5.23 1.28 61.80
C CYS G 129 -5.97 2.42 61.10
N SER G 130 -6.32 3.46 61.84
CA SER G 130 -7.09 4.57 61.26
C SER G 130 -6.23 5.38 60.29
N GLU G 131 -4.96 5.57 60.63
CA GLU G 131 -4.10 6.44 59.81
C GLU G 131 -3.65 5.73 58.55
N ARG G 132 -3.33 4.44 58.63
CA ARG G 132 -3.00 3.68 57.42
C ARG G 132 -4.13 3.76 56.41
N ARG G 133 -5.38 3.67 56.87
CA ARG G 133 -6.52 3.75 55.97
C ARG G 133 -6.69 5.15 55.41
N ARG G 134 -6.34 6.17 56.19
CA ARG G 134 -6.47 7.54 55.70
C ARG G 134 -5.49 7.81 54.56
N GLN G 135 -4.36 7.11 54.54
CA GLN G 135 -3.31 7.33 53.55
C GLN G 135 -3.45 6.44 52.31
N THR G 136 -4.53 5.66 52.22
CA THR G 136 -4.62 4.72 51.10
C THR G 136 -4.66 5.45 49.76
N ILE G 137 -5.37 6.57 49.70
CA ILE G 137 -5.53 7.28 48.43
C ILE G 137 -4.47 8.37 48.29
N VAL G 138 -3.49 8.37 49.18
CA VAL G 138 -2.43 9.38 49.16
C VAL G 138 -3.09 10.76 49.21
N PRO G 139 -3.79 11.09 50.30
CA PRO G 139 -4.58 12.33 50.32
C PRO G 139 -3.77 13.59 50.10
N ALA G 140 -2.46 13.58 50.37
CA ALA G 140 -1.66 14.77 50.17
C ALA G 140 -1.65 15.23 48.73
N CYS G 141 -2.00 14.34 47.80
CA CYS G 141 -2.04 14.65 46.37
C CYS G 141 -3.44 14.57 45.77
N SER G 142 -4.22 13.56 46.14
CA SER G 142 -5.51 13.33 45.52
C SER G 142 -6.65 14.06 46.21
N TYR G 143 -6.55 14.28 47.52
CA TYR G 143 -7.66 14.87 48.26
C TYR G 143 -7.44 16.37 48.48
N GLU G 144 -6.43 16.73 49.28
CA GLU G 144 -6.24 18.12 49.67
C GLU G 144 -5.98 19.02 48.47
N ASP G 145 -5.88 20.32 48.71
CA ASP G 145 -5.63 21.30 47.66
C ASP G 145 -5.35 22.64 48.32
N LYS G 146 -4.80 23.57 47.54
CA LYS G 146 -4.46 24.88 48.07
C LYS G 146 -5.69 25.71 48.37
N GLU G 147 -6.81 25.43 47.69
CA GLU G 147 -8.04 26.19 47.86
C GLU G 147 -9.19 25.23 48.15
N ARG G 148 -10.03 25.60 49.13
CA ARG G 148 -11.19 24.80 49.48
C ARG G 148 -12.41 25.42 48.81
N PRO G 149 -13.04 24.75 47.85
CA PRO G 149 -14.15 25.37 47.11
C PRO G 149 -15.47 25.24 47.85
N ASN G 150 -16.41 26.10 47.47
CA ASN G 150 -17.79 25.94 47.91
C ASN G 150 -18.39 24.71 47.24
N CYS G 151 -19.28 24.02 47.97
CA CYS G 151 -19.82 22.77 47.47
C CYS G 151 -20.74 22.98 46.27
N LEU G 152 -21.33 24.16 46.12
CA LEU G 152 -22.12 24.43 44.92
C LEU G 152 -21.22 24.46 43.69
N THR G 153 -20.07 25.14 43.78
CA THR G 153 -19.14 25.18 42.66
C THR G 153 -18.57 23.79 42.38
N LEU G 154 -18.33 23.01 43.44
CA LEU G 154 -17.80 21.66 43.24
C LEU G 154 -18.84 20.73 42.63
N GLN G 155 -20.13 20.94 42.91
CA GLN G 155 -21.17 20.15 42.26
C GLN G 155 -21.29 20.51 40.79
N VAL G 156 -21.15 21.80 40.46
CA VAL G 156 -21.19 22.22 39.07
C VAL G 156 -20.03 21.59 38.30
N SER G 157 -18.83 21.62 38.89
CA SER G 157 -17.66 21.07 38.21
C SER G 157 -17.81 19.57 37.97
N CYS G 158 -18.36 18.85 38.94
CA CYS G 158 -18.56 17.42 38.76
C CYS G 158 -19.65 17.12 37.73
N LYS G 159 -20.69 17.96 37.68
CA LYS G 159 -21.79 17.72 36.78
C LYS G 159 -21.49 18.08 35.33
N THR G 160 -20.41 18.82 35.08
CA THR G 160 -19.99 19.03 33.70
C THR G 160 -19.39 17.75 33.13
N ASN G 161 -18.59 17.04 33.93
CA ASN G 161 -17.96 15.81 33.49
C ASN G 161 -18.97 14.65 33.56
N TYR G 162 -19.08 13.90 32.47
CA TYR G 162 -20.10 12.85 32.41
C TYR G 162 -19.85 11.75 33.44
N ILE G 163 -18.61 11.27 33.53
CA ILE G 163 -18.34 10.16 34.44
C ILE G 163 -18.54 10.58 35.88
N CYS G 164 -18.14 11.81 36.23
CA CYS G 164 -18.35 12.27 37.60
C CYS G 164 -19.83 12.40 37.92
N ARG G 165 -20.62 12.89 36.98
CA ARG G 165 -22.05 13.07 37.21
C ARG G 165 -22.72 11.73 37.46
N SER G 166 -22.43 10.73 36.63
CA SER G 166 -23.07 9.42 36.81
C SER G 166 -22.74 8.81 38.16
N ARG G 167 -21.49 8.92 38.60
CA ARG G 167 -21.12 8.34 39.88
C ARG G 167 -21.78 9.10 41.03
N LEU G 168 -21.85 10.42 40.93
CA LEU G 168 -22.48 11.20 42.00
C LEU G 168 -23.97 10.88 42.08
N ALA G 169 -24.63 10.71 40.93
CA ALA G 169 -26.05 10.37 40.94
C ALA G 169 -26.28 8.98 41.49
N ASP G 170 -25.40 8.02 41.18
CA ASP G 170 -25.54 6.68 41.73
C ASP G 170 -25.28 6.66 43.23
N PHE G 171 -24.42 7.56 43.71
CA PHE G 171 -24.11 7.57 45.14
C PHE G 171 -25.31 8.04 45.95
N PHE G 172 -25.92 9.15 45.56
CA PHE G 172 -27.06 9.67 46.31
C PHE G 172 -28.29 8.78 46.19
N THR G 173 -28.35 7.92 45.17
CA THR G 173 -29.48 7.01 45.03
C THR G 173 -29.29 5.72 45.81
N ASN G 174 -28.09 5.15 45.80
CA ASN G 174 -27.87 3.84 46.39
C ASN G 174 -27.44 3.89 47.85
N CYS G 175 -26.96 5.05 48.34
CA CYS G 175 -26.60 5.20 49.74
C CYS G 175 -27.60 6.09 50.47
N GLN G 176 -28.87 6.05 50.09
CA GLN G 176 -29.90 6.81 50.79
C GLN G 176 -30.20 6.13 52.12
N PRO G 177 -30.16 6.85 53.24
CA PRO G 177 -30.43 6.22 54.54
C PRO G 177 -31.93 6.15 54.84
N GLU G 178 -32.25 5.25 55.79
CA GLU G 178 -33.63 5.04 56.24
C GLU G 178 -33.57 4.69 57.71
N PRO G 179 -33.83 5.65 58.60
CA PRO G 179 -33.74 5.35 60.04
C PRO G 179 -34.60 4.17 60.48
N LEU G 180 -35.68 3.88 59.77
CA LEU G 180 -36.57 2.79 60.15
C LEU G 180 -36.08 1.43 59.66
N SER G 181 -34.93 1.37 59.02
CA SER G 181 -34.41 0.12 58.47
C SER G 181 -33.34 -0.45 59.40
N LEU G 182 -33.35 -1.78 59.56
CA LEU G 182 -32.34 -2.42 60.38
C LEU G 182 -30.95 -2.26 59.77
N SER G 183 -30.87 -2.29 58.44
CA SER G 183 -29.58 -2.12 57.77
C SER G 183 -29.13 -0.66 57.75
N GLY G 184 -30.08 0.27 57.73
CA GLY G 184 -29.80 1.67 57.60
C GLY G 184 -29.94 2.21 56.20
N CYS G 185 -29.97 1.34 55.20
CA CYS G 185 -30.05 1.74 53.80
C CYS G 185 -31.47 1.55 53.29
N LEU G 186 -31.99 2.57 52.61
CA LEU G 186 -33.33 2.47 52.03
C LEU G 186 -33.36 1.41 50.93
N LYS G 187 -32.34 1.36 50.08
CA LYS G 187 -32.29 0.40 49.00
C LYS G 187 -31.90 -0.99 49.47
N GLU G 188 -31.46 -1.15 50.71
CA GLU G 188 -31.22 -2.46 51.32
C GLU G 188 -30.22 -3.26 50.50
N ASN G 189 -29.12 -2.61 50.11
CA ASN G 189 -28.03 -3.31 49.43
C ASN G 189 -26.72 -2.58 49.74
N TYR G 190 -25.88 -3.22 50.54
CA TYR G 190 -24.59 -2.63 50.90
C TYR G 190 -23.66 -2.54 49.70
N ALA G 191 -23.65 -3.59 48.87
CA ALA G 191 -22.70 -3.64 47.75
C ALA G 191 -22.91 -2.46 46.80
N ASP G 192 -24.18 -2.17 46.45
CA ASP G 192 -24.44 -1.08 45.52
C ASP G 192 -23.99 0.26 46.10
N CYS G 193 -24.03 0.42 47.42
CA CYS G 193 -23.59 1.68 48.01
C CYS G 193 -22.07 1.80 48.01
N LEU G 194 -21.37 0.70 48.26
CA LEU G 194 -19.92 0.73 48.30
C LEU G 194 -19.34 1.10 46.95
N LEU G 195 -19.83 0.46 45.88
CA LEU G 195 -19.32 0.74 44.54
C LEU G 195 -19.54 2.20 44.15
N SER G 196 -20.76 2.70 44.37
CA SER G 196 -21.05 4.08 44.02
C SER G 196 -20.10 5.05 44.73
N TYR G 197 -19.83 4.80 46.01
CA TYR G 197 -18.89 5.65 46.74
C TYR G 197 -17.48 5.54 46.15
N SER G 198 -17.02 4.31 45.90
CA SER G 198 -15.70 4.11 45.31
C SER G 198 -15.60 4.78 43.94
N GLY G 199 -16.71 4.87 43.22
CA GLY G 199 -16.70 5.50 41.91
C GLY G 199 -16.39 6.98 41.93
N LEU G 200 -16.31 7.59 43.10
CA LEU G 200 -16.00 9.01 43.24
C LEU G 200 -14.54 9.26 43.59
N ILE G 201 -13.73 8.22 43.75
CA ILE G 201 -12.38 8.38 44.26
C ILE G 201 -11.55 9.26 43.32
N GLY G 202 -11.38 8.80 42.07
CA GLY G 202 -10.52 9.50 41.15
C GLY G 202 -11.06 10.78 40.58
N THR G 203 -12.29 11.18 40.93
CA THR G 203 -12.93 12.30 40.28
C THR G 203 -12.66 13.61 41.04
N VAL G 204 -13.30 14.70 40.60
CA VAL G 204 -13.21 15.97 41.29
C VAL G 204 -13.87 15.92 42.66
N MET G 205 -14.65 14.88 42.94
CA MET G 205 -15.37 14.71 44.20
C MET G 205 -14.69 13.66 45.08
N THR G 206 -13.37 13.61 45.06
CA THR G 206 -12.64 12.56 45.76
C THR G 206 -12.94 12.60 47.26
N PRO G 207 -13.50 11.53 47.83
CA PRO G 207 -13.73 11.52 49.29
C PRO G 207 -12.63 10.80 50.05
N ASN G 208 -12.46 11.15 51.33
CA ASN G 208 -11.50 10.46 52.19
C ASN G 208 -12.02 10.49 53.62
N TYR G 209 -11.52 9.57 54.43
CA TYR G 209 -11.92 9.53 55.84
C TYR G 209 -11.48 10.79 56.56
N LEU G 210 -12.35 11.29 57.44
CA LEU G 210 -12.04 12.43 58.29
C LEU G 210 -11.56 11.93 59.65
N ARG G 211 -10.83 12.79 60.35
CA ARG G 211 -10.30 12.45 61.66
C ARG G 211 -11.41 12.64 62.69
N SER G 212 -12.20 11.58 62.89
CA SER G 212 -13.31 11.60 63.83
C SER G 212 -13.35 10.28 64.59
N PRO G 213 -14.10 10.18 65.69
CA PRO G 213 -14.23 8.89 66.38
C PRO G 213 -14.82 7.82 65.49
N LYS G 214 -16.06 8.02 65.07
CA LYS G 214 -16.71 7.10 64.14
C LYS G 214 -16.32 7.45 62.70
N ILE G 215 -16.72 6.57 61.78
CA ILE G 215 -16.37 6.74 60.37
C ILE G 215 -17.09 7.98 59.83
N SER G 216 -16.32 8.92 59.29
CA SER G 216 -16.88 10.11 58.65
C SER G 216 -16.06 10.42 57.41
N VAL G 217 -16.72 10.50 56.26
CA VAL G 217 -16.07 10.80 54.99
C VAL G 217 -16.68 12.08 54.44
N SER G 218 -15.94 12.72 53.53
CA SER G 218 -16.36 14.00 52.98
C SER G 218 -15.57 14.27 51.72
N PRO G 219 -16.09 15.11 50.83
CA PRO G 219 -15.26 15.68 49.76
C PRO G 219 -14.60 16.96 50.27
N PHE G 220 -13.71 17.50 49.45
CA PHE G 220 -12.97 18.72 49.80
C PHE G 220 -13.82 19.92 49.37
N CYS G 221 -14.83 20.24 50.19
CA CYS G 221 -15.67 21.40 49.94
C CYS G 221 -16.28 21.84 51.27
N ASP G 222 -16.71 23.10 51.31
CA ASP G 222 -17.19 23.72 52.54
C ASP G 222 -18.45 24.53 52.26
N CYS G 223 -19.14 24.90 53.34
CA CYS G 223 -20.34 25.72 53.24
C CYS G 223 -20.13 27.08 53.90
N SER G 224 -19.08 27.80 53.47
CA SER G 224 -18.74 29.07 54.12
C SER G 224 -19.86 30.09 53.99
N SER G 225 -20.61 30.05 52.89
CA SER G 225 -21.61 31.08 52.62
C SER G 225 -22.63 31.15 53.74
N SER G 226 -22.83 32.34 54.31
CA SER G 226 -23.86 32.58 55.29
C SER G 226 -25.23 32.83 54.66
N GLY G 227 -25.30 32.86 53.34
CA GLY G 227 -26.55 33.08 52.65
C GLY G 227 -27.54 31.94 52.85
N ASN G 228 -28.72 32.13 52.28
CA ASN G 228 -29.78 31.14 52.41
C ASN G 228 -29.41 29.79 51.82
N SER G 229 -28.41 29.75 50.94
CA SER G 229 -28.00 28.49 50.33
C SER G 229 -27.33 27.55 51.32
N LYS G 230 -27.07 28.00 52.55
CA LYS G 230 -26.38 27.17 53.53
C LYS G 230 -27.15 25.89 53.83
N GLU G 231 -28.47 25.92 53.72
CA GLU G 231 -29.26 24.74 54.04
C GLU G 231 -29.07 23.64 53.00
N GLU G 232 -29.09 24.01 51.71
CA GLU G 232 -28.87 23.00 50.67
C GLU G 232 -27.43 22.49 50.68
N CYS G 233 -26.48 23.34 51.06
CA CYS G 233 -25.09 22.89 51.18
C CYS G 233 -24.93 21.94 52.35
N ASP G 234 -25.60 22.21 53.47
CA ASP G 234 -25.50 21.33 54.63
C ASP G 234 -26.06 19.95 54.31
N ARG G 235 -27.16 19.89 53.55
CA ARG G 235 -27.73 18.58 53.21
C ARG G 235 -26.76 17.77 52.36
N PHE G 236 -25.95 18.44 51.54
CA PHE G 236 -25.00 17.72 50.70
C PHE G 236 -23.88 17.11 51.53
N THR G 237 -23.25 17.91 52.40
CA THR G 237 -22.16 17.39 53.20
C THR G 237 -22.64 16.37 54.22
N GLU G 238 -23.84 16.58 54.79
CA GLU G 238 -24.35 15.63 55.77
C GLU G 238 -24.63 14.27 55.15
N PHE G 239 -24.91 14.22 53.85
CA PHE G 239 -25.08 12.93 53.19
C PHE G 239 -23.76 12.16 53.14
N PHE G 240 -22.63 12.87 53.18
CA PHE G 240 -21.32 12.24 53.25
C PHE G 240 -20.87 12.00 54.69
N THR G 241 -20.95 13.04 55.53
CA THR G 241 -20.36 12.96 56.86
C THR G 241 -21.16 12.04 57.77
N ASP G 242 -22.46 12.29 57.90
CA ASP G 242 -23.32 11.57 58.84
C ASP G 242 -24.38 10.80 58.05
N ASN G 243 -24.02 9.59 57.61
CA ASN G 243 -24.90 8.75 56.80
C ASN G 243 -24.80 7.33 57.33
N ALA G 244 -25.84 6.87 58.03
CA ALA G 244 -25.81 5.57 58.68
C ALA G 244 -25.79 4.42 57.69
N CYS G 245 -26.20 4.65 56.44
CA CYS G 245 -26.16 3.59 55.43
C CYS G 245 -24.74 3.36 54.95
N LEU G 246 -24.03 4.42 54.61
CA LEU G 246 -22.64 4.28 54.18
C LEU G 246 -21.77 3.76 55.31
N ARG G 247 -21.99 4.26 56.53
CA ARG G 247 -21.19 3.81 57.67
C ARG G 247 -21.37 2.32 57.91
N ASN G 248 -22.60 1.82 57.83
CA ASN G 248 -22.84 0.40 58.04
C ASN G 248 -22.23 -0.44 56.93
N ALA G 249 -22.22 0.07 55.70
CA ALA G 249 -21.64 -0.68 54.58
C ALA G 249 -20.13 -0.84 54.76
N ILE G 250 -19.43 0.26 55.03
CA ILE G 250 -17.98 0.18 55.22
C ILE G 250 -17.65 -0.78 56.36
N GLN G 251 -18.29 -0.58 57.52
CA GLN G 251 -18.07 -1.50 58.64
C GLN G 251 -18.42 -2.93 58.26
N ALA G 252 -19.49 -3.11 57.47
CA ALA G 252 -19.92 -4.45 57.09
C ALA G 252 -18.90 -5.13 56.19
N PHE G 253 -18.21 -4.38 55.34
CA PHE G 253 -17.23 -4.99 54.43
C PHE G 253 -15.97 -5.39 55.19
N GLY G 254 -15.47 -4.52 56.05
CA GLY G 254 -14.33 -4.88 56.88
C GLY G 254 -14.60 -6.09 57.74
N ASN G 255 -15.83 -6.20 58.26
CA ASN G 255 -16.22 -7.38 59.02
C ASN G 255 -15.94 -8.66 58.24
N GLY G 256 -16.22 -8.64 56.94
CA GLY G 256 -16.09 -9.83 56.11
C GLY G 256 -14.67 -10.17 55.75
N THR G 257 -13.86 -9.15 55.46
CA THR G 257 -12.44 -9.34 55.15
C THR G 257 -11.60 -9.07 56.39
N GLY G 258 -11.81 -9.89 57.41
CA GLY G 258 -11.11 -9.74 58.67
C GLY G 258 -10.65 -11.06 59.27
N ARG H 4 19.61 -24.08 30.79
CA ARG H 4 18.47 -24.70 31.45
C ARG H 4 18.74 -24.93 32.94
N GLY H 5 19.87 -24.41 33.43
CA GLY H 5 20.25 -24.58 34.81
C GLY H 5 20.16 -23.30 35.60
N CYS H 6 20.34 -22.16 34.93
CA CYS H 6 20.18 -20.85 35.54
C CYS H 6 18.69 -20.59 35.73
N LEU H 7 18.22 -20.80 36.96
CA LEU H 7 16.79 -20.78 37.28
C LEU H 7 16.46 -19.60 38.19
N LEU H 8 15.16 -19.34 38.32
CA LEU H 8 14.65 -18.23 39.10
C LEU H 8 13.99 -18.77 40.37
N LYS H 9 14.43 -18.29 41.52
CA LYS H 9 13.99 -18.80 42.81
C LYS H 9 13.23 -17.72 43.57
N GLU H 10 12.41 -18.17 44.53
CA GLU H 10 11.54 -17.30 45.30
C GLU H 10 11.86 -17.39 46.79
N ILE H 11 11.72 -16.26 47.48
CA ILE H 11 11.91 -16.20 48.92
C ILE H 11 10.97 -15.13 49.49
N HIS H 12 10.29 -15.47 50.58
CA HIS H 12 9.37 -14.57 51.27
C HIS H 12 10.10 -13.93 52.46
N LEU H 13 10.04 -12.60 52.54
CA LEU H 13 10.84 -11.87 53.51
C LEU H 13 10.08 -10.68 54.05
N ASN H 14 10.52 -10.19 55.21
CA ASN H 14 10.16 -8.86 55.64
C ASN H 14 10.84 -7.82 54.75
N VAL H 15 10.33 -6.59 54.77
CA VAL H 15 11.09 -5.50 54.14
C VAL H 15 12.34 -5.20 54.96
N THR H 16 12.29 -5.42 56.28
CA THR H 16 13.44 -5.17 57.12
C THR H 16 14.55 -6.20 56.92
N ASP H 17 14.21 -7.37 56.37
CA ASP H 17 15.24 -8.38 56.11
C ASP H 17 16.21 -7.96 55.01
N LEU H 18 15.84 -6.97 54.20
CA LEU H 18 16.73 -6.48 53.15
C LEU H 18 17.75 -5.48 53.68
N ASP H 19 17.60 -5.02 54.92
CA ASP H 19 18.58 -4.16 55.57
C ASP H 19 18.92 -2.93 54.72
N LEU H 20 17.91 -2.38 54.06
CA LEU H 20 18.07 -1.18 53.25
C LEU H 20 17.77 0.09 54.04
N GLY H 21 17.68 0.02 55.36
CA GLY H 21 17.50 1.18 56.20
C GLY H 21 16.07 1.53 56.54
N TYR H 22 15.09 0.76 56.08
CA TYR H 22 13.69 1.07 56.32
C TYR H 22 13.21 0.43 57.62
N ARG H 23 12.21 1.08 58.22
CA ARG H 23 11.54 0.56 59.42
C ARG H 23 10.06 0.41 59.08
N THR H 24 9.68 -0.79 58.65
CA THR H 24 8.31 -1.06 58.24
C THR H 24 8.01 -2.53 58.45
N LYS H 25 6.74 -2.84 58.71
CA LYS H 25 6.28 -4.21 58.91
C LYS H 25 5.67 -4.81 57.64
N GLU H 26 5.91 -4.20 56.49
CA GLU H 26 5.40 -4.73 55.23
C GLU H 26 6.23 -5.92 54.78
N GLU H 27 5.65 -6.72 53.89
CA GLU H 27 6.27 -7.94 53.38
C GLU H 27 6.42 -7.87 51.88
N LEU H 28 7.15 -8.84 51.33
CA LEU H 28 7.50 -8.84 49.92
C LEU H 28 7.89 -10.25 49.50
N ILE H 29 7.91 -10.46 48.18
CA ILE H 29 8.39 -11.71 47.58
C ILE H 29 9.59 -11.36 46.71
N PHE H 30 10.77 -11.82 47.12
CA PHE H 30 12.02 -11.52 46.44
C PHE H 30 12.40 -12.69 45.53
N ARG H 31 12.76 -12.39 44.30
CA ARG H 31 13.12 -13.40 43.30
C ARG H 31 14.50 -13.10 42.76
N TYR H 32 15.34 -14.13 42.67
CA TYR H 32 16.72 -13.98 42.25
C TYR H 32 17.08 -15.11 41.29
N CYS H 33 18.25 -14.99 40.68
CA CYS H 33 18.75 -15.99 39.75
C CYS H 33 19.86 -16.79 40.42
N SER H 34 19.87 -18.11 40.19
CA SER H 34 20.90 -18.98 40.74
C SER H 34 20.91 -20.27 39.94
N GLY H 35 22.10 -20.71 39.55
CA GLY H 35 22.25 -21.94 38.80
C GLY H 35 23.61 -22.06 38.13
N PRO H 36 23.87 -23.22 37.52
CA PRO H 36 25.15 -23.41 36.82
C PRO H 36 25.04 -23.07 35.34
N CYS H 37 26.04 -22.34 34.84
CA CYS H 37 26.10 -21.95 33.43
C CYS H 37 27.15 -22.73 32.65
N HIS H 38 27.40 -23.98 33.07
CA HIS H 38 28.41 -24.79 32.38
C HIS H 38 27.95 -25.18 30.98
N ASP H 39 26.64 -25.24 30.74
CA ASP H 39 26.13 -25.66 29.45
C ASP H 39 26.25 -24.56 28.39
N ALA H 40 26.37 -23.30 28.80
CA ALA H 40 26.44 -22.19 27.87
C ALA H 40 27.84 -21.62 27.73
N GLU H 41 28.84 -22.24 28.34
CA GLU H 41 30.21 -21.76 28.19
C GLU H 41 30.67 -21.93 26.75
N THR H 42 31.61 -21.09 26.35
CA THR H 42 32.14 -21.04 24.99
C THR H 42 33.64 -21.26 25.02
N ASN H 43 34.26 -21.22 23.83
CA ASN H 43 35.72 -21.25 23.77
C ASN H 43 36.32 -20.10 24.56
N TYR H 44 35.64 -18.96 24.61
CA TYR H 44 36.16 -17.81 25.33
C TYR H 44 36.36 -18.12 26.81
N ASP H 45 35.41 -18.84 27.41
CA ASP H 45 35.50 -19.14 28.84
C ASP H 45 36.63 -20.12 29.12
N LYS H 46 36.64 -21.27 28.44
CA LYS H 46 37.69 -22.26 28.68
C LYS H 46 39.07 -21.71 28.35
N ILE H 47 39.17 -20.70 27.49
CA ILE H 47 40.43 -20.01 27.29
C ILE H 47 40.80 -19.21 28.53
N LEU H 48 39.82 -18.52 29.13
CA LEU H 48 40.09 -17.77 30.35
C LEU H 48 40.52 -18.68 31.48
N ASN H 49 39.88 -19.84 31.60
CA ASN H 49 40.26 -20.78 32.66
C ASN H 49 41.70 -21.23 32.51
N ASN H 50 42.10 -21.59 31.29
CA ASN H 50 43.47 -22.05 31.06
C ASN H 50 44.47 -20.93 31.23
N LEU H 51 44.19 -19.76 30.63
CA LEU H 51 45.12 -18.64 30.74
C LEU H 51 45.35 -18.25 32.19
N THR H 52 44.29 -18.28 33.01
CA THR H 52 44.46 -17.95 34.43
C THR H 52 45.31 -19.01 35.14
N HIS H 53 45.12 -20.28 34.81
CA HIS H 53 45.95 -21.32 35.38
C HIS H 53 47.41 -21.11 35.02
N ASN H 54 47.69 -20.91 33.73
CA ASN H 54 49.06 -20.64 33.28
C ASN H 54 49.59 -19.33 33.84
N LYS H 55 48.72 -18.45 34.34
CA LYS H 55 49.08 -17.13 34.83
C LYS H 55 49.54 -16.20 33.71
N LYS H 56 49.18 -16.53 32.46
CA LYS H 56 49.49 -15.63 31.35
C LYS H 56 48.90 -14.24 31.59
N LEU H 57 47.68 -14.17 32.13
CA LEU H 57 47.06 -12.90 32.45
C LEU H 57 47.54 -12.42 33.81
N ASP H 58 47.97 -11.16 33.87
CA ASP H 58 48.60 -10.60 35.07
C ASP H 58 47.52 -10.25 36.08
N LYS H 59 46.98 -11.29 36.73
CA LYS H 59 46.03 -11.15 37.83
C LYS H 59 44.77 -10.38 37.43
N ASP H 60 44.47 -10.32 36.14
CA ASP H 60 43.28 -9.60 35.68
C ASP H 60 42.00 -10.32 36.04
N THR H 61 42.07 -11.64 36.20
CA THR H 61 40.94 -12.46 36.64
C THR H 61 39.62 -12.13 35.94
N PRO H 62 39.60 -12.14 34.60
CA PRO H 62 38.32 -11.94 33.90
C PRO H 62 37.24 -12.88 34.37
N SER H 63 35.99 -12.46 34.22
CA SER H 63 34.85 -13.22 34.70
C SER H 63 34.30 -14.14 33.62
N ARG H 64 33.95 -15.37 34.02
CA ARG H 64 33.33 -16.33 33.12
C ARG H 64 31.81 -16.12 33.14
N THR H 65 31.08 -17.01 32.47
CA THR H 65 29.63 -16.87 32.35
C THR H 65 28.99 -16.72 33.73
N CYS H 66 27.99 -15.85 33.81
CA CYS H 66 27.26 -15.57 35.03
C CYS H 66 25.77 -15.89 34.83
N CYS H 67 25.12 -16.27 35.93
CA CYS H 67 23.68 -16.52 35.94
C CYS H 67 23.01 -15.28 36.55
N ARG H 68 22.58 -14.38 35.68
CA ARG H 68 22.10 -13.06 36.05
C ARG H 68 20.71 -12.82 35.51
N PRO H 69 20.03 -11.77 35.97
CA PRO H 69 18.72 -11.43 35.41
C PRO H 69 18.83 -10.62 34.14
N ILE H 70 17.92 -10.89 33.21
CA ILE H 70 17.80 -10.12 31.98
C ILE H 70 16.52 -9.31 31.92
N ALA H 71 15.67 -9.41 32.94
CA ALA H 71 14.44 -8.63 33.02
C ALA H 71 14.10 -8.43 34.48
N PHE H 72 13.96 -7.17 34.89
CA PHE H 72 13.64 -6.85 36.27
C PHE H 72 12.12 -6.86 36.49
N ASP H 73 11.73 -7.11 37.74
CA ASP H 73 10.34 -7.24 38.10
C ASP H 73 9.69 -5.87 38.31
N ASP H 74 8.37 -5.89 38.46
CA ASP H 74 7.63 -4.66 38.72
C ASP H 74 8.07 -4.03 40.04
N ASP H 75 7.86 -2.73 40.14
CA ASP H 75 8.23 -2.00 41.34
C ASP H 75 7.32 -2.38 42.50
N ILE H 76 7.82 -2.18 43.71
CA ILE H 76 7.06 -2.42 44.94
C ILE H 76 7.05 -1.13 45.75
N SER H 77 5.92 -0.84 46.39
CA SER H 77 5.77 0.31 47.27
C SER H 77 5.21 -0.15 48.60
N PHE H 78 5.63 0.51 49.68
CA PHE H 78 5.19 0.15 51.02
C PHE H 78 5.05 1.40 51.87
N LEU H 79 4.36 1.25 52.99
CA LEU H 79 4.12 2.32 53.95
C LEU H 79 4.81 1.98 55.27
N ASP H 80 5.64 2.90 55.76
CA ASP H 80 6.48 2.62 56.91
C ASP H 80 5.76 2.98 58.21
N ASP H 81 6.42 2.75 59.34
CA ASP H 81 5.81 2.97 60.64
C ASP H 81 5.55 4.44 60.94
N SER H 82 6.16 5.35 60.19
CA SER H 82 5.96 6.78 60.38
C SER H 82 4.87 7.35 59.48
N LEU H 83 4.13 6.50 58.77
CA LEU H 83 3.08 6.93 57.85
C LEU H 83 3.65 7.77 56.71
N GLU H 84 4.64 7.18 56.02
CA GLU H 84 5.34 7.83 54.93
C GLU H 84 5.62 6.78 53.85
N TYR H 85 5.33 7.12 52.61
CA TYR H 85 5.39 6.14 51.52
C TYR H 85 6.79 6.07 50.93
N HIS H 86 7.17 4.86 50.52
CA HIS H 86 8.43 4.61 49.83
C HIS H 86 8.19 3.65 48.68
N THR H 87 9.09 3.68 47.70
CA THR H 87 9.00 2.81 46.52
C THR H 87 10.39 2.34 46.13
N LEU H 88 10.48 1.07 45.73
CA LEU H 88 11.73 0.47 45.29
C LEU H 88 11.63 0.06 43.83
N LYS H 89 12.74 0.16 43.11
CA LYS H 89 12.82 -0.23 41.72
C LYS H 89 14.01 -1.16 41.52
N LYS H 90 13.88 -2.06 40.56
CA LYS H 90 14.93 -3.03 40.24
C LYS H 90 15.41 -3.74 41.50
N HIS H 91 14.47 -4.44 42.13
CA HIS H 91 14.74 -5.20 43.35
C HIS H 91 14.63 -6.70 43.15
N SER H 92 13.70 -7.15 42.31
CA SER H 92 13.46 -8.56 42.06
C SER H 92 13.70 -8.87 40.59
N ALA H 93 13.81 -10.16 40.29
CA ALA H 93 14.12 -10.64 38.95
C ALA H 93 12.87 -11.25 38.32
N LYS H 94 12.60 -10.88 37.06
CA LYS H 94 11.49 -11.44 36.31
C LYS H 94 11.92 -12.52 35.33
N LYS H 95 13.13 -12.44 34.79
CA LYS H 95 13.64 -13.45 33.87
C LYS H 95 15.15 -13.54 34.02
N CYS H 96 15.66 -14.77 34.03
CA CYS H 96 17.09 -15.02 34.14
C CYS H 96 17.65 -15.53 32.82
N ALA H 97 18.97 -15.66 32.77
CA ALA H 97 19.67 -16.17 31.60
C ALA H 97 21.17 -16.16 31.85
N CYS H 98 21.90 -17.11 31.27
CA CYS H 98 23.35 -17.16 31.39
C CYS H 98 23.95 -16.08 30.50
N VAL H 99 24.50 -15.03 31.12
CA VAL H 99 24.99 -13.87 30.40
C VAL H 99 26.52 -13.91 30.33
N ASN I 56 2.68 -15.59 -62.45
CA ASN I 56 3.22 -14.44 -61.72
C ASN I 56 3.76 -14.89 -60.37
N ASN I 57 5.09 -14.79 -60.20
CA ASN I 57 5.67 -15.16 -58.92
C ASN I 57 5.27 -14.19 -57.82
N CYS I 58 5.06 -12.91 -58.16
CA CYS I 58 4.76 -11.93 -57.13
C CYS I 58 3.33 -12.09 -56.60
N LEU I 59 2.38 -12.37 -57.49
CA LEU I 59 1.02 -12.65 -57.04
C LEU I 59 0.97 -13.88 -56.15
N ASN I 60 1.65 -14.95 -56.57
CA ASN I 60 1.67 -16.17 -55.76
C ASN I 60 2.20 -15.89 -54.36
N ALA I 61 3.16 -14.97 -54.24
CA ALA I 61 3.67 -14.60 -52.93
C ALA I 61 2.57 -14.00 -52.07
N ALA I 62 1.81 -13.06 -52.65
CA ALA I 62 0.72 -12.45 -51.90
C ALA I 62 -0.32 -13.49 -51.50
N LYS I 63 -0.61 -14.44 -52.39
CA LYS I 63 -1.54 -15.52 -52.05
C LYS I 63 -1.01 -16.33 -50.86
N ALA I 64 0.22 -16.82 -50.96
CA ALA I 64 0.79 -17.61 -49.89
C ALA I 64 0.81 -16.86 -48.57
N CYS I 65 0.88 -15.53 -48.62
CA CYS I 65 0.93 -14.73 -47.39
C CYS I 65 -0.44 -14.67 -46.74
N ASN I 66 -1.49 -14.39 -47.51
CA ASN I 66 -2.83 -14.31 -46.94
C ASN I 66 -3.28 -15.66 -46.38
N LEU I 67 -2.85 -16.76 -46.99
CA LEU I 67 -3.16 -18.09 -46.47
C LEU I 67 -2.27 -18.49 -45.30
N ASN I 68 -1.35 -17.63 -44.88
CA ASN I 68 -0.51 -17.85 -43.71
C ASN I 68 -0.95 -16.88 -42.61
N ASP I 69 -1.25 -17.43 -41.43
CA ASP I 69 -1.85 -16.61 -40.38
C ASP I 69 -0.94 -15.45 -39.99
N THR I 70 0.33 -15.73 -39.70
CA THR I 70 1.23 -14.68 -39.24
C THR I 70 1.42 -13.62 -40.32
N CYS I 71 1.74 -14.05 -41.54
CA CYS I 71 1.94 -13.09 -42.62
C CYS I 71 0.69 -12.26 -42.86
N LYS I 72 -0.48 -12.91 -42.83
CA LYS I 72 -1.72 -12.19 -43.11
C LYS I 72 -2.03 -11.18 -42.02
N LYS I 73 -1.68 -11.49 -40.76
CA LYS I 73 -1.95 -10.57 -39.66
C LYS I 73 -1.11 -9.31 -39.81
N TYR I 74 0.21 -9.46 -39.90
CA TYR I 74 1.10 -8.32 -39.92
C TYR I 74 1.12 -7.61 -41.27
N ARG I 75 0.78 -8.30 -42.36
CA ARG I 75 0.61 -7.61 -43.63
C ARG I 75 -0.51 -6.56 -43.52
N SER I 76 -1.70 -6.99 -43.14
CA SER I 76 -2.81 -6.06 -42.97
C SER I 76 -2.51 -5.04 -41.88
N ALA I 77 -1.65 -5.39 -40.93
CA ALA I 77 -1.33 -4.45 -39.86
C ALA I 77 -0.62 -3.22 -40.38
N TYR I 78 0.20 -3.36 -41.42
CA TYR I 78 0.88 -2.21 -42.01
C TYR I 78 0.13 -1.62 -43.19
N ILE I 79 -0.71 -2.41 -43.87
CA ILE I 79 -1.51 -1.86 -44.96
C ILE I 79 -2.44 -0.77 -44.45
N SER I 80 -3.17 -1.07 -43.37
CA SER I 80 -4.21 -0.14 -42.91
C SER I 80 -3.66 1.22 -42.51
N PRO I 81 -2.69 1.33 -41.61
CA PRO I 81 -2.19 2.67 -41.26
C PRO I 81 -1.64 3.43 -42.45
N CYS I 82 -0.97 2.75 -43.38
CA CYS I 82 -0.43 3.41 -44.57
C CYS I 82 -1.51 3.79 -45.57
N THR I 83 -2.77 3.41 -45.34
CA THR I 83 -3.85 3.70 -46.27
C THR I 83 -4.99 4.50 -45.64
N SER I 84 -4.89 4.85 -44.35
CA SER I 84 -5.95 5.56 -43.64
C SER I 84 -5.57 7.03 -43.54
N ARG I 85 -6.25 7.87 -44.32
CA ARG I 85 -5.98 9.30 -44.31
C ARG I 85 -6.25 9.89 -42.94
N VAL I 86 -5.44 10.89 -42.56
CA VAL I 86 -5.65 11.63 -41.33
C VAL I 86 -6.06 13.08 -41.59
N SER I 87 -5.88 13.59 -42.80
CA SER I 87 -6.27 14.95 -43.14
C SER I 87 -6.16 15.10 -44.65
N THR I 88 -6.83 16.12 -45.18
CA THR I 88 -6.78 16.36 -46.63
C THR I 88 -5.34 16.52 -47.12
N ALA I 89 -4.45 16.99 -46.25
CA ALA I 89 -3.03 17.11 -46.58
C ALA I 89 -2.28 15.81 -46.32
N GLU I 90 -2.39 15.28 -45.11
CA GLU I 90 -1.67 14.07 -44.73
C GLU I 90 -2.42 12.85 -45.23
N VAL I 91 -1.82 12.12 -46.18
CA VAL I 91 -2.41 10.89 -46.67
C VAL I 91 -2.32 9.76 -45.66
N CYS I 92 -1.48 9.90 -44.64
CA CYS I 92 -1.25 8.83 -43.68
C CYS I 92 -0.44 9.39 -42.51
N ASN I 93 -0.30 8.57 -41.48
CA ASN I 93 0.63 8.85 -40.38
C ASN I 93 1.95 8.18 -40.74
N LYS I 94 2.86 8.95 -41.35
CA LYS I 94 4.08 8.36 -41.89
C LYS I 94 4.83 7.58 -40.82
N ARG I 95 4.86 8.10 -39.58
CA ARG I 95 5.61 7.41 -38.53
C ARG I 95 4.99 6.06 -38.21
N LYS I 96 3.66 5.98 -38.18
CA LYS I 96 3.00 4.71 -37.88
C LYS I 96 3.08 3.76 -39.07
N CYS I 97 3.18 4.30 -40.29
CA CYS I 97 3.37 3.44 -41.46
C CYS I 97 4.75 2.78 -41.44
N HIS I 98 5.80 3.58 -41.20
CA HIS I 98 7.14 3.02 -41.10
C HIS I 98 7.24 2.02 -39.95
N LYS I 99 6.79 2.43 -38.76
CA LYS I 99 6.88 1.55 -37.60
C LYS I 99 6.18 0.21 -37.85
N ALA I 100 5.10 0.23 -38.64
CA ALA I 100 4.41 -1.01 -38.96
C ALA I 100 5.22 -1.86 -39.93
N LEU I 101 5.79 -1.22 -40.96
CA LEU I 101 6.64 -1.95 -41.90
C LEU I 101 7.75 -2.69 -41.15
N ARG I 102 8.57 -1.96 -40.39
CA ARG I 102 9.67 -2.58 -39.67
C ARG I 102 9.20 -3.77 -38.84
N GLN I 103 7.97 -3.72 -38.32
CA GLN I 103 7.43 -4.85 -37.58
C GLN I 103 7.13 -6.02 -38.51
N PHE I 104 6.72 -5.73 -39.75
CA PHE I 104 6.37 -6.79 -40.69
C PHE I 104 7.60 -7.63 -41.03
N PHE I 105 8.72 -6.99 -41.34
CA PHE I 105 9.93 -7.72 -41.69
C PHE I 105 10.59 -8.36 -40.48
N ASP I 106 10.25 -7.90 -39.27
CA ASP I 106 10.86 -8.47 -38.07
C ASP I 106 10.15 -9.72 -37.58
N LYS I 107 8.82 -9.79 -37.77
CA LYS I 107 8.02 -10.86 -37.17
C LYS I 107 7.47 -11.85 -38.17
N VAL I 108 7.46 -11.53 -39.46
CA VAL I 108 7.00 -12.47 -40.48
C VAL I 108 8.20 -13.29 -40.95
N PRO I 109 8.09 -14.61 -41.03
CA PRO I 109 9.23 -15.40 -41.50
C PRO I 109 9.68 -14.92 -42.87
N PRO I 110 10.98 -14.99 -43.16
CA PRO I 110 11.46 -14.43 -44.44
C PRO I 110 10.96 -15.20 -45.64
N LYS I 111 10.63 -16.49 -45.47
CA LYS I 111 10.03 -17.27 -46.56
C LYS I 111 8.88 -16.52 -47.22
N HIS I 112 8.14 -15.71 -46.45
CA HIS I 112 6.97 -14.99 -46.95
C HIS I 112 7.24 -13.50 -47.16
N SER I 113 7.80 -12.81 -46.16
CA SER I 113 7.99 -11.37 -46.28
C SER I 113 8.96 -11.04 -47.41
N TYR I 114 10.16 -11.62 -47.37
CA TYR I 114 11.13 -11.36 -48.43
C TYR I 114 10.70 -11.95 -49.76
N GLY I 115 9.90 -13.02 -49.73
CA GLY I 115 9.35 -13.55 -50.98
C GLY I 115 8.46 -12.56 -51.69
N MET I 116 7.83 -11.64 -50.95
CA MET I 116 6.99 -10.64 -51.57
C MET I 116 7.81 -9.43 -52.03
N LEU I 117 8.84 -9.06 -51.29
CA LEU I 117 9.61 -7.87 -51.63
C LEU I 117 10.61 -8.11 -52.75
N TYR I 118 11.08 -9.35 -52.90
CA TYR I 118 12.07 -9.71 -53.91
C TYR I 118 11.49 -10.72 -54.90
N CYS I 119 10.20 -10.65 -55.16
CA CYS I 119 9.56 -11.57 -56.08
C CYS I 119 10.21 -11.47 -57.46
N SER I 120 10.46 -12.62 -58.08
CA SER I 120 11.06 -12.65 -59.41
C SER I 120 10.05 -12.21 -60.46
N CYS I 121 10.54 -11.45 -61.43
CA CYS I 121 9.70 -10.76 -62.41
C CYS I 121 10.32 -10.88 -63.79
N PRO I 122 9.57 -10.59 -64.84
CA PRO I 122 10.16 -10.55 -66.19
C PRO I 122 10.82 -9.21 -66.46
N LEU I 123 11.69 -9.20 -67.46
CA LEU I 123 12.49 -8.03 -67.79
C LEU I 123 11.82 -7.20 -68.89
N GLN I 126 7.76 -2.85 -67.60
CA GLN I 126 6.70 -2.67 -66.61
C GLN I 126 5.59 -3.70 -66.83
N SER I 127 5.24 -4.42 -65.77
CA SER I 127 4.25 -5.48 -65.85
C SER I 127 3.43 -5.48 -64.58
N ALA I 128 2.62 -6.53 -64.39
CA ALA I 128 1.81 -6.64 -63.19
C ALA I 128 2.67 -6.95 -61.98
N CYS I 129 3.46 -8.03 -62.06
CA CYS I 129 4.34 -8.38 -60.95
C CYS I 129 5.30 -7.25 -60.61
N SER I 130 5.72 -6.48 -61.63
CA SER I 130 6.65 -5.38 -61.38
C SER I 130 5.98 -4.26 -60.62
N GLU I 131 4.69 -4.01 -60.89
CA GLU I 131 3.97 -2.97 -60.16
C GLU I 131 3.50 -3.47 -58.80
N ARG I 132 2.97 -4.69 -58.73
CA ARG I 132 2.62 -5.28 -57.44
C ARG I 132 3.82 -5.23 -56.50
N ARG I 133 5.01 -5.60 -57.01
CA ARG I 133 6.21 -5.53 -56.20
C ARG I 133 6.47 -4.11 -55.73
N ARG I 134 6.38 -3.15 -56.66
CA ARG I 134 6.63 -1.76 -56.30
C ARG I 134 5.69 -1.28 -55.20
N GLN I 135 4.45 -1.78 -55.18
CA GLN I 135 3.47 -1.40 -54.18
C GLN I 135 3.58 -2.20 -52.89
N THR I 136 4.59 -3.07 -52.76
CA THR I 136 4.70 -3.89 -51.56
C THR I 136 4.79 -3.03 -50.31
N ILE I 137 5.52 -1.92 -50.37
CA ILE I 137 5.76 -1.09 -49.20
C ILE I 137 4.77 0.07 -49.09
N VAL I 138 3.74 0.09 -49.93
CA VAL I 138 2.78 1.19 -49.95
C VAL I 138 3.57 2.48 -50.17
N PRO I 139 4.22 2.65 -51.33
CA PRO I 139 5.14 3.79 -51.49
C PRO I 139 4.47 5.14 -51.38
N ALA I 140 3.18 5.24 -51.70
CA ALA I 140 2.50 6.54 -51.65
C ALA I 140 2.61 7.18 -50.27
N CYS I 141 2.83 6.38 -49.23
CA CYS I 141 2.91 6.88 -47.86
C CYS I 141 4.31 6.82 -47.27
N SER I 142 5.06 5.76 -47.55
CA SER I 142 6.36 5.56 -46.94
C SER I 142 7.51 6.13 -47.76
N TYR I 143 7.40 6.11 -49.09
CA TYR I 143 8.50 6.50 -49.96
C TYR I 143 8.32 7.91 -50.50
N GLU I 144 7.32 8.10 -51.35
CA GLU I 144 7.09 9.39 -52.00
C GLU I 144 6.83 10.47 -50.96
N ASP I 145 7.13 11.72 -51.35
CA ASP I 145 6.94 12.85 -50.46
C ASP I 145 6.81 14.10 -51.32
N LYS I 146 6.39 15.20 -50.68
CA LYS I 146 6.20 16.45 -51.40
C LYS I 146 7.49 16.91 -52.07
N GLU I 147 8.54 17.12 -51.27
CA GLU I 147 9.81 17.64 -51.76
C GLU I 147 10.85 16.53 -51.77
N ARG I 148 11.62 16.46 -52.86
CA ARG I 148 12.74 15.54 -52.95
C ARG I 148 13.98 16.23 -52.42
N PRO I 149 14.55 15.81 -51.30
CA PRO I 149 15.66 16.54 -50.70
C PRO I 149 16.99 16.16 -51.33
N ASN I 150 18.00 16.97 -51.01
CA ASN I 150 19.37 16.67 -51.41
C ASN I 150 19.90 15.50 -50.59
N CYS I 151 20.56 14.55 -51.26
CA CYS I 151 21.00 13.34 -50.58
C CYS I 151 21.92 13.64 -49.40
N LEU I 152 22.59 14.79 -49.40
CA LEU I 152 23.36 15.17 -48.22
C LEU I 152 22.45 15.41 -47.03
N THR I 153 21.41 16.21 -47.21
CA THR I 153 20.49 16.50 -46.12
C THR I 153 19.79 15.24 -45.62
N LEU I 154 19.54 14.28 -46.52
CA LEU I 154 18.93 13.02 -46.10
C LEU I 154 19.91 12.19 -45.29
N GLN I 155 21.20 12.24 -45.64
CA GLN I 155 22.20 11.46 -44.90
C GLN I 155 22.31 11.95 -43.46
N VAL I 156 22.37 13.27 -43.25
CA VAL I 156 22.54 13.77 -41.89
C VAL I 156 21.34 13.37 -41.03
N SER I 157 20.15 13.31 -41.63
CA SER I 157 18.97 12.90 -40.88
C SER I 157 19.06 11.45 -40.47
N CYS I 158 19.47 10.58 -41.39
CA CYS I 158 19.68 9.18 -41.03
C CYS I 158 20.78 9.03 -39.99
N LYS I 159 21.79 9.91 -40.03
CA LYS I 159 22.88 9.86 -39.08
C LYS I 159 22.48 10.39 -37.71
N THR I 160 21.36 11.10 -37.59
CA THR I 160 20.88 11.55 -36.29
C THR I 160 20.26 10.39 -35.51
N ASN I 161 19.34 9.67 -36.15
CA ASN I 161 18.68 8.53 -35.53
C ASN I 161 19.63 7.34 -35.48
N TYR I 162 19.79 6.76 -34.28
CA TYR I 162 20.73 5.66 -34.11
C TYR I 162 20.37 4.48 -35.00
N ILE I 163 19.09 4.11 -35.03
CA ILE I 163 18.69 2.91 -35.76
C ILE I 163 19.00 3.07 -37.25
N CYS I 164 18.70 4.25 -37.81
CA CYS I 164 19.00 4.47 -39.21
C CYS I 164 20.50 4.48 -39.46
N ARG I 165 21.27 5.03 -38.52
CA ARG I 165 22.72 5.06 -38.67
C ARG I 165 23.28 3.65 -38.86
N SER I 166 22.99 2.76 -37.91
CA SER I 166 23.51 1.40 -37.99
C SER I 166 23.01 0.68 -39.24
N ARG I 167 21.71 0.79 -39.52
CA ARG I 167 21.16 0.12 -40.70
C ARG I 167 21.87 0.59 -41.96
N LEU I 168 22.22 1.88 -42.03
CA LEU I 168 22.90 2.40 -43.21
C LEU I 168 24.33 1.89 -43.28
N ALA I 169 25.06 1.96 -42.16
CA ALA I 169 26.42 1.43 -42.13
C ALA I 169 26.44 -0.04 -42.55
N ASP I 170 25.56 -0.85 -41.95
CA ASP I 170 25.51 -2.26 -42.30
C ASP I 170 25.26 -2.47 -43.79
N PHE I 171 24.51 -1.55 -44.42
CA PHE I 171 24.24 -1.68 -45.85
C PHE I 171 25.49 -1.39 -46.67
N PHE I 172 26.14 -0.26 -46.42
CA PHE I 172 27.32 0.10 -47.20
C PHE I 172 28.47 -0.88 -47.01
N THR I 173 28.45 -1.68 -45.94
CA THR I 173 29.50 -2.66 -45.70
C THR I 173 29.20 -4.00 -46.37
N ASN I 174 28.00 -4.52 -46.16
CA ASN I 174 27.68 -5.87 -46.63
C ASN I 174 27.39 -5.94 -48.11
N CYS I 175 26.98 -4.84 -48.74
CA CYS I 175 26.63 -4.82 -50.16
C CYS I 175 27.69 -4.09 -51.00
N GLN I 176 28.93 -4.07 -50.53
CA GLN I 176 30.01 -3.45 -51.31
C GLN I 176 30.25 -4.27 -52.57
N PRO I 177 30.23 -3.65 -53.75
CA PRO I 177 30.42 -4.42 -54.98
C PRO I 177 31.90 -4.62 -55.33
N GLU I 178 32.19 -5.77 -55.93
CA GLU I 178 33.54 -6.08 -56.34
C GLU I 178 33.52 -6.71 -57.74
N PRO I 179 33.99 -5.99 -58.76
CA PRO I 179 33.94 -6.59 -60.12
C PRO I 179 34.70 -7.89 -60.23
N LEU I 180 35.87 -7.98 -59.60
CA LEU I 180 36.70 -9.18 -59.73
C LEU I 180 36.03 -10.42 -59.14
N SER I 181 35.04 -10.25 -58.28
CA SER I 181 34.40 -11.38 -57.63
C SER I 181 33.36 -12.03 -58.53
N LEU I 182 33.30 -13.36 -58.49
CA LEU I 182 32.29 -14.07 -59.26
C LEU I 182 30.88 -13.68 -58.82
N SER I 183 30.66 -13.60 -57.51
CA SER I 183 29.33 -13.27 -57.00
C SER I 183 28.98 -11.80 -57.19
N GLY I 184 29.98 -10.93 -57.31
CA GLY I 184 29.78 -9.51 -57.40
C GLY I 184 29.93 -8.79 -56.07
N CYS I 185 29.94 -9.52 -54.96
CA CYS I 185 30.03 -8.93 -53.63
C CYS I 185 31.44 -9.09 -53.08
N LEU I 186 31.89 -8.07 -52.34
CA LEU I 186 33.20 -8.15 -51.70
C LEU I 186 33.19 -9.11 -50.52
N LYS I 187 32.11 -9.11 -49.74
CA LYS I 187 32.02 -9.94 -48.55
C LYS I 187 31.52 -11.35 -48.83
N GLU I 188 31.06 -11.61 -50.05
CA GLU I 188 30.71 -12.97 -50.48
C GLU I 188 29.65 -13.60 -49.58
N ASN I 189 28.56 -12.86 -49.37
CA ASN I 189 27.41 -13.41 -48.66
C ASN I 189 26.19 -12.60 -49.09
N TYR I 190 25.33 -13.21 -49.92
CA TYR I 190 24.13 -12.52 -50.38
C TYR I 190 23.20 -12.20 -49.22
N ALA I 191 23.04 -13.14 -48.28
CA ALA I 191 22.09 -12.96 -47.18
C ALA I 191 22.39 -11.67 -46.42
N ASP I 192 23.62 -11.51 -45.93
CA ASP I 192 23.97 -10.34 -45.14
C ASP I 192 23.65 -9.05 -45.89
N CYS I 193 23.74 -9.06 -47.22
CA CYS I 193 23.40 -7.86 -47.97
C CYS I 193 21.88 -7.64 -47.99
N LEU I 194 21.11 -8.70 -48.27
CA LEU I 194 19.66 -8.57 -48.29
C LEU I 194 19.14 -8.01 -46.98
N LEU I 195 19.62 -8.56 -45.86
CA LEU I 195 19.15 -8.10 -44.56
C LEU I 195 19.47 -6.63 -44.32
N SER I 196 20.63 -6.18 -44.80
CA SER I 196 20.99 -4.78 -44.61
C SER I 196 20.08 -3.87 -45.41
N TYR I 197 19.72 -4.29 -46.64
CA TYR I 197 18.84 -3.48 -47.47
C TYR I 197 17.44 -3.40 -46.87
N SER I 198 16.82 -4.56 -46.62
CA SER I 198 15.49 -4.57 -46.04
C SER I 198 15.44 -3.76 -44.75
N GLY I 199 16.48 -3.84 -43.94
CA GLY I 199 16.57 -3.11 -42.69
C GLY I 199 16.36 -1.62 -42.85
N LEU I 200 16.55 -1.12 -44.07
CA LEU I 200 16.31 0.29 -44.34
C LEU I 200 14.82 0.61 -44.47
N ILE I 201 13.99 -0.39 -44.82
CA ILE I 201 12.57 -0.13 -45.02
C ILE I 201 11.95 0.32 -43.70
N GLY I 202 11.39 1.53 -43.69
CA GLY I 202 10.87 2.12 -42.49
C GLY I 202 11.74 3.19 -41.88
N THR I 203 12.96 3.38 -42.38
CA THR I 203 13.83 4.43 -41.91
C THR I 203 13.68 5.67 -42.80
N VAL I 204 14.40 6.73 -42.47
CA VAL I 204 14.40 7.91 -43.31
C VAL I 204 14.92 7.60 -44.70
N MET I 205 15.65 6.49 -44.85
CA MET I 205 16.25 6.08 -46.11
C MET I 205 15.46 4.97 -46.79
N THR I 206 14.14 4.96 -46.64
CA THR I 206 13.31 3.90 -47.17
C THR I 206 13.51 3.78 -48.69
N PRO I 207 14.05 2.67 -49.20
CA PRO I 207 14.22 2.52 -50.64
C PRO I 207 13.06 1.77 -51.29
N ASN I 208 12.86 2.04 -52.58
CA ASN I 208 11.84 1.34 -53.36
C ASN I 208 12.28 1.24 -54.81
N TYR I 209 11.69 0.28 -55.51
CA TYR I 209 12.03 0.05 -56.91
C TYR I 209 11.69 1.27 -57.75
N LEU I 210 12.53 1.54 -58.75
CA LEU I 210 12.29 2.60 -59.72
C LEU I 210 11.77 1.98 -61.02
N ARG I 211 11.15 2.83 -61.84
CA ARG I 211 10.59 2.38 -63.12
C ARG I 211 11.70 2.35 -64.15
N SER I 212 12.37 1.21 -64.25
CA SER I 212 13.46 0.99 -65.18
C SER I 212 13.28 -0.36 -65.84
N PRO I 213 13.81 -0.55 -67.05
CA PRO I 213 13.67 -1.88 -67.69
C PRO I 213 14.29 -2.99 -66.87
N LYS I 214 15.42 -2.73 -66.22
CA LYS I 214 16.05 -3.69 -65.32
C LYS I 214 15.61 -3.39 -63.88
N ILE I 215 16.37 -3.88 -62.91
CA ILE I 215 16.11 -3.62 -61.50
C ILE I 215 16.99 -2.48 -61.04
N SER I 216 16.38 -1.46 -60.43
CA SER I 216 17.12 -0.33 -59.89
C SER I 216 16.35 0.22 -58.71
N VAL I 217 17.03 0.36 -57.58
CA VAL I 217 16.43 0.88 -56.35
C VAL I 217 17.12 2.19 -56.01
N SER I 218 16.45 2.98 -55.18
CA SER I 218 16.98 4.28 -54.79
C SER I 218 16.23 4.80 -53.58
N PRO I 219 16.89 5.58 -52.73
CA PRO I 219 16.16 6.32 -51.70
C PRO I 219 15.56 7.58 -52.30
N PHE I 220 14.67 8.22 -51.53
CA PHE I 220 13.97 9.40 -52.03
C PHE I 220 14.85 10.63 -51.80
N CYS I 221 15.85 10.77 -52.67
CA CYS I 221 16.70 11.96 -52.67
C CYS I 221 17.26 12.14 -54.07
N ASP I 222 17.90 13.29 -54.28
CA ASP I 222 18.45 13.63 -55.58
C ASP I 222 19.72 14.45 -55.39
N CYS I 223 20.47 14.62 -56.48
CA CYS I 223 21.63 15.48 -56.52
C CYS I 223 21.35 16.63 -57.48
N SER I 224 21.20 17.84 -56.93
CA SER I 224 21.00 19.04 -57.74
C SER I 224 21.95 20.15 -57.33
N SER I 225 23.06 19.81 -56.65
CA SER I 225 24.02 20.83 -56.27
C SER I 225 24.79 21.35 -57.47
N SER I 226 25.06 20.49 -58.45
CA SER I 226 25.83 20.84 -59.65
C SER I 226 27.03 21.71 -59.32
N GLY I 227 27.73 21.38 -58.23
CA GLY I 227 28.92 22.11 -57.83
C GLY I 227 30.11 21.20 -57.67
N ASN I 228 30.77 21.28 -56.51
CA ASN I 228 31.91 20.42 -56.20
C ASN I 228 31.54 19.23 -55.33
N SER I 229 30.45 19.32 -54.56
CA SER I 229 29.99 18.21 -53.74
C SER I 229 29.17 17.20 -54.54
N LYS I 230 29.01 17.42 -55.84
CA LYS I 230 28.21 16.50 -56.65
C LYS I 230 28.85 15.13 -56.75
N GLU I 231 30.16 15.03 -56.58
CA GLU I 231 30.85 13.76 -56.79
C GLU I 231 30.51 12.76 -55.68
N GLU I 232 30.52 13.21 -54.43
CA GLU I 232 30.13 12.32 -53.34
C GLU I 232 28.65 11.98 -53.41
N CYS I 233 27.81 12.91 -53.87
CA CYS I 233 26.39 12.63 -54.00
C CYS I 233 26.13 11.56 -55.04
N ASP I 234 26.85 11.61 -56.16
CA ASP I 234 26.64 10.63 -57.22
C ASP I 234 27.14 9.25 -56.82
N ARG I 235 28.18 9.17 -55.98
CA ARG I 235 28.61 7.88 -55.48
C ARG I 235 27.54 7.26 -54.57
N PHE I 236 26.89 8.09 -53.75
CA PHE I 236 25.87 7.58 -52.84
C PHE I 236 24.70 6.98 -53.61
N THR I 237 24.14 7.74 -54.55
CA THR I 237 23.01 7.24 -55.32
C THR I 237 23.40 6.01 -56.12
N GLU I 238 24.61 5.99 -56.67
CA GLU I 238 25.06 4.83 -57.45
C GLU I 238 25.05 3.57 -56.59
N PHE I 239 25.49 3.67 -55.33
CA PHE I 239 25.56 2.50 -54.47
C PHE I 239 24.20 1.81 -54.34
N PHE I 240 23.11 2.54 -54.61
CA PHE I 240 21.77 1.97 -54.62
C PHE I 240 21.35 1.53 -56.03
N THR I 241 21.45 2.44 -57.00
CA THR I 241 20.92 2.17 -58.33
C THR I 241 21.69 1.07 -59.03
N ASP I 242 22.99 1.26 -59.24
CA ASP I 242 23.82 0.32 -59.99
C ASP I 242 24.80 -0.33 -59.03
N ASN I 243 24.35 -1.40 -58.38
CA ASN I 243 25.15 -2.17 -57.42
C ASN I 243 24.98 -3.64 -57.79
N ALA I 244 25.99 -4.21 -58.45
CA ALA I 244 25.88 -5.58 -58.94
C ALA I 244 25.71 -6.57 -57.79
N CYS I 245 26.28 -6.26 -56.61
CA CYS I 245 26.12 -7.14 -55.47
C CYS I 245 24.67 -7.18 -55.02
N LEU I 246 24.05 -6.01 -54.86
CA LEU I 246 22.65 -5.96 -54.47
C LEU I 246 21.76 -6.59 -55.54
N ARG I 247 22.10 -6.38 -56.82
CA ARG I 247 21.27 -6.93 -57.89
C ARG I 247 21.31 -8.45 -57.89
N ASN I 248 22.51 -9.03 -57.86
CA ASN I 248 22.63 -10.49 -57.90
C ASN I 248 22.00 -11.13 -56.67
N ALA I 249 22.04 -10.46 -55.52
CA ALA I 249 21.42 -11.02 -54.32
C ALA I 249 19.90 -11.03 -54.44
N ILE I 250 19.31 -9.91 -54.87
CA ILE I 250 17.86 -9.85 -55.05
C ILE I 250 17.41 -10.93 -56.01
N GLN I 251 18.10 -11.07 -57.14
CA GLN I 251 17.74 -12.11 -58.08
C GLN I 251 17.97 -13.50 -57.50
N ALA I 252 18.93 -13.65 -56.59
CA ALA I 252 19.18 -14.97 -56.03
C ALA I 252 18.03 -15.43 -55.14
N PHE I 253 17.47 -14.52 -54.34
CA PHE I 253 16.40 -14.90 -53.43
C PHE I 253 15.12 -15.23 -54.20
N GLY I 254 14.86 -14.54 -55.31
CA GLY I 254 13.66 -14.83 -56.07
C GLY I 254 13.67 -16.21 -56.71
N ASN I 255 14.81 -16.60 -57.26
CA ASN I 255 14.91 -17.90 -57.93
C ASN I 255 15.06 -19.06 -56.95
N GLY I 256 15.29 -18.77 -55.67
CA GLY I 256 15.28 -19.78 -54.64
C GLY I 256 13.94 -19.90 -53.95
N THR I 257 13.20 -18.79 -53.88
CA THR I 257 11.87 -18.82 -53.26
C THR I 257 10.80 -19.26 -54.25
N GLY I 258 10.94 -18.91 -55.52
CA GLY I 258 9.96 -19.26 -56.53
C GLY I 258 10.36 -20.45 -57.37
N GLN J 2 -22.61 -28.66 -21.41
CA GLN J 2 -22.99 -27.74 -22.48
C GLN J 2 -23.08 -28.45 -23.82
N GLY J 3 -22.90 -27.70 -24.90
CA GLY J 3 -23.02 -28.26 -26.23
C GLY J 3 -21.91 -27.84 -27.18
N ARG J 4 -21.00 -28.77 -27.48
CA ARG J 4 -19.95 -28.53 -28.46
C ARG J 4 -20.43 -28.75 -29.89
N GLY J 5 -21.74 -28.97 -30.09
CA GLY J 5 -22.24 -29.14 -31.44
C GLY J 5 -21.84 -28.03 -32.37
N CYS J 6 -21.83 -26.80 -31.88
CA CYS J 6 -21.32 -25.66 -32.63
C CYS J 6 -19.85 -25.89 -32.95
N LEU J 7 -19.53 -25.96 -34.25
CA LEU J 7 -18.20 -26.31 -34.72
C LEU J 7 -17.71 -25.32 -35.76
N LEU J 8 -16.40 -25.15 -35.81
CA LEU J 8 -15.76 -24.19 -36.70
C LEU J 8 -15.24 -24.90 -37.94
N LYS J 9 -15.52 -24.33 -39.11
CA LYS J 9 -15.16 -24.93 -40.39
C LYS J 9 -14.41 -23.91 -41.23
N GLU J 10 -13.66 -24.42 -42.21
CA GLU J 10 -12.81 -23.60 -43.06
C GLU J 10 -13.20 -23.80 -44.53
N ILE J 11 -12.84 -22.82 -45.35
CA ILE J 11 -13.07 -22.89 -46.79
C ILE J 11 -12.07 -21.99 -47.49
N HIS J 12 -11.59 -22.44 -48.65
CA HIS J 12 -10.57 -21.75 -49.41
C HIS J 12 -11.22 -21.05 -50.60
N LEU J 13 -11.07 -19.73 -50.67
CA LEU J 13 -11.85 -18.93 -51.60
C LEU J 13 -10.98 -17.85 -52.24
N ASN J 14 -11.50 -17.28 -53.33
CA ASN J 14 -10.98 -16.05 -53.90
C ASN J 14 -11.67 -14.86 -53.25
N VAL J 15 -10.97 -13.72 -53.26
CA VAL J 15 -11.61 -12.48 -52.80
C VAL J 15 -12.87 -12.20 -53.61
N THR J 16 -12.91 -12.66 -54.87
CA THR J 16 -14.07 -12.43 -55.72
C THR J 16 -15.21 -13.39 -55.45
N ASP J 17 -14.93 -14.57 -54.89
CA ASP J 17 -15.99 -15.52 -54.59
C ASP J 17 -16.99 -14.95 -53.58
N LEU J 18 -16.60 -13.92 -52.84
CA LEU J 18 -17.48 -13.32 -51.84
C LEU J 18 -18.47 -12.34 -52.45
N ASP J 19 -18.30 -11.97 -53.72
CA ASP J 19 -19.21 -11.07 -54.42
C ASP J 19 -19.35 -9.73 -53.71
N LEU J 20 -18.30 -9.31 -53.00
CA LEU J 20 -18.31 -8.01 -52.33
C LEU J 20 -17.99 -6.86 -53.27
N GLY J 21 -17.74 -7.13 -54.55
CA GLY J 21 -17.50 -6.10 -55.54
C GLY J 21 -16.06 -5.94 -55.97
N TYR J 22 -15.11 -6.43 -55.17
CA TYR J 22 -13.70 -6.20 -55.45
C TYR J 22 -13.27 -6.92 -56.74
N ARG J 23 -12.23 -6.38 -57.37
CA ARG J 23 -11.63 -6.95 -58.57
C ARG J 23 -10.18 -7.29 -58.25
N THR J 24 -9.90 -8.56 -57.98
CA THR J 24 -8.56 -8.98 -57.62
C THR J 24 -8.46 -10.49 -57.76
N LYS J 25 -7.22 -10.97 -57.87
CA LYS J 25 -6.94 -12.40 -57.95
C LYS J 25 -6.36 -12.95 -56.66
N GLU J 26 -6.40 -12.16 -55.58
CA GLU J 26 -5.96 -12.63 -54.28
C GLU J 26 -6.88 -13.74 -53.77
N GLU J 27 -6.41 -14.45 -52.75
CA GLU J 27 -7.15 -15.55 -52.16
C GLU J 27 -7.19 -15.38 -50.65
N LEU J 28 -8.00 -16.22 -50.00
CA LEU J 28 -8.27 -16.07 -48.57
C LEU J 28 -8.75 -17.39 -48.01
N ILE J 29 -8.78 -17.46 -46.68
CA ILE J 29 -9.35 -18.59 -45.95
C ILE J 29 -10.46 -18.04 -45.06
N PHE J 30 -11.67 -18.54 -45.25
CA PHE J 30 -12.86 -18.07 -44.56
C PHE J 30 -13.30 -19.12 -43.56
N ARG J 31 -13.57 -18.69 -42.32
CA ARG J 31 -13.98 -19.58 -41.25
C ARG J 31 -15.34 -19.16 -40.72
N TYR J 32 -16.19 -20.14 -40.43
CA TYR J 32 -17.55 -19.87 -39.99
C TYR J 32 -17.96 -20.90 -38.94
N CYS J 33 -19.05 -20.59 -38.24
CA CYS J 33 -19.61 -21.47 -37.21
C CYS J 33 -20.82 -22.19 -37.76
N SER J 34 -20.88 -23.50 -37.53
CA SER J 34 -22.01 -24.31 -37.99
C SER J 34 -22.12 -25.53 -37.11
N GLY J 35 -23.28 -25.72 -36.48
CA GLY J 35 -23.51 -26.87 -35.63
C GLY J 35 -24.78 -26.75 -34.82
N PRO J 36 -25.21 -27.88 -34.23
CA PRO J 36 -26.45 -27.85 -33.44
C PRO J 36 -26.22 -27.45 -31.99
N CYS J 37 -26.95 -26.43 -31.53
CA CYS J 37 -26.91 -26.00 -30.14
C CYS J 37 -28.08 -26.56 -29.33
N HIS J 38 -28.62 -27.71 -29.74
CA HIS J 38 -29.79 -28.25 -29.08
C HIS J 38 -29.50 -28.61 -27.62
N ASP J 39 -28.34 -29.22 -27.36
CA ASP J 39 -27.97 -29.62 -26.01
C ASP J 39 -27.53 -28.44 -25.15
N ALA J 40 -27.72 -27.20 -25.62
CA ALA J 40 -27.45 -26.01 -24.84
C ALA J 40 -28.71 -25.15 -24.70
N GLU J 41 -29.88 -25.79 -24.76
CA GLU J 41 -31.14 -25.08 -24.70
C GLU J 41 -31.58 -24.91 -23.25
N THR J 42 -32.15 -23.75 -22.95
CA THR J 42 -32.69 -23.44 -21.63
C THR J 42 -34.20 -23.56 -21.64
N ASN J 43 -34.79 -23.49 -20.45
CA ASN J 43 -36.25 -23.42 -20.34
C ASN J 43 -36.80 -22.33 -21.25
N TYR J 44 -36.10 -21.19 -21.32
CA TYR J 44 -36.51 -20.09 -22.19
C TYR J 44 -36.75 -20.58 -23.61
N ASP J 45 -35.78 -21.32 -24.17
CA ASP J 45 -35.94 -21.86 -25.51
C ASP J 45 -37.12 -22.82 -25.57
N LYS J 46 -37.22 -23.73 -24.59
CA LYS J 46 -38.31 -24.69 -24.57
C LYS J 46 -39.66 -23.98 -24.57
N ILE J 47 -39.77 -22.87 -23.84
CA ILE J 47 -41.03 -22.14 -23.79
C ILE J 47 -41.35 -21.49 -25.13
N LEU J 48 -40.32 -20.95 -25.80
CA LEU J 48 -40.55 -20.30 -27.09
C LEU J 48 -41.05 -21.29 -28.13
N ASN J 49 -40.53 -22.52 -28.09
CA ASN J 49 -40.95 -23.53 -29.05
C ASN J 49 -42.33 -24.10 -28.72
N ASN J 50 -42.75 -24.03 -27.47
CA ASN J 50 -44.09 -24.48 -27.10
C ASN J 50 -45.14 -23.40 -27.35
N LEU J 51 -44.78 -22.13 -27.13
CA LEU J 51 -45.74 -21.05 -27.37
C LEU J 51 -46.02 -20.88 -28.85
N THR J 52 -45.00 -21.01 -29.70
CA THR J 52 -45.23 -20.92 -31.14
C THR J 52 -46.13 -22.05 -31.63
N HIS J 53 -46.03 -23.23 -31.01
CA HIS J 53 -46.83 -24.36 -31.47
C HIS J 53 -48.28 -24.23 -31.05
N ASN J 54 -48.53 -23.77 -29.81
CA ASN J 54 -49.90 -23.55 -29.35
C ASN J 54 -50.45 -22.19 -29.76
N LYS J 55 -49.63 -21.35 -30.41
CA LYS J 55 -50.08 -20.10 -31.02
C LYS J 55 -50.40 -19.02 -29.99
N LYS J 56 -49.75 -19.07 -28.82
CA LYS J 56 -49.80 -17.93 -27.91
C LYS J 56 -48.92 -16.79 -28.39
N LEU J 57 -47.78 -17.12 -29.01
CA LEU J 57 -46.97 -16.15 -29.75
C LEU J 57 -47.50 -16.12 -31.19
N ASP J 58 -48.61 -15.39 -31.37
CA ASP J 58 -49.34 -15.44 -32.63
C ASP J 58 -48.48 -14.97 -33.80
N LYS J 59 -47.84 -13.81 -33.67
CA LYS J 59 -47.14 -13.19 -34.78
C LYS J 59 -45.63 -13.10 -34.57
N ASP J 60 -45.18 -12.53 -33.44
CA ASP J 60 -43.74 -12.42 -33.20
C ASP J 60 -43.07 -13.78 -33.37
N THR J 61 -41.82 -13.74 -33.83
CA THR J 61 -41.03 -14.95 -34.12
C THR J 61 -39.65 -14.78 -33.49
N PRO J 62 -39.56 -14.96 -32.17
CA PRO J 62 -38.25 -14.79 -31.50
C PRO J 62 -37.28 -15.89 -31.90
N SER J 63 -36.03 -15.69 -31.50
CA SER J 63 -34.92 -16.53 -31.94
C SER J 63 -34.50 -17.47 -30.82
N ARG J 64 -34.31 -18.74 -31.16
CA ARG J 64 -33.80 -19.73 -30.23
C ARG J 64 -32.26 -19.63 -30.19
N THR J 65 -31.61 -20.54 -29.47
CA THR J 65 -30.16 -20.54 -29.39
C THR J 65 -29.53 -20.56 -30.78
N CYS J 66 -28.50 -19.73 -30.96
CA CYS J 66 -27.79 -19.63 -32.22
C CYS J 66 -26.35 -20.12 -32.05
N CYS J 67 -25.83 -20.79 -33.07
CA CYS J 67 -24.42 -21.19 -33.13
C CYS J 67 -23.69 -20.07 -33.87
N ARG J 68 -23.13 -19.15 -33.10
CA ARG J 68 -22.58 -17.90 -33.61
C ARG J 68 -21.12 -17.74 -33.17
N PRO J 69 -20.37 -16.88 -33.85
CA PRO J 69 -18.99 -16.62 -33.42
C PRO J 69 -18.94 -15.69 -32.22
N ILE J 70 -18.00 -15.97 -31.33
CA ILE J 70 -17.77 -15.12 -30.16
C ILE J 70 -16.45 -14.37 -30.25
N ALA J 71 -15.60 -14.67 -31.23
CA ALA J 71 -14.33 -13.97 -31.43
C ALA J 71 -14.03 -13.96 -32.93
N PHE J 72 -13.73 -12.79 -33.48
CA PHE J 72 -13.46 -12.67 -34.90
C PHE J 72 -11.96 -12.79 -35.18
N ASP J 73 -11.64 -13.15 -36.42
CA ASP J 73 -10.27 -13.40 -36.83
C ASP J 73 -9.57 -12.10 -37.21
N ASP J 74 -8.26 -12.18 -37.34
CA ASP J 74 -7.44 -11.02 -37.72
C ASP J 74 -7.95 -10.37 -39.00
N ASP J 75 -7.65 -9.10 -39.19
CA ASP J 75 -8.01 -8.42 -40.43
C ASP J 75 -7.22 -9.00 -41.60
N ILE J 76 -7.75 -8.78 -42.81
CA ILE J 76 -7.12 -9.22 -44.04
C ILE J 76 -7.11 -8.07 -45.02
N SER J 77 -6.02 -7.93 -45.77
CA SER J 77 -5.85 -6.87 -46.76
C SER J 77 -5.40 -7.49 -48.07
N PHE J 78 -5.68 -6.80 -49.16
CA PHE J 78 -5.33 -7.29 -50.49
C PHE J 78 -5.15 -6.11 -51.44
N LEU J 79 -4.67 -6.43 -52.64
CA LEU J 79 -4.40 -5.44 -53.68
C LEU J 79 -5.21 -5.78 -54.92
N ASP J 80 -5.91 -4.81 -55.47
CA ASP J 80 -6.79 -5.04 -56.61
C ASP J 80 -6.08 -4.75 -57.93
N ASP J 81 -6.76 -5.06 -59.03
CA ASP J 81 -6.15 -4.93 -60.35
C ASP J 81 -5.76 -3.50 -60.65
N SER J 82 -6.46 -2.52 -60.08
CA SER J 82 -6.15 -1.11 -60.29
C SER J 82 -5.10 -0.60 -59.32
N LEU J 83 -4.29 -1.49 -58.74
CA LEU J 83 -3.19 -1.11 -57.85
C LEU J 83 -3.69 -0.24 -56.69
N GLU J 84 -4.76 -0.70 -56.05
CA GLU J 84 -5.30 -0.03 -54.87
C GLU J 84 -5.48 -1.06 -53.77
N TYR J 85 -5.25 -0.64 -52.53
CA TYR J 85 -5.33 -1.53 -51.40
C TYR J 85 -6.70 -1.47 -50.75
N HIS J 86 -7.18 -2.63 -50.28
CA HIS J 86 -8.44 -2.73 -49.54
C HIS J 86 -8.24 -3.67 -48.37
N THR J 87 -8.85 -3.32 -47.23
CA THR J 87 -8.74 -4.12 -46.01
C THR J 87 -10.15 -4.42 -45.49
N LEU J 88 -10.32 -5.64 -44.97
CA LEU J 88 -11.59 -6.09 -44.41
C LEU J 88 -11.40 -6.44 -42.94
N LYS J 89 -12.41 -6.13 -42.13
CA LYS J 89 -12.36 -6.35 -40.70
C LYS J 89 -13.61 -7.11 -40.27
N LYS J 90 -13.43 -8.07 -39.36
CA LYS J 90 -14.53 -8.90 -38.88
C LYS J 90 -15.23 -9.60 -40.03
N HIS J 91 -14.47 -10.48 -40.70
CA HIS J 91 -14.95 -11.24 -41.84
C HIS J 91 -14.89 -12.75 -41.63
N SER J 92 -14.21 -13.22 -40.58
CA SER J 92 -14.05 -14.65 -40.34
C SER J 92 -14.09 -14.90 -38.84
N ALA J 93 -14.55 -16.11 -38.48
CA ALA J 93 -14.80 -16.45 -37.09
C ALA J 93 -13.58 -17.12 -36.48
N LYS J 94 -13.09 -16.56 -35.38
CA LYS J 94 -11.95 -17.15 -34.67
C LYS J 94 -12.38 -18.19 -33.64
N LYS J 95 -13.49 -17.94 -32.93
CA LYS J 95 -13.99 -18.87 -31.94
C LYS J 95 -15.52 -18.88 -31.97
N CYS J 96 -16.10 -20.06 -31.77
CA CYS J 96 -17.55 -20.25 -31.81
C CYS J 96 -18.06 -20.66 -30.44
N ALA J 97 -19.38 -20.57 -30.27
CA ALA J 97 -20.05 -20.97 -29.04
C ALA J 97 -21.55 -20.81 -29.24
N CYS J 98 -22.31 -21.48 -28.38
CA CYS J 98 -23.77 -21.38 -28.40
C CYS J 98 -24.20 -20.12 -27.68
N VAL J 99 -24.97 -19.27 -28.36
CA VAL J 99 -25.38 -17.98 -27.81
C VAL J 99 -26.89 -17.93 -27.65
N GLU K 55 -14.61 47.06 44.28
CA GLU K 55 -14.68 46.77 42.85
C GLU K 55 -15.85 45.84 42.56
N ASN K 56 -16.20 45.72 41.27
CA ASN K 56 -17.29 44.84 40.86
C ASN K 56 -16.82 43.39 40.89
N ASN K 57 -17.65 42.50 41.44
CA ASN K 57 -17.34 41.08 41.40
C ASN K 57 -17.18 40.59 39.97
N CYS K 58 -17.80 41.27 39.01
CA CYS K 58 -17.67 40.89 37.61
C CYS K 58 -16.32 41.32 37.04
N LEU K 59 -15.88 42.53 37.36
CA LEU K 59 -14.57 42.99 36.90
C LEU K 59 -13.46 42.18 37.52
N ASN K 60 -13.58 41.81 38.80
CA ASN K 60 -12.59 40.96 39.43
C ASN K 60 -12.56 39.57 38.80
N ALA K 61 -13.72 39.07 38.36
CA ALA K 61 -13.76 37.77 37.69
C ALA K 61 -13.01 37.82 36.37
N ALA K 62 -13.23 38.87 35.57
CA ALA K 62 -12.50 39.01 34.31
C ALA K 62 -11.00 39.07 34.57
N LYS K 63 -10.58 39.80 35.59
CA LYS K 63 -9.16 39.82 35.95
C LYS K 63 -8.66 38.42 36.26
N ALA K 64 -9.41 37.67 37.07
CA ALA K 64 -9.00 36.32 37.43
C ALA K 64 -8.95 35.42 36.20
N CYS K 65 -9.74 35.72 35.17
CA CYS K 65 -9.71 34.92 33.95
C CYS K 65 -8.43 35.18 33.17
N ASN K 66 -8.12 36.46 32.91
CA ASN K 66 -6.91 36.79 32.16
C ASN K 66 -5.65 36.26 32.85
N LEU K 67 -5.67 36.13 34.17
CA LEU K 67 -4.52 35.61 34.90
C LEU K 67 -4.46 34.09 34.89
N ASN K 68 -5.50 33.41 34.45
CA ASN K 68 -5.51 31.96 34.31
C ASN K 68 -5.28 31.63 32.84
N ASP K 69 -4.22 30.88 32.55
CA ASP K 69 -3.86 30.61 31.15
C ASP K 69 -5.00 29.95 30.41
N THR K 70 -5.68 28.99 31.05
CA THR K 70 -6.78 28.30 30.38
C THR K 70 -7.94 29.24 30.08
N CYS K 71 -8.36 30.02 31.08
CA CYS K 71 -9.48 30.93 30.86
C CYS K 71 -9.10 32.04 29.89
N LYS K 72 -7.87 32.55 29.98
CA LYS K 72 -7.42 33.59 29.05
C LYS K 72 -7.47 33.08 27.62
N LYS K 73 -6.88 31.90 27.37
CA LYS K 73 -6.84 31.37 26.01
C LYS K 73 -8.23 31.24 25.42
N TYR K 74 -9.14 30.58 26.13
CA TYR K 74 -10.45 30.29 25.56
C TYR K 74 -11.37 31.50 25.57
N ARG K 75 -11.19 32.44 26.51
CA ARG K 75 -11.95 33.68 26.46
C ARG K 75 -11.61 34.46 25.19
N SER K 76 -10.32 34.57 24.88
CA SER K 76 -9.91 35.20 23.62
C SER K 76 -10.39 34.40 22.43
N ALA K 77 -10.51 33.07 22.57
CA ALA K 77 -10.91 32.25 21.44
C ALA K 77 -12.33 32.58 20.97
N TYR K 78 -13.22 32.94 21.88
CA TYR K 78 -14.60 33.26 21.50
C TYR K 78 -14.82 34.76 21.29
N ILE K 79 -13.98 35.62 21.85
CA ILE K 79 -14.14 37.04 21.60
C ILE K 79 -13.80 37.38 20.16
N SER K 80 -12.73 36.78 19.62
CA SER K 80 -12.29 37.09 18.26
C SER K 80 -13.37 36.82 17.22
N PRO K 81 -13.89 35.59 17.09
CA PRO K 81 -14.89 35.35 16.04
C PRO K 81 -16.15 36.19 16.21
N CYS K 82 -16.61 36.38 17.44
CA CYS K 82 -17.79 37.22 17.66
C CYS K 82 -17.51 38.71 17.43
N THR K 83 -16.23 39.09 17.36
CA THR K 83 -15.85 40.48 17.16
C THR K 83 -15.17 40.72 15.81
N SER K 84 -15.15 39.72 14.93
CA SER K 84 -14.55 39.83 13.60
C SER K 84 -15.66 39.92 12.57
N ARG K 85 -15.68 41.03 11.82
CA ARG K 85 -16.73 41.25 10.83
C ARG K 85 -16.37 40.53 9.52
N VAL K 86 -17.31 39.75 9.01
CA VAL K 86 -17.08 39.03 7.77
C VAL K 86 -17.47 39.87 6.55
N SER K 87 -18.40 40.80 6.70
CA SER K 87 -18.86 41.63 5.60
C SER K 87 -19.58 42.85 6.15
N THR K 88 -19.86 43.80 5.26
CA THR K 88 -20.60 44.99 5.68
C THR K 88 -22.00 44.63 6.13
N ALA K 89 -22.59 43.56 5.58
CA ALA K 89 -23.94 43.18 5.96
C ALA K 89 -23.94 42.31 7.22
N GLU K 90 -22.99 41.39 7.35
CA GLU K 90 -22.94 40.44 8.44
C GLU K 90 -21.92 40.89 9.48
N VAL K 91 -22.36 40.96 10.74
CA VAL K 91 -21.49 41.47 11.80
C VAL K 91 -20.51 40.43 12.31
N CYS K 92 -20.73 39.15 12.03
CA CYS K 92 -19.89 38.08 12.56
C CYS K 92 -20.36 36.77 11.94
N ASN K 93 -19.52 35.75 12.10
CA ASN K 93 -19.91 34.38 11.74
C ASN K 93 -20.59 33.78 12.97
N LYS K 94 -21.89 34.04 13.08
CA LYS K 94 -22.63 33.63 14.27
C LYS K 94 -22.41 32.15 14.59
N ARG K 95 -22.34 31.31 13.55
CA ARG K 95 -22.13 29.89 13.78
C ARG K 95 -20.81 29.62 14.50
N LYS K 96 -19.75 30.32 14.09
CA LYS K 96 -18.45 30.14 14.74
C LYS K 96 -18.43 30.82 16.10
N CYS K 97 -19.24 31.86 16.29
CA CYS K 97 -19.31 32.53 17.59
C CYS K 97 -19.97 31.63 18.62
N HIS K 98 -21.08 30.97 18.24
CA HIS K 98 -21.73 30.06 19.17
C HIS K 98 -20.83 28.87 19.50
N LYS K 99 -20.13 28.34 18.49
CA LYS K 99 -19.28 27.17 18.72
C LYS K 99 -18.13 27.50 19.65
N ALA K 100 -17.65 28.75 19.64
CA ALA K 100 -16.59 29.16 20.55
C ALA K 100 -17.11 29.39 21.96
N LEU K 101 -18.34 29.89 22.10
CA LEU K 101 -18.94 30.05 23.42
C LEU K 101 -19.08 28.69 24.11
N ARG K 102 -19.75 27.75 23.46
CA ARG K 102 -19.87 26.41 24.01
C ARG K 102 -18.51 25.85 24.40
N GLN K 103 -17.52 26.04 23.53
CA GLN K 103 -16.17 25.58 23.85
C GLN K 103 -15.65 26.24 25.12
N PHE K 104 -15.98 27.52 25.33
CA PHE K 104 -15.47 28.23 26.50
C PHE K 104 -16.03 27.62 27.79
N PHE K 105 -17.29 27.21 27.78
CA PHE K 105 -17.90 26.64 28.98
C PHE K 105 -17.53 25.18 29.20
N ASP K 106 -16.97 24.51 28.19
CA ASP K 106 -16.57 23.12 28.33
C ASP K 106 -15.12 22.97 28.79
N LYS K 107 -14.23 23.89 28.39
CA LYS K 107 -12.81 23.78 28.70
C LYS K 107 -12.41 24.57 29.93
N VAL K 108 -12.98 25.76 30.13
CA VAL K 108 -12.59 26.60 31.27
C VAL K 108 -13.20 26.00 32.53
N PRO K 109 -12.47 25.96 33.65
CA PRO K 109 -13.07 25.45 34.89
C PRO K 109 -14.25 26.30 35.29
N PRO K 110 -15.21 25.72 36.03
CA PRO K 110 -16.43 26.49 36.36
C PRO K 110 -16.18 27.69 37.24
N LYS K 111 -15.16 27.66 38.09
CA LYS K 111 -14.89 28.80 38.96
C LYS K 111 -14.78 30.09 38.17
N HIS K 112 -14.16 30.03 36.99
CA HIS K 112 -13.95 31.21 36.16
C HIS K 112 -15.08 31.39 35.14
N SER K 113 -15.39 30.35 34.37
CA SER K 113 -16.42 30.46 33.33
C SER K 113 -17.74 30.93 33.94
N TYR K 114 -18.25 30.20 34.93
CA TYR K 114 -19.52 30.55 35.56
C TYR K 114 -19.38 31.70 36.54
N GLY K 115 -18.18 31.96 37.04
CA GLY K 115 -17.98 33.12 37.90
C GLY K 115 -18.17 34.43 37.16
N MET K 116 -17.86 34.46 35.87
CA MET K 116 -18.07 35.67 35.08
C MET K 116 -19.53 35.81 34.66
N LEU K 117 -20.15 34.70 34.26
CA LEU K 117 -21.52 34.75 33.76
C LEU K 117 -22.49 35.08 34.90
N TYR K 118 -22.33 34.42 36.04
CA TYR K 118 -23.23 34.58 37.17
C TYR K 118 -22.63 35.46 38.27
N CYS K 119 -21.80 36.43 37.90
CA CYS K 119 -21.13 37.27 38.88
C CYS K 119 -22.14 38.09 39.66
N SER K 120 -21.84 38.35 40.93
CA SER K 120 -22.74 39.07 41.81
C SER K 120 -22.64 40.57 41.58
N CYS K 121 -23.78 41.20 41.40
CA CYS K 121 -23.91 42.64 41.21
C CYS K 121 -24.53 43.28 42.45
N PRO K 122 -24.47 44.61 42.57
CA PRO K 122 -25.11 45.28 43.70
C PRO K 122 -26.60 45.51 43.52
N LEU K 123 -27.18 44.99 42.43
CA LEU K 123 -28.60 45.15 42.12
C LEU K 123 -28.94 46.58 41.71
N GLY K 124 -27.94 47.38 41.37
CA GLY K 124 -28.19 48.72 40.87
C GLY K 124 -28.56 48.71 39.40
N ASP K 125 -29.57 49.50 39.06
CA ASP K 125 -30.08 49.54 37.69
C ASP K 125 -29.01 50.10 36.75
N GLN K 126 -28.67 49.33 35.73
CA GLN K 126 -27.65 49.74 34.75
C GLN K 126 -26.30 49.95 35.44
N SER K 127 -25.99 49.12 36.42
CA SER K 127 -24.70 49.19 37.07
C SER K 127 -23.59 48.78 36.11
N ALA K 128 -22.37 49.23 36.41
CA ALA K 128 -21.23 48.87 35.57
C ALA K 128 -21.05 47.36 35.51
N CYS K 129 -21.15 46.69 36.65
CA CYS K 129 -21.06 45.23 36.68
C CYS K 129 -22.09 44.61 35.74
N SER K 130 -23.35 45.06 35.85
CA SER K 130 -24.42 44.47 35.05
C SER K 130 -24.15 44.63 33.56
N GLU K 131 -23.65 45.81 33.16
CA GLU K 131 -23.31 46.01 31.76
C GLU K 131 -22.14 45.11 31.34
N ARG K 132 -21.10 45.05 32.17
CA ARG K 132 -20.00 44.12 31.90
C ARG K 132 -20.51 42.69 31.82
N ARG K 133 -21.37 42.29 32.76
CA ARG K 133 -21.93 40.94 32.73
C ARG K 133 -22.79 40.73 31.50
N ARG K 134 -23.52 41.75 31.08
CA ARG K 134 -24.41 41.59 29.93
C ARG K 134 -23.61 41.31 28.66
N GLN K 135 -22.45 41.98 28.50
CA GLN K 135 -21.60 41.80 27.34
C GLN K 135 -20.77 40.52 27.41
N THR K 136 -20.94 39.70 28.46
CA THR K 136 -20.12 38.51 28.61
C THR K 136 -20.18 37.62 27.37
N ILE K 137 -21.37 37.47 26.78
CA ILE K 137 -21.55 36.56 25.66
C ILE K 137 -21.36 37.24 24.31
N VAL K 138 -20.97 38.51 24.30
CA VAL K 138 -20.90 39.29 23.05
C VAL K 138 -22.28 39.26 22.42
N PRO K 139 -23.31 39.78 23.09
CA PRO K 139 -24.68 39.64 22.57
C PRO K 139 -24.89 40.30 21.21
N ALA K 140 -24.01 41.23 20.83
CA ALA K 140 -24.12 41.85 19.51
C ALA K 140 -24.03 40.83 18.39
N CYS K 141 -23.45 39.66 18.65
CA CYS K 141 -23.26 38.62 17.65
C CYS K 141 -24.05 37.36 17.93
N SER K 142 -24.09 36.91 19.18
CA SER K 142 -24.73 35.64 19.52
C SER K 142 -26.21 35.79 19.82
N TYR K 143 -26.61 36.88 20.46
CA TYR K 143 -27.98 37.03 20.95
C TYR K 143 -28.83 37.81 19.96
N GLU K 144 -28.53 39.09 19.76
CA GLU K 144 -29.31 39.93 18.87
C GLU K 144 -29.38 39.33 17.46
N ASP K 145 -30.37 39.78 16.70
CA ASP K 145 -30.49 39.43 15.30
C ASP K 145 -31.42 40.43 14.64
N LYS K 146 -31.43 40.42 13.30
CA LYS K 146 -32.21 41.40 12.55
C LYS K 146 -33.70 41.25 12.86
N GLU K 147 -34.22 40.04 12.80
CA GLU K 147 -35.63 39.77 12.97
C GLU K 147 -35.86 39.04 14.29
N ARG K 148 -36.80 39.55 15.09
CA ARG K 148 -37.20 38.90 16.33
C ARG K 148 -38.29 37.89 16.02
N PRO K 149 -38.03 36.59 16.12
CA PRO K 149 -39.04 35.60 15.73
C PRO K 149 -40.14 35.46 16.78
N ASN K 150 -41.25 34.89 16.33
CA ASN K 150 -42.30 34.48 17.26
C ASN K 150 -41.85 33.24 18.01
N CYS K 151 -42.21 33.17 19.30
CA CYS K 151 -41.65 32.14 20.15
C CYS K 151 -42.07 30.74 19.72
N LEU K 152 -43.22 30.61 19.04
CA LEU K 152 -43.62 29.30 18.55
C LEU K 152 -42.67 28.81 17.47
N THR K 153 -42.26 29.71 16.57
CA THR K 153 -41.35 29.31 15.50
C THR K 153 -39.97 28.98 16.04
N LEU K 154 -39.50 29.76 17.02
CA LEU K 154 -38.18 29.51 17.60
C LEU K 154 -38.11 28.16 18.29
N GLN K 155 -39.22 27.72 18.90
CA GLN K 155 -39.25 26.40 19.52
C GLN K 155 -39.18 25.29 18.48
N VAL K 156 -39.85 25.50 17.33
CA VAL K 156 -39.79 24.51 16.26
C VAL K 156 -38.36 24.39 15.73
N SER K 157 -37.64 25.51 15.69
CA SER K 157 -36.26 25.47 15.22
C SER K 157 -35.36 24.77 16.21
N CYS K 158 -35.51 25.07 17.50
CA CYS K 158 -34.68 24.41 18.51
C CYS K 158 -34.97 22.93 18.61
N LYS K 159 -36.22 22.53 18.37
CA LYS K 159 -36.60 21.13 18.48
C LYS K 159 -36.23 20.31 17.26
N THR K 160 -35.83 20.95 16.16
CA THR K 160 -35.33 20.18 15.02
C THR K 160 -33.90 19.71 15.26
N ASN K 161 -33.13 20.47 16.03
CA ASN K 161 -31.75 20.13 16.34
C ASN K 161 -31.73 19.31 17.63
N TYR K 162 -31.16 18.10 17.56
CA TYR K 162 -31.20 17.20 18.71
C TYR K 162 -30.59 17.83 19.95
N ILE K 163 -29.47 18.55 19.79
CA ILE K 163 -28.76 19.06 20.96
C ILE K 163 -29.56 20.18 21.62
N CYS K 164 -30.10 21.11 20.82
CA CYS K 164 -30.90 22.18 21.40
C CYS K 164 -32.13 21.64 22.10
N ARG K 165 -32.78 20.65 21.49
CA ARG K 165 -33.98 20.06 22.07
C ARG K 165 -33.70 19.51 23.46
N SER K 166 -32.65 18.70 23.60
CA SER K 166 -32.31 18.15 24.91
C SER K 166 -31.98 19.26 25.90
N ARG K 167 -31.15 20.23 25.47
CA ARG K 167 -30.77 21.32 26.35
C ARG K 167 -31.99 22.09 26.83
N LEU K 168 -33.02 22.22 26.00
CA LEU K 168 -34.23 22.91 26.40
C LEU K 168 -35.05 22.05 27.37
N ALA K 169 -35.23 20.77 27.05
CA ALA K 169 -35.93 19.87 27.96
C ALA K 169 -35.26 19.84 29.33
N ASP K 170 -33.93 19.73 29.36
CA ASP K 170 -33.23 19.75 30.63
C ASP K 170 -33.43 21.06 31.37
N PHE K 171 -33.64 22.17 30.64
CA PHE K 171 -33.83 23.45 31.30
C PHE K 171 -35.17 23.49 32.04
N PHE K 172 -36.26 23.15 31.34
CA PHE K 172 -37.58 23.23 31.97
C PHE K 172 -37.69 22.23 33.12
N THR K 173 -37.16 21.02 32.93
CA THR K 173 -37.28 20.01 33.97
C THR K 173 -36.55 20.42 35.25
N ASN K 174 -35.34 20.96 35.11
CA ASN K 174 -34.49 21.19 36.28
C ASN K 174 -34.70 22.54 36.95
N CYS K 175 -35.30 23.51 36.26
CA CYS K 175 -35.51 24.84 36.81
C CYS K 175 -36.99 25.12 37.12
N GLN K 176 -37.76 24.06 37.36
CA GLN K 176 -39.17 24.23 37.68
C GLN K 176 -39.32 24.96 39.01
N PRO K 177 -40.10 26.03 39.08
CA PRO K 177 -40.29 26.73 40.36
C PRO K 177 -41.38 26.07 41.21
N GLU K 178 -41.29 26.35 42.51
CA GLU K 178 -42.26 25.84 43.49
C GLU K 178 -42.43 26.88 44.59
N PRO K 179 -43.54 27.63 44.60
CA PRO K 179 -43.71 28.65 45.65
C PRO K 179 -43.63 28.09 47.06
N LEU K 180 -43.95 26.82 47.25
CA LEU K 180 -43.93 26.23 48.58
C LEU K 180 -42.51 25.96 49.06
N SER K 181 -41.58 25.70 48.15
CA SER K 181 -40.23 25.29 48.52
C SER K 181 -39.42 26.47 49.01
N LEU K 182 -38.67 26.26 50.10
CA LEU K 182 -37.81 27.32 50.63
C LEU K 182 -36.75 27.72 49.62
N SER K 183 -36.22 26.75 48.87
CA SER K 183 -35.22 27.07 47.86
C SER K 183 -35.84 27.74 46.64
N GLY K 184 -37.09 27.42 46.33
CA GLY K 184 -37.76 27.92 45.16
C GLY K 184 -37.78 26.96 44.00
N CYS K 185 -36.96 25.91 44.04
CA CYS K 185 -36.88 24.93 42.97
C CYS K 185 -37.65 23.68 43.37
N LEU K 186 -38.51 23.20 42.47
CA LEU K 186 -39.21 21.94 42.71
C LEU K 186 -38.21 20.80 42.91
N LYS K 187 -37.15 20.77 42.09
CA LYS K 187 -36.17 19.69 42.14
C LYS K 187 -35.14 19.90 43.25
N GLU K 188 -35.04 21.09 43.83
CA GLU K 188 -34.22 21.36 45.00
C GLU K 188 -32.72 21.24 44.72
N ASN K 189 -32.30 21.40 43.47
CA ASN K 189 -30.88 21.41 43.13
C ASN K 189 -30.61 22.64 42.28
N TYR K 190 -29.88 23.61 42.85
CA TYR K 190 -29.51 24.79 42.10
C TYR K 190 -28.53 24.45 40.97
N ALA K 191 -27.55 23.59 41.25
CA ALA K 191 -26.52 23.28 40.26
C ALA K 191 -27.15 22.73 38.99
N ASP K 192 -28.05 21.76 39.12
CA ASP K 192 -28.68 21.19 37.93
C ASP K 192 -29.46 22.23 37.14
N CYS K 193 -29.89 23.32 37.78
CA CYS K 193 -30.59 24.37 37.05
C CYS K 193 -29.63 25.34 36.40
N LEU K 194 -28.48 25.61 37.03
CA LEU K 194 -27.49 26.51 36.43
C LEU K 194 -26.91 25.90 35.16
N LEU K 195 -26.58 24.61 35.19
CA LEU K 195 -26.01 23.96 34.02
C LEU K 195 -27.03 23.91 32.87
N SER K 196 -28.26 23.48 33.17
CA SER K 196 -29.27 23.41 32.12
C SER K 196 -29.45 24.77 31.45
N TYR K 197 -29.32 25.85 32.23
CA TYR K 197 -29.42 27.18 31.65
C TYR K 197 -28.23 27.47 30.75
N SER K 198 -27.01 27.38 31.30
CA SER K 198 -25.82 27.67 30.51
C SER K 198 -25.78 26.84 29.24
N GLY K 199 -26.23 25.58 29.31
CA GLY K 199 -26.24 24.71 28.15
C GLY K 199 -27.02 25.26 26.97
N LEU K 200 -27.80 26.32 27.16
CA LEU K 200 -28.51 26.97 26.07
C LEU K 200 -27.74 28.14 25.48
N ILE K 201 -26.60 28.52 26.06
CA ILE K 201 -25.90 29.74 25.67
C ILE K 201 -25.29 29.66 24.28
N GLY K 202 -25.22 28.47 23.68
CA GLY K 202 -24.64 28.34 22.35
C GLY K 202 -25.61 27.85 21.29
N THR K 203 -26.91 27.84 21.61
CA THR K 203 -27.93 27.35 20.71
C THR K 203 -28.77 28.50 20.16
N VAL K 204 -29.72 28.16 19.27
CA VAL K 204 -30.63 29.17 18.76
C VAL K 204 -31.41 29.81 19.89
N MET K 205 -31.58 29.08 21.01
CA MET K 205 -32.27 29.58 22.19
C MET K 205 -31.33 30.30 23.15
N THR K 206 -30.31 30.97 22.64
CA THR K 206 -29.32 31.63 23.50
C THR K 206 -29.99 32.69 24.35
N PRO K 207 -29.93 32.59 25.69
CA PRO K 207 -30.49 33.64 26.54
C PRO K 207 -29.45 34.64 27.01
N ASN K 208 -29.87 35.82 27.44
CA ASN K 208 -28.96 36.82 27.98
C ASN K 208 -29.74 37.76 28.88
N TYR K 209 -29.01 38.43 29.77
CA TYR K 209 -29.64 39.31 30.74
C TYR K 209 -30.37 40.46 30.04
N LEU K 210 -31.50 40.85 30.62
CA LEU K 210 -32.24 42.03 30.19
C LEU K 210 -31.97 43.16 31.16
N ARG K 211 -32.16 44.39 30.67
CA ARG K 211 -31.93 45.59 31.49
C ARG K 211 -33.15 45.82 32.36
N SER K 212 -33.07 45.41 33.61
CA SER K 212 -34.15 45.56 34.57
C SER K 212 -33.55 45.83 35.94
N PRO K 213 -34.34 46.39 36.87
CA PRO K 213 -33.84 46.51 38.24
C PRO K 213 -33.58 45.17 38.89
N LYS K 214 -34.33 44.14 38.51
CA LYS K 214 -34.18 42.80 39.03
C LYS K 214 -33.27 41.98 38.10
N ILE K 215 -33.14 40.69 38.37
CA ILE K 215 -32.43 39.78 37.47
C ILE K 215 -33.47 39.16 36.53
N SER K 216 -33.39 39.50 35.25
CA SER K 216 -34.26 38.95 34.23
C SER K 216 -33.42 38.43 33.07
N VAL K 217 -33.75 37.24 32.59
CA VAL K 217 -33.12 36.63 31.44
C VAL K 217 -34.21 36.21 30.46
N SER K 218 -33.92 36.31 29.17
CA SER K 218 -34.91 35.99 28.15
C SER K 218 -34.20 35.58 26.87
N PRO K 219 -34.81 34.70 26.07
CA PRO K 219 -34.33 34.47 24.71
C PRO K 219 -34.79 35.59 23.80
N PHE K 220 -34.28 35.58 22.57
CA PHE K 220 -34.65 36.59 21.58
C PHE K 220 -35.95 36.14 20.91
N CYS K 221 -37.06 36.37 21.62
CA CYS K 221 -38.37 35.96 21.15
C CYS K 221 -39.40 36.95 21.66
N ASP K 222 -40.56 36.94 21.00
CA ASP K 222 -41.69 37.77 21.40
C ASP K 222 -42.98 37.03 21.09
N CYS K 223 -43.99 37.26 21.91
CA CYS K 223 -45.29 36.61 21.79
C CYS K 223 -46.33 37.60 21.29
N SER K 224 -47.18 37.15 20.37
CA SER K 224 -48.23 38.01 19.83
C SER K 224 -49.45 37.17 19.42
N ASN K 228 -54.06 32.96 17.23
CA ASN K 228 -55.07 32.16 17.92
C ASN K 228 -54.76 32.05 19.41
N SER K 229 -53.87 31.13 19.77
CA SER K 229 -53.49 30.90 21.15
C SER K 229 -52.23 31.68 21.49
N LYS K 230 -52.21 32.27 22.70
CA LYS K 230 -51.07 33.05 23.17
C LYS K 230 -50.68 32.74 24.61
N GLU K 231 -51.54 32.10 25.40
CA GLU K 231 -51.20 31.82 26.79
C GLU K 231 -50.01 30.88 26.89
N GLU K 232 -49.97 29.86 26.03
CA GLU K 232 -48.82 28.95 26.01
C GLU K 232 -47.54 29.69 25.69
N CYS K 233 -47.61 30.75 24.87
CA CYS K 233 -46.43 31.55 24.58
C CYS K 233 -46.07 32.43 25.78
N ASP K 234 -47.07 32.92 26.52
CA ASP K 234 -46.79 33.71 27.70
C ASP K 234 -46.18 32.85 28.81
N ARG K 235 -46.54 31.57 28.87
CA ARG K 235 -45.92 30.67 29.84
C ARG K 235 -44.45 30.47 29.53
N PHE K 236 -44.11 30.36 28.24
CA PHE K 236 -42.72 30.12 27.86
C PHE K 236 -41.83 31.29 28.24
N THR K 237 -42.22 32.51 27.85
CA THR K 237 -41.43 33.68 28.19
C THR K 237 -41.33 33.87 29.69
N GLU K 238 -42.42 33.60 30.42
CA GLU K 238 -42.40 33.76 31.87
C GLU K 238 -41.45 32.77 32.55
N PHE K 239 -41.16 31.64 31.90
CA PHE K 239 -40.27 30.66 32.52
C PHE K 239 -38.84 31.20 32.62
N PHE K 240 -38.45 32.07 31.70
CA PHE K 240 -37.13 32.69 31.76
C PHE K 240 -37.14 33.99 32.56
N THR K 241 -38.16 34.84 32.36
CA THR K 241 -38.13 36.19 32.90
C THR K 241 -38.39 36.22 34.40
N ASP K 242 -39.35 35.42 34.87
CA ASP K 242 -39.75 35.41 36.29
C ASP K 242 -39.80 33.96 36.77
N ASN K 243 -38.64 33.44 37.15
CA ASN K 243 -38.50 32.08 37.67
C ASN K 243 -37.68 32.17 38.95
N ALA K 244 -38.35 32.02 40.09
CA ALA K 244 -37.67 32.17 41.38
C ALA K 244 -36.59 31.11 41.56
N CYS K 245 -36.73 29.95 40.90
CA CYS K 245 -35.70 28.93 40.97
C CYS K 245 -34.44 29.37 40.27
N LEU K 246 -34.58 29.94 39.06
CA LEU K 246 -33.42 30.40 38.32
C LEU K 246 -32.77 31.61 38.99
N ARG K 247 -33.59 32.56 39.46
CA ARG K 247 -33.05 33.75 40.09
C ARG K 247 -32.26 33.40 41.35
N ASN K 248 -32.79 32.49 42.16
CA ASN K 248 -32.12 32.15 43.41
C ASN K 248 -30.83 31.38 43.17
N ALA K 249 -30.79 30.56 42.11
CA ALA K 249 -29.55 29.84 41.79
C ALA K 249 -28.46 30.80 41.36
N ILE K 250 -28.77 31.72 40.45
CA ILE K 250 -27.76 32.65 39.95
C ILE K 250 -27.21 33.51 41.08
N GLN K 251 -28.04 33.84 42.06
CA GLN K 251 -27.56 34.60 43.22
C GLN K 251 -26.91 33.73 44.27
N ALA K 252 -26.96 32.40 44.11
CA ALA K 252 -26.25 31.49 44.99
C ALA K 252 -24.80 31.28 44.53
N PHE K 253 -24.61 31.03 43.24
CA PHE K 253 -23.25 30.90 42.72
C PHE K 253 -22.47 32.19 42.93
N GLY K 254 -23.09 33.34 42.65
CA GLY K 254 -22.41 34.60 42.87
C GLY K 254 -21.99 34.81 44.32
N ASN K 255 -22.84 34.37 45.26
CA ASN K 255 -22.46 34.46 46.67
C ASN K 255 -21.28 33.57 47.00
N GLY K 256 -21.16 32.42 46.32
CA GLY K 256 -20.10 31.47 46.61
C GLY K 256 -18.78 31.83 45.97
N THR K 257 -18.82 32.26 44.72
CA THR K 257 -17.62 32.61 43.96
C THR K 257 -17.25 34.09 44.11
N GLY K 258 -17.68 34.74 45.20
CA GLY K 258 -17.36 36.13 45.43
C GLY K 258 -17.07 36.38 46.89
N SER K 259 -16.79 37.65 47.20
CA SER K 259 -16.50 38.05 48.57
C SER K 259 -17.28 39.31 48.94
N ARG L 4 21.60 27.99 29.02
CA ARG L 4 20.95 28.73 30.10
C ARG L 4 21.19 30.22 29.95
N GLY L 5 20.93 30.97 31.02
CA GLY L 5 21.08 32.42 30.98
C GLY L 5 19.86 33.08 30.38
N CYS L 6 19.72 32.98 29.05
CA CYS L 6 18.51 33.45 28.40
C CYS L 6 17.31 32.73 29.01
N LEU L 7 16.44 33.50 29.66
CA LEU L 7 15.39 32.94 30.49
C LEU L 7 14.16 33.82 30.43
N LEU L 8 13.01 33.22 30.72
CA LEU L 8 11.73 33.91 30.65
C LEU L 8 11.35 34.43 32.04
N LYS L 9 10.93 35.70 32.09
CA LYS L 9 10.55 36.34 33.34
C LYS L 9 9.15 36.94 33.19
N GLU L 10 8.43 37.00 34.30
CA GLU L 10 7.02 37.36 34.30
C GLU L 10 6.77 38.58 35.17
N ILE L 11 5.64 39.24 34.91
CA ILE L 11 5.27 40.46 35.63
C ILE L 11 3.76 40.63 35.54
N HIS L 12 3.17 41.19 36.60
CA HIS L 12 1.74 41.53 36.63
C HIS L 12 1.60 43.02 36.40
N LEU L 13 0.76 43.40 35.44
CA LEU L 13 0.60 44.79 35.04
C LEU L 13 -0.87 45.09 34.82
N ASN L 14 -1.23 46.37 34.96
CA ASN L 14 -2.49 46.81 34.41
C ASN L 14 -2.40 46.83 32.88
N VAL L 15 -3.55 46.71 32.21
CA VAL L 15 -3.56 46.87 30.76
C VAL L 15 -3.12 48.27 30.37
N THR L 16 -3.32 49.25 31.26
CA THR L 16 -2.91 50.62 30.97
C THR L 16 -1.41 50.82 31.14
N ASP L 17 -0.74 49.95 31.91
CA ASP L 17 0.70 50.08 32.11
C ASP L 17 1.49 49.85 30.83
N LEU L 18 0.90 49.14 29.86
CA LEU L 18 1.57 48.94 28.58
C LEU L 18 1.57 50.21 27.72
N ASP L 19 0.76 51.21 28.08
CA ASP L 19 0.79 52.51 27.43
C ASP L 19 0.50 52.40 25.93
N LEU L 20 -0.44 51.52 25.57
CA LEU L 20 -0.82 51.30 24.18
C LEU L 20 -2.03 52.13 23.76
N GLY L 21 -2.57 52.96 24.65
CA GLY L 21 -3.69 53.81 24.32
C GLY L 21 -5.06 53.30 24.73
N TYR L 22 -5.14 52.11 25.31
CA TYR L 22 -6.41 51.55 25.71
C TYR L 22 -6.91 52.22 26.99
N ARG L 23 -8.23 52.13 27.20
CA ARG L 23 -8.91 52.69 28.36
C ARG L 23 -9.68 51.56 29.04
N THR L 24 -9.05 50.93 30.04
CA THR L 24 -9.67 49.79 30.70
C THR L 24 -9.02 49.59 32.06
N LYS L 25 -9.70 48.83 32.91
CA LYS L 25 -9.20 48.47 34.23
C LYS L 25 -8.75 47.02 34.31
N GLU L 26 -8.85 46.27 33.22
CA GLU L 26 -8.43 44.88 33.23
C GLU L 26 -6.93 44.77 33.52
N GLU L 27 -6.46 43.53 33.71
CA GLU L 27 -5.09 43.26 34.08
C GLU L 27 -4.57 42.09 33.25
N LEU L 28 -3.26 41.87 33.33
CA LEU L 28 -2.59 40.91 32.46
C LEU L 28 -1.33 40.40 33.14
N ILE L 29 -0.72 39.38 32.52
CA ILE L 29 0.58 38.85 32.93
C ILE L 29 1.48 38.83 31.71
N PHE L 30 2.59 39.56 31.77
CA PHE L 30 3.48 39.77 30.64
C PHE L 30 4.76 38.97 30.85
N ARG L 31 5.19 38.26 29.81
CA ARG L 31 6.38 37.43 29.85
C ARG L 31 7.36 37.90 28.78
N TYR L 32 8.64 38.00 29.16
CA TYR L 32 9.67 38.47 28.25
C TYR L 32 10.92 37.63 28.44
N CYS L 33 11.83 37.74 27.46
CA CYS L 33 13.11 37.03 27.48
C CYS L 33 14.22 37.98 27.91
N SER L 34 15.08 37.50 28.80
CA SER L 34 16.19 38.29 29.30
C SER L 34 17.26 37.35 29.85
N GLY L 35 18.50 37.58 29.47
CA GLY L 35 19.61 36.77 29.95
C GLY L 35 20.84 36.88 29.08
N PRO L 36 21.98 36.42 29.60
CA PRO L 36 23.23 36.48 28.82
C PRO L 36 23.28 35.38 27.77
N CYS L 37 23.67 35.76 26.55
CA CYS L 37 23.87 34.80 25.46
C CYS L 37 25.34 34.71 25.05
N HIS L 38 26.25 34.92 26.01
CA HIS L 38 27.67 34.80 25.70
C HIS L 38 28.05 33.36 25.39
N ASP L 39 27.43 32.39 26.07
CA ASP L 39 27.82 31.00 25.93
C ASP L 39 27.53 30.43 24.55
N ALA L 40 26.66 31.08 23.76
CA ALA L 40 26.22 30.54 22.48
C ALA L 40 26.72 31.38 21.31
N GLU L 41 27.92 31.95 21.42
CA GLU L 41 28.50 32.73 20.34
C GLU L 41 29.23 31.82 19.37
N THR L 42 29.08 32.09 18.07
CA THR L 42 29.75 31.35 17.02
C THR L 42 31.03 32.07 16.61
N ASN L 43 31.83 31.40 15.78
CA ASN L 43 32.98 32.07 15.16
C ASN L 43 32.53 33.33 14.43
N TYR L 44 31.30 33.33 13.89
CA TYR L 44 30.76 34.52 13.25
C TYR L 44 30.70 35.69 14.23
N ASP L 45 30.29 35.42 15.47
CA ASP L 45 30.19 36.49 16.46
C ASP L 45 31.56 37.01 16.85
N LYS L 46 32.50 36.10 17.13
CA LYS L 46 33.85 36.53 17.49
C LYS L 46 34.45 37.41 16.40
N ILE L 47 34.33 36.98 15.15
CA ILE L 47 34.84 37.77 14.03
C ILE L 47 34.22 39.16 14.04
N LEU L 48 32.91 39.24 14.26
CA LEU L 48 32.25 40.54 14.31
C LEU L 48 32.83 41.40 15.42
N ASN L 49 33.11 40.81 16.58
CA ASN L 49 33.63 41.58 17.70
C ASN L 49 35.05 42.08 17.42
N ASN L 50 35.86 41.26 16.74
CA ASN L 50 37.22 41.67 16.42
C ASN L 50 37.25 42.69 15.28
N LEU L 51 36.29 42.60 14.36
CA LEU L 51 36.23 43.58 13.27
C LEU L 51 35.81 44.95 13.80
N THR L 52 34.88 44.99 14.75
CA THR L 52 34.46 46.27 15.31
C THR L 52 35.58 46.89 16.14
N HIS L 53 36.29 46.08 16.91
CA HIS L 53 37.42 46.58 17.70
C HIS L 53 38.49 47.19 16.80
N ASN L 54 38.92 46.44 15.79
CA ASN L 54 39.94 46.91 14.84
C ASN L 54 39.35 47.81 13.76
N LYS L 55 38.07 48.16 13.85
CA LYS L 55 37.43 49.09 12.91
C LYS L 55 37.60 48.63 11.47
N LYS L 56 37.74 47.32 11.25
CA LYS L 56 37.83 46.81 9.89
C LYS L 56 36.54 47.09 9.13
N LEU L 57 35.40 46.72 9.71
CA LEU L 57 34.10 47.11 9.18
C LEU L 57 33.88 48.58 9.55
N ASP L 58 33.97 49.46 8.55
CA ASP L 58 34.15 50.88 8.81
C ASP L 58 33.00 51.47 9.63
N LYS L 59 31.76 51.22 9.21
CA LYS L 59 30.62 51.90 9.82
C LYS L 59 29.55 50.95 10.34
N ASP L 60 29.21 49.90 9.60
CA ASP L 60 28.13 49.02 10.00
C ASP L 60 28.33 48.53 11.43
N THR L 61 27.21 48.24 12.10
CA THR L 61 27.21 47.76 13.48
C THR L 61 26.39 46.47 13.54
N PRO L 62 26.90 45.39 12.96
CA PRO L 62 26.15 44.12 12.99
C PRO L 62 25.88 43.68 14.42
N SER L 63 24.80 42.92 14.58
CA SER L 63 24.35 42.44 15.88
C SER L 63 24.84 41.02 16.13
N ARG L 64 25.09 40.72 17.40
CA ARG L 64 25.55 39.42 17.83
C ARG L 64 24.36 38.64 18.39
N THR L 65 24.62 37.52 19.06
CA THR L 65 23.56 36.69 19.60
C THR L 65 22.63 37.53 20.47
N CYS L 66 21.33 37.29 20.31
CA CYS L 66 20.30 38.00 21.06
C CYS L 66 19.44 37.01 21.83
N CYS L 67 19.09 37.37 23.06
CA CYS L 67 18.14 36.60 23.87
C CYS L 67 16.75 37.10 23.51
N ARG L 68 16.06 36.35 22.65
CA ARG L 68 14.81 36.75 22.04
C ARG L 68 13.81 35.61 22.10
N PRO L 69 12.51 35.91 21.98
CA PRO L 69 11.50 34.85 22.04
C PRO L 69 11.42 34.08 20.73
N ILE L 70 11.37 32.75 20.85
CA ILE L 70 11.15 31.88 19.69
C ILE L 70 9.72 31.40 19.60
N ALA L 71 8.88 31.69 20.60
CA ALA L 71 7.48 31.30 20.58
C ALA L 71 6.69 32.38 21.31
N PHE L 72 5.58 32.80 20.73
CA PHE L 72 4.73 33.83 21.32
C PHE L 72 3.60 33.19 22.12
N ASP L 73 3.09 33.93 23.08
CA ASP L 73 2.08 33.42 24.00
C ASP L 73 0.69 33.49 23.38
N ASP L 74 -0.25 32.80 24.01
CA ASP L 74 -1.64 32.83 23.55
C ASP L 74 -2.18 34.25 23.58
N ASP L 75 -3.25 34.47 22.82
CA ASP L 75 -3.83 35.80 22.70
C ASP L 75 -4.64 36.15 23.95
N ILE L 76 -4.73 37.45 24.22
CA ILE L 76 -5.43 37.97 25.38
C ILE L 76 -6.46 38.99 24.91
N SER L 77 -7.65 38.96 25.51
CA SER L 77 -8.72 39.89 25.20
C SER L 77 -9.18 40.57 26.47
N PHE L 78 -9.66 41.81 26.33
CA PHE L 78 -10.12 42.58 27.47
C PHE L 78 -11.28 43.48 27.04
N LEU L 79 -11.98 43.99 28.03
CA LEU L 79 -13.13 44.87 27.83
C LEU L 79 -12.78 46.28 28.32
N ASP L 80 -13.09 47.29 27.52
CA ASP L 80 -12.73 48.66 27.83
C ASP L 80 -13.91 49.40 28.47
N ASP L 81 -13.62 50.63 28.90
CA ASP L 81 -14.63 51.42 29.60
C ASP L 81 -15.85 51.70 28.73
N SER L 82 -15.67 51.75 27.41
CA SER L 82 -16.75 52.04 26.48
C SER L 82 -17.51 50.77 26.07
N LEU L 83 -17.42 49.70 26.85
CA LEU L 83 -18.15 48.46 26.58
C LEU L 83 -17.84 47.93 25.17
N GLU L 84 -16.59 48.07 24.75
CA GLU L 84 -16.10 47.51 23.50
C GLU L 84 -14.96 46.54 23.79
N TYR L 85 -14.84 45.53 22.95
CA TYR L 85 -13.86 44.47 23.14
C TYR L 85 -12.62 44.73 22.29
N HIS L 86 -11.45 44.42 22.85
CA HIS L 86 -10.18 44.51 22.15
C HIS L 86 -9.42 43.21 22.36
N THR L 87 -8.69 42.78 21.33
CA THR L 87 -7.87 41.58 21.40
C THR L 87 -6.45 41.91 20.96
N LEU L 88 -5.47 41.31 21.64
CA LEU L 88 -4.06 41.53 21.34
C LEU L 88 -3.40 40.22 21.00
N LYS L 89 -2.53 40.25 19.98
CA LYS L 89 -1.77 39.09 19.55
C LYS L 89 -0.28 39.40 19.65
N LYS L 90 0.50 38.36 19.95
CA LYS L 90 1.96 38.49 20.04
C LYS L 90 2.35 39.54 21.08
N HIS L 91 1.72 39.48 22.25
CA HIS L 91 2.00 40.41 23.33
C HIS L 91 2.99 39.86 24.35
N SER L 92 3.05 38.54 24.50
CA SER L 92 3.92 37.91 25.50
C SER L 92 4.70 36.77 24.85
N ALA L 93 5.78 36.37 25.51
CA ALA L 93 6.66 35.32 25.02
C ALA L 93 6.35 34.01 25.74
N LYS L 94 6.24 32.93 24.96
CA LYS L 94 5.99 31.60 25.50
C LYS L 94 7.26 30.78 25.68
N LYS L 95 8.24 30.94 24.79
CA LYS L 95 9.51 30.25 24.88
C LYS L 95 10.61 31.14 24.35
N CYS L 96 11.80 31.01 24.92
CA CYS L 96 12.96 31.81 24.55
C CYS L 96 14.09 30.93 24.05
N ALA L 97 15.15 31.59 23.56
CA ALA L 97 16.36 30.91 23.10
C ALA L 97 17.41 31.92 22.68
N CYS L 98 18.70 31.58 22.84
CA CYS L 98 19.79 32.42 22.36
C CYS L 98 19.89 32.23 20.85
N VAL L 99 19.39 33.21 20.11
CA VAL L 99 19.34 33.11 18.65
C VAL L 99 19.49 34.49 18.03
N ASN M 56 60.41 -20.05 7.86
CA ASN M 56 59.41 -20.32 6.83
C ASN M 56 58.65 -19.04 6.49
N ASN M 57 58.89 -18.50 5.28
CA ASN M 57 58.16 -17.32 4.85
C ASN M 57 56.67 -17.58 4.74
N CYS M 58 56.29 -18.81 4.38
CA CYS M 58 54.87 -19.12 4.21
C CYS M 58 54.14 -19.06 5.53
N LEU M 59 54.78 -19.52 6.61
CA LEU M 59 54.15 -19.46 7.93
C LEU M 59 54.09 -18.03 8.46
N ASN M 60 55.10 -17.21 8.14
CA ASN M 60 55.04 -15.80 8.52
C ASN M 60 53.83 -15.12 7.88
N ALA M 61 53.49 -15.48 6.64
CA ALA M 61 52.32 -14.91 6.00
C ALA M 61 51.05 -15.32 6.73
N ALA M 62 50.98 -16.57 7.19
CA ALA M 62 49.83 -17.02 7.96
C ALA M 62 49.73 -16.23 9.27
N LYS M 63 50.86 -15.97 9.91
CA LYS M 63 50.84 -15.16 11.13
C LYS M 63 50.34 -13.76 10.86
N ALA M 64 50.89 -13.11 9.82
CA ALA M 64 50.46 -11.75 9.50
C ALA M 64 48.98 -11.70 9.17
N CYS M 65 48.41 -12.81 8.69
CA CYS M 65 47.00 -12.83 8.35
C CYS M 65 46.12 -12.95 9.59
N ASN M 66 46.42 -13.90 10.46
CA ASN M 66 45.62 -14.08 11.66
C ASN M 66 45.70 -12.87 12.59
N LEU M 67 46.75 -12.06 12.48
CA LEU M 67 46.84 -10.82 13.23
C LEU M 67 46.19 -9.64 12.51
N ASN M 68 45.72 -9.84 11.29
CA ASN M 68 45.02 -8.81 10.52
C ASN M 68 43.53 -9.12 10.55
N ASP M 69 42.72 -8.13 10.92
CA ASP M 69 41.29 -8.37 11.08
C ASP M 69 40.67 -8.89 9.77
N THR M 70 40.82 -8.13 8.69
CA THR M 70 40.15 -8.48 7.45
C THR M 70 40.63 -9.82 6.91
N CYS M 71 41.94 -10.10 7.03
CA CYS M 71 42.46 -11.36 6.53
C CYS M 71 41.99 -12.53 7.37
N LYS M 72 42.00 -12.37 8.70
CA LYS M 72 41.53 -13.44 9.58
C LYS M 72 40.08 -13.79 9.31
N LYS M 73 39.23 -12.77 9.16
CA LYS M 73 37.81 -13.00 8.95
C LYS M 73 37.57 -13.84 7.70
N TYR M 74 38.12 -13.41 6.57
CA TYR M 74 37.86 -14.10 5.30
C TYR M 74 38.71 -15.36 5.15
N ARG M 75 39.90 -15.40 5.76
CA ARG M 75 40.65 -16.65 5.80
C ARG M 75 39.81 -17.75 6.44
N SER M 76 39.26 -17.47 7.63
CA SER M 76 38.38 -18.45 8.26
C SER M 76 37.12 -18.69 7.43
N ALA M 77 36.68 -17.68 6.68
CA ALA M 77 35.43 -17.81 5.95
C ALA M 77 35.50 -18.85 4.84
N TYR M 78 36.69 -19.11 4.29
CA TYR M 78 36.85 -20.15 3.28
C TYR M 78 37.43 -21.44 3.84
N ILE M 79 37.92 -21.44 5.08
CA ILE M 79 38.36 -22.68 5.70
C ILE M 79 37.16 -23.52 6.13
N SER M 80 36.19 -22.88 6.79
CA SER M 80 35.04 -23.61 7.31
C SER M 80 34.21 -24.28 6.22
N PRO M 81 33.75 -23.58 5.18
CA PRO M 81 32.98 -24.27 4.13
C PRO M 81 33.76 -25.36 3.42
N CYS M 82 35.05 -25.12 3.14
CA CYS M 82 35.86 -26.09 2.42
C CYS M 82 36.26 -27.28 3.28
N THR M 83 35.98 -27.26 4.58
CA THR M 83 36.35 -28.34 5.48
C THR M 83 35.17 -29.05 6.11
N SER M 84 33.98 -28.47 6.08
CA SER M 84 32.81 -29.07 6.74
C SER M 84 32.16 -30.08 5.82
N ARG M 85 32.17 -31.36 6.23
CA ARG M 85 31.54 -32.42 5.46
C ARG M 85 30.02 -32.30 5.53
N VAL M 86 29.36 -32.60 4.42
CA VAL M 86 27.91 -32.53 4.35
C VAL M 86 27.27 -33.91 4.30
N SER M 87 27.94 -34.92 3.73
CA SER M 87 27.39 -36.26 3.63
C SER M 87 28.53 -37.26 3.82
N THR M 88 28.14 -38.52 4.06
CA THR M 88 29.15 -39.57 4.25
C THR M 88 30.10 -39.65 3.08
N ALA M 89 29.63 -39.30 1.88
CA ALA M 89 30.45 -39.34 0.67
C ALA M 89 30.90 -37.97 0.18
N GLU M 90 30.07 -36.94 0.37
CA GLU M 90 30.39 -35.59 -0.06
C GLU M 90 31.22 -34.90 1.02
N VAL M 91 32.46 -34.54 0.68
CA VAL M 91 33.38 -33.97 1.66
C VAL M 91 33.18 -32.48 1.89
N CYS M 92 32.44 -31.80 1.01
CA CYS M 92 32.22 -30.37 1.14
C CYS M 92 31.18 -29.96 0.11
N ASN M 93 30.69 -28.72 0.26
CA ASN M 93 29.85 -28.09 -0.76
C ASN M 93 30.81 -27.33 -1.68
N LYS M 94 31.16 -27.94 -2.80
CA LYS M 94 32.21 -27.37 -3.66
C LYS M 94 31.87 -25.96 -4.09
N ARG M 95 30.63 -25.73 -4.52
CA ARG M 95 30.24 -24.39 -4.98
C ARG M 95 30.40 -23.36 -3.86
N LYS M 96 30.11 -23.76 -2.61
CA LYS M 96 30.26 -22.85 -1.49
C LYS M 96 31.72 -22.63 -1.14
N CYS M 97 32.58 -23.62 -1.42
CA CYS M 97 34.00 -23.46 -1.16
C CYS M 97 34.64 -22.54 -2.18
N HIS M 98 34.34 -22.74 -3.47
CA HIS M 98 34.88 -21.86 -4.50
C HIS M 98 34.43 -20.42 -4.29
N LYS M 99 33.14 -20.22 -4.00
CA LYS M 99 32.64 -18.87 -3.81
C LYS M 99 33.33 -18.19 -2.62
N ALA M 100 33.65 -18.96 -1.58
CA ALA M 100 34.37 -18.39 -0.45
C ALA M 100 35.78 -17.99 -0.84
N LEU M 101 36.47 -18.84 -1.61
CA LEU M 101 37.82 -18.49 -2.07
C LEU M 101 37.81 -17.18 -2.84
N ARG M 102 36.95 -17.09 -3.87
CA ARG M 102 36.91 -15.88 -4.69
C ARG M 102 36.68 -14.63 -3.84
N GLN M 103 35.93 -14.77 -2.74
CA GLN M 103 35.75 -13.63 -1.85
C GLN M 103 37.04 -13.31 -1.10
N PHE M 104 37.83 -14.33 -0.78
CA PHE M 104 39.06 -14.10 -0.03
C PHE M 104 40.07 -13.30 -0.83
N PHE M 105 40.14 -13.53 -2.14
CA PHE M 105 41.04 -12.78 -3.00
C PHE M 105 40.46 -11.45 -3.45
N ASP M 106 39.15 -11.24 -3.29
CA ASP M 106 38.51 -10.01 -3.73
C ASP M 106 38.48 -8.94 -2.64
N LYS M 107 38.38 -9.34 -1.37
CA LYS M 107 38.19 -8.39 -0.28
C LYS M 107 39.36 -8.36 0.70
N VAL M 108 40.44 -9.08 0.42
CA VAL M 108 41.64 -9.08 1.26
C VAL M 108 42.76 -8.42 0.47
N PRO M 109 43.53 -7.51 1.07
CA PRO M 109 44.56 -6.82 0.29
C PRO M 109 45.59 -7.81 -0.20
N PRO M 110 46.29 -7.49 -1.30
CA PRO M 110 47.24 -8.45 -1.88
C PRO M 110 48.44 -8.74 -1.00
N LYS M 111 48.87 -7.78 -0.18
CA LYS M 111 50.00 -8.02 0.72
C LYS M 111 49.80 -9.30 1.52
N HIS M 112 48.56 -9.61 1.91
CA HIS M 112 48.25 -10.75 2.76
C HIS M 112 47.69 -11.94 2.00
N SER M 113 46.72 -11.72 1.11
CA SER M 113 46.14 -12.82 0.35
C SER M 113 47.18 -13.41 -0.61
N TYR M 114 47.70 -12.58 -1.51
CA TYR M 114 48.70 -13.06 -2.47
C TYR M 114 50.02 -13.38 -1.79
N GLY M 115 50.32 -12.72 -0.66
CA GLY M 115 51.51 -13.07 0.08
C GLY M 115 51.48 -14.49 0.61
N MET M 116 50.30 -15.02 0.87
CA MET M 116 50.18 -16.40 1.34
C MET M 116 50.16 -17.39 0.19
N LEU M 117 49.66 -16.99 -0.98
CA LEU M 117 49.55 -17.91 -2.10
C LEU M 117 50.89 -18.11 -2.80
N TYR M 118 51.70 -17.06 -2.90
CA TYR M 118 52.96 -17.09 -3.63
C TYR M 118 54.16 -17.02 -2.68
N CYS M 119 54.04 -17.63 -1.51
CA CYS M 119 55.12 -17.58 -0.52
C CYS M 119 56.37 -18.24 -1.08
N SER M 120 57.50 -17.57 -0.94
CA SER M 120 58.78 -18.13 -1.36
C SER M 120 59.19 -19.26 -0.42
N CYS M 121 59.66 -20.36 -1.00
CA CYS M 121 59.95 -21.57 -0.25
C CYS M 121 61.30 -22.14 -0.65
N PRO M 122 61.85 -23.05 0.15
CA PRO M 122 63.02 -23.80 -0.28
C PRO M 122 62.78 -24.50 -1.62
N LEU M 123 63.78 -24.45 -2.48
CA LEU M 123 63.66 -24.99 -3.83
C LEU M 123 63.98 -26.48 -3.91
N GLY M 124 64.67 -27.02 -2.92
CA GLY M 124 65.14 -28.39 -2.99
C GLY M 124 64.04 -29.43 -3.18
N ASP M 125 63.13 -29.52 -2.21
CA ASP M 125 62.15 -30.60 -2.18
C ASP M 125 61.09 -30.30 -1.11
N GLN M 126 60.29 -31.30 -0.76
CA GLN M 126 59.17 -31.08 0.14
C GLN M 126 59.64 -30.55 1.49
N SER M 127 58.96 -29.51 1.97
CA SER M 127 59.19 -28.96 3.30
C SER M 127 57.84 -28.56 3.88
N ALA M 128 57.87 -27.92 5.06
CA ALA M 128 56.66 -27.33 5.61
C ALA M 128 56.22 -26.14 4.76
N CYS M 129 57.17 -25.33 4.30
CA CYS M 129 56.84 -24.22 3.42
C CYS M 129 56.12 -24.71 2.17
N SER M 130 56.65 -25.75 1.53
CA SER M 130 56.02 -26.26 0.31
C SER M 130 54.64 -26.83 0.60
N GLU M 131 54.47 -27.44 1.78
CA GLU M 131 53.18 -28.04 2.11
C GLU M 131 52.16 -26.99 2.55
N ARG M 132 52.61 -25.93 3.23
CA ARG M 132 51.69 -24.85 3.57
C ARG M 132 51.11 -24.23 2.30
N ARG M 133 51.96 -23.95 1.32
CA ARG M 133 51.48 -23.36 0.08
C ARG M 133 50.48 -24.27 -0.61
N ARG M 134 50.74 -25.57 -0.61
CA ARG M 134 49.89 -26.51 -1.33
C ARG M 134 48.54 -26.71 -0.65
N GLN M 135 48.44 -26.44 0.66
CA GLN M 135 47.20 -26.57 1.40
C GLN M 135 46.50 -25.24 1.60
N THR M 136 46.96 -24.17 0.95
CA THR M 136 46.32 -22.87 1.11
C THR M 136 44.87 -22.92 0.63
N ILE M 137 44.65 -23.45 -0.58
CA ILE M 137 43.30 -23.49 -1.15
C ILE M 137 42.45 -24.61 -0.59
N VAL M 138 42.98 -25.41 0.33
CA VAL M 138 42.27 -26.57 0.86
C VAL M 138 42.02 -27.52 -0.32
N PRO M 139 43.06 -28.11 -0.90
CA PRO M 139 42.88 -28.87 -2.14
C PRO M 139 41.93 -30.04 -2.01
N ALA M 140 41.80 -30.62 -0.81
CA ALA M 140 40.90 -31.76 -0.65
C ALA M 140 39.49 -31.47 -1.13
N CYS M 141 39.10 -30.20 -1.16
CA CYS M 141 37.75 -29.80 -1.55
C CYS M 141 37.70 -29.01 -2.84
N SER M 142 38.62 -28.06 -3.02
CA SER M 142 38.57 -27.16 -4.18
C SER M 142 39.29 -27.71 -5.39
N TYR M 143 40.20 -28.67 -5.21
CA TYR M 143 41.04 -29.18 -6.30
C TYR M 143 40.76 -30.65 -6.59
N GLU M 144 40.90 -31.53 -5.60
CA GLU M 144 40.75 -32.96 -5.81
C GLU M 144 39.37 -33.30 -6.35
N ASP M 145 39.24 -34.54 -6.83
CA ASP M 145 37.96 -35.08 -7.26
C ASP M 145 38.17 -36.56 -7.56
N LYS M 146 37.09 -37.34 -7.40
CA LYS M 146 37.20 -38.78 -7.63
C LYS M 146 37.48 -39.11 -9.08
N GLU M 147 37.01 -38.30 -10.01
CA GLU M 147 37.22 -38.50 -11.44
C GLU M 147 38.13 -37.39 -11.96
N ARG M 148 39.25 -37.78 -12.56
CA ARG M 148 40.14 -36.82 -13.21
C ARG M 148 39.74 -36.67 -14.67
N PRO M 149 39.28 -35.49 -15.10
CA PRO M 149 38.75 -35.36 -16.45
C PRO M 149 39.84 -35.19 -17.49
N ASN M 150 39.48 -35.48 -18.74
CA ASN M 150 40.33 -35.14 -19.86
C ASN M 150 40.37 -33.63 -20.03
N CYS M 151 41.55 -33.10 -20.39
CA CYS M 151 41.69 -31.65 -20.49
C CYS M 151 40.83 -31.06 -21.60
N LEU M 152 40.46 -31.85 -22.61
CA LEU M 152 39.48 -31.37 -23.58
C LEU M 152 38.10 -31.26 -22.93
N THR M 153 37.73 -32.23 -22.11
CA THR M 153 36.45 -32.17 -21.42
C THR M 153 36.41 -31.05 -20.40
N LEU M 154 37.48 -30.91 -19.61
CA LEU M 154 37.55 -29.82 -18.65
C LEU M 154 37.48 -28.47 -19.34
N GLN M 155 38.12 -28.35 -20.51
CA GLN M 155 38.12 -27.07 -21.22
C GLN M 155 36.72 -26.72 -21.72
N VAL M 156 36.01 -27.69 -22.28
CA VAL M 156 34.64 -27.45 -22.72
C VAL M 156 33.79 -26.96 -21.55
N SER M 157 33.95 -27.59 -20.39
CA SER M 157 33.21 -27.18 -19.20
C SER M 157 33.46 -25.71 -18.88
N CYS M 158 34.74 -25.33 -18.78
CA CYS M 158 35.06 -23.93 -18.49
C CYS M 158 34.50 -23.00 -19.56
N LYS M 159 34.52 -23.44 -20.83
CA LYS M 159 34.12 -22.58 -21.93
C LYS M 159 32.64 -22.25 -21.93
N THR M 160 31.82 -23.05 -21.24
CA THR M 160 30.39 -22.72 -21.16
C THR M 160 30.16 -21.54 -20.21
N ASN M 161 30.66 -21.64 -18.99
CA ASN M 161 30.55 -20.54 -18.04
C ASN M 161 31.29 -19.32 -18.57
N TYR M 162 30.61 -18.17 -18.58
CA TYR M 162 31.24 -16.95 -19.08
C TYR M 162 32.42 -16.54 -18.20
N ILE M 163 32.25 -16.60 -16.88
CA ILE M 163 33.29 -16.11 -15.98
C ILE M 163 34.56 -16.94 -16.14
N CYS M 164 34.42 -18.27 -16.17
CA CYS M 164 35.58 -19.13 -16.36
C CYS M 164 36.24 -18.85 -17.70
N ARG M 165 35.44 -18.70 -18.76
CA ARG M 165 35.98 -18.48 -20.09
C ARG M 165 36.80 -17.20 -20.15
N SER M 166 36.36 -16.16 -19.46
CA SER M 166 37.11 -14.91 -19.46
C SER M 166 38.41 -15.04 -18.67
N ARG M 167 38.39 -15.78 -17.56
CA ARG M 167 39.61 -15.97 -16.79
C ARG M 167 40.61 -16.83 -17.55
N LEU M 168 40.14 -17.85 -18.26
CA LEU M 168 41.04 -18.70 -19.02
C LEU M 168 41.69 -17.93 -20.16
N ALA M 169 40.91 -17.12 -20.87
CA ALA M 169 41.49 -16.33 -21.96
C ALA M 169 42.48 -15.30 -21.45
N ASP M 170 42.18 -14.66 -20.32
CA ASP M 170 43.11 -13.69 -19.76
C ASP M 170 44.40 -14.36 -19.32
N PHE M 171 44.33 -15.62 -18.89
CA PHE M 171 45.53 -16.30 -18.40
C PHE M 171 46.48 -16.63 -19.55
N PHE M 172 45.95 -17.19 -20.64
CA PHE M 172 46.80 -17.55 -21.77
C PHE M 172 47.34 -16.33 -22.50
N THR M 173 46.69 -15.17 -22.36
CA THR M 173 47.20 -13.96 -23.00
C THR M 173 48.33 -13.34 -22.20
N ASN M 174 48.09 -13.08 -20.91
CA ASN M 174 49.01 -12.30 -20.11
C ASN M 174 50.20 -13.10 -19.60
N CYS M 175 50.09 -14.42 -19.52
CA CYS M 175 51.19 -15.27 -19.08
C CYS M 175 51.86 -16.00 -20.24
N GLN M 176 51.82 -15.43 -21.43
CA GLN M 176 52.47 -16.05 -22.58
C GLN M 176 53.98 -15.98 -22.43
N PRO M 177 54.69 -17.11 -22.52
CA PRO M 177 56.14 -17.06 -22.39
C PRO M 177 56.83 -16.67 -23.70
N GLU M 178 57.99 -16.04 -23.55
CA GLU M 178 58.83 -15.67 -24.69
C GLU M 178 60.28 -16.01 -24.36
N PRO M 179 60.88 -17.01 -25.01
CA PRO M 179 62.26 -17.40 -24.66
C PRO M 179 63.28 -16.29 -24.86
N LEU M 180 62.97 -15.27 -25.65
CA LEU M 180 63.94 -14.21 -25.95
C LEU M 180 63.83 -13.02 -25.01
N SER M 181 62.84 -13.00 -24.12
CA SER M 181 62.63 -11.87 -23.22
C SER M 181 63.36 -12.09 -21.90
N LEU M 182 64.05 -11.03 -21.43
CA LEU M 182 64.71 -11.11 -20.13
C LEU M 182 63.73 -11.55 -19.05
N SER M 183 62.57 -10.89 -18.98
CA SER M 183 61.57 -11.24 -17.98
C SER M 183 60.97 -12.62 -18.23
N GLY M 184 61.07 -13.13 -19.45
CA GLY M 184 60.44 -14.39 -19.81
C GLY M 184 59.00 -14.25 -20.26
N CYS M 185 58.36 -13.11 -20.02
CA CYS M 185 56.99 -12.86 -20.42
C CYS M 185 56.96 -12.07 -21.72
N LEU M 186 56.11 -12.51 -22.64
CA LEU M 186 55.97 -11.79 -23.91
C LEU M 186 55.35 -10.42 -23.70
N LYS M 187 54.41 -10.31 -22.77
CA LYS M 187 53.74 -9.05 -22.48
C LYS M 187 54.50 -8.18 -21.49
N GLU M 188 55.50 -8.73 -20.81
CA GLU M 188 56.42 -7.94 -19.98
C GLU M 188 55.70 -7.25 -18.82
N ASN M 189 54.87 -8.02 -18.13
CA ASN M 189 54.20 -7.52 -16.93
C ASN M 189 53.89 -8.72 -16.03
N TYR M 190 54.67 -8.88 -14.96
CA TYR M 190 54.43 -9.97 -14.03
C TYR M 190 53.05 -9.83 -13.38
N ALA M 191 52.71 -8.64 -12.93
CA ALA M 191 51.47 -8.45 -12.18
C ALA M 191 50.27 -8.93 -12.98
N ASP M 192 50.13 -8.46 -14.21
CA ASP M 192 48.98 -8.87 -15.04
C ASP M 192 48.88 -10.38 -15.13
N CYS M 193 50.01 -11.09 -15.07
CA CYS M 193 49.97 -12.55 -15.12
C CYS M 193 49.51 -13.13 -13.79
N LEU M 194 50.07 -12.64 -12.68
CA LEU M 194 49.69 -13.17 -11.37
C LEU M 194 48.18 -13.05 -11.14
N LEU M 195 47.59 -11.91 -11.52
CA LEU M 195 46.14 -11.76 -11.36
C LEU M 195 45.39 -12.75 -12.24
N SER M 196 45.89 -12.99 -13.46
CA SER M 196 45.21 -13.91 -14.36
C SER M 196 45.26 -15.34 -13.83
N TYR M 197 46.40 -15.74 -13.26
CA TYR M 197 46.48 -17.06 -12.64
C TYR M 197 45.57 -17.14 -11.43
N SER M 198 45.66 -16.16 -10.53
CA SER M 198 44.81 -16.17 -9.34
C SER M 198 43.34 -16.26 -9.71
N GLY M 199 42.92 -15.52 -10.73
CA GLY M 199 41.53 -15.51 -11.16
C GLY M 199 40.98 -16.88 -11.46
N LEU M 200 41.87 -17.84 -11.71
CA LEU M 200 41.45 -19.21 -11.97
C LEU M 200 41.02 -19.94 -10.71
N ILE M 201 41.38 -19.45 -9.53
CA ILE M 201 40.97 -20.09 -8.28
C ILE M 201 39.49 -19.88 -8.06
N GLY M 202 38.76 -20.98 -7.89
CA GLY M 202 37.33 -20.94 -7.73
C GLY M 202 36.55 -21.41 -8.94
N THR M 203 37.20 -21.49 -10.10
CA THR M 203 36.56 -21.95 -11.31
C THR M 203 36.71 -23.47 -11.43
N VAL M 204 36.10 -24.05 -12.46
CA VAL M 204 36.30 -25.46 -12.73
C VAL M 204 37.74 -25.77 -13.12
N MET M 205 38.54 -24.74 -13.38
CA MET M 205 39.95 -24.89 -13.73
C MET M 205 40.87 -24.50 -12.59
N THR M 206 40.42 -24.68 -11.36
CA THR M 206 41.20 -24.28 -10.19
C THR M 206 42.58 -24.93 -10.23
N PRO M 207 43.66 -24.15 -10.30
CA PRO M 207 45.00 -24.73 -10.25
C PRO M 207 45.54 -24.79 -8.83
N ASN M 208 46.65 -25.53 -8.68
CA ASN M 208 47.32 -25.63 -7.39
C ASN M 208 48.70 -26.23 -7.60
N TYR M 209 49.59 -25.93 -6.67
CA TYR M 209 50.97 -26.39 -6.76
C TYR M 209 51.04 -27.91 -6.76
N LEU M 210 52.06 -28.44 -7.43
CA LEU M 210 52.34 -29.87 -7.48
C LEU M 210 53.59 -30.18 -6.68
N ARG M 211 53.70 -31.42 -6.23
CA ARG M 211 54.89 -31.88 -5.51
C ARG M 211 55.99 -32.15 -6.52
N SER M 212 56.93 -31.22 -6.62
CA SER M 212 58.04 -31.33 -7.56
C SER M 212 59.20 -30.50 -7.04
N PRO M 213 60.43 -30.78 -7.48
CA PRO M 213 61.57 -29.98 -7.00
C PRO M 213 61.42 -28.49 -7.29
N LYS M 214 61.12 -28.13 -8.54
CA LYS M 214 60.86 -26.75 -8.88
C LYS M 214 59.38 -26.43 -8.67
N ILE M 215 58.99 -25.21 -9.01
CA ILE M 215 57.60 -24.78 -8.92
C ILE M 215 56.88 -25.28 -10.18
N SER M 216 55.83 -26.07 -9.98
CA SER M 216 55.02 -26.55 -11.09
C SER M 216 53.56 -26.60 -10.64
N VAL M 217 52.71 -25.85 -11.33
CA VAL M 217 51.29 -25.81 -11.06
C VAL M 217 50.55 -26.45 -12.22
N SER M 218 49.31 -26.84 -11.98
CA SER M 218 48.52 -27.48 -13.01
C SER M 218 47.04 -27.56 -12.64
N PRO M 219 46.13 -27.48 -13.60
CA PRO M 219 44.73 -27.78 -13.33
C PRO M 219 44.54 -29.29 -13.16
N PHE M 220 43.36 -29.65 -12.66
CA PHE M 220 43.06 -31.06 -12.41
C PHE M 220 42.54 -31.67 -13.70
N CYS M 221 43.46 -32.19 -14.51
CA CYS M 221 43.12 -32.80 -15.79
C CYS M 221 44.37 -33.52 -16.30
N ASP M 222 44.14 -34.49 -17.19
CA ASP M 222 45.23 -35.29 -17.74
C ASP M 222 44.88 -35.68 -19.18
N CYS M 223 45.90 -36.14 -19.90
CA CYS M 223 45.76 -36.53 -21.30
C CYS M 223 45.92 -38.03 -21.41
N SER M 224 44.83 -38.73 -21.68
CA SER M 224 44.83 -40.18 -21.87
C SER M 224 44.23 -40.55 -23.22
N SER M 225 44.61 -39.81 -24.25
CA SER M 225 44.23 -40.08 -25.63
C SER M 225 45.47 -40.48 -26.41
N SER M 226 45.33 -41.50 -27.26
CA SER M 226 46.51 -42.07 -27.91
C SER M 226 47.24 -41.05 -28.77
N GLY M 227 46.50 -40.23 -29.52
CA GLY M 227 47.16 -39.29 -30.41
C GLY M 227 46.36 -38.16 -30.99
N ASN M 228 45.05 -38.33 -31.17
CA ASN M 228 44.28 -37.35 -31.95
C ASN M 228 44.32 -35.97 -31.31
N SER M 229 44.01 -35.89 -30.02
CA SER M 229 44.07 -34.64 -29.28
C SER M 229 45.32 -34.55 -28.41
N LYS M 230 46.29 -35.45 -28.60
CA LYS M 230 47.42 -35.53 -27.69
C LYS M 230 48.29 -34.29 -27.78
N GLU M 231 48.52 -33.78 -28.99
CA GLU M 231 49.36 -32.60 -29.15
C GLU M 231 48.69 -31.36 -28.54
N GLU M 232 47.41 -31.14 -28.86
CA GLU M 232 46.71 -30.01 -28.28
C GLU M 232 46.64 -30.12 -26.76
N CYS M 233 46.39 -31.34 -26.25
CA CYS M 233 46.31 -31.54 -24.82
C CYS M 233 47.65 -31.26 -24.15
N ASP M 234 48.74 -31.66 -24.78
CA ASP M 234 50.07 -31.45 -24.19
C ASP M 234 50.42 -29.98 -24.16
N ARG M 235 50.10 -29.24 -25.23
CA ARG M 235 50.35 -27.80 -25.22
C ARG M 235 49.58 -27.13 -24.09
N PHE M 236 48.36 -27.59 -23.83
CA PHE M 236 47.56 -27.03 -22.74
C PHE M 236 48.22 -27.27 -21.39
N THR M 237 48.45 -28.54 -21.05
CA THR M 237 49.01 -28.86 -19.74
C THR M 237 50.36 -28.17 -19.54
N GLU M 238 51.19 -28.14 -20.59
CA GLU M 238 52.52 -27.55 -20.46
C GLU M 238 52.47 -26.04 -20.25
N PHE M 239 51.37 -25.39 -20.66
CA PHE M 239 51.28 -23.94 -20.43
C PHE M 239 51.20 -23.63 -18.94
N PHE M 240 50.71 -24.57 -18.14
CA PHE M 240 50.67 -24.40 -16.69
C PHE M 240 51.95 -24.90 -16.03
N THR M 241 52.39 -26.10 -16.39
CA THR M 241 53.46 -26.77 -15.66
C THR M 241 54.81 -26.08 -15.89
N ASP M 242 55.22 -25.95 -17.14
CA ASP M 242 56.54 -25.43 -17.50
C ASP M 242 56.38 -24.12 -18.26
N ASN M 243 56.06 -23.06 -17.51
CA ASN M 243 55.92 -21.71 -18.06
C ASN M 243 56.89 -20.81 -17.32
N ALA M 244 57.90 -20.31 -18.03
CA ALA M 244 58.92 -19.48 -17.38
C ALA M 244 58.37 -18.13 -16.96
N CYS M 245 57.41 -17.59 -17.72
CA CYS M 245 56.80 -16.32 -17.35
C CYS M 245 56.05 -16.44 -16.03
N LEU M 246 55.25 -17.49 -15.89
CA LEU M 246 54.51 -17.71 -14.65
C LEU M 246 55.47 -17.99 -13.50
N ARG M 247 56.53 -18.76 -13.75
CA ARG M 247 57.45 -19.12 -12.68
C ARG M 247 58.20 -17.90 -12.17
N ASN M 248 58.67 -17.05 -13.06
CA ASN M 248 59.44 -15.88 -12.66
C ASN M 248 58.57 -14.83 -11.97
N ALA M 249 57.25 -14.85 -12.19
CA ALA M 249 56.36 -13.90 -11.53
C ALA M 249 56.08 -14.32 -10.09
N ILE M 250 55.80 -15.61 -9.89
CA ILE M 250 55.58 -16.13 -8.54
C ILE M 250 56.80 -15.87 -7.67
N GLN M 251 57.99 -16.25 -8.16
CA GLN M 251 59.22 -16.02 -7.41
C GLN M 251 59.50 -14.54 -7.24
N ALA M 252 59.06 -13.72 -8.18
CA ALA M 252 59.27 -12.27 -8.04
C ALA M 252 58.43 -11.70 -6.92
N PHE M 253 57.18 -12.16 -6.79
CA PHE M 253 56.32 -11.66 -5.72
C PHE M 253 56.82 -12.10 -4.35
N GLY M 254 57.28 -13.35 -4.24
CA GLY M 254 57.79 -13.83 -2.97
C GLY M 254 58.99 -13.04 -2.49
N ASN M 255 59.87 -12.64 -3.41
CA ASN M 255 61.04 -11.85 -3.04
C ASN M 255 60.64 -10.54 -2.36
N GLY M 256 59.57 -9.91 -2.84
CA GLY M 256 59.21 -8.60 -2.33
C GLY M 256 58.52 -8.64 -0.98
N THR M 257 57.74 -9.69 -0.71
CA THR M 257 56.96 -9.70 0.53
C THR M 257 57.80 -10.15 1.73
N GLY M 258 58.59 -11.22 1.57
CA GLY M 258 59.24 -11.87 2.69
C GLY M 258 60.76 -11.76 2.65
N SER M 259 61.37 -12.15 3.76
CA SER M 259 62.82 -12.15 3.92
C SER M 259 63.38 -10.74 3.86
N GLY N 5 34.15 1.43 33.20
CA GLY N 5 35.03 0.58 33.97
C GLY N 5 35.34 -0.73 33.27
N CYS N 6 34.28 -1.45 32.90
CA CYS N 6 34.42 -2.71 32.16
C CYS N 6 34.99 -2.42 30.78
N LEU N 7 36.27 -2.76 30.59
CA LEU N 7 37.00 -2.43 29.37
C LEU N 7 37.54 -3.68 28.69
N LEU N 8 38.00 -3.50 27.46
CA LEU N 8 38.47 -4.58 26.60
C LEU N 8 39.98 -4.47 26.43
N LYS N 9 40.68 -5.58 26.59
CA LYS N 9 42.14 -5.62 26.57
C LYS N 9 42.60 -6.65 25.54
N GLU N 10 43.87 -6.55 25.14
CA GLU N 10 44.42 -7.38 24.08
C GLU N 10 45.70 -8.07 24.56
N ILE N 11 45.96 -9.24 23.99
CA ILE N 11 47.18 -10.00 24.30
C ILE N 11 47.58 -10.78 23.06
N HIS N 12 48.89 -10.90 22.83
CA HIS N 12 49.43 -11.63 21.69
C HIS N 12 49.97 -12.97 22.18
N LEU N 13 49.37 -14.05 21.68
CA LEU N 13 49.65 -15.39 22.20
C LEU N 13 49.81 -16.36 21.03
N ASN N 14 50.28 -17.55 21.35
CA ASN N 14 50.31 -18.67 20.42
C ASN N 14 49.10 -19.56 20.67
N VAL N 15 48.62 -20.21 19.60
CA VAL N 15 47.52 -21.15 19.69
C VAL N 15 47.85 -22.21 20.73
N THR N 16 49.15 -22.41 20.99
CA THR N 16 49.55 -23.37 22.00
C THR N 16 49.42 -22.80 23.41
N ASP N 17 49.60 -21.49 23.57
CA ASP N 17 49.47 -20.86 24.88
C ASP N 17 48.05 -20.92 25.42
N LEU N 18 47.07 -21.34 24.62
CA LEU N 18 45.70 -21.50 25.09
C LEU N 18 45.43 -22.89 25.64
N ASP N 19 46.36 -23.83 25.46
CA ASP N 19 46.28 -25.15 26.07
C ASP N 19 44.95 -25.84 25.76
N LEU N 20 44.48 -25.67 24.53
CA LEU N 20 43.29 -26.36 24.05
C LEU N 20 43.62 -27.68 23.35
N GLY N 21 44.87 -28.14 23.47
CA GLY N 21 45.27 -29.41 22.90
C GLY N 21 45.79 -29.35 21.48
N TYR N 22 45.92 -28.17 20.90
CA TYR N 22 46.35 -28.04 19.51
C TYR N 22 47.87 -28.04 19.41
N ARG N 23 48.37 -28.52 18.28
CA ARG N 23 49.80 -28.59 17.99
C ARG N 23 50.06 -27.76 16.72
N THR N 24 50.50 -26.52 16.90
CA THR N 24 50.71 -25.64 15.76
C THR N 24 51.61 -24.49 16.16
N LYS N 25 52.22 -23.88 15.15
CA LYS N 25 53.04 -22.68 15.33
C LYS N 25 52.30 -21.40 15.00
N GLU N 26 51.02 -21.48 14.66
CA GLU N 26 50.25 -20.28 14.33
C GLU N 26 50.04 -19.41 15.57
N GLU N 27 49.73 -18.15 15.34
CA GLU N 27 49.55 -17.16 16.39
C GLU N 27 48.17 -16.54 16.30
N LEU N 28 47.86 -15.69 17.29
CA LEU N 28 46.53 -15.10 17.40
C LEU N 28 46.61 -13.85 18.26
N ILE N 29 45.50 -13.13 18.33
CA ILE N 29 45.32 -12.01 19.26
C ILE N 29 44.03 -12.26 20.01
N PHE N 30 44.11 -12.32 21.34
CA PHE N 30 43.00 -12.66 22.20
C PHE N 30 42.54 -11.42 22.94
N ARG N 31 41.24 -11.15 22.90
CA ARG N 31 40.65 -9.98 23.55
C ARG N 31 39.66 -10.45 24.62
N TYR N 32 39.70 -9.80 25.78
CA TYR N 32 38.85 -10.17 26.90
C TYR N 32 38.32 -8.92 27.58
N CYS N 33 37.40 -9.12 28.52
CA CYS N 33 36.76 -8.03 29.26
C CYS N 33 37.19 -8.08 30.72
N SER N 34 37.56 -6.92 31.26
CA SER N 34 37.96 -6.82 32.66
C SER N 34 37.77 -5.39 33.13
N GLY N 35 37.14 -5.24 34.30
CA GLY N 35 36.90 -3.94 34.88
C GLY N 35 35.85 -4.00 35.97
N PRO N 36 35.64 -2.88 36.66
CA PRO N 36 34.63 -2.84 37.72
C PRO N 36 33.28 -2.39 37.19
N CYS N 37 32.23 -2.93 37.82
CA CYS N 37 30.85 -2.61 37.47
C CYS N 37 30.09 -2.05 38.68
N HIS N 38 30.77 -1.24 39.49
CA HIS N 38 30.09 -0.60 40.61
C HIS N 38 29.10 0.46 40.14
N ASP N 39 29.38 1.11 39.01
CA ASP N 39 28.49 2.16 38.51
C ASP N 39 27.15 1.60 38.06
N ALA N 40 27.10 0.33 37.66
CA ALA N 40 25.88 -0.31 37.18
C ALA N 40 25.19 -1.09 38.29
N GLU N 41 25.24 -0.60 39.53
CA GLU N 41 24.64 -1.29 40.65
C GLU N 41 23.13 -1.07 40.69
N THR N 42 22.40 -2.12 41.04
CA THR N 42 20.96 -2.07 41.21
C THR N 42 20.60 -2.48 42.63
N ASN N 43 19.38 -2.12 43.05
CA ASN N 43 18.91 -2.58 44.35
C ASN N 43 18.94 -4.09 44.45
N TYR N 44 18.64 -4.79 43.34
CA TYR N 44 18.69 -6.24 43.34
C TYR N 44 20.08 -6.74 43.76
N ASP N 45 21.13 -6.05 43.33
CA ASP N 45 22.47 -6.42 43.76
C ASP N 45 22.64 -6.19 45.26
N LYS N 46 22.33 -4.97 45.72
CA LYS N 46 22.47 -4.66 47.14
C LYS N 46 21.70 -5.64 48.01
N ILE N 47 20.48 -5.99 47.60
CA ILE N 47 19.68 -6.94 48.37
C ILE N 47 20.39 -8.28 48.45
N LEU N 48 21.09 -8.67 47.38
CA LEU N 48 21.82 -9.93 47.41
C LEU N 48 23.01 -9.85 48.37
N ASN N 49 23.67 -8.69 48.43
CA ASN N 49 24.80 -8.54 49.34
C ASN N 49 24.34 -8.57 50.80
N ASN N 50 23.20 -7.95 51.09
CA ASN N 50 22.71 -7.92 52.47
C ASN N 50 22.16 -9.28 52.91
N LEU N 51 21.61 -10.05 51.97
CA LEU N 51 21.10 -11.37 52.32
C LEU N 51 22.21 -12.39 52.49
N THR N 52 23.31 -12.28 51.72
CA THR N 52 24.42 -13.20 51.89
C THR N 52 25.18 -12.93 53.17
N HIS N 53 25.29 -11.65 53.57
CA HIS N 53 25.88 -11.33 54.88
C HIS N 53 25.16 -12.08 55.98
N ASN N 54 23.84 -11.86 56.10
CA ASN N 54 22.99 -12.74 56.89
C ASN N 54 22.91 -14.10 56.18
N LYS N 55 22.17 -15.03 56.76
CA LYS N 55 22.06 -16.38 56.22
C LYS N 55 20.65 -16.67 55.72
N LYS N 56 19.98 -15.66 55.15
CA LYS N 56 18.64 -15.88 54.62
C LYS N 56 18.68 -16.81 53.42
N LEU N 57 19.55 -16.52 52.45
CA LEU N 57 19.76 -17.42 51.32
C LEU N 57 20.65 -18.57 51.75
N ASP N 58 20.20 -19.80 51.47
CA ASP N 58 20.86 -21.01 51.96
C ASP N 58 21.82 -21.52 50.88
N LYS N 59 23.12 -21.27 51.08
CA LYS N 59 24.16 -21.86 50.25
C LYS N 59 23.88 -21.67 48.76
N ASP N 60 23.43 -20.47 48.40
CA ASP N 60 23.11 -20.17 47.01
C ASP N 60 24.15 -19.27 46.33
N THR N 61 24.76 -18.35 47.08
CA THR N 61 25.78 -17.42 46.59
C THR N 61 25.42 -16.92 45.19
N PRO N 62 24.30 -16.21 45.04
CA PRO N 62 23.95 -15.65 43.73
C PRO N 62 24.97 -14.61 43.28
N SER N 63 24.99 -14.36 41.97
CA SER N 63 26.01 -13.53 41.35
C SER N 63 25.48 -12.12 41.12
N ARG N 64 26.32 -11.13 41.42
CA ARG N 64 26.00 -9.73 41.16
C ARG N 64 26.49 -9.35 39.76
N THR N 65 26.51 -8.06 39.46
CA THR N 65 26.90 -7.58 38.14
C THR N 65 28.26 -8.13 37.75
N CYS N 66 28.36 -8.61 36.51
CA CYS N 66 29.59 -9.12 35.94
C CYS N 66 30.00 -8.26 34.75
N CYS N 67 31.32 -8.17 34.54
CA CYS N 67 31.89 -7.49 33.38
C CYS N 67 32.18 -8.58 32.35
N ARG N 68 31.30 -8.69 31.35
CA ARG N 68 31.30 -9.78 30.39
C ARG N 68 31.21 -9.25 28.97
N PRO N 69 31.52 -10.08 27.98
CA PRO N 69 31.40 -9.65 26.59
C PRO N 69 29.96 -9.74 26.10
N ILE N 70 29.54 -8.71 25.37
CA ILE N 70 28.21 -8.69 24.76
C ILE N 70 28.26 -8.97 23.26
N ALA N 71 29.45 -9.05 22.66
CA ALA N 71 29.59 -9.35 21.25
C ALA N 71 30.92 -10.07 21.05
N PHE N 72 30.89 -11.20 20.36
CA PHE N 72 32.09 -11.99 20.11
C PHE N 72 32.77 -11.53 18.81
N ASP N 73 34.05 -11.86 18.71
CA ASP N 73 34.86 -11.48 17.57
C ASP N 73 34.77 -12.53 16.47
N ASP N 74 35.18 -12.14 15.26
CA ASP N 74 35.16 -13.03 14.11
C ASP N 74 35.90 -14.33 14.39
N ASP N 75 35.55 -15.38 13.66
CA ASP N 75 36.18 -16.68 13.87
C ASP N 75 37.65 -16.64 13.44
N ILE N 76 38.38 -17.67 13.84
CA ILE N 76 39.80 -17.79 13.53
C ILE N 76 40.07 -19.22 13.08
N SER N 77 40.91 -19.37 12.06
CA SER N 77 41.27 -20.68 11.53
C SER N 77 42.78 -20.79 11.44
N PHE N 78 43.28 -22.02 11.64
CA PHE N 78 44.71 -22.26 11.59
C PHE N 78 44.97 -23.66 11.04
N LEU N 79 46.24 -23.90 10.69
CA LEU N 79 46.70 -25.19 10.18
C LEU N 79 47.69 -25.78 11.16
N ASP N 80 47.46 -27.04 11.56
CA ASP N 80 48.29 -27.67 12.56
C ASP N 80 49.47 -28.39 11.91
N ASP N 81 50.27 -29.07 12.74
CA ASP N 81 51.49 -29.70 12.24
C ASP N 81 51.17 -30.85 11.29
N SER N 82 50.10 -31.60 11.56
CA SER N 82 49.73 -32.73 10.73
C SER N 82 49.04 -32.31 9.43
N LEU N 83 49.13 -31.04 9.05
CA LEU N 83 48.50 -30.53 7.82
C LEU N 83 46.99 -30.72 7.87
N GLU N 84 46.39 -30.32 9.00
CA GLU N 84 44.96 -30.40 9.22
C GLU N 84 44.46 -29.04 9.70
N TYR N 85 43.27 -28.67 9.26
CA TYR N 85 42.69 -27.37 9.56
C TYR N 85 41.73 -27.47 10.74
N HIS N 86 41.73 -26.44 11.58
CA HIS N 86 40.79 -26.32 12.69
C HIS N 86 40.26 -24.89 12.72
N THR N 87 39.03 -24.74 13.22
CA THR N 87 38.37 -23.45 13.28
C THR N 87 37.73 -23.28 14.66
N LEU N 88 37.98 -22.13 15.28
CA LEU N 88 37.43 -21.80 16.59
C LEU N 88 36.44 -20.66 16.47
N LYS N 89 35.35 -20.75 17.23
CA LYS N 89 34.29 -19.76 17.22
C LYS N 89 34.04 -19.28 18.64
N LYS N 90 33.56 -18.04 18.75
CA LYS N 90 33.26 -17.43 20.04
C LYS N 90 34.41 -17.63 21.02
N HIS N 91 35.58 -17.12 20.62
CA HIS N 91 36.81 -17.26 21.40
C HIS N 91 37.40 -15.94 21.87
N SER N 92 36.99 -14.81 21.30
CA SER N 92 37.54 -13.51 21.64
C SER N 92 36.41 -12.50 21.70
N ALA N 93 36.61 -11.46 22.52
CA ALA N 93 35.58 -10.47 22.78
C ALA N 93 35.68 -9.31 21.80
N LYS N 94 34.55 -8.90 21.23
CA LYS N 94 34.48 -7.74 20.37
C LYS N 94 33.93 -6.51 21.09
N LYS N 95 33.00 -6.68 22.02
CA LYS N 95 32.43 -5.56 22.76
C LYS N 95 32.07 -6.02 24.17
N CYS N 96 32.44 -5.22 25.17
CA CYS N 96 32.18 -5.53 26.56
C CYS N 96 31.07 -4.63 27.10
N ALA N 97 30.53 -5.01 28.26
CA ALA N 97 29.50 -4.24 28.93
C ALA N 97 29.11 -4.87 30.26
N CYS N 98 28.73 -4.05 31.24
CA CYS N 98 28.28 -4.57 32.52
C CYS N 98 26.91 -5.20 32.37
N VAL N 99 26.80 -6.46 32.79
CA VAL N 99 25.57 -7.22 32.63
C VAL N 99 25.12 -7.79 33.97
N GLU O 55 15.71 35.38 -52.05
CA GLU O 55 16.18 36.49 -51.24
C GLU O 55 17.44 36.09 -50.47
N ASN O 56 17.29 35.84 -49.18
CA ASN O 56 18.38 35.41 -48.31
C ASN O 56 18.09 33.99 -47.84
N ASN O 57 18.96 33.05 -48.20
CA ASN O 57 18.77 31.66 -47.79
C ASN O 57 18.62 31.55 -46.29
N CYS O 58 19.38 32.35 -45.53
CA CYS O 58 19.32 32.28 -44.08
C CYS O 58 17.95 32.73 -43.57
N LEU O 59 17.49 33.90 -44.01
CA LEU O 59 16.19 34.40 -43.60
C LEU O 59 15.08 33.43 -44.00
N ASN O 60 15.18 32.85 -45.20
CA ASN O 60 14.17 31.87 -45.63
C ASN O 60 14.17 30.64 -44.74
N ALA O 61 15.32 30.32 -44.13
CA ALA O 61 15.36 29.19 -43.20
C ALA O 61 14.62 29.51 -41.92
N ALA O 62 14.66 30.77 -41.48
CA ALA O 62 13.91 31.16 -40.29
C ALA O 62 12.41 31.15 -40.56
N LYS O 63 12.00 31.62 -41.74
CA LYS O 63 10.59 31.55 -42.12
C LYS O 63 10.09 30.11 -42.09
N ALA O 64 10.75 29.23 -42.84
CA ALA O 64 10.34 27.83 -42.87
C ALA O 64 10.27 27.24 -41.47
N CYS O 65 11.14 27.69 -40.57
CA CYS O 65 11.11 27.16 -39.20
C CYS O 65 9.86 27.60 -38.47
N ASN O 66 9.58 28.90 -38.46
CA ASN O 66 8.39 29.40 -37.78
C ASN O 66 7.12 28.79 -38.35
N LEU O 67 7.10 28.50 -39.66
CA LEU O 67 5.94 27.87 -40.29
C LEU O 67 5.88 26.36 -40.06
N ASN O 68 6.85 25.80 -39.35
CA ASN O 68 6.82 24.41 -38.91
C ASN O 68 6.58 24.39 -37.41
N ASP O 69 5.60 23.61 -36.97
CA ASP O 69 5.24 23.59 -35.55
C ASP O 69 6.41 23.08 -34.71
N THR O 70 7.01 21.96 -35.10
CA THR O 70 8.09 21.39 -34.32
C THR O 70 9.28 22.34 -34.23
N CYS O 71 9.68 22.92 -35.37
CA CYS O 71 10.78 23.87 -35.34
C CYS O 71 10.41 25.12 -34.57
N LYS O 72 9.19 25.62 -34.76
CA LYS O 72 8.77 26.83 -34.07
C LYS O 72 8.79 26.65 -32.56
N LYS O 73 8.33 25.49 -32.09
CA LYS O 73 8.24 25.25 -30.65
C LYS O 73 9.63 25.22 -30.01
N TYR O 74 10.48 24.30 -30.47
CA TYR O 74 11.78 24.13 -29.82
C TYR O 74 12.75 25.25 -30.12
N ARG O 75 12.56 25.99 -31.21
CA ARG O 75 13.35 27.19 -31.43
C ARG O 75 13.09 28.20 -30.32
N SER O 76 11.83 28.56 -30.11
CA SER O 76 11.49 29.45 -29.01
C SER O 76 11.94 28.87 -27.67
N ALA O 77 11.92 27.54 -27.55
CA ALA O 77 12.30 26.93 -26.27
C ALA O 77 13.72 27.28 -25.87
N TYR O 78 14.61 27.52 -26.83
CA TYR O 78 15.97 27.94 -26.51
C TYR O 78 16.19 29.44 -26.68
N ILE O 79 15.31 30.13 -27.39
CA ILE O 79 15.43 31.59 -27.47
C ILE O 79 15.12 32.23 -26.13
N SER O 80 14.09 31.71 -25.43
CA SER O 80 13.68 32.33 -24.16
C SER O 80 14.75 32.17 -23.09
N PRO O 81 15.21 30.95 -22.75
CA PRO O 81 16.23 30.85 -21.69
C PRO O 81 17.51 31.58 -22.03
N CYS O 82 17.93 31.59 -23.30
CA CYS O 82 19.14 32.32 -23.71
C CYS O 82 18.89 33.82 -23.83
N THR O 83 17.65 34.28 -23.59
CA THR O 83 17.32 35.70 -23.67
C THR O 83 16.84 36.29 -22.36
N SER O 84 16.45 35.47 -21.39
CA SER O 84 15.90 35.95 -20.13
C SER O 84 17.03 36.18 -19.14
N ARG O 85 17.18 37.43 -18.70
CA ARG O 85 18.20 37.75 -17.71
C ARG O 85 17.82 37.16 -16.34
N VAL O 86 18.84 36.88 -15.54
CA VAL O 86 18.65 36.33 -14.21
C VAL O 86 19.14 37.25 -13.11
N SER O 87 20.02 38.20 -13.41
CA SER O 87 20.52 39.13 -12.40
C SER O 87 21.30 40.22 -13.12
N THR O 88 21.70 41.25 -12.36
CA THR O 88 22.44 42.34 -12.96
C THR O 88 23.78 41.88 -13.54
N ALA O 89 24.40 40.88 -12.92
CA ALA O 89 25.68 40.36 -13.40
C ALA O 89 25.48 39.29 -14.47
N GLU O 90 24.73 38.23 -14.13
CA GLU O 90 24.47 37.15 -15.08
C GLU O 90 23.43 37.57 -16.10
N VAL O 91 23.69 37.25 -17.37
CA VAL O 91 22.77 37.58 -18.45
C VAL O 91 21.86 36.42 -18.82
N CYS O 92 22.11 35.22 -18.30
CA CYS O 92 21.31 34.05 -18.62
C CYS O 92 21.76 32.90 -17.74
N ASN O 93 20.97 31.84 -17.74
CA ASN O 93 21.35 30.58 -17.10
C ASN O 93 22.07 29.76 -18.15
N LYS O 94 23.40 29.93 -18.22
CA LYS O 94 24.16 29.34 -19.30
C LYS O 94 23.88 27.85 -19.45
N ARG O 95 23.78 27.14 -18.32
CA ARG O 95 23.50 25.70 -18.39
C ARG O 95 22.15 25.44 -19.03
N LYS O 96 21.13 26.21 -18.66
CA LYS O 96 19.81 26.01 -19.26
C LYS O 96 19.82 26.36 -20.73
N CYS O 97 20.52 27.43 -21.11
CA CYS O 97 20.61 27.81 -22.52
C CYS O 97 21.22 26.68 -23.36
N HIS O 98 22.36 26.15 -22.90
CA HIS O 98 22.99 25.05 -23.62
C HIS O 98 22.07 23.84 -23.69
N LYS O 99 21.43 23.49 -22.59
CA LYS O 99 20.54 22.34 -22.58
C LYS O 99 19.39 22.51 -23.57
N ALA O 100 18.99 23.75 -23.84
CA ALA O 100 17.96 24.00 -24.83
C ALA O 100 18.48 23.81 -26.24
N LEU O 101 19.72 24.27 -26.50
CA LEU O 101 20.30 24.11 -27.82
C LEU O 101 20.39 22.64 -28.21
N ARG O 102 20.97 21.80 -27.33
CA ARG O 102 21.04 20.38 -27.60
C ARG O 102 19.65 19.81 -27.90
N GLN O 103 18.64 20.30 -27.18
CA GLN O 103 17.27 19.84 -27.41
C GLN O 103 16.75 20.29 -28.77
N PHE O 104 17.19 21.46 -29.24
CA PHE O 104 16.75 21.95 -30.54
C PHE O 104 17.31 21.09 -31.67
N PHE O 105 18.55 20.63 -31.53
CA PHE O 105 19.16 19.82 -32.58
C PHE O 105 18.80 18.35 -32.46
N ASP O 106 18.31 17.90 -31.30
CA ASP O 106 17.94 16.50 -31.13
C ASP O 106 16.51 16.22 -31.59
N LYS O 107 15.60 17.19 -31.48
CA LYS O 107 14.18 16.95 -31.72
C LYS O 107 13.63 17.66 -32.94
N VAL O 108 14.29 18.70 -33.44
CA VAL O 108 13.83 19.42 -34.64
C VAL O 108 14.32 18.66 -35.87
N PRO O 109 13.53 18.58 -36.94
CA PRO O 109 14.02 17.93 -38.17
C PRO O 109 15.29 18.59 -38.67
N PRO O 110 16.27 17.80 -39.14
CA PRO O 110 17.54 18.40 -39.56
C PRO O 110 17.38 19.39 -40.71
N LYS O 111 16.44 19.16 -41.61
CA LYS O 111 16.23 20.07 -42.74
C LYS O 111 16.05 21.51 -42.29
N HIS O 112 15.51 21.71 -41.08
CA HIS O 112 15.29 23.06 -40.53
C HIS O 112 16.40 23.50 -39.59
N SER O 113 16.82 22.63 -38.68
CA SER O 113 17.85 23.01 -37.71
C SER O 113 19.17 23.30 -38.41
N TYR O 114 19.68 22.32 -39.17
CA TYR O 114 20.93 22.50 -39.88
C TYR O 114 20.79 23.38 -41.11
N GLY O 115 19.57 23.67 -41.54
CA GLY O 115 19.36 24.67 -42.57
C GLY O 115 19.45 26.09 -42.06
N MET O 116 19.29 26.29 -40.76
CA MET O 116 19.47 27.61 -40.15
C MET O 116 20.91 27.84 -39.71
N LEU O 117 21.58 26.80 -39.23
CA LEU O 117 22.95 26.93 -38.74
C LEU O 117 23.95 27.01 -39.89
N TYR O 118 23.66 26.35 -41.02
CA TYR O 118 24.57 26.27 -42.15
C TYR O 118 24.02 26.99 -43.38
N CYS O 119 23.32 28.10 -43.15
CA CYS O 119 22.72 28.83 -44.26
C CYS O 119 23.80 29.41 -45.16
N SER O 120 23.70 29.10 -46.46
CA SER O 120 24.65 29.63 -47.43
C SER O 120 24.45 31.14 -47.58
N CYS O 121 25.54 31.88 -47.53
CA CYS O 121 25.51 33.33 -47.58
C CYS O 121 26.42 33.85 -48.68
N PRO O 122 26.22 35.11 -49.10
CA PRO O 122 27.18 35.73 -50.02
C PRO O 122 28.61 35.55 -49.54
N LEU O 123 29.49 35.25 -50.49
CA LEU O 123 30.90 35.01 -50.19
C LEU O 123 31.67 36.28 -49.90
N GLY O 124 31.00 37.43 -49.83
CA GLY O 124 31.66 38.67 -49.51
C GLY O 124 32.11 38.75 -48.07
N ASP O 125 32.42 39.97 -47.63
CA ASP O 125 33.00 40.16 -46.31
C ASP O 125 31.98 39.91 -45.20
N GLN O 126 30.85 40.62 -45.26
CA GLN O 126 29.88 40.58 -44.16
C GLN O 126 28.56 41.14 -44.66
N SER O 127 27.46 40.59 -44.17
CA SER O 127 26.13 41.03 -44.59
C SER O 127 25.12 40.62 -43.54
N ALA O 128 23.84 40.83 -43.85
CA ALA O 128 22.78 40.40 -42.94
C ALA O 128 22.68 38.88 -42.88
N CYS O 129 22.83 38.22 -44.04
CA CYS O 129 22.82 36.76 -44.07
C CYS O 129 23.83 36.18 -43.09
N SER O 130 25.07 36.71 -43.12
CA SER O 130 26.10 36.19 -42.23
C SER O 130 25.77 36.47 -40.77
N GLU O 131 25.30 37.69 -40.47
CA GLU O 131 25.04 38.05 -39.08
C GLU O 131 23.90 37.22 -38.50
N ARG O 132 22.79 37.11 -39.21
CA ARG O 132 21.69 36.25 -38.77
C ARG O 132 22.21 34.86 -38.45
N ARG O 133 23.10 34.32 -39.29
CA ARG O 133 23.67 33.00 -39.03
C ARG O 133 24.44 32.98 -37.72
N ARG O 134 25.25 34.03 -37.48
CA ARG O 134 26.05 34.07 -36.27
C ARG O 134 25.20 34.08 -35.02
N GLN O 135 24.03 34.72 -35.08
CA GLN O 135 23.12 34.82 -33.94
C GLN O 135 22.24 33.58 -33.77
N THR O 136 22.42 32.54 -34.59
CA THR O 136 21.56 31.38 -34.51
C THR O 136 21.64 30.72 -33.15
N ILE O 137 22.84 30.63 -32.56
CA ILE O 137 23.00 30.03 -31.25
C ILE O 137 22.90 31.04 -30.12
N VAL O 138 22.58 32.29 -30.41
CA VAL O 138 22.52 33.33 -29.39
C VAL O 138 23.90 33.42 -28.74
N PRO O 139 24.92 33.90 -29.45
CA PRO O 139 26.28 33.85 -28.89
C PRO O 139 26.45 34.68 -27.63
N ALA O 140 25.62 35.70 -27.42
CA ALA O 140 25.77 36.55 -26.24
C ALA O 140 25.67 35.76 -24.95
N CYS O 141 25.02 34.60 -24.98
CA CYS O 141 24.82 33.77 -23.80
C CYS O 141 25.52 32.42 -23.90
N SER O 142 25.50 31.77 -25.05
CA SER O 142 26.06 30.44 -25.20
C SER O 142 27.54 30.44 -25.52
N TYR O 143 28.06 31.52 -26.10
CA TYR O 143 29.43 31.55 -26.63
C TYR O 143 30.32 32.47 -25.79
N GLU O 144 30.07 33.77 -25.80
CA GLU O 144 30.99 34.72 -25.18
C GLU O 144 31.02 34.54 -23.67
N ASP O 145 31.92 35.28 -23.02
CA ASP O 145 32.10 35.20 -21.58
C ASP O 145 33.05 36.30 -21.15
N LYS O 146 33.00 36.63 -19.85
CA LYS O 146 33.89 37.63 -19.30
C LYS O 146 35.36 37.27 -19.58
N GLU O 147 35.77 36.08 -19.15
CA GLU O 147 37.15 35.64 -19.30
C GLU O 147 37.29 34.74 -20.51
N ARG O 148 38.37 34.95 -21.26
CA ARG O 148 38.71 34.07 -22.38
C ARG O 148 39.79 33.11 -21.91
N PRO O 149 39.53 31.81 -21.83
CA PRO O 149 40.50 30.89 -21.24
C PRO O 149 41.62 30.55 -22.22
N ASN O 150 42.65 29.90 -21.68
CA ASN O 150 43.69 29.32 -22.50
C ASN O 150 43.19 28.01 -23.11
N CYS O 151 43.53 27.78 -24.37
CA CYS O 151 42.97 26.63 -25.08
C CYS O 151 43.36 25.32 -24.40
N LEU O 152 44.49 25.29 -23.69
CA LEU O 152 44.83 24.10 -22.92
C LEU O 152 43.85 23.92 -21.76
N THR O 153 43.60 24.99 -21.01
CA THR O 153 42.68 24.91 -19.88
C THR O 153 41.27 24.54 -20.36
N LEU O 154 40.87 25.03 -21.53
CA LEU O 154 39.57 24.68 -22.06
C LEU O 154 39.52 23.22 -22.49
N GLN O 155 40.64 22.67 -22.97
CA GLN O 155 40.66 21.28 -23.38
C GLN O 155 40.56 20.34 -22.18
N VAL O 156 41.18 20.69 -21.05
CA VAL O 156 41.15 19.80 -19.90
C VAL O 156 39.75 19.79 -19.28
N SER O 157 39.01 20.88 -19.39
CA SER O 157 37.65 20.91 -18.86
C SER O 157 36.73 20.05 -19.71
N CYS O 158 36.78 20.22 -21.04
CA CYS O 158 35.96 19.40 -21.92
C CYS O 158 36.27 17.93 -21.75
N LYS O 159 37.54 17.60 -21.50
CA LYS O 159 37.93 16.20 -21.35
C LYS O 159 37.48 15.63 -20.01
N THR O 160 37.31 16.48 -18.99
CA THR O 160 36.72 16.02 -17.75
C THR O 160 35.30 15.53 -17.98
N ASN O 161 34.47 16.37 -18.57
CA ASN O 161 33.12 15.97 -18.96
C ASN O 161 33.18 14.87 -20.01
N TYR O 162 32.45 13.78 -19.77
CA TYR O 162 32.52 12.64 -20.68
C TYR O 162 31.85 12.94 -22.01
N ILE O 163 30.69 13.60 -21.99
CA ILE O 163 29.98 13.83 -23.24
C ILE O 163 30.72 14.83 -24.11
N CYS O 164 31.41 15.80 -23.50
CA CYS O 164 32.18 16.75 -24.29
C CYS O 164 33.42 16.10 -24.88
N ARG O 165 34.07 15.22 -24.11
CA ARG O 165 35.29 14.58 -24.59
C ARG O 165 35.03 13.74 -25.83
N SER O 166 34.00 12.88 -25.77
CA SER O 166 33.68 12.05 -26.92
C SER O 166 33.32 12.90 -28.14
N ARG O 167 32.59 14.00 -27.93
CA ARG O 167 32.23 14.86 -29.04
C ARG O 167 33.46 15.52 -29.66
N LEU O 168 34.41 15.94 -28.82
CA LEU O 168 35.62 16.56 -29.34
C LEU O 168 36.46 15.55 -30.13
N ALA O 169 36.56 14.32 -29.61
CA ALA O 169 37.33 13.30 -30.31
C ALA O 169 36.73 13.00 -31.67
N ASP O 170 35.40 12.89 -31.76
CA ASP O 170 34.78 12.60 -33.04
C ASP O 170 34.97 13.76 -34.02
N PHE O 171 35.03 15.00 -33.52
CA PHE O 171 35.22 16.14 -34.40
C PHE O 171 36.59 16.12 -35.05
N PHE O 172 37.64 15.89 -34.25
CA PHE O 172 38.99 15.87 -34.81
C PHE O 172 39.19 14.68 -35.74
N THR O 173 38.48 13.58 -35.49
CA THR O 173 38.66 12.40 -36.33
C THR O 173 37.94 12.54 -37.67
N ASN O 174 36.71 13.07 -37.66
CA ASN O 174 35.88 13.07 -38.85
C ASN O 174 36.08 14.30 -39.73
N CYS O 175 36.64 15.38 -39.19
CA CYS O 175 36.89 16.60 -39.95
C CYS O 175 38.37 16.78 -40.27
N GLN O 176 39.12 15.69 -40.33
CA GLN O 176 40.55 15.77 -40.63
C GLN O 176 40.74 16.12 -42.10
N PRO O 177 41.43 17.21 -42.42
CA PRO O 177 41.59 17.60 -43.83
C PRO O 177 42.73 16.87 -44.52
N GLU O 178 42.59 16.71 -45.83
CA GLU O 178 43.60 16.07 -46.68
C GLU O 178 43.77 16.94 -47.92
N PRO O 179 44.82 17.75 -48.00
CA PRO O 179 44.98 18.64 -49.16
C PRO O 179 44.95 17.91 -50.49
N LEU O 180 45.31 16.62 -50.51
CA LEU O 180 45.34 15.87 -51.76
C LEU O 180 43.98 15.30 -52.16
N SER O 181 42.93 15.56 -51.39
CA SER O 181 41.59 15.05 -51.69
C SER O 181 40.75 16.13 -52.35
N LEU O 182 40.03 15.73 -53.42
CA LEU O 182 39.14 16.67 -54.08
C LEU O 182 38.11 17.24 -53.11
N SER O 183 37.55 16.38 -52.26
CA SER O 183 36.58 16.85 -51.27
C SER O 183 37.22 17.69 -50.19
N GLY O 184 38.46 17.35 -49.81
CA GLY O 184 39.17 18.02 -48.75
C GLY O 184 39.18 17.27 -47.43
N CYS O 185 38.39 16.20 -47.31
CA CYS O 185 38.30 15.43 -46.09
C CYS O 185 39.01 14.10 -46.25
N LEU O 186 39.79 13.71 -45.24
CA LEU O 186 40.47 12.42 -45.26
C LEU O 186 39.47 11.28 -45.26
N LYS O 187 38.42 11.38 -44.43
CA LYS O 187 37.43 10.33 -44.32
C LYS O 187 36.35 10.38 -45.40
N GLU O 188 36.30 11.46 -46.17
CA GLU O 188 35.44 11.53 -47.36
C GLU O 188 33.96 11.33 -47.00
N ASN O 189 33.48 12.17 -46.08
CA ASN O 189 32.06 12.17 -45.75
C ASN O 189 31.75 13.48 -45.03
N TYR O 190 31.06 14.38 -45.72
CA TYR O 190 30.73 15.67 -45.11
C TYR O 190 29.77 15.50 -43.94
N ALA O 191 28.78 14.63 -44.09
CA ALA O 191 27.78 14.45 -43.04
C ALA O 191 28.43 14.14 -41.70
N ASP O 192 29.39 13.20 -41.69
CA ASP O 192 30.03 12.83 -40.44
C ASP O 192 30.81 14.00 -39.84
N CYS O 193 31.33 14.90 -40.68
CA CYS O 193 32.04 16.05 -40.15
C CYS O 193 31.08 17.13 -39.66
N LEU O 194 29.97 17.34 -40.36
CA LEU O 194 29.01 18.34 -39.91
C LEU O 194 28.40 17.97 -38.57
N LEU O 195 28.05 16.70 -38.39
CA LEU O 195 27.44 16.28 -37.14
C LEU O 195 28.42 16.41 -35.98
N SER O 196 29.64 15.91 -36.14
CA SER O 196 30.63 16.00 -35.08
C SER O 196 30.88 17.45 -34.69
N TYR O 197 30.75 18.38 -35.64
CA TYR O 197 30.90 19.79 -35.32
C TYR O 197 29.68 20.32 -34.56
N SER O 198 28.48 19.92 -34.99
CA SER O 198 27.27 20.39 -34.32
C SER O 198 27.21 19.91 -32.87
N GLY O 199 27.66 18.67 -32.62
CA GLY O 199 27.64 18.11 -31.29
C GLY O 199 28.35 18.97 -30.26
N LEU O 200 29.27 19.82 -30.72
CA LEU O 200 29.98 20.70 -29.81
C LEU O 200 29.10 21.82 -29.28
N ILE O 201 27.99 22.11 -29.95
CA ILE O 201 27.09 23.18 -29.50
C ILE O 201 26.37 22.71 -28.25
N GLY O 202 26.54 23.45 -27.16
CA GLY O 202 25.98 23.07 -25.87
C GLY O 202 27.00 22.58 -24.87
N THR O 203 28.26 22.42 -25.28
CA THR O 203 29.32 21.99 -24.39
C THR O 203 30.19 23.19 -24.00
N VAL O 204 31.27 22.93 -23.29
CA VAL O 204 32.23 23.98 -22.97
C VAL O 204 32.99 24.46 -24.21
N MET O 205 32.91 23.69 -25.30
CA MET O 205 33.62 24.00 -26.53
C MET O 205 32.70 24.51 -27.63
N THR O 206 31.64 25.22 -27.25
CA THR O 206 30.66 25.69 -28.22
C THR O 206 31.33 26.55 -29.29
N PRO O 207 31.26 26.18 -30.57
CA PRO O 207 31.84 27.03 -31.61
C PRO O 207 30.80 27.95 -32.26
N ASN O 208 31.25 29.10 -32.76
CA ASN O 208 30.36 30.01 -33.47
C ASN O 208 31.15 30.72 -34.54
N TYR O 209 30.45 31.13 -35.61
CA TYR O 209 31.10 31.82 -36.70
C TYR O 209 31.78 33.09 -36.20
N LEU O 210 32.91 33.42 -36.83
CA LEU O 210 33.60 34.67 -36.58
C LEU O 210 33.36 35.63 -37.73
N ARG O 211 33.68 36.90 -37.49
CA ARG O 211 33.57 37.94 -38.51
C ARG O 211 34.83 37.91 -39.36
N SER O 212 34.71 37.48 -40.61
CA SER O 212 35.85 37.33 -41.49
C SER O 212 35.37 37.47 -42.93
N PRO O 213 36.30 37.63 -43.87
CA PRO O 213 35.86 37.69 -45.28
C PRO O 213 35.26 36.39 -45.77
N LYS O 214 35.86 35.26 -45.43
CA LYS O 214 35.31 33.94 -45.73
C LYS O 214 34.68 33.36 -44.47
N ILE O 215 34.49 32.04 -44.45
CA ILE O 215 33.88 31.38 -43.31
C ILE O 215 34.96 30.97 -42.32
N SER O 216 34.73 31.26 -41.05
CA SER O 216 35.63 30.84 -39.99
C SER O 216 34.82 30.54 -38.74
N VAL O 217 35.16 29.45 -38.08
CA VAL O 217 34.53 29.05 -36.82
C VAL O 217 35.63 28.91 -35.78
N SER O 218 35.27 29.13 -34.51
CA SER O 218 36.23 29.06 -33.43
C SER O 218 35.59 28.67 -32.12
N PRO O 219 36.26 27.88 -31.30
CA PRO O 219 35.87 27.75 -29.90
C PRO O 219 36.44 28.93 -29.11
N PHE O 220 35.72 29.30 -28.06
CA PHE O 220 36.06 30.50 -27.29
C PHE O 220 37.32 30.23 -26.47
N CYS O 221 38.48 30.38 -27.12
CA CYS O 221 39.76 30.18 -26.46
C CYS O 221 40.84 30.95 -27.22
N ASP O 222 41.90 31.33 -26.50
CA ASP O 222 42.98 32.14 -27.05
C ASP O 222 44.32 31.58 -26.63
N CYS O 223 45.33 31.79 -27.47
CA CYS O 223 46.69 31.35 -27.21
C CYS O 223 47.54 32.54 -26.79
N SER O 224 48.23 32.40 -25.64
CA SER O 224 49.13 33.45 -25.18
C SER O 224 50.27 32.90 -24.33
N SER O 225 50.55 31.60 -24.38
CA SER O 225 51.62 31.03 -23.57
C SER O 225 52.99 31.48 -24.06
N SER O 226 53.27 31.29 -25.36
CA SER O 226 54.54 31.69 -25.94
C SER O 226 55.72 31.01 -25.26
N GLY O 227 55.56 29.72 -24.96
CA GLY O 227 56.60 28.97 -24.30
C GLY O 227 57.00 27.71 -25.04
N ASN O 228 56.70 27.68 -26.34
CA ASN O 228 56.88 26.55 -27.25
C ASN O 228 55.73 25.54 -27.08
N SER O 229 54.90 25.67 -26.04
CA SER O 229 53.60 25.02 -26.03
C SER O 229 52.60 25.72 -26.96
N LYS O 230 52.98 26.89 -27.48
CA LYS O 230 52.13 27.63 -28.40
C LYS O 230 51.93 26.91 -29.72
N GLU O 231 52.80 25.95 -30.05
CA GLU O 231 52.63 25.20 -31.29
C GLU O 231 51.39 24.31 -31.24
N GLU O 232 51.23 23.56 -30.14
CA GLU O 232 50.02 22.75 -29.98
C GLU O 232 48.78 23.62 -29.95
N CYS O 233 48.88 24.81 -29.35
CA CYS O 233 47.74 25.72 -29.32
C CYS O 233 47.38 26.20 -30.72
N ASP O 234 48.39 26.56 -31.52
CA ASP O 234 48.12 27.05 -32.87
C ASP O 234 47.64 25.93 -33.78
N ARG O 235 48.11 24.69 -33.57
CA ARG O 235 47.56 23.58 -34.32
C ARG O 235 46.11 23.31 -33.95
N PHE O 236 45.74 23.56 -32.70
CA PHE O 236 44.36 23.35 -32.27
C PHE O 236 43.44 24.41 -32.85
N THR O 237 43.73 25.69 -32.58
CA THR O 237 42.89 26.76 -33.12
C THR O 237 42.77 26.66 -34.64
N GLU O 238 43.87 26.33 -35.31
CA GLU O 238 43.83 26.23 -36.76
C GLU O 238 42.88 25.13 -37.23
N PHE O 239 42.65 24.12 -36.40
CA PHE O 239 41.77 23.03 -36.81
C PHE O 239 40.32 23.49 -36.96
N PHE O 240 39.94 24.58 -36.30
CA PHE O 240 38.63 25.18 -36.46
C PHE O 240 38.62 26.32 -37.48
N THR O 241 39.67 27.15 -37.48
CA THR O 241 39.64 28.38 -38.26
C THR O 241 39.98 28.12 -39.73
N ASP O 242 41.01 27.34 -40.01
CA ASP O 242 41.47 27.06 -41.37
C ASP O 242 41.45 25.55 -41.59
N ASN O 243 40.26 25.02 -41.86
CA ASN O 243 40.05 23.60 -42.10
C ASN O 243 39.25 23.47 -43.39
N ALA O 244 39.91 23.03 -44.46
CA ALA O 244 39.25 22.96 -45.76
C ALA O 244 38.16 21.89 -45.78
N CYS O 245 38.28 20.86 -44.94
CA CYS O 245 37.24 19.84 -44.87
C CYS O 245 35.97 20.41 -44.24
N LEU O 246 36.12 21.19 -43.16
CA LEU O 246 34.95 21.77 -42.51
C LEU O 246 34.35 22.87 -43.37
N ARG O 247 35.19 23.64 -44.06
CA ARG O 247 34.67 24.75 -44.86
C ARG O 247 33.88 24.25 -46.06
N ASN O 248 34.25 23.10 -46.63
CA ASN O 248 33.50 22.59 -47.77
C ASN O 248 32.17 21.99 -47.34
N ALA O 249 32.15 21.24 -46.23
CA ALA O 249 30.92 20.61 -45.77
C ALA O 249 29.83 21.65 -45.55
N ILE O 250 30.16 22.73 -44.83
CA ILE O 250 29.19 23.78 -44.56
C ILE O 250 28.68 24.38 -45.87
N GLN O 251 29.60 24.82 -46.73
CA GLN O 251 29.19 25.37 -48.02
C GLN O 251 28.46 24.34 -48.87
N ALA O 252 28.77 23.06 -48.68
CA ALA O 252 28.07 22.02 -49.45
C ALA O 252 26.65 21.81 -48.94
N PHE O 253 26.47 21.89 -47.62
CA PHE O 253 25.13 21.68 -47.06
C PHE O 253 24.22 22.86 -47.41
N GLY O 254 24.66 24.08 -47.12
CA GLY O 254 23.89 25.24 -47.50
C GLY O 254 23.55 25.25 -48.98
N ASN O 255 24.46 24.75 -49.81
CA ASN O 255 24.18 24.62 -51.23
C ASN O 255 22.91 23.80 -51.47
N GLY O 256 22.80 22.65 -50.82
CA GLY O 256 21.68 21.75 -51.05
C GLY O 256 20.37 22.15 -50.41
N THR O 257 20.38 23.12 -49.51
CA THR O 257 19.17 23.54 -48.81
C THR O 257 18.68 24.92 -49.23
N GLY O 258 19.36 25.56 -50.19
CA GLY O 258 19.01 26.90 -50.60
C GLY O 258 18.60 26.94 -52.06
N SER O 259 17.99 28.06 -52.44
CA SER O 259 17.53 28.28 -53.79
C SER O 259 17.99 29.60 -54.38
N GLY P 5 -19.71 25.04 -35.91
CA GLY P 5 -20.06 26.28 -35.24
C GLY P 5 -18.85 27.14 -34.93
N CYS P 6 -18.39 27.07 -33.68
CA CYS P 6 -17.19 27.79 -33.23
C CYS P 6 -15.97 27.03 -33.75
N LEU P 7 -15.36 27.55 -34.82
CA LEU P 7 -14.30 26.86 -35.54
C LEU P 7 -13.00 27.63 -35.49
N LEU P 8 -11.91 26.93 -35.79
CA LEU P 8 -10.57 27.48 -35.75
C LEU P 8 -10.07 27.68 -37.17
N LYS P 9 -9.54 28.88 -37.45
CA LYS P 9 -9.10 29.26 -38.78
C LYS P 9 -7.63 29.66 -38.77
N GLU P 10 -6.97 29.47 -39.90
CA GLU P 10 -5.56 29.79 -40.07
C GLU P 10 -5.38 30.95 -41.03
N ILE P 11 -4.37 31.78 -40.77
CA ILE P 11 -3.98 32.86 -41.67
C ILE P 11 -2.47 32.98 -41.64
N HIS P 12 -1.85 33.08 -42.82
CA HIS P 12 -0.41 33.23 -42.97
C HIS P 12 -0.11 34.72 -43.11
N LEU P 13 0.72 35.24 -42.21
CA LEU P 13 0.98 36.67 -42.15
C LEU P 13 2.46 36.92 -41.89
N ASN P 14 2.84 38.18 -41.94
CA ASN P 14 4.15 38.63 -41.48
C ASN P 14 4.02 39.18 -40.07
N VAL P 15 5.12 39.13 -39.31
CA VAL P 15 5.12 39.74 -37.99
C VAL P 15 4.74 41.21 -38.07
N THR P 16 5.12 41.88 -39.18
CA THR P 16 4.81 43.29 -39.31
C THR P 16 3.32 43.55 -39.49
N ASP P 17 2.59 42.58 -40.04
CA ASP P 17 1.15 42.75 -40.23
C ASP P 17 0.41 42.86 -38.90
N LEU P 18 1.00 42.37 -37.81
CA LEU P 18 0.34 42.37 -36.51
C LEU P 18 0.43 43.73 -35.81
N ASP P 19 1.08 44.72 -36.43
CA ASP P 19 1.11 46.09 -35.90
C ASP P 19 1.50 46.13 -34.43
N LEU P 20 2.35 45.20 -34.00
CA LEU P 20 2.84 45.19 -32.63
C LEU P 20 4.05 46.08 -32.43
N GLY P 21 4.67 46.56 -33.50
CA GLY P 21 5.79 47.48 -33.41
C GLY P 21 7.15 46.89 -33.66
N TYR P 22 7.24 45.72 -34.28
CA TYR P 22 8.51 45.04 -34.51
C TYR P 22 9.03 45.29 -35.92
N ARG P 23 10.34 45.46 -36.03
CA ARG P 23 11.02 45.67 -37.31
C ARG P 23 11.65 44.34 -37.68
N THR P 24 10.94 43.55 -38.48
CA THR P 24 11.40 42.21 -38.81
C THR P 24 10.69 41.70 -40.05
N LYS P 25 11.38 40.84 -40.80
CA LYS P 25 10.84 40.22 -41.99
C LYS P 25 10.44 38.76 -41.75
N GLU P 26 10.25 38.37 -40.49
CA GLU P 26 9.85 37.02 -40.16
C GLU P 26 8.35 36.82 -40.42
N GLU P 27 7.98 35.56 -40.63
CA GLU P 27 6.61 35.18 -40.93
C GLU P 27 6.10 34.21 -39.87
N LEU P 28 4.77 34.11 -39.79
CA LEU P 28 4.11 33.32 -38.76
C LEU P 28 2.87 32.66 -39.34
N ILE P 29 2.15 31.94 -38.48
CA ILE P 29 0.83 31.39 -38.81
C ILE P 29 -0.07 31.65 -37.62
N PHE P 30 -1.11 32.45 -37.82
CA PHE P 30 -1.98 32.90 -36.74
C PHE P 30 -3.30 32.14 -36.80
N ARG P 31 -3.75 31.66 -35.64
CA ARG P 31 -4.98 30.88 -35.52
C ARG P 31 -5.95 31.63 -34.62
N TYR P 32 -7.21 31.73 -35.06
CA TYR P 32 -8.23 32.44 -34.30
C TYR P 32 -9.54 31.64 -34.36
N CYS P 33 -10.43 31.97 -33.44
CA CYS P 33 -11.74 31.32 -33.34
C CYS P 33 -12.82 32.24 -33.88
N SER P 34 -13.66 31.72 -34.77
CA SER P 34 -14.79 32.48 -35.29
C SER P 34 -15.93 31.52 -35.57
N GLY P 35 -17.14 31.93 -35.22
CA GLY P 35 -18.31 31.14 -35.45
C GLY P 35 -19.49 31.55 -34.60
N PRO P 36 -20.66 30.95 -34.84
CA PRO P 36 -21.83 31.26 -34.02
C PRO P 36 -22.02 30.28 -32.88
N CYS P 37 -22.26 30.80 -31.68
CA CYS P 37 -22.57 29.99 -30.51
C CYS P 37 -24.06 30.02 -30.17
N HIS P 38 -24.92 30.13 -31.19
CA HIS P 38 -26.36 30.19 -30.94
C HIS P 38 -26.92 28.84 -30.51
N ASP P 39 -26.26 27.74 -30.85
CA ASP P 39 -26.71 26.42 -30.45
C ASP P 39 -26.28 26.03 -29.05
N ALA P 40 -25.47 26.87 -28.39
CA ALA P 40 -25.07 26.64 -27.00
C ALA P 40 -25.62 27.72 -26.08
N GLU P 41 -26.76 28.30 -26.44
CA GLU P 41 -27.39 29.33 -25.63
C GLU P 41 -28.14 28.70 -24.47
N THR P 42 -28.01 29.31 -23.30
CA THR P 42 -28.70 28.89 -22.10
C THR P 42 -29.86 29.84 -21.81
N ASN P 43 -30.70 29.44 -20.84
CA ASN P 43 -31.74 30.34 -20.36
C ASN P 43 -31.14 31.66 -19.90
N TYR P 44 -30.00 31.60 -19.22
CA TYR P 44 -29.31 32.81 -18.80
C TYR P 44 -29.10 33.75 -19.98
N ASP P 45 -28.87 33.20 -21.17
CA ASP P 45 -28.70 34.03 -22.37
C ASP P 45 -30.04 34.57 -22.85
N LYS P 46 -31.06 33.69 -22.94
CA LYS P 46 -32.37 34.15 -23.37
C LYS P 46 -32.93 35.22 -22.44
N ILE P 47 -32.64 35.11 -21.14
CA ILE P 47 -33.09 36.13 -20.20
C ILE P 47 -32.36 37.45 -20.47
N LEU P 48 -31.10 37.39 -20.87
CA LEU P 48 -30.36 38.62 -21.13
C LEU P 48 -30.88 39.35 -22.37
N ASN P 49 -31.40 38.62 -23.34
CA ASN P 49 -31.98 39.26 -24.53
C ASN P 49 -33.35 39.86 -24.22
N ASN P 50 -34.13 39.21 -23.37
CA ASN P 50 -35.45 39.73 -23.03
C ASN P 50 -35.38 40.91 -22.09
N LEU P 51 -34.40 40.92 -21.17
CA LEU P 51 -34.28 42.04 -20.25
C LEU P 51 -33.73 43.28 -20.94
N THR P 52 -32.85 43.10 -21.93
CA THR P 52 -32.32 44.25 -22.65
C THR P 52 -33.40 44.93 -23.49
N HIS P 53 -34.26 44.14 -24.13
CA HIS P 53 -35.36 44.73 -24.90
C HIS P 53 -36.36 45.41 -23.97
N ASN P 54 -36.61 44.83 -22.79
CA ASN P 54 -37.51 45.40 -21.81
C ASN P 54 -36.89 46.57 -21.05
N LYS P 55 -35.62 46.89 -21.30
CA LYS P 55 -34.95 48.05 -20.72
C LYS P 55 -34.99 47.98 -19.18
N LYS P 56 -34.83 46.77 -18.64
CA LYS P 56 -34.86 46.55 -17.21
C LYS P 56 -33.49 46.41 -16.57
N LEU P 57 -32.42 46.36 -17.37
CA LEU P 57 -31.08 46.17 -16.84
C LEU P 57 -30.34 47.48 -16.55
N ASP P 58 -30.93 48.62 -16.89
CA ASP P 58 -30.38 49.93 -16.52
C ASP P 58 -29.03 50.16 -17.17
N LYS P 59 -29.02 50.10 -18.50
CA LYS P 59 -27.85 50.44 -19.31
C LYS P 59 -26.63 49.59 -18.93
N ASP P 60 -26.80 48.28 -19.05
CA ASP P 60 -25.72 47.31 -18.90
C ASP P 60 -25.81 46.31 -20.04
N THR P 61 -24.68 46.07 -20.70
CA THR P 61 -24.64 45.19 -21.86
C THR P 61 -23.89 43.90 -21.52
N PRO P 62 -24.52 42.98 -20.79
CA PRO P 62 -23.84 41.73 -20.47
C PRO P 62 -23.61 40.89 -21.72
N SER P 63 -22.59 40.05 -21.67
CA SER P 63 -22.19 39.24 -22.82
C SER P 63 -22.93 37.90 -22.82
N ARG P 64 -23.38 37.49 -24.00
CA ARG P 64 -23.92 36.17 -24.21
C ARG P 64 -22.77 35.23 -24.60
N THR P 65 -23.10 34.02 -25.04
CA THR P 65 -22.07 33.05 -25.39
C THR P 65 -21.09 33.64 -26.39
N CYS P 66 -19.79 33.43 -26.12
CA CYS P 66 -18.72 33.85 -27.00
C CYS P 66 -18.00 32.64 -27.58
N CYS P 67 -17.46 32.81 -28.78
CA CYS P 67 -16.64 31.79 -29.42
C CYS P 67 -15.19 32.17 -29.17
N ARG P 68 -14.65 31.68 -28.06
CA ARG P 68 -13.34 32.07 -27.55
C ARG P 68 -12.38 30.89 -27.54
N PRO P 69 -11.07 31.14 -27.55
CA PRO P 69 -10.11 30.04 -27.41
C PRO P 69 -10.00 29.58 -25.97
N ILE P 70 -9.90 28.27 -25.80
CA ILE P 70 -9.72 27.67 -24.47
C ILE P 70 -8.27 27.27 -24.21
N ALA P 71 -7.46 27.11 -25.25
CA ALA P 71 -6.06 26.75 -25.11
C ALA P 71 -5.25 27.46 -26.18
N PHE P 72 -4.18 28.12 -25.76
CA PHE P 72 -3.34 28.87 -26.69
C PHE P 72 -2.26 27.97 -27.29
N ASP P 73 -1.54 28.51 -28.27
CA ASP P 73 -0.56 27.76 -29.03
C ASP P 73 0.85 27.99 -28.49
N ASP P 74 1.77 27.15 -28.94
CA ASP P 74 3.17 27.26 -28.53
C ASP P 74 3.71 28.66 -28.80
N ASP P 75 4.72 29.05 -28.03
CA ASP P 75 5.31 30.37 -28.16
C ASP P 75 6.13 30.46 -29.44
N ILE P 76 6.18 31.67 -30.00
CA ILE P 76 6.91 31.95 -31.23
C ILE P 76 7.99 32.98 -30.94
N SER P 77 9.17 32.77 -31.51
CA SER P 77 10.29 33.70 -31.39
C SER P 77 10.73 34.15 -32.78
N PHE P 78 11.25 35.37 -32.85
CA PHE P 78 11.73 35.90 -34.12
C PHE P 78 12.90 36.86 -33.85
N LEU P 79 13.70 37.06 -34.89
CA LEU P 79 14.86 37.95 -34.84
C LEU P 79 14.56 39.18 -35.68
N ASP P 80 14.89 40.35 -35.14
CA ASP P 80 14.57 41.60 -35.81
C ASP P 80 15.77 42.09 -36.62
N ASP P 81 15.53 43.14 -37.42
CA ASP P 81 16.59 43.67 -38.28
C ASP P 81 17.74 44.24 -37.48
N SER P 82 17.50 44.64 -36.23
CA SER P 82 18.56 45.15 -35.37
C SER P 82 19.30 44.03 -34.63
N LEU P 83 19.16 42.79 -35.08
CA LEU P 83 19.85 41.65 -34.47
C LEU P 83 19.50 41.54 -32.98
N GLU P 84 18.20 41.48 -32.70
CA GLU P 84 17.70 41.30 -31.33
C GLU P 84 16.53 40.34 -31.36
N TYR P 85 16.56 39.37 -30.45
CA TYR P 85 15.52 38.34 -30.39
C TYR P 85 14.33 38.82 -29.58
N HIS P 86 13.14 38.52 -30.05
CA HIS P 86 11.90 38.79 -29.33
C HIS P 86 11.09 37.50 -29.25
N THR P 87 10.26 37.39 -28.22
CA THR P 87 9.40 36.24 -28.02
C THR P 87 8.01 36.72 -27.66
N LEU P 88 6.99 36.03 -28.19
CA LEU P 88 5.59 36.34 -27.91
C LEU P 88 4.92 35.09 -27.35
N LYS P 89 3.98 35.31 -26.42
CA LYS P 89 3.27 34.23 -25.76
C LYS P 89 1.78 34.51 -25.77
N LYS P 90 0.99 33.45 -25.88
CA LYS P 90 -0.47 33.54 -25.94
C LYS P 90 -0.90 34.50 -27.05
N HIS P 91 -0.51 34.14 -28.28
CA HIS P 91 -0.82 34.93 -29.46
C HIS P 91 -1.67 34.18 -30.49
N SER P 92 -1.75 32.86 -30.41
CA SER P 92 -2.48 32.05 -31.38
C SER P 92 -3.31 31.03 -30.64
N ALA P 93 -4.45 30.67 -31.23
CA ALA P 93 -5.38 29.74 -30.60
C ALA P 93 -5.08 28.31 -31.02
N LYS P 94 -5.09 27.40 -30.05
CA LYS P 94 -4.90 25.97 -30.30
C LYS P 94 -6.20 25.18 -30.27
N LYS P 95 -7.19 25.61 -29.49
CA LYS P 95 -8.48 24.94 -29.43
C LYS P 95 -9.54 25.95 -29.01
N CYS P 96 -10.70 25.87 -29.64
CA CYS P 96 -11.80 26.80 -29.40
C CYS P 96 -12.92 26.10 -28.63
N ALA P 97 -13.91 26.91 -28.23
CA ALA P 97 -15.10 26.42 -27.54
C ALA P 97 -16.02 27.60 -27.29
N CYS P 98 -17.31 27.31 -27.09
CA CYS P 98 -18.29 28.32 -26.77
C CYS P 98 -18.30 28.55 -25.27
N VAL P 99 -17.87 29.75 -24.86
CA VAL P 99 -17.78 30.09 -23.44
C VAL P 99 -18.84 31.11 -23.09
N ASN Q 56 54.66 34.68 -5.21
CA ASN Q 56 54.41 33.26 -5.08
C ASN Q 56 53.19 32.85 -5.88
N ASN Q 57 53.41 32.08 -6.96
CA ASN Q 57 52.29 31.60 -7.76
C ASN Q 57 51.49 30.53 -7.02
N CYS Q 58 52.16 29.72 -6.20
CA CYS Q 58 51.45 28.68 -5.46
C CYS Q 58 50.42 29.28 -4.51
N LEU Q 59 50.78 30.36 -3.82
CA LEU Q 59 49.86 30.98 -2.88
C LEU Q 59 48.75 31.73 -3.60
N ASN Q 60 49.10 32.50 -4.65
CA ASN Q 60 48.09 33.21 -5.42
C ASN Q 60 47.00 32.28 -5.92
N ALA Q 61 47.35 31.02 -6.22
CA ALA Q 61 46.34 30.06 -6.65
C ALA Q 61 45.41 29.69 -5.50
N ALA Q 62 45.97 29.52 -4.29
CA ALA Q 62 45.13 29.21 -3.14
C ALA Q 62 44.13 30.33 -2.86
N LYS Q 63 44.58 31.59 -2.93
CA LYS Q 63 43.67 32.70 -2.72
C LYS Q 63 42.52 32.67 -3.71
N ALA Q 64 42.82 32.42 -4.99
CA ALA Q 64 41.76 32.36 -5.99
C ALA Q 64 40.73 31.28 -5.65
N CYS Q 65 41.17 30.17 -5.05
CA CYS Q 65 40.25 29.09 -4.74
C CYS Q 65 39.35 29.46 -3.57
N ASN Q 66 39.89 30.12 -2.55
CA ASN Q 66 39.07 30.50 -1.41
C ASN Q 66 38.02 31.55 -1.79
N LEU Q 67 38.33 32.41 -2.75
CA LEU Q 67 37.40 33.44 -3.18
C LEU Q 67 36.42 32.95 -4.24
N ASN Q 68 36.52 31.69 -4.65
CA ASN Q 68 35.56 31.07 -5.55
C ASN Q 68 34.71 30.11 -4.73
N ASP Q 69 33.41 30.38 -4.66
CA ASP Q 69 32.55 29.65 -3.74
C ASP Q 69 32.68 28.14 -3.92
N THR Q 70 32.68 27.67 -5.17
CA THR Q 70 32.71 26.22 -5.39
C THR Q 70 34.06 25.63 -5.00
N CYS Q 71 35.16 26.28 -5.36
CA CYS Q 71 36.47 25.75 -5.01
C CYS Q 71 36.71 25.81 -3.51
N LYS Q 72 36.25 26.88 -2.86
CA LYS Q 72 36.41 26.98 -1.41
C LYS Q 72 35.62 25.89 -0.69
N LYS Q 73 34.39 25.63 -1.14
CA LYS Q 73 33.57 24.60 -0.50
C LYS Q 73 34.24 23.24 -0.58
N TYR Q 74 34.68 22.83 -1.77
CA TYR Q 74 35.24 21.50 -1.94
C TYR Q 74 36.67 21.40 -1.43
N ARG Q 75 37.43 22.51 -1.43
CA ARG Q 75 38.74 22.48 -0.79
C ARG Q 75 38.61 22.13 0.68
N SER Q 76 37.65 22.73 1.36
CA SER Q 76 37.39 22.39 2.76
C SER Q 76 36.86 20.97 2.88
N ALA Q 77 36.20 20.46 1.85
CA ALA Q 77 35.61 19.13 1.92
C ALA Q 77 36.67 18.05 2.07
N TYR Q 78 37.87 18.26 1.52
CA TYR Q 78 38.93 17.26 1.64
C TYR Q 78 40.01 17.63 2.65
N ILE Q 79 40.09 18.90 3.05
CA ILE Q 79 41.02 19.27 4.11
C ILE Q 79 40.55 18.72 5.45
N SER Q 80 39.22 18.72 5.67
CA SER Q 80 38.71 18.27 6.97
C SER Q 80 38.91 16.78 7.18
N PRO Q 81 38.40 15.90 6.32
CA PRO Q 81 38.59 14.45 6.59
C PRO Q 81 40.05 14.04 6.66
N CYS Q 82 40.90 14.55 5.75
CA CYS Q 82 42.32 14.21 5.77
C CYS Q 82 43.06 14.86 6.94
N THR Q 83 42.38 15.67 7.75
CA THR Q 83 42.98 16.34 8.90
C THR Q 83 42.50 15.80 10.25
N SER Q 84 41.29 15.26 10.30
CA SER Q 84 40.69 14.84 11.56
C SER Q 84 41.16 13.44 11.92
N ARG Q 85 41.74 13.30 13.10
CA ARG Q 85 42.24 12.02 13.57
C ARG Q 85 41.08 11.10 13.95
N VAL Q 86 41.36 9.79 13.91
CA VAL Q 86 40.39 8.78 14.28
C VAL Q 86 40.81 8.02 15.54
N SER Q 87 42.10 7.75 15.70
CA SER Q 87 42.61 7.09 16.88
C SER Q 87 44.10 7.39 17.00
N THR Q 88 44.73 6.87 18.05
CA THR Q 88 46.15 7.09 18.23
C THR Q 88 46.97 6.39 17.15
N ALA Q 89 46.45 5.31 16.59
CA ALA Q 89 47.15 4.58 15.54
C ALA Q 89 46.84 5.14 14.15
N GLU Q 90 45.57 5.36 13.84
CA GLU Q 90 45.16 5.91 12.56
C GLU Q 90 45.11 7.43 12.64
N VAL Q 91 45.73 8.10 11.67
CA VAL Q 91 45.72 9.56 11.63
C VAL Q 91 44.60 10.12 10.77
N CYS Q 92 43.88 9.27 10.04
CA CYS Q 92 42.77 9.70 9.19
C CYS Q 92 42.06 8.46 8.68
N ASN Q 93 40.92 8.68 8.03
CA ASN Q 93 40.18 7.63 7.34
C ASN Q 93 40.60 7.72 5.87
N LYS Q 94 41.67 6.98 5.53
CA LYS Q 94 42.27 7.11 4.21
C LYS Q 94 41.23 6.97 3.10
N ARG Q 95 40.31 6.01 3.25
CA ARG Q 95 39.25 5.84 2.25
C ARG Q 95 38.43 7.12 2.11
N LYS Q 96 38.07 7.73 3.25
CA LYS Q 96 37.26 8.95 3.19
C LYS Q 96 38.08 10.14 2.70
N CYS Q 97 39.39 10.12 2.90
CA CYS Q 97 40.23 11.21 2.41
C CYS Q 97 40.41 11.13 0.90
N HIS Q 98 40.61 9.91 0.37
CA HIS Q 98 40.75 9.75 -1.07
C HIS Q 98 39.44 10.06 -1.79
N LYS Q 99 38.31 9.62 -1.24
CA LYS Q 99 37.03 9.88 -1.87
C LYS Q 99 36.73 11.38 -1.95
N ALA Q 100 37.23 12.15 -0.99
CA ALA Q 100 37.05 13.60 -1.04
C ALA Q 100 37.96 14.22 -2.09
N LEU Q 101 39.18 13.69 -2.24
CA LEU Q 101 40.11 14.23 -3.24
C LEU Q 101 39.55 14.07 -4.64
N ARG Q 102 39.17 12.84 -5.01
CA ARG Q 102 38.62 12.61 -6.35
C ARG Q 102 37.40 13.48 -6.60
N GLN Q 103 36.61 13.75 -5.56
CA GLN Q 103 35.48 14.65 -5.71
C GLN Q 103 35.94 16.07 -6.02
N PHE Q 104 37.11 16.47 -5.50
CA PHE Q 104 37.60 17.82 -5.72
C PHE Q 104 37.99 18.05 -7.17
N PHE Q 105 38.76 17.13 -7.74
CA PHE Q 105 39.19 17.25 -9.13
C PHE Q 105 38.09 16.96 -10.13
N ASP Q 106 36.98 16.36 -9.69
CA ASP Q 106 35.86 16.08 -10.58
C ASP Q 106 34.86 17.22 -10.65
N LYS Q 107 34.57 17.87 -9.53
CA LYS Q 107 33.54 18.89 -9.47
C LYS Q 107 34.08 20.32 -9.55
N VAL Q 108 35.29 20.56 -9.09
CA VAL Q 108 35.88 21.90 -9.12
C VAL Q 108 36.37 22.17 -10.55
N PRO Q 109 36.16 23.36 -11.10
CA PRO Q 109 36.64 23.62 -12.45
C PRO Q 109 38.14 23.48 -12.53
N PRO Q 110 38.68 23.15 -13.71
CA PRO Q 110 40.12 22.91 -13.80
C PRO Q 110 40.97 24.17 -13.66
N LYS Q 111 40.41 25.34 -13.97
CA LYS Q 111 41.16 26.58 -13.79
C LYS Q 111 41.68 26.71 -12.37
N HIS Q 112 40.84 26.37 -11.38
CA HIS Q 112 41.19 26.54 -9.97
C HIS Q 112 41.85 25.30 -9.38
N SER Q 113 41.29 24.12 -9.65
CA SER Q 113 41.84 22.89 -9.07
C SER Q 113 43.27 22.65 -9.55
N TYR Q 114 43.45 22.53 -10.87
CA TYR Q 114 44.78 22.27 -11.42
C TYR Q 114 45.71 23.47 -11.24
N GLY Q 115 45.18 24.67 -11.10
CA GLY Q 115 46.01 25.82 -10.80
C GLY Q 115 46.77 25.68 -9.48
N MET Q 116 46.24 24.88 -8.55
CA MET Q 116 46.89 24.64 -7.28
C MET Q 116 47.86 23.47 -7.32
N LEU Q 117 47.46 22.37 -7.97
CA LEU Q 117 48.29 21.17 -8.01
C LEU Q 117 49.50 21.32 -8.91
N TYR Q 118 49.47 22.26 -9.86
CA TYR Q 118 50.56 22.46 -10.80
C TYR Q 118 51.11 23.88 -10.73
N CYS Q 119 51.12 24.48 -9.53
CA CYS Q 119 51.53 25.88 -9.41
C CYS Q 119 52.97 26.05 -9.88
N SER Q 120 53.19 27.04 -10.74
CA SER Q 120 54.55 27.37 -11.16
C SER Q 120 55.36 27.81 -9.95
N CYS Q 121 56.62 27.38 -9.92
CA CYS Q 121 57.42 27.43 -8.71
C CYS Q 121 58.86 27.68 -9.09
N PRO Q 122 59.66 28.31 -8.22
CA PRO Q 122 61.08 28.46 -8.51
C PRO Q 122 61.80 27.11 -8.47
N LEU Q 123 62.94 27.07 -9.13
CA LEU Q 123 63.72 25.83 -9.21
C LEU Q 123 65.06 25.99 -8.51
N ASP Q 125 65.73 23.80 -5.05
CA ASP Q 125 65.20 24.96 -4.34
C ASP Q 125 63.95 24.59 -3.57
N GLN Q 126 64.09 24.42 -2.25
CA GLN Q 126 62.95 24.15 -1.38
C GLN Q 126 62.29 25.48 -0.96
N SER Q 127 61.80 26.19 -1.98
CA SER Q 127 61.08 27.43 -1.73
C SER Q 127 59.77 27.13 -1.00
N ALA Q 128 59.07 28.21 -0.61
CA ALA Q 128 57.80 28.04 0.09
C ALA Q 128 56.71 27.56 -0.86
N CYS Q 129 56.66 28.11 -2.09
CA CYS Q 129 55.69 27.62 -3.07
C CYS Q 129 55.85 26.13 -3.28
N SER Q 130 57.09 25.65 -3.40
CA SER Q 130 57.31 24.22 -3.62
C SER Q 130 56.76 23.39 -2.46
N GLU Q 131 56.82 23.92 -1.23
CA GLU Q 131 56.29 23.18 -0.09
C GLU Q 131 54.78 23.24 -0.03
N ARG Q 132 54.19 24.39 -0.37
CA ARG Q 132 52.73 24.47 -0.45
C ARG Q 132 52.18 23.46 -1.45
N ARG Q 133 52.79 23.39 -2.63
CA ARG Q 133 52.35 22.45 -3.64
C ARG Q 133 52.36 21.02 -3.11
N ARG Q 134 53.40 20.67 -2.35
CA ARG Q 134 53.53 19.31 -1.83
C ARG Q 134 52.42 18.98 -0.85
N GLN Q 135 51.90 19.97 -0.13
CA GLN Q 135 50.85 19.79 0.86
C GLN Q 135 49.45 19.85 0.28
N THR Q 136 49.32 19.96 -1.05
CA THR Q 136 48.01 20.14 -1.65
C THR Q 136 47.10 18.95 -1.37
N ILE Q 137 47.63 17.74 -1.50
CA ILE Q 137 46.81 16.54 -1.38
C ILE Q 137 46.78 16.06 0.07
N VAL Q 138 47.36 16.84 0.98
CA VAL Q 138 47.50 16.43 2.37
C VAL Q 138 48.28 15.13 2.40
N PRO Q 139 49.56 15.14 2.04
CA PRO Q 139 50.30 13.88 1.90
C PRO Q 139 50.41 13.09 3.18
N ALA Q 140 50.34 13.75 4.34
CA ALA Q 140 50.45 13.04 5.61
C ALA Q 140 49.42 11.93 5.74
N CYS Q 141 48.30 12.04 5.03
CA CYS Q 141 47.21 11.08 5.09
C CYS Q 141 47.00 10.30 3.81
N SER Q 142 47.15 10.94 2.65
CA SER Q 142 46.86 10.31 1.37
C SER Q 142 48.04 9.54 0.80
N TYR Q 143 49.26 10.03 1.02
CA TYR Q 143 50.46 9.48 0.40
C TYR Q 143 51.28 8.64 1.36
N GLU Q 144 51.60 9.16 2.53
CA GLU Q 144 52.47 8.46 3.47
C GLU Q 144 51.80 7.18 3.97
N ASP Q 145 52.65 6.30 4.53
CA ASP Q 145 52.19 5.07 5.16
C ASP Q 145 53.36 4.49 5.94
N LYS Q 146 53.04 3.76 7.01
CA LYS Q 146 54.09 3.19 7.85
C LYS Q 146 54.99 2.26 7.05
N GLU Q 147 54.38 1.35 6.28
CA GLU Q 147 55.12 0.39 5.46
C GLU Q 147 55.10 0.86 4.01
N ARG Q 148 56.27 0.91 3.38
CA ARG Q 148 56.35 1.20 1.95
C ARG Q 148 56.34 -0.12 1.18
N PRO Q 149 55.38 -0.35 0.30
CA PRO Q 149 55.33 -1.60 -0.44
C PRO Q 149 56.27 -1.62 -1.62
N ASN Q 150 56.56 -2.83 -2.10
CA ASN Q 150 57.29 -2.96 -3.35
C ASN Q 150 56.37 -2.64 -4.52
N CYS Q 151 56.93 -2.05 -5.57
CA CYS Q 151 56.11 -1.55 -6.66
C CYS Q 151 55.39 -2.67 -7.40
N LEU Q 152 55.90 -3.90 -7.36
CA LEU Q 152 55.14 -5.03 -7.89
C LEU Q 152 53.88 -5.25 -7.07
N THR Q 153 54.02 -5.24 -5.74
CA THR Q 153 52.87 -5.44 -4.86
C THR Q 153 51.84 -4.33 -5.05
N LEU Q 154 52.30 -3.09 -5.17
CA LEU Q 154 51.38 -1.97 -5.35
C LEU Q 154 50.60 -2.08 -6.65
N GLN Q 155 51.28 -2.53 -7.72
CA GLN Q 155 50.59 -2.70 -9.00
C GLN Q 155 49.48 -3.73 -8.90
N VAL Q 156 49.73 -4.82 -8.16
CA VAL Q 156 48.71 -5.86 -8.02
C VAL Q 156 47.47 -5.30 -7.35
N SER Q 157 47.65 -4.52 -6.29
CA SER Q 157 46.51 -3.94 -5.59
C SER Q 157 45.75 -2.99 -6.49
N CYS Q 158 46.47 -2.09 -7.19
CA CYS Q 158 45.81 -1.14 -8.08
C CYS Q 158 45.06 -1.86 -9.19
N LYS Q 159 45.63 -2.95 -9.71
CA LYS Q 159 44.95 -3.71 -10.75
C LYS Q 159 43.76 -4.49 -10.22
N THR Q 160 43.62 -4.62 -8.89
CA THR Q 160 42.45 -5.28 -8.33
C THR Q 160 41.25 -4.34 -8.30
N ASN Q 161 41.48 -3.05 -8.14
CA ASN Q 161 40.43 -2.04 -8.14
C ASN Q 161 40.21 -1.55 -9.56
N TYR Q 162 38.98 -1.71 -10.07
CA TYR Q 162 38.73 -1.42 -11.47
C TYR Q 162 39.06 0.02 -11.82
N ILE Q 163 38.76 0.97 -10.92
CA ILE Q 163 38.98 2.37 -11.25
C ILE Q 163 40.46 2.69 -11.30
N CYS Q 164 41.25 2.13 -10.38
CA CYS Q 164 42.69 2.37 -10.40
C CYS Q 164 43.32 1.77 -11.65
N ARG Q 165 42.90 0.57 -12.03
CA ARG Q 165 43.42 -0.06 -13.24
C ARG Q 165 43.19 0.83 -14.45
N SER Q 166 41.95 1.25 -14.68
CA SER Q 166 41.66 2.13 -15.81
C SER Q 166 42.48 3.41 -15.73
N ARG Q 167 42.65 3.95 -14.52
CA ARG Q 167 43.42 5.18 -14.39
C ARG Q 167 44.90 4.97 -14.65
N LEU Q 168 45.44 3.80 -14.28
CA LEU Q 168 46.84 3.53 -14.51
C LEU Q 168 47.12 3.24 -15.98
N ALA Q 169 46.24 2.47 -16.63
CA ALA Q 169 46.41 2.20 -18.06
C ALA Q 169 46.40 3.49 -18.86
N ASP Q 170 45.45 4.38 -18.57
CA ASP Q 170 45.38 5.65 -19.30
C ASP Q 170 46.62 6.49 -19.07
N PHE Q 171 47.29 6.33 -17.92
CA PHE Q 171 48.47 7.13 -17.63
C PHE Q 171 49.66 6.66 -18.46
N PHE Q 172 49.87 5.36 -18.53
CA PHE Q 172 51.04 4.84 -19.25
C PHE Q 172 50.89 4.95 -20.76
N THR Q 173 49.67 5.14 -21.26
CA THR Q 173 49.46 5.32 -22.69
C THR Q 173 49.52 6.79 -23.09
N ASN Q 174 49.01 7.69 -22.25
CA ASN Q 174 48.89 9.10 -22.60
C ASN Q 174 50.09 9.93 -22.18
N CYS Q 175 50.91 9.46 -21.24
CA CYS Q 175 52.09 10.19 -20.80
C CYS Q 175 53.39 9.52 -21.25
N GLN Q 176 53.31 8.59 -22.20
CA GLN Q 176 54.52 7.94 -22.67
C GLN Q 176 55.42 8.95 -23.37
N PRO Q 177 56.74 8.90 -23.15
CA PRO Q 177 57.63 9.89 -23.73
C PRO Q 177 58.21 9.44 -25.07
N GLU Q 178 58.59 10.44 -25.87
CA GLU Q 178 59.29 10.21 -27.13
C GLU Q 178 60.35 11.28 -27.32
N PRO Q 179 61.64 10.97 -27.15
CA PRO Q 179 62.66 12.03 -27.23
C PRO Q 179 62.68 12.76 -28.57
N LEU Q 180 62.37 12.07 -29.66
CA LEU Q 180 62.41 12.73 -30.97
C LEU Q 180 61.36 13.83 -31.09
N SER Q 181 60.22 13.66 -30.43
CA SER Q 181 59.15 14.65 -30.52
C SER Q 181 59.57 15.95 -29.86
N LEU Q 182 59.23 17.07 -30.51
CA LEU Q 182 59.52 18.38 -29.93
C LEU Q 182 58.86 18.52 -28.55
N SER Q 183 57.59 18.13 -28.45
CA SER Q 183 56.89 18.22 -27.17
C SER Q 183 57.42 17.19 -26.18
N GLY Q 184 57.98 16.09 -26.67
CA GLY Q 184 58.44 15.03 -25.82
C GLY Q 184 57.40 13.97 -25.52
N CYS Q 185 56.22 14.05 -26.13
CA CYS Q 185 55.14 13.11 -25.89
C CYS Q 185 54.81 12.35 -27.17
N LEU Q 186 54.80 11.02 -27.09
CA LEU Q 186 54.46 10.20 -28.24
C LEU Q 186 53.09 10.58 -28.80
N LYS Q 187 52.10 10.71 -27.92
CA LYS Q 187 50.73 10.97 -28.36
C LYS Q 187 50.47 12.44 -28.65
N GLU Q 188 51.36 13.34 -28.26
CA GLU Q 188 51.32 14.73 -28.69
C GLU Q 188 50.04 15.41 -28.23
N ASN Q 189 49.77 15.32 -26.93
CA ASN Q 189 48.67 16.06 -26.31
C ASN Q 189 48.96 16.15 -24.83
N TYR Q 190 49.28 17.35 -24.35
CA TYR Q 190 49.58 17.54 -22.93
C TYR Q 190 48.34 17.33 -22.07
N ALA Q 191 47.19 17.83 -22.52
CA ALA Q 191 45.98 17.74 -21.72
C ALA Q 191 45.66 16.29 -21.37
N ASP Q 192 45.68 15.40 -22.36
CA ASP Q 192 45.38 13.99 -22.09
C ASP Q 192 46.33 13.40 -21.06
N CYS Q 193 47.57 13.89 -21.02
CA CYS Q 193 48.52 13.39 -20.02
C CYS Q 193 48.29 14.02 -18.65
N LEU Q 194 47.88 15.30 -18.62
CA LEU Q 194 47.61 15.94 -17.33
C LEU Q 194 46.45 15.29 -16.60
N LEU Q 195 45.38 14.96 -17.33
CA LEU Q 195 44.23 14.34 -16.69
C LEU Q 195 44.56 12.94 -16.19
N SER Q 196 45.26 12.14 -17.00
CA SER Q 196 45.55 10.77 -16.62
C SER Q 196 46.40 10.72 -15.35
N TYR Q 197 47.22 11.75 -15.11
CA TYR Q 197 48.01 11.81 -13.89
C TYR Q 197 47.15 12.21 -12.70
N SER Q 198 46.38 13.29 -12.85
CA SER Q 198 45.52 13.74 -11.76
C SER Q 198 44.55 12.64 -11.35
N GLY Q 199 44.07 11.85 -12.30
CA GLY Q 199 43.16 10.76 -11.97
C GLY Q 199 43.72 9.81 -10.93
N LEU Q 200 45.04 9.61 -10.93
CA LEU Q 200 45.65 8.74 -9.93
C LEU Q 200 45.43 9.27 -8.52
N ILE Q 201 45.27 10.59 -8.37
CA ILE Q 201 45.08 11.17 -7.04
C ILE Q 201 43.78 10.65 -6.45
N GLY Q 202 43.88 9.99 -5.31
CA GLY Q 202 42.75 9.32 -4.71
C GLY Q 202 42.70 7.83 -4.89
N THR Q 203 43.78 7.22 -5.38
CA THR Q 203 43.88 5.77 -5.52
C THR Q 203 45.10 5.28 -4.74
N VAL Q 204 45.23 3.95 -4.67
CA VAL Q 204 46.38 3.37 -4.00
C VAL Q 204 47.68 3.83 -4.64
N MET Q 205 47.62 4.28 -5.90
CA MET Q 205 48.78 4.77 -6.63
C MET Q 205 48.88 6.30 -6.57
N THR Q 206 48.39 6.90 -5.49
CA THR Q 206 48.41 8.36 -5.38
C THR Q 206 49.85 8.87 -5.46
N PRO Q 207 50.15 9.78 -6.38
CA PRO Q 207 51.52 10.33 -6.45
C PRO Q 207 51.65 11.66 -5.74
N ASN Q 208 52.88 12.13 -5.56
CA ASN Q 208 53.15 13.43 -4.96
C ASN Q 208 54.57 13.85 -5.33
N TYR Q 209 54.85 15.14 -5.15
CA TYR Q 209 56.19 15.65 -5.43
C TYR Q 209 57.19 15.08 -4.44
N LEU Q 210 58.44 14.94 -4.90
CA LEU Q 210 59.47 14.22 -4.16
C LEU Q 210 60.53 15.12 -3.56
N ARG Q 211 60.30 16.43 -3.51
CA ARG Q 211 61.16 17.38 -2.82
C ARG Q 211 62.55 17.49 -3.46
N SER Q 212 62.74 16.98 -4.66
CA SER Q 212 64.03 17.02 -5.32
C SER Q 212 64.31 18.42 -5.85
N PRO Q 213 65.55 18.68 -6.30
CA PRO Q 213 65.85 19.98 -6.92
C PRO Q 213 64.91 20.30 -8.06
N LYS Q 214 64.89 19.45 -9.09
CA LYS Q 214 63.95 19.58 -10.18
C LYS Q 214 62.65 18.84 -9.84
N ILE Q 215 61.63 19.08 -10.66
CA ILE Q 215 60.32 18.47 -10.44
C ILE Q 215 60.42 16.96 -10.62
N SER Q 216 59.97 16.22 -9.62
CA SER Q 216 59.89 14.76 -9.71
C SER Q 216 58.66 14.30 -8.94
N VAL Q 217 58.03 13.24 -9.44
CA VAL Q 217 56.84 12.67 -8.82
C VAL Q 217 56.97 11.16 -8.81
N SER Q 218 56.39 10.53 -7.80
CA SER Q 218 56.46 9.08 -7.68
C SER Q 218 55.31 8.59 -6.82
N PRO Q 219 54.85 7.36 -7.04
CA PRO Q 219 53.95 6.73 -6.07
C PRO Q 219 54.74 6.26 -4.86
N PHE Q 220 54.00 5.87 -3.82
CA PHE Q 220 54.62 5.44 -2.56
C PHE Q 220 55.00 3.96 -2.70
N CYS Q 221 56.13 3.71 -3.35
CA CYS Q 221 56.65 2.36 -3.52
C CYS Q 221 58.14 2.44 -3.78
N ASP Q 222 58.82 1.32 -3.54
CA ASP Q 222 60.27 1.23 -3.74
C ASP Q 222 60.61 -0.03 -4.51
N CYS Q 223 61.84 -0.09 -5.01
CA CYS Q 223 62.36 -1.20 -5.80
C CYS Q 223 63.56 -1.79 -5.07
N SER Q 224 63.29 -2.64 -4.07
CA SER Q 224 64.33 -3.25 -3.27
C SER Q 224 64.41 -4.77 -3.46
N SER Q 225 63.88 -5.28 -4.57
CA SER Q 225 63.96 -6.72 -4.82
C SER Q 225 65.40 -7.14 -5.09
N SER Q 226 66.15 -6.32 -5.81
CA SER Q 226 67.57 -6.51 -6.13
C SER Q 226 67.82 -7.67 -7.09
N GLY Q 227 66.78 -8.37 -7.53
CA GLY Q 227 66.96 -9.48 -8.44
C GLY Q 227 65.89 -9.53 -9.51
N ASN Q 228 65.00 -10.52 -9.41
CA ASN Q 228 63.89 -10.63 -10.34
C ASN Q 228 62.96 -9.43 -10.20
N SER Q 229 62.60 -8.84 -11.34
CA SER Q 229 61.70 -7.70 -11.43
C SER Q 229 62.36 -6.39 -11.00
N LYS Q 230 63.65 -6.39 -10.67
CA LYS Q 230 64.35 -5.14 -10.40
C LYS Q 230 64.35 -4.25 -11.63
N GLU Q 231 64.47 -4.86 -12.81
CA GLU Q 231 64.44 -4.08 -14.05
C GLU Q 231 63.05 -3.54 -14.33
N GLU Q 232 62.04 -4.42 -14.32
CA GLU Q 232 60.67 -3.97 -14.54
C GLU Q 232 60.26 -2.94 -13.50
N CYS Q 233 60.73 -3.11 -12.27
CA CYS Q 233 60.42 -2.15 -11.22
C CYS Q 233 61.07 -0.80 -11.50
N ASP Q 234 62.31 -0.80 -12.00
CA ASP Q 234 63.02 0.45 -12.21
C ASP Q 234 62.45 1.24 -13.39
N ARG Q 235 61.84 0.54 -14.36
CA ARG Q 235 61.13 1.25 -15.42
C ARG Q 235 59.89 1.94 -14.87
N PHE Q 236 59.11 1.21 -14.06
CA PHE Q 236 57.89 1.77 -13.48
C PHE Q 236 58.18 3.07 -12.74
N THR Q 237 59.16 3.05 -11.83
CA THR Q 237 59.49 4.25 -11.08
C THR Q 237 60.02 5.36 -11.99
N GLU Q 238 60.76 4.99 -13.04
CA GLU Q 238 61.29 6.00 -13.95
C GLU Q 238 60.18 6.68 -14.75
N PHE Q 239 59.12 5.93 -15.09
CA PHE Q 239 58.01 6.53 -15.83
C PHE Q 239 57.34 7.67 -15.06
N PHE Q 240 57.46 7.68 -13.73
CA PHE Q 240 56.96 8.77 -12.92
C PHE Q 240 58.04 9.82 -12.66
N THR Q 241 59.23 9.36 -12.23
CA THR Q 241 60.26 10.28 -11.76
C THR Q 241 60.94 11.03 -12.91
N ASP Q 242 61.25 10.33 -14.01
CA ASP Q 242 61.98 10.93 -15.14
C ASP Q 242 61.17 10.70 -16.42
N ASN Q 243 60.17 11.55 -16.64
CA ASN Q 243 59.32 11.49 -17.82
C ASN Q 243 59.29 12.87 -18.46
N ALA Q 244 59.79 12.97 -19.68
CA ALA Q 244 59.91 14.27 -20.33
C ALA Q 244 58.53 14.86 -20.64
N CYS Q 245 57.58 14.02 -21.05
CA CYS Q 245 56.26 14.53 -21.40
C CYS Q 245 55.53 15.06 -20.16
N LEU Q 246 55.46 14.26 -19.10
CA LEU Q 246 54.77 14.69 -17.90
C LEU Q 246 55.37 15.97 -17.34
N ARG Q 247 56.70 16.14 -17.47
CA ARG Q 247 57.33 17.36 -16.99
C ARG Q 247 56.91 18.56 -17.82
N ASN Q 248 56.97 18.43 -19.15
CA ASN Q 248 56.59 19.55 -20.01
C ASN Q 248 55.14 19.94 -19.80
N ALA Q 249 54.24 18.95 -19.73
CA ALA Q 249 52.83 19.25 -19.55
C ALA Q 249 52.60 20.08 -18.29
N ILE Q 250 53.24 19.69 -17.18
CA ILE Q 250 53.13 20.46 -15.95
C ILE Q 250 53.59 21.89 -16.17
N GLN Q 251 54.68 22.07 -16.92
CA GLN Q 251 55.20 23.40 -17.16
C GLN Q 251 54.27 24.20 -18.09
N ALA Q 252 53.51 23.52 -18.93
CA ALA Q 252 52.57 24.20 -19.81
C ALA Q 252 51.40 24.78 -19.04
N PHE Q 253 50.83 24.00 -18.12
CA PHE Q 253 49.68 24.48 -17.36
C PHE Q 253 50.09 25.59 -16.39
N GLY Q 254 51.27 25.47 -15.79
CA GLY Q 254 51.72 26.50 -14.87
C GLY Q 254 51.85 27.86 -15.52
N ASN Q 255 52.43 27.90 -16.73
CA ASN Q 255 52.61 29.16 -17.43
C ASN Q 255 51.34 29.69 -18.06
N GLY Q 256 50.34 28.84 -18.26
CA GLY Q 256 49.07 29.28 -18.83
C GLY Q 256 48.18 29.97 -17.83
N THR Q 257 48.17 29.50 -16.58
CA THR Q 257 47.34 30.06 -15.53
C THR Q 257 48.07 31.12 -14.70
N GLY Q 258 49.30 31.47 -15.08
CA GLY Q 258 50.04 32.49 -14.36
C GLY Q 258 50.71 33.45 -15.33
N SER Q 259 50.96 34.66 -14.83
CA SER Q 259 51.60 35.69 -15.64
C SER Q 259 53.05 35.32 -15.95
N GLY R 5 15.35 45.54 4.10
CA GLY R 5 15.71 45.81 5.48
C GLY R 5 16.93 45.04 5.93
N CYS R 6 16.70 43.94 6.64
CA CYS R 6 17.78 43.07 7.10
C CYS R 6 18.39 42.36 5.91
N LEU R 7 19.55 42.85 5.46
CA LEU R 7 20.18 42.40 4.23
C LEU R 7 21.59 41.88 4.51
N LEU R 8 22.11 41.13 3.54
CA LEU R 8 23.42 40.49 3.63
C LEU R 8 24.45 41.35 2.91
N LYS R 9 25.60 41.53 3.53
CA LYS R 9 26.68 42.35 3.00
C LYS R 9 27.96 41.51 2.91
N GLU R 10 28.83 41.88 1.98
CA GLU R 10 30.07 41.16 1.71
C GLU R 10 31.26 42.08 1.95
N ILE R 11 32.37 41.48 2.35
CA ILE R 11 33.58 42.24 2.69
C ILE R 11 34.81 41.36 2.53
N HIS R 12 35.69 41.72 1.58
CA HIS R 12 36.92 40.99 1.33
C HIS R 12 37.95 41.34 2.41
N LEU R 13 38.66 40.31 2.90
CA LEU R 13 39.58 40.49 4.00
C LEU R 13 40.71 39.47 3.92
N ASN R 14 41.74 39.68 4.73
CA ASN R 14 42.75 38.67 4.96
C ASN R 14 42.24 37.65 5.99
N VAL R 15 42.94 36.52 6.10
CA VAL R 15 42.66 35.57 7.18
C VAL R 15 43.22 36.07 8.51
N THR R 16 44.13 37.04 8.49
CA THR R 16 44.65 37.65 9.70
C THR R 16 43.87 38.90 10.10
N ASP R 17 43.00 39.40 9.24
CA ASP R 17 42.12 40.50 9.60
C ASP R 17 41.08 40.11 10.65
N LEU R 18 40.94 38.81 10.93
CA LEU R 18 39.99 38.34 11.93
C LEU R 18 40.57 38.26 13.33
N ASP R 19 41.87 38.51 13.48
CA ASP R 19 42.52 38.57 14.79
C ASP R 19 42.18 37.33 15.62
N LEU R 20 42.18 36.17 14.96
CA LEU R 20 41.92 34.90 15.61
C LEU R 20 43.19 34.16 16.00
N GLY R 21 44.35 34.79 15.86
CA GLY R 21 45.61 34.18 16.21
C GLY R 21 46.27 33.34 15.14
N TYR R 22 45.72 33.33 13.93
CA TYR R 22 46.28 32.50 12.86
C TYR R 22 47.43 33.22 12.18
N ARG R 23 48.31 32.42 11.57
CA ARG R 23 49.50 32.91 10.88
C ARG R 23 49.42 32.45 9.42
N THR R 24 49.00 33.33 8.53
CA THR R 24 48.85 32.93 7.13
C THR R 24 48.63 34.18 6.28
N LYS R 25 48.96 34.04 5.00
CA LYS R 25 48.71 35.07 4.00
C LYS R 25 47.47 34.79 3.17
N GLU R 26 46.66 33.81 3.57
CA GLU R 26 45.45 33.48 2.83
C GLU R 26 44.43 34.61 2.96
N GLU R 27 43.39 34.52 2.12
CA GLU R 27 42.35 35.53 2.06
C GLU R 27 40.98 34.86 2.15
N LEU R 28 39.96 35.68 2.39
CA LEU R 28 38.61 35.17 2.63
C LEU R 28 37.61 36.18 2.12
N ILE R 29 36.35 35.74 2.07
CA ILE R 29 35.20 36.62 1.80
C ILE R 29 34.21 36.42 2.94
N PHE R 30 33.96 37.49 3.69
CA PHE R 30 33.15 37.46 4.90
C PHE R 30 31.81 38.13 4.63
N ARG R 31 30.73 37.46 5.03
CA ARG R 31 29.38 37.96 4.81
C ARG R 31 28.68 38.12 6.15
N TYR R 32 28.13 39.31 6.39
CA TYR R 32 27.46 39.64 7.64
C TYR R 32 26.11 40.26 7.35
N CYS R 33 25.24 40.27 8.36
CA CYS R 33 23.89 40.80 8.25
C CYS R 33 23.83 42.18 8.90
N SER R 34 23.23 43.15 8.21
CA SER R 34 23.05 44.49 8.74
C SER R 34 21.86 45.14 8.06
N GLY R 35 20.91 45.64 8.86
CA GLY R 35 19.73 46.28 8.33
C GLY R 35 18.70 46.57 9.41
N PRO R 36 17.73 47.43 9.08
CA PRO R 36 16.68 47.77 10.06
C PRO R 36 15.56 46.74 10.04
N CYS R 37 15.16 46.29 11.22
CA CYS R 37 14.04 45.37 11.40
C CYS R 37 12.83 46.07 12.02
N HIS R 38 12.70 47.38 11.79
CA HIS R 38 11.60 48.13 12.39
C HIS R 38 10.26 47.71 11.79
N ASP R 39 10.23 47.45 10.48
CA ASP R 39 8.99 47.05 9.81
C ASP R 39 8.55 45.63 10.17
N ALA R 40 9.22 44.96 11.10
CA ALA R 40 8.84 43.61 11.53
C ALA R 40 8.75 43.53 13.04
N GLU R 41 8.45 44.63 13.71
CA GLU R 41 8.23 44.64 15.15
C GLU R 41 6.79 44.31 15.47
N THR R 42 6.58 43.71 16.62
CA THR R 42 5.27 43.24 17.07
C THR R 42 4.87 43.94 18.36
N ASN R 43 3.66 43.62 18.84
CA ASN R 43 3.21 44.16 20.12
C ASN R 43 4.23 43.89 21.21
N TYR R 44 4.86 42.71 21.19
CA TYR R 44 5.85 42.38 22.20
C TYR R 44 6.99 43.39 22.21
N ASP R 45 7.37 43.89 21.03
CA ASP R 45 8.44 44.88 20.96
C ASP R 45 7.97 46.24 21.43
N LYS R 46 6.74 46.62 21.06
CA LYS R 46 6.22 47.92 21.48
C LYS R 46 6.01 47.96 22.99
N ILE R 47 5.57 46.85 23.58
CA ILE R 47 5.39 46.79 25.03
C ILE R 47 6.73 46.99 25.74
N LEU R 48 7.79 46.34 25.22
CA LEU R 48 9.10 46.45 25.86
C LEU R 48 9.59 47.89 25.85
N ASN R 49 9.46 48.58 24.71
CA ASN R 49 9.89 49.98 24.64
C ASN R 49 9.14 50.84 25.64
N ASN R 50 7.82 50.62 25.76
CA ASN R 50 7.02 51.45 26.66
C ASN R 50 7.33 51.13 28.12
N LEU R 51 7.61 49.87 28.43
CA LEU R 51 7.96 49.51 29.80
C LEU R 51 9.35 50.00 30.17
N THR R 52 10.29 49.98 29.21
CA THR R 52 11.61 50.53 29.47
C THR R 52 11.61 52.04 29.51
N HIS R 53 10.62 52.69 28.87
CA HIS R 53 10.52 54.14 28.92
C HIS R 53 10.08 54.60 30.30
N ASN R 54 8.92 54.11 30.77
CA ASN R 54 8.46 54.44 32.11
C ASN R 54 9.24 53.70 33.18
N LYS R 55 10.09 52.74 32.80
CA LYS R 55 11.02 52.08 33.71
C LYS R 55 10.33 51.08 34.63
N LYS R 56 9.22 50.50 34.17
CA LYS R 56 8.60 49.41 34.93
C LYS R 56 9.52 48.21 35.01
N LEU R 57 10.34 47.99 33.98
CA LEU R 57 11.36 46.94 34.00
C LEU R 57 12.70 47.56 34.39
N ASP R 58 12.78 47.98 35.65
CA ASP R 58 13.90 48.78 36.11
C ASP R 58 15.23 48.06 35.89
N LYS R 59 15.32 46.80 36.31
CA LYS R 59 16.60 46.10 36.33
C LYS R 59 17.01 45.64 34.93
N ASP R 60 16.16 44.85 34.28
CA ASP R 60 16.55 44.18 33.05
C ASP R 60 16.51 45.14 31.86
N THR R 61 17.05 44.66 30.74
CA THR R 61 17.06 45.42 29.48
C THR R 61 16.92 44.43 28.33
N PRO R 62 15.72 43.93 28.10
CA PRO R 62 15.54 42.90 27.08
C PRO R 62 15.79 43.42 25.68
N SER R 63 15.96 42.48 24.75
CA SER R 63 16.32 42.78 23.37
C SER R 63 15.09 42.77 22.48
N ARG R 64 15.09 43.66 21.48
CA ARG R 64 14.06 43.71 20.47
C ARG R 64 14.55 42.97 19.23
N THR R 65 13.85 43.16 18.11
CA THR R 65 14.21 42.48 16.87
C THR R 65 15.67 42.68 16.54
N CYS R 66 16.35 41.59 16.18
CA CYS R 66 17.76 41.60 15.81
C CYS R 66 17.90 41.09 14.39
N CYS R 67 18.53 41.87 13.52
CA CYS R 67 18.89 41.43 12.18
C CYS R 67 20.04 40.44 12.32
N ARG R 68 19.74 39.15 12.23
CA ARG R 68 20.68 38.08 12.52
C ARG R 68 20.67 37.04 11.43
N PRO R 69 21.73 36.24 11.32
CA PRO R 69 21.77 35.20 10.30
C PRO R 69 21.01 33.96 10.73
N ILE R 70 20.23 33.41 9.79
CA ILE R 70 19.46 32.20 10.05
C ILE R 70 20.10 30.96 9.41
N ALA R 71 21.13 31.13 8.59
CA ALA R 71 21.85 30.02 7.99
C ALA R 71 23.29 30.44 7.76
N PHE R 72 24.23 29.58 8.15
CA PHE R 72 25.64 29.88 8.00
C PHE R 72 26.18 29.37 6.67
N ASP R 73 27.24 30.00 6.19
CA ASP R 73 27.85 29.65 4.92
C ASP R 73 28.63 28.34 5.05
N ASP R 74 29.28 27.95 3.96
CA ASP R 74 30.08 26.74 3.94
C ASP R 74 31.39 26.95 4.70
N ASP R 75 32.08 25.84 4.96
CA ASP R 75 33.32 25.88 5.73
C ASP R 75 34.47 26.37 4.86
N ILE R 76 35.50 26.90 5.52
CA ILE R 76 36.67 27.44 4.85
C ILE R 76 37.92 26.88 5.52
N SER R 77 38.88 26.46 4.72
CA SER R 77 40.15 25.93 5.20
C SER R 77 41.30 26.75 4.62
N PHE R 78 42.43 26.76 5.33
CA PHE R 78 43.59 27.49 4.88
C PHE R 78 44.85 26.86 5.45
N LEU R 79 45.99 27.21 4.85
CA LEU R 79 47.30 26.71 5.26
C LEU R 79 48.12 27.85 5.85
N ASP R 80 48.77 27.57 6.98
CA ASP R 80 49.52 28.57 7.70
C ASP R 80 51.00 28.52 7.32
N ASP R 81 51.78 29.44 7.88
CA ASP R 81 53.21 29.49 7.58
C ASP R 81 53.93 28.23 8.02
N SER R 82 53.45 27.59 9.10
CA SER R 82 54.05 26.36 9.60
C SER R 82 53.56 25.11 8.86
N LEU R 83 53.01 25.27 7.66
CA LEU R 83 52.56 24.14 6.84
C LEU R 83 51.61 23.24 7.62
N GLU R 84 50.75 23.86 8.43
CA GLU R 84 49.71 23.17 9.17
C GLU R 84 48.36 23.67 8.69
N TYR R 85 47.41 22.75 8.51
CA TYR R 85 46.09 23.10 8.01
C TYR R 85 45.14 23.46 9.14
N HIS R 86 44.24 24.40 8.85
CA HIS R 86 43.23 24.84 9.80
C HIS R 86 41.90 25.01 9.07
N THR R 87 40.82 24.62 9.73
CA THR R 87 39.47 24.70 9.17
C THR R 87 38.57 25.45 10.13
N LEU R 88 37.81 26.40 9.60
CA LEU R 88 36.83 27.14 10.36
C LEU R 88 35.42 26.75 9.94
N LYS R 89 34.50 26.75 10.89
CA LYS R 89 33.10 26.44 10.63
C LYS R 89 32.23 27.50 11.28
N LYS R 90 31.12 27.83 10.63
CA LYS R 90 30.20 28.86 11.11
C LYS R 90 30.95 30.17 11.38
N HIS R 91 31.50 30.72 10.30
CA HIS R 91 32.25 31.96 10.35
C HIS R 91 31.64 33.08 9.52
N SER R 92 30.75 32.76 8.57
CA SER R 92 30.11 33.77 7.73
C SER R 92 28.65 33.39 7.55
N ALA R 93 27.84 34.37 7.17
CA ALA R 93 26.41 34.20 7.05
C ALA R 93 26.02 33.93 5.61
N LYS R 94 25.09 32.99 5.42
CA LYS R 94 24.56 32.67 4.10
C LYS R 94 23.23 33.35 3.83
N LYS R 95 22.33 33.39 4.81
CA LYS R 95 21.03 34.05 4.65
C LYS R 95 20.66 34.72 5.97
N CYS R 96 20.05 35.90 5.86
CA CYS R 96 19.66 36.70 7.02
C CYS R 96 18.14 36.75 7.14
N ALA R 97 17.69 37.26 8.28
CA ALA R 97 16.26 37.44 8.56
C ALA R 97 16.14 38.11 9.92
N CYS R 98 15.01 38.79 10.12
CA CYS R 98 14.75 39.50 11.37
C CYS R 98 14.30 38.51 12.43
N VAL R 99 15.05 38.41 13.52
CA VAL R 99 14.78 37.45 14.58
C VAL R 99 14.42 38.20 15.86
N ASN S 56 28.29 -50.36 -27.23
CA ASN S 56 27.96 -49.03 -27.73
C ASN S 56 28.41 -47.94 -26.77
N ASN S 57 29.41 -47.16 -27.18
CA ASN S 57 29.83 -46.03 -26.37
C ASN S 57 28.68 -45.06 -26.12
N CYS S 58 27.73 -44.99 -27.05
CA CYS S 58 26.58 -44.11 -26.85
C CYS S 58 25.61 -44.67 -25.81
N LEU S 59 25.35 -45.97 -25.87
CA LEU S 59 24.43 -46.58 -24.91
C LEU S 59 24.97 -46.48 -23.49
N ASN S 60 26.28 -46.67 -23.32
CA ASN S 60 26.89 -46.42 -22.02
C ASN S 60 26.73 -44.97 -21.60
N ALA S 61 26.80 -44.05 -22.57
CA ALA S 61 26.66 -42.64 -22.25
C ALA S 61 25.24 -42.32 -21.78
N ALA S 62 24.23 -42.96 -22.38
CA ALA S 62 22.87 -42.76 -21.92
C ALA S 62 22.65 -43.36 -20.55
N LYS S 63 23.22 -44.53 -20.29
CA LYS S 63 23.14 -45.12 -18.96
C LYS S 63 23.69 -44.17 -17.91
N ALA S 64 24.90 -43.64 -18.14
CA ALA S 64 25.49 -42.71 -17.20
C ALA S 64 24.62 -41.47 -17.02
N CYS S 65 23.80 -41.14 -18.02
CA CYS S 65 22.92 -39.98 -17.93
C CYS S 65 21.71 -40.27 -17.03
N ASN S 66 21.04 -41.41 -17.26
CA ASN S 66 19.91 -41.75 -16.42
C ASN S 66 20.32 -41.95 -14.96
N LEU S 67 21.56 -42.37 -14.72
CA LEU S 67 22.04 -42.55 -13.36
C LEU S 67 22.57 -41.26 -12.75
N ASN S 68 22.65 -40.17 -13.52
CA ASN S 68 23.00 -38.86 -13.02
C ASN S 68 21.74 -38.04 -12.87
N ASP S 69 21.50 -37.51 -11.66
CA ASP S 69 20.24 -36.83 -11.40
C ASP S 69 20.05 -35.65 -12.34
N THR S 70 21.08 -34.84 -12.54
CA THR S 70 20.94 -33.64 -13.37
C THR S 70 20.71 -34.00 -14.83
N CYS S 71 21.39 -35.02 -15.33
CA CYS S 71 21.22 -35.41 -16.72
C CYS S 71 19.89 -36.11 -16.95
N LYS S 72 19.42 -36.88 -15.96
CA LYS S 72 18.14 -37.57 -16.12
C LYS S 72 16.97 -36.60 -16.05
N LYS S 73 17.07 -35.58 -15.20
CA LYS S 73 16.00 -34.60 -15.08
C LYS S 73 15.83 -33.81 -16.36
N TYR S 74 16.94 -33.29 -16.92
CA TYR S 74 16.83 -32.41 -18.08
C TYR S 74 16.71 -33.20 -19.38
N ARG S 75 17.32 -34.38 -19.48
CA ARG S 75 17.10 -35.21 -20.67
C ARG S 75 15.62 -35.46 -20.89
N SER S 76 14.93 -35.93 -19.84
CA SER S 76 13.49 -36.14 -19.95
C SER S 76 12.77 -34.83 -20.21
N ALA S 77 13.34 -33.71 -19.79
CA ALA S 77 12.68 -32.42 -19.97
C ALA S 77 12.54 -32.07 -21.44
N TYR S 78 13.47 -32.52 -22.29
CA TYR S 78 13.35 -32.27 -23.72
C TYR S 78 12.75 -33.44 -24.48
N ILE S 79 12.83 -34.67 -23.95
CA ILE S 79 12.22 -35.81 -24.62
C ILE S 79 10.71 -35.64 -24.67
N SER S 80 10.10 -35.28 -23.52
CA SER S 80 8.65 -35.22 -23.44
C SER S 80 8.05 -34.18 -24.38
N PRO S 81 8.47 -32.91 -24.36
CA PRO S 81 7.86 -31.94 -25.29
C PRO S 81 8.05 -32.32 -26.75
N CYS S 82 9.24 -32.84 -27.12
CA CYS S 82 9.47 -33.25 -28.49
C CYS S 82 8.73 -34.53 -28.85
N THR S 83 8.07 -35.18 -27.89
CA THR S 83 7.37 -36.44 -28.12
C THR S 83 5.88 -36.35 -27.81
N SER S 84 5.36 -35.16 -27.51
CA SER S 84 3.96 -34.95 -27.18
C SER S 84 3.28 -34.25 -28.35
N ARG S 85 2.28 -34.93 -28.93
CA ARG S 85 1.55 -34.37 -30.06
C ARG S 85 0.49 -33.39 -29.58
N VAL S 86 0.39 -32.26 -30.28
CA VAL S 86 -0.56 -31.22 -29.91
C VAL S 86 -1.82 -31.33 -30.77
N SER S 87 -1.67 -31.87 -31.98
CA SER S 87 -2.81 -32.08 -32.87
C SER S 87 -2.41 -33.11 -33.92
N THR S 88 -3.41 -33.57 -34.67
CA THR S 88 -3.15 -34.56 -35.71
C THR S 88 -2.13 -34.05 -36.72
N ALA S 89 -2.06 -32.73 -36.92
CA ALA S 89 -1.15 -32.15 -37.89
C ALA S 89 0.22 -31.87 -37.29
N GLU S 90 0.26 -31.25 -36.12
CA GLU S 90 1.52 -30.90 -35.46
C GLU S 90 1.99 -32.06 -34.60
N VAL S 91 3.13 -32.63 -34.96
CA VAL S 91 3.70 -33.75 -34.20
C VAL S 91 4.29 -33.30 -32.87
N CYS S 92 4.45 -32.01 -32.65
CA CYS S 92 5.05 -31.49 -31.42
C CYS S 92 4.94 -29.98 -31.45
N ASN S 93 5.35 -29.35 -30.35
CA ASN S 93 5.52 -27.90 -30.28
C ASN S 93 7.00 -27.64 -30.51
N LYS S 94 7.35 -27.36 -31.77
CA LYS S 94 8.75 -27.23 -32.13
C LYS S 94 9.46 -26.18 -31.27
N ARG S 95 8.79 -25.06 -30.99
CA ARG S 95 9.42 -24.00 -30.21
C ARG S 95 9.74 -24.49 -28.80
N LYS S 96 8.82 -25.23 -28.17
CA LYS S 96 9.11 -25.80 -26.86
C LYS S 96 10.20 -26.86 -26.95
N CYS S 97 10.17 -27.67 -28.01
CA CYS S 97 11.19 -28.69 -28.18
C CYS S 97 12.58 -28.08 -28.28
N HIS S 98 12.73 -27.02 -29.08
CA HIS S 98 14.02 -26.36 -29.20
C HIS S 98 14.44 -25.71 -27.88
N LYS S 99 13.53 -24.94 -27.27
CA LYS S 99 13.85 -24.29 -26.01
C LYS S 99 14.29 -25.31 -24.96
N ALA S 100 13.71 -26.51 -25.00
CA ALA S 100 14.13 -27.56 -24.07
C ALA S 100 15.53 -28.06 -24.38
N LEU S 101 15.83 -28.28 -25.67
CA LEU S 101 17.17 -28.71 -26.05
C LEU S 101 18.20 -27.71 -25.59
N ARG S 102 18.05 -26.44 -25.99
CA ARG S 102 18.98 -25.40 -25.58
C ARG S 102 19.12 -25.33 -24.06
N GLN S 103 18.13 -25.83 -23.32
CA GLN S 103 18.25 -25.90 -21.87
C GLN S 103 19.07 -27.12 -21.44
N PHE S 104 18.98 -28.21 -22.19
CA PHE S 104 19.73 -29.42 -21.84
C PHE S 104 21.24 -29.18 -21.92
N PHE S 105 21.69 -28.60 -23.03
CA PHE S 105 23.12 -28.37 -23.22
C PHE S 105 23.65 -27.21 -22.40
N ASP S 106 22.79 -26.46 -21.71
CA ASP S 106 23.22 -25.33 -20.90
C ASP S 106 23.22 -25.62 -19.41
N LYS S 107 22.60 -26.72 -18.97
CA LYS S 107 22.52 -27.04 -17.56
C LYS S 107 22.99 -28.45 -17.21
N VAL S 108 23.32 -29.28 -18.19
CA VAL S 108 23.88 -30.61 -17.97
C VAL S 108 25.39 -30.53 -18.19
N PRO S 109 26.21 -31.04 -17.28
CA PRO S 109 27.65 -30.92 -17.48
C PRO S 109 28.08 -31.58 -18.77
N PRO S 110 29.13 -31.07 -19.41
CA PRO S 110 29.51 -31.59 -20.74
C PRO S 110 29.90 -33.05 -20.72
N LYS S 111 30.43 -33.55 -19.60
CA LYS S 111 30.78 -34.96 -19.50
C LYS S 111 29.63 -35.87 -19.92
N HIS S 112 28.39 -35.46 -19.64
CA HIS S 112 27.20 -36.26 -19.96
C HIS S 112 26.48 -35.78 -21.22
N SER S 113 26.24 -34.47 -21.34
CA SER S 113 25.48 -33.96 -22.48
C SER S 113 26.22 -34.21 -23.78
N TYR S 114 27.48 -33.77 -23.85
CA TYR S 114 28.27 -33.96 -25.06
C TYR S 114 28.73 -35.40 -25.22
N GLY S 115 28.76 -36.16 -24.14
CA GLY S 115 29.11 -37.56 -24.25
C GLY S 115 28.09 -38.38 -25.03
N MET S 116 26.82 -37.95 -25.01
CA MET S 116 25.79 -38.63 -25.77
C MET S 116 25.76 -38.16 -27.22
N LEU S 117 25.99 -36.86 -27.44
CA LEU S 117 25.89 -36.31 -28.80
C LEU S 117 27.12 -36.59 -29.63
N TYR S 118 28.30 -36.63 -29.00
CA TYR S 118 29.57 -36.83 -29.70
C TYR S 118 30.17 -38.20 -29.43
N CYS S 119 29.34 -39.18 -29.08
CA CYS S 119 29.84 -40.51 -28.74
C CYS S 119 30.51 -41.16 -29.95
N SER S 120 31.48 -42.02 -29.67
CA SER S 120 32.24 -42.70 -30.71
C SER S 120 31.57 -44.01 -31.09
N CYS S 121 31.44 -44.25 -32.38
CA CYS S 121 30.83 -45.45 -32.93
C CYS S 121 31.76 -46.08 -33.95
N PRO S 122 31.59 -47.36 -34.26
CA PRO S 122 32.36 -47.96 -35.35
C PRO S 122 32.11 -47.23 -36.66
N LEU S 123 33.00 -47.47 -37.62
CA LEU S 123 32.99 -46.75 -38.88
C LEU S 123 32.32 -47.57 -39.97
N GLY S 124 31.61 -46.89 -40.87
CA GLY S 124 31.05 -47.53 -42.04
C GLY S 124 29.97 -48.56 -41.77
N ASP S 125 29.17 -48.35 -40.74
CA ASP S 125 28.07 -49.26 -40.43
C ASP S 125 26.91 -48.49 -39.83
N GLN S 126 25.71 -48.73 -40.35
CA GLN S 126 24.49 -48.17 -39.77
C GLN S 126 24.05 -49.01 -38.57
N SER S 127 24.96 -49.12 -37.60
CA SER S 127 24.70 -49.92 -36.41
C SER S 127 23.81 -49.15 -35.44
N ALA S 128 23.30 -49.86 -34.44
CA ALA S 128 22.51 -49.22 -33.41
C ALA S 128 23.26 -48.07 -32.76
N CYS S 129 24.59 -48.16 -32.68
CA CYS S 129 25.38 -47.09 -32.11
C CYS S 129 25.11 -45.77 -32.82
N SER S 130 25.32 -45.74 -34.13
CA SER S 130 25.09 -44.52 -34.89
C SER S 130 23.63 -44.08 -34.79
N GLU S 131 22.70 -45.03 -34.90
CA GLU S 131 21.28 -44.69 -34.88
C GLU S 131 20.89 -44.02 -33.57
N ARG S 132 21.31 -44.60 -32.44
CA ARG S 132 21.05 -43.99 -31.14
C ARG S 132 21.54 -42.55 -31.11
N ARG S 133 22.78 -42.34 -31.57
CA ARG S 133 23.33 -40.99 -31.62
C ARG S 133 22.50 -40.08 -32.52
N ARG S 134 21.99 -40.61 -33.62
CA ARG S 134 21.20 -39.79 -34.54
C ARG S 134 19.89 -39.35 -33.92
N GLN S 135 19.30 -40.18 -33.05
CA GLN S 135 18.04 -39.88 -32.39
C GLN S 135 18.21 -39.03 -31.14
N THR S 136 19.42 -38.53 -30.88
CA THR S 136 19.66 -37.83 -29.62
C THR S 136 18.87 -36.52 -29.55
N ILE S 137 18.72 -35.83 -30.67
CA ILE S 137 18.01 -34.55 -30.67
C ILE S 137 16.54 -34.71 -31.03
N VAL S 138 16.05 -35.95 -31.12
CA VAL S 138 14.67 -36.22 -31.50
C VAL S 138 14.43 -35.54 -32.84
N PRO S 139 15.08 -36.00 -33.92
CA PRO S 139 15.02 -35.24 -35.18
C PRO S 139 13.62 -35.12 -35.75
N ALA S 140 12.72 -36.07 -35.46
CA ALA S 140 11.38 -36.02 -36.02
C ALA S 140 10.63 -34.75 -35.63
N CYS S 141 11.09 -34.04 -34.60
CA CYS S 141 10.46 -32.82 -34.13
C CYS S 141 11.33 -31.58 -34.29
N SER S 142 12.65 -31.72 -34.18
CA SER S 142 13.56 -30.58 -34.16
C SER S 142 14.26 -30.34 -35.48
N TYR S 143 14.43 -31.38 -36.31
CA TYR S 143 15.24 -31.30 -37.52
C TYR S 143 14.39 -31.41 -38.78
N GLU S 144 13.69 -32.54 -38.97
CA GLU S 144 12.90 -32.74 -40.17
C GLU S 144 11.83 -31.66 -40.32
N ASP S 145 11.31 -31.55 -41.54
CA ASP S 145 10.22 -30.63 -41.84
C ASP S 145 9.58 -31.07 -43.15
N LYS S 146 8.30 -30.71 -43.32
CA LYS S 146 7.57 -31.12 -44.51
C LYS S 146 8.26 -30.62 -45.77
N GLU S 147 8.53 -29.31 -45.84
CA GLU S 147 9.17 -28.70 -47.00
C GLU S 147 10.58 -28.28 -46.62
N ARG S 148 11.56 -28.68 -47.44
CA ARG S 148 12.94 -28.34 -47.18
C ARG S 148 13.28 -27.01 -47.85
N PRO S 149 13.70 -25.99 -47.10
CA PRO S 149 13.92 -24.68 -47.69
C PRO S 149 15.27 -24.60 -48.39
N ASN S 150 15.42 -23.57 -49.22
CA ASN S 150 16.71 -23.28 -49.83
C ASN S 150 17.63 -22.66 -48.80
N CYS S 151 18.92 -23.04 -48.87
CA CYS S 151 19.86 -22.61 -47.83
C CYS S 151 20.01 -21.10 -47.78
N LEU S 152 19.75 -20.41 -48.89
CA LEU S 152 19.78 -18.95 -48.84
C LEU S 152 18.61 -18.41 -48.00
N THR S 153 17.43 -19.00 -48.17
CA THR S 153 16.27 -18.56 -47.39
C THR S 153 16.41 -18.95 -45.93
N LEU S 154 17.18 -20.00 -45.63
CA LEU S 154 17.41 -20.39 -44.24
C LEU S 154 18.44 -19.51 -43.57
N GLN S 155 19.41 -19.00 -44.34
CA GLN S 155 20.43 -18.12 -43.76
C GLN S 155 19.83 -16.77 -43.36
N VAL S 156 18.86 -16.27 -44.12
CA VAL S 156 18.25 -15.00 -43.76
C VAL S 156 17.37 -15.17 -42.53
N SER S 157 16.72 -16.33 -42.38
CA SER S 157 15.89 -16.57 -41.20
C SER S 157 16.75 -16.70 -39.95
N CYS S 158 17.89 -17.39 -40.05
CA CYS S 158 18.78 -17.48 -38.90
C CYS S 158 19.38 -16.13 -38.54
N LYS S 159 19.68 -15.31 -39.54
CA LYS S 159 20.28 -14.01 -39.29
C LYS S 159 19.28 -12.95 -38.88
N THR S 160 17.98 -13.29 -38.81
CA THR S 160 17.01 -12.35 -38.24
C THR S 160 17.02 -12.43 -36.71
N ASN S 161 17.18 -13.64 -36.17
CA ASN S 161 17.28 -13.82 -34.72
C ASN S 161 18.71 -13.56 -34.26
N TYR S 162 18.87 -12.68 -33.27
CA TYR S 162 20.21 -12.33 -32.80
C TYR S 162 20.98 -13.56 -32.35
N ILE S 163 20.30 -14.50 -31.68
CA ILE S 163 21.01 -15.64 -31.11
C ILE S 163 21.52 -16.56 -32.21
N CYS S 164 20.65 -16.92 -33.16
CA CYS S 164 21.08 -17.80 -34.25
C CYS S 164 22.19 -17.14 -35.07
N ARG S 165 22.15 -15.81 -35.23
CA ARG S 165 23.20 -15.12 -35.94
C ARG S 165 24.56 -15.40 -35.31
N SER S 166 24.72 -15.04 -34.03
CA SER S 166 26.00 -15.23 -33.35
C SER S 166 26.42 -16.69 -33.38
N ARG S 167 25.50 -17.60 -33.06
CA ARG S 167 25.83 -19.02 -33.06
C ARG S 167 26.34 -19.48 -34.41
N LEU S 168 25.80 -18.93 -35.49
CA LEU S 168 26.26 -19.28 -36.83
C LEU S 168 27.60 -18.63 -37.14
N ALA S 169 27.76 -17.36 -36.78
CA ALA S 169 29.03 -16.67 -37.01
C ALA S 169 30.16 -17.39 -36.29
N ASP S 170 30.00 -17.64 -34.99
CA ASP S 170 31.05 -18.30 -34.23
C ASP S 170 31.38 -19.68 -34.79
N PHE S 171 30.41 -20.34 -35.40
CA PHE S 171 30.65 -21.66 -35.98
C PHE S 171 31.60 -21.57 -37.17
N PHE S 172 31.27 -20.70 -38.14
CA PHE S 172 32.07 -20.60 -39.35
C PHE S 172 33.47 -20.07 -39.08
N THR S 173 33.66 -19.35 -37.97
CA THR S 173 34.99 -18.86 -37.62
C THR S 173 35.83 -19.95 -36.95
N ASN S 174 35.29 -20.56 -35.90
CA ASN S 174 36.10 -21.48 -35.10
C ASN S 174 36.34 -22.80 -35.81
N CYS S 175 35.31 -23.36 -36.44
CA CYS S 175 35.43 -24.64 -37.12
C CYS S 175 35.96 -24.51 -38.55
N GLN S 176 36.68 -23.43 -38.86
CA GLN S 176 37.22 -23.28 -40.20
C GLN S 176 38.38 -24.25 -40.39
N PRO S 177 38.41 -25.01 -41.49
CA PRO S 177 39.47 -26.02 -41.68
C PRO S 177 40.68 -25.46 -42.41
N GLU S 178 41.80 -26.18 -42.24
CA GLU S 178 43.08 -25.84 -42.87
C GLU S 178 43.81 -27.13 -43.21
N PRO S 179 43.94 -27.50 -44.48
CA PRO S 179 44.57 -28.79 -44.80
C PRO S 179 46.01 -28.89 -44.37
N LEU S 180 46.70 -27.77 -44.21
CA LEU S 180 48.09 -27.79 -43.78
C LEU S 180 48.24 -28.04 -42.28
N SER S 181 47.22 -27.73 -41.49
CA SER S 181 47.32 -27.89 -40.04
C SER S 181 47.21 -29.37 -39.65
N LEU S 182 48.09 -29.78 -38.73
CA LEU S 182 48.03 -31.15 -38.23
C LEU S 182 46.67 -31.48 -37.65
N SER S 183 46.10 -30.55 -36.87
CA SER S 183 44.79 -30.76 -36.27
C SER S 183 43.66 -30.67 -37.28
N GLY S 184 43.91 -30.07 -38.43
CA GLY S 184 42.87 -29.80 -39.39
C GLY S 184 42.17 -28.47 -39.22
N CYS S 185 42.34 -27.81 -38.09
CA CYS S 185 41.65 -26.57 -37.77
C CYS S 185 42.59 -25.39 -37.85
N LEU S 186 42.07 -24.26 -38.34
CA LEU S 186 42.88 -23.06 -38.48
C LEU S 186 43.19 -22.42 -37.14
N LYS S 187 42.22 -22.42 -36.23
CA LYS S 187 42.38 -21.77 -34.93
C LYS S 187 42.86 -22.72 -33.85
N GLU S 188 43.14 -23.97 -34.20
CA GLU S 188 43.90 -24.88 -33.35
C GLU S 188 43.27 -25.03 -31.97
N ASN S 189 41.94 -25.16 -31.94
CA ASN S 189 41.24 -25.43 -30.70
C ASN S 189 39.99 -26.24 -31.03
N TYR S 190 39.96 -27.50 -30.63
CA TYR S 190 38.77 -28.32 -30.85
C TYR S 190 37.61 -27.86 -29.97
N ALA S 191 37.90 -27.49 -28.72
CA ALA S 191 36.84 -27.10 -27.80
C ALA S 191 35.97 -25.99 -28.40
N ASP S 192 36.59 -24.89 -28.81
CA ASP S 192 35.83 -23.78 -29.37
C ASP S 192 34.98 -24.21 -30.56
N CYS S 193 35.45 -25.18 -31.34
CA CYS S 193 34.67 -25.65 -32.48
C CYS S 193 33.49 -26.51 -32.03
N LEU S 194 33.68 -27.31 -30.98
CA LEU S 194 32.60 -28.18 -30.52
C LEU S 194 31.45 -27.36 -29.93
N LEU S 195 31.77 -26.28 -29.21
CA LEU S 195 30.71 -25.45 -28.63
C LEU S 195 29.91 -24.75 -29.72
N SER S 196 30.59 -24.08 -30.65
CA SER S 196 29.88 -23.34 -31.69
C SER S 196 28.96 -24.25 -32.48
N TYR S 197 29.33 -25.52 -32.65
CA TYR S 197 28.47 -26.46 -33.36
C TYR S 197 27.25 -26.81 -32.52
N SER S 198 27.48 -27.24 -31.27
CA SER S 198 26.37 -27.63 -30.41
C SER S 198 25.42 -26.47 -30.17
N GLY S 199 25.94 -25.24 -30.08
CA GLY S 199 25.06 -24.10 -29.89
C GLY S 199 23.98 -23.97 -30.95
N LEU S 200 24.27 -24.45 -32.17
CA LEU S 200 23.27 -24.40 -33.23
C LEU S 200 22.05 -25.24 -32.90
N ILE S 201 22.18 -26.23 -32.01
CA ILE S 201 21.04 -27.06 -31.64
C ILE S 201 20.04 -26.22 -30.85
N GLY S 202 18.82 -26.12 -31.36
CA GLY S 202 17.79 -25.27 -30.78
C GLY S 202 17.40 -24.10 -31.65
N THR S 203 18.10 -23.87 -32.76
CA THR S 203 17.82 -22.77 -33.67
C THR S 203 17.26 -23.33 -34.98
N VAL S 204 16.86 -22.41 -35.87
CA VAL S 204 16.40 -22.82 -37.18
C VAL S 204 17.50 -23.54 -37.95
N MET S 205 18.75 -23.41 -37.53
CA MET S 205 19.90 -24.02 -38.18
C MET S 205 20.37 -25.28 -37.43
N THR S 206 19.44 -26.04 -36.86
CA THR S 206 19.80 -27.22 -36.09
C THR S 206 20.43 -28.28 -37.00
N PRO S 207 21.64 -28.75 -36.73
CA PRO S 207 22.20 -29.84 -37.52
C PRO S 207 21.97 -31.20 -36.86
N ASN S 208 22.01 -32.24 -37.71
CA ASN S 208 21.93 -33.62 -37.21
C ASN S 208 22.82 -34.51 -38.06
N TYR S 209 23.20 -35.65 -37.47
CA TYR S 209 24.03 -36.61 -38.19
C TYR S 209 23.28 -37.18 -39.39
N LEU S 210 23.99 -37.32 -40.50
CA LEU S 210 23.43 -37.86 -41.73
C LEU S 210 23.86 -39.32 -41.89
N ARG S 211 23.02 -40.08 -42.59
CA ARG S 211 23.34 -41.48 -42.86
C ARG S 211 24.44 -41.59 -43.90
N SER S 212 25.68 -41.63 -43.44
CA SER S 212 26.86 -41.73 -44.28
C SER S 212 27.76 -42.81 -43.72
N PRO S 213 28.73 -43.28 -44.51
CA PRO S 213 29.73 -44.20 -43.95
C PRO S 213 30.66 -43.53 -42.95
N LYS S 214 30.58 -42.21 -42.82
CA LYS S 214 31.42 -41.44 -41.92
C LYS S 214 30.58 -40.39 -41.22
N ILE S 215 31.22 -39.58 -40.39
CA ILE S 215 30.54 -38.50 -39.69
C ILE S 215 30.26 -37.39 -40.70
N SER S 216 28.98 -37.18 -41.01
CA SER S 216 28.56 -36.07 -41.86
C SER S 216 27.32 -35.43 -41.23
N VAL S 217 27.37 -34.12 -41.07
CA VAL S 217 26.27 -33.36 -40.46
C VAL S 217 25.79 -32.34 -41.48
N SER S 218 24.51 -31.97 -41.37
CA SER S 218 23.94 -30.98 -42.28
C SER S 218 22.72 -30.32 -41.67
N PRO S 219 22.54 -29.02 -41.86
CA PRO S 219 21.25 -28.41 -41.53
C PRO S 219 20.19 -28.87 -42.53
N PHE S 220 18.93 -28.60 -42.19
CA PHE S 220 17.81 -29.02 -43.03
C PHE S 220 17.58 -27.99 -44.12
N CYS S 221 18.46 -28.02 -45.14
CA CYS S 221 18.35 -27.13 -46.28
C CYS S 221 19.02 -27.80 -47.47
N ASP S 222 18.63 -27.36 -48.67
CA ASP S 222 19.17 -27.88 -49.91
C ASP S 222 19.43 -26.73 -50.86
N CYS S 223 20.20 -27.03 -51.92
CA CYS S 223 20.57 -26.04 -52.92
C CYS S 223 19.87 -26.33 -54.24
N SER S 224 19.43 -25.27 -54.92
CA SER S 224 18.90 -25.39 -56.27
C SER S 224 20.03 -25.35 -57.29
N SER S 225 19.83 -26.04 -58.40
CA SER S 225 20.79 -26.04 -59.50
C SER S 225 20.75 -24.75 -60.32
N SER S 226 20.02 -23.73 -59.85
CA SER S 226 20.01 -22.44 -60.54
C SER S 226 21.41 -21.85 -60.54
N GLY S 227 21.83 -21.34 -61.70
CA GLY S 227 23.18 -20.81 -61.82
C GLY S 227 23.54 -19.85 -60.71
N ASN S 228 22.60 -18.99 -60.32
CA ASN S 228 22.87 -17.99 -59.30
C ASN S 228 22.99 -18.63 -57.93
N SER S 229 24.05 -18.28 -57.22
CA SER S 229 24.24 -18.60 -55.81
C SER S 229 24.38 -20.09 -55.53
N LYS S 230 24.35 -20.95 -56.57
CA LYS S 230 24.58 -22.36 -56.32
C LYS S 230 26.00 -22.59 -55.80
N GLU S 231 26.97 -21.87 -56.34
CA GLU S 231 28.34 -22.00 -55.85
C GLU S 231 28.44 -21.54 -54.40
N GLU S 232 27.85 -20.38 -54.09
CA GLU S 232 27.84 -19.92 -52.70
C GLU S 232 27.03 -20.85 -51.81
N CYS S 233 25.99 -21.49 -52.38
CA CYS S 233 25.21 -22.45 -51.60
C CYS S 233 25.97 -23.75 -51.39
N ASP S 234 26.71 -24.21 -52.41
CA ASP S 234 27.48 -25.44 -52.28
C ASP S 234 28.60 -25.29 -51.26
N ARG S 235 29.12 -24.07 -51.09
CA ARG S 235 30.14 -23.86 -50.06
C ARG S 235 29.55 -23.92 -48.66
N PHE S 236 28.31 -23.45 -48.50
CA PHE S 236 27.68 -23.45 -47.18
C PHE S 236 27.41 -24.87 -46.70
N THR S 237 26.77 -25.70 -47.54
CA THR S 237 26.47 -27.07 -47.13
C THR S 237 27.74 -27.89 -46.93
N GLU S 238 28.78 -27.64 -47.72
CA GLU S 238 30.02 -28.38 -47.54
C GLU S 238 30.62 -28.13 -46.16
N PHE S 239 30.58 -26.87 -45.70
CA PHE S 239 31.17 -26.54 -44.41
C PHE S 239 30.66 -27.42 -43.29
N PHE S 240 29.48 -28.02 -43.45
CA PHE S 240 28.94 -28.97 -42.50
C PHE S 240 29.30 -30.41 -42.89
N THR S 241 28.96 -30.81 -44.11
CA THR S 241 29.08 -32.21 -44.51
C THR S 241 30.54 -32.67 -44.52
N ASP S 242 31.42 -31.89 -45.15
CA ASP S 242 32.83 -32.27 -45.31
C ASP S 242 33.69 -31.15 -44.73
N ASN S 243 33.83 -31.16 -43.40
CA ASN S 243 34.70 -30.23 -42.68
C ASN S 243 35.66 -31.07 -41.84
N ALA S 244 36.95 -31.03 -42.18
CA ALA S 244 37.92 -31.89 -41.50
C ALA S 244 38.04 -31.55 -40.03
N CYS S 245 38.14 -30.25 -39.70
CA CYS S 245 38.26 -29.87 -38.30
C CYS S 245 37.08 -30.39 -37.48
N LEU S 246 35.86 -30.08 -37.93
CA LEU S 246 34.67 -30.54 -37.21
C LEU S 246 34.70 -32.05 -37.03
N ARG S 247 35.11 -32.80 -38.06
CA ARG S 247 35.17 -34.24 -37.95
C ARG S 247 36.21 -34.68 -36.91
N ASN S 248 37.38 -34.05 -36.93
CA ASN S 248 38.42 -34.43 -35.98
C ASN S 248 38.01 -34.10 -34.55
N ALA S 249 37.39 -32.94 -34.34
CA ALA S 249 36.98 -32.53 -32.99
C ALA S 249 35.94 -33.49 -32.43
N ILE S 250 34.92 -33.82 -33.24
CA ILE S 250 33.88 -34.73 -32.77
C ILE S 250 34.48 -36.07 -32.38
N GLN S 251 35.44 -36.57 -33.16
CA GLN S 251 36.08 -37.83 -32.84
C GLN S 251 37.11 -37.70 -31.72
N ALA S 252 37.65 -36.49 -31.51
CA ALA S 252 38.55 -36.28 -30.38
C ALA S 252 37.80 -36.30 -29.05
N PHE S 253 36.54 -35.84 -29.04
CA PHE S 253 35.79 -35.82 -27.79
C PHE S 253 35.33 -37.22 -27.41
N GLY S 254 34.66 -37.92 -28.32
CA GLY S 254 34.24 -39.29 -28.03
C GLY S 254 35.40 -40.17 -27.60
N ASN S 255 36.58 -39.97 -28.21
CA ASN S 255 37.77 -40.69 -27.79
C ASN S 255 38.02 -40.51 -26.29
N GLY S 256 37.98 -39.26 -25.83
CA GLY S 256 38.31 -39.00 -24.44
C GLY S 256 37.27 -39.54 -23.47
N THR S 257 35.99 -39.27 -23.74
CA THR S 257 34.91 -39.69 -22.86
C THR S 257 34.59 -41.17 -22.99
N GLY S 258 35.26 -41.90 -23.87
CA GLY S 258 35.02 -43.33 -24.03
C GLY S 258 35.87 -44.17 -23.11
N GLY T 5 13.13 -44.50 11.23
CA GLY T 5 11.86 -45.17 10.97
C GLY T 5 11.59 -45.34 9.49
N CYS T 6 10.59 -44.61 9.00
CA CYS T 6 10.24 -44.64 7.59
C CYS T 6 11.37 -44.00 6.78
N LEU T 7 12.15 -44.82 6.08
CA LEU T 7 13.35 -44.38 5.40
C LEU T 7 13.25 -44.66 3.90
N LEU T 8 14.24 -44.16 3.17
CA LEU T 8 14.28 -44.22 1.72
C LEU T 8 15.47 -45.06 1.28
N LYS T 9 15.22 -45.99 0.37
CA LYS T 9 16.24 -46.94 -0.09
C LYS T 9 16.34 -46.88 -1.61
N GLU T 10 17.54 -47.18 -2.12
CA GLU T 10 17.83 -47.12 -3.55
C GLU T 10 18.07 -48.52 -4.10
N ILE T 11 17.97 -48.64 -5.42
CA ILE T 11 18.22 -49.91 -6.10
C ILE T 11 18.51 -49.60 -7.57
N HIS T 12 19.40 -50.41 -8.16
CA HIS T 12 19.89 -50.20 -9.52
C HIS T 12 19.42 -51.36 -10.39
N LEU T 13 18.65 -51.05 -11.44
CA LEU T 13 17.96 -52.08 -12.22
C LEU T 13 17.97 -51.69 -13.69
N ASN T 14 17.68 -52.67 -14.54
CA ASN T 14 17.41 -52.34 -15.93
C ASN T 14 15.96 -51.89 -16.09
N VAL T 15 15.68 -51.21 -17.20
CA VAL T 15 14.31 -50.81 -17.48
C VAL T 15 13.44 -52.05 -17.66
N THR T 16 14.01 -53.14 -18.16
CA THR T 16 13.23 -54.35 -18.38
C THR T 16 12.94 -55.11 -17.10
N ASP T 17 13.72 -54.88 -16.04
CA ASP T 17 13.45 -55.54 -14.77
C ASP T 17 12.14 -55.07 -14.15
N LEU T 18 11.78 -53.80 -14.36
CA LEU T 18 10.53 -53.29 -13.82
C LEU T 18 9.33 -54.06 -14.36
N ASP T 19 9.47 -54.71 -15.52
CA ASP T 19 8.41 -55.56 -16.09
C ASP T 19 7.14 -54.75 -16.33
N LEU T 20 7.29 -53.64 -17.05
CA LEU T 20 6.17 -52.79 -17.44
C LEU T 20 5.79 -52.95 -18.90
N GLY T 21 6.46 -53.85 -19.63
CA GLY T 21 6.15 -54.09 -21.03
C GLY T 21 7.11 -53.47 -22.02
N TYR T 22 8.23 -52.90 -21.56
CA TYR T 22 9.16 -52.22 -22.44
C TYR T 22 10.25 -53.17 -22.92
N ARG T 23 10.74 -52.91 -24.14
CA ARG T 23 11.85 -53.65 -24.73
C ARG T 23 13.01 -52.66 -24.93
N THR T 24 13.93 -52.64 -23.97
CA THR T 24 15.04 -51.69 -24.02
C THR T 24 16.24 -52.29 -23.30
N LYS T 25 17.31 -51.50 -23.20
CA LYS T 25 18.52 -51.92 -22.51
C LYS T 25 19.08 -50.83 -21.62
N GLU T 26 18.33 -49.76 -21.36
CA GLU T 26 18.78 -48.70 -20.47
C GLU T 26 18.66 -49.15 -19.01
N GLU T 27 19.10 -48.28 -18.10
CA GLU T 27 19.10 -48.56 -16.67
C GLU T 27 18.50 -47.39 -15.92
N LEU T 28 18.29 -47.58 -14.63
CA LEU T 28 17.55 -46.61 -13.82
C LEU T 28 17.91 -46.80 -12.36
N ILE T 29 17.56 -45.79 -11.56
CA ILE T 29 17.72 -45.84 -10.10
C ILE T 29 16.33 -45.64 -9.50
N PHE T 30 15.84 -46.67 -8.83
CA PHE T 30 14.50 -46.68 -8.27
C PHE T 30 14.58 -46.49 -6.76
N ARG T 31 13.79 -45.54 -6.24
CA ARG T 31 13.78 -45.22 -4.83
C ARG T 31 12.40 -45.52 -4.25
N TYR T 32 12.39 -46.16 -3.07
CA TYR T 32 11.16 -46.56 -2.43
C TYR T 32 11.26 -46.30 -0.93
N CYS T 33 10.11 -46.34 -0.27
CA CYS T 33 10.02 -46.12 1.16
C CYS T 33 9.83 -47.45 1.88
N SER T 34 10.50 -47.60 3.03
CA SER T 34 10.33 -48.79 3.84
C SER T 34 10.86 -48.51 5.24
N GLY T 35 10.04 -48.83 6.25
CA GLY T 35 10.41 -48.62 7.63
C GLY T 35 9.23 -48.78 8.56
N PRO T 36 9.50 -48.91 9.85
CA PRO T 36 8.41 -49.07 10.83
C PRO T 36 7.80 -47.73 11.21
N CYS T 37 6.47 -47.69 11.23
CA CYS T 37 5.71 -46.50 11.61
C CYS T 37 4.91 -46.82 12.87
N HIS T 38 5.61 -46.92 14.00
CA HIS T 38 4.96 -47.08 15.29
C HIS T 38 5.24 -45.94 16.26
N ASP T 39 6.34 -45.20 16.08
CA ASP T 39 6.53 -43.96 16.82
C ASP T 39 5.56 -42.88 16.36
N ALA T 40 4.95 -43.05 15.19
CA ALA T 40 3.92 -42.15 14.68
C ALA T 40 2.52 -42.71 14.89
N GLU T 41 2.38 -43.76 15.71
CA GLU T 41 1.07 -44.35 15.96
C GLU T 41 0.21 -43.39 16.78
N THR T 42 -1.10 -43.46 16.55
CA THR T 42 -2.06 -42.59 17.21
C THR T 42 -3.19 -43.42 17.80
N ASN T 43 -3.98 -42.79 18.67
CA ASN T 43 -5.12 -43.47 19.29
C ASN T 43 -5.99 -44.13 18.23
N TYR T 44 -6.20 -43.46 17.09
CA TYR T 44 -7.03 -44.03 16.03
C TYR T 44 -6.48 -45.38 15.58
N ASP T 45 -5.17 -45.49 15.43
CA ASP T 45 -4.57 -46.76 15.03
C ASP T 45 -4.69 -47.79 16.15
N LYS T 46 -4.42 -47.38 17.39
CA LYS T 46 -4.51 -48.32 18.51
C LYS T 46 -5.95 -48.82 18.69
N ILE T 47 -6.94 -47.96 18.44
CA ILE T 47 -8.32 -48.42 18.47
C ILE T 47 -8.57 -49.41 17.34
N LEU T 48 -8.08 -49.10 16.13
CA LEU T 48 -8.27 -50.01 15.01
C LEU T 48 -7.66 -51.38 15.30
N ASN T 49 -6.53 -51.42 16.01
CA ASN T 49 -5.89 -52.69 16.28
C ASN T 49 -6.65 -53.48 17.34
N ASN T 50 -7.22 -52.80 18.33
CA ASN T 50 -7.98 -53.50 19.35
C ASN T 50 -9.33 -53.96 18.82
N LEU T 51 -9.96 -53.16 17.95
CA LEU T 51 -11.23 -53.57 17.36
C LEU T 51 -11.05 -54.77 16.45
N THR T 52 -10.01 -54.77 15.61
CA THR T 52 -9.75 -55.93 14.77
C THR T 52 -9.40 -57.16 15.61
N HIS T 53 -8.91 -56.97 16.84
CA HIS T 53 -8.59 -58.10 17.68
C HIS T 53 -9.85 -58.71 18.29
N ASN T 54 -10.74 -57.88 18.83
CA ASN T 54 -11.99 -58.36 19.40
C ASN T 54 -13.07 -58.61 18.36
N LYS T 55 -12.75 -58.44 17.07
CA LYS T 55 -13.66 -58.82 15.98
C LYS T 55 -14.95 -58.00 16.02
N LYS T 56 -14.83 -56.72 16.39
CA LYS T 56 -15.97 -55.84 16.47
C LYS T 56 -16.20 -55.03 15.19
N LEU T 57 -15.27 -55.07 14.24
CA LEU T 57 -15.36 -54.25 13.04
C LEU T 57 -15.90 -55.00 11.83
N ASP T 58 -16.31 -56.26 11.98
CA ASP T 58 -16.94 -57.02 10.91
C ASP T 58 -15.96 -57.39 9.81
N LYS T 59 -14.68 -57.49 10.17
CA LYS T 59 -13.62 -57.84 9.22
C LYS T 59 -13.64 -56.90 8.01
N ASP T 60 -13.51 -55.60 8.31
CA ASP T 60 -13.40 -54.58 7.28
C ASP T 60 -11.96 -54.15 7.04
N THR T 61 -11.00 -54.82 7.66
CA THR T 61 -9.57 -54.63 7.46
C THR T 61 -9.20 -53.16 7.23
N PRO T 62 -9.50 -52.28 8.20
CA PRO T 62 -9.01 -50.90 8.09
C PRO T 62 -7.49 -50.85 8.26
N SER T 63 -6.88 -49.88 7.61
CA SER T 63 -5.43 -49.78 7.50
C SER T 63 -4.86 -48.87 8.57
N ARG T 64 -3.74 -49.29 9.15
CA ARG T 64 -2.99 -48.48 10.10
C ARG T 64 -2.02 -47.59 9.33
N THR T 65 -1.11 -46.94 10.05
CA THR T 65 -0.13 -46.06 9.41
C THR T 65 0.69 -46.81 8.38
N CYS T 66 0.99 -46.14 7.27
CA CYS T 66 1.80 -46.69 6.19
C CYS T 66 3.02 -45.81 5.96
N CYS T 67 4.16 -46.44 5.68
CA CYS T 67 5.38 -45.74 5.31
C CYS T 67 5.35 -45.56 3.80
N ARG T 68 4.97 -44.36 3.35
CA ARG T 68 4.68 -44.08 1.95
C ARG T 68 5.37 -42.80 1.50
N PRO T 69 5.60 -42.65 0.20
CA PRO T 69 6.28 -41.45 -0.30
C PRO T 69 5.35 -40.25 -0.35
N ILE T 70 5.88 -39.10 0.05
CA ILE T 70 5.12 -37.85 0.01
C ILE T 70 5.53 -36.97 -1.16
N ALA T 71 6.61 -37.30 -1.86
CA ALA T 71 7.07 -36.52 -3.01
C ALA T 71 7.68 -37.48 -4.01
N PHE T 72 7.20 -37.44 -5.25
CA PHE T 72 7.70 -38.33 -6.29
C PHE T 72 8.93 -37.75 -6.96
N ASP T 73 9.72 -38.63 -7.57
CA ASP T 73 10.96 -38.25 -8.21
C ASP T 73 10.69 -37.65 -9.59
N ASP T 74 11.70 -36.96 -10.12
CA ASP T 74 11.63 -36.42 -11.47
C ASP T 74 11.31 -37.52 -12.46
N ASP T 75 10.75 -37.11 -13.61
CA ASP T 75 10.43 -38.06 -14.66
C ASP T 75 11.70 -38.62 -15.28
N ILE T 76 11.59 -39.83 -15.84
CA ILE T 76 12.69 -40.48 -16.53
C ILE T 76 12.22 -40.88 -17.92
N SER T 77 13.15 -40.86 -18.87
CA SER T 77 12.88 -41.24 -20.24
C SER T 77 13.98 -42.16 -20.74
N PHE T 78 13.65 -42.96 -21.75
CA PHE T 78 14.62 -43.90 -22.31
C PHE T 78 14.28 -44.17 -23.78
N LEU T 79 15.18 -44.89 -24.44
CA LEU T 79 15.08 -45.23 -25.85
C LEU T 79 15.06 -46.74 -26.00
N ASP T 80 14.10 -47.25 -26.75
CA ASP T 80 13.87 -48.69 -26.86
C ASP T 80 14.53 -49.25 -28.11
N ASP T 81 14.45 -50.58 -28.25
CA ASP T 81 15.10 -51.25 -29.36
C ASP T 81 14.51 -50.83 -30.70
N SER T 82 13.26 -50.38 -30.72
CA SER T 82 12.62 -49.90 -31.93
C SER T 82 12.91 -48.43 -32.21
N LEU T 83 13.89 -47.85 -31.52
CA LEU T 83 14.25 -46.45 -31.71
C LEU T 83 13.05 -45.53 -31.53
N GLU T 84 12.26 -45.78 -30.49
CA GLU T 84 11.13 -44.94 -30.15
C GLU T 84 11.24 -44.53 -28.68
N TYR T 85 11.00 -43.25 -28.41
CA TYR T 85 11.21 -42.72 -27.07
C TYR T 85 9.99 -42.97 -26.20
N HIS T 86 10.24 -43.28 -24.92
CA HIS T 86 9.20 -43.48 -23.92
C HIS T 86 9.56 -42.68 -22.68
N THR T 87 8.53 -42.26 -21.95
CA THR T 87 8.70 -41.45 -20.75
C THR T 87 7.83 -42.02 -19.62
N LEU T 88 8.41 -42.11 -18.43
CA LEU T 88 7.70 -42.59 -17.25
C LEU T 88 7.57 -41.46 -16.24
N LYS T 89 6.45 -41.43 -15.52
CA LYS T 89 6.15 -40.41 -14.54
C LYS T 89 5.72 -41.07 -13.24
N LYS T 90 6.07 -40.43 -12.12
CA LYS T 90 5.75 -40.92 -10.79
C LYS T 90 6.10 -42.40 -10.65
N HIS T 91 7.39 -42.68 -10.81
CA HIS T 91 7.94 -44.03 -10.71
C HIS T 91 8.85 -44.23 -9.52
N SER T 92 9.57 -43.20 -9.10
CA SER T 92 10.53 -43.28 -8.01
C SER T 92 10.16 -42.29 -6.92
N ALA T 93 10.45 -42.65 -5.68
CA ALA T 93 10.12 -41.83 -4.53
C ALA T 93 11.26 -40.86 -4.22
N LYS T 94 10.88 -39.61 -3.94
CA LYS T 94 11.86 -38.57 -3.58
C LYS T 94 11.90 -38.31 -2.08
N LYS T 95 10.76 -38.33 -1.40
CA LYS T 95 10.70 -38.07 0.04
C LYS T 95 9.64 -38.96 0.66
N CYS T 96 9.96 -39.53 1.82
CA CYS T 96 9.09 -40.47 2.51
C CYS T 96 8.56 -39.86 3.80
N ALA T 97 7.54 -40.51 4.36
CA ALA T 97 6.95 -40.11 5.64
C ALA T 97 5.86 -41.09 6.06
N CYS T 98 5.65 -41.23 7.37
CA CYS T 98 4.56 -42.07 7.86
C CYS T 98 3.23 -41.37 7.64
N VAL T 99 2.31 -42.05 6.96
CA VAL T 99 1.01 -41.47 6.64
C VAL T 99 -0.11 -42.28 7.29
#